data_7CPR
#
_entry.id   7CPR
#
_cell.length_a   229.698
_cell.length_b   102.919
_cell.length_c   206.508
_cell.angle_alpha   90.000
_cell.angle_beta   120.090
_cell.angle_gamma   90.000
#
_symmetry.space_group_name_H-M   'C 1 2 1'
#
loop_
_entity.id
_entity.type
_entity.pdbx_description
1 polymer 'Glutamine synthetase 2 cytoplasmic'
2 non-polymer "ADENOSINE-5'-DIPHOSPHATE"
3 water water
#
_entity_poly.entity_id   1
_entity_poly.type   'polypeptide(L)'
_entity_poly.pdbx_seq_one_letter_code
;ARILEDSPNARINKTILDRYLSLPLQENIVQATYVWIDGTGEDLRCKDRTLDFIPQSPKELPVWNYDGSSCYQAEGSNSD
TYLYPVAIYKDPFRRGNNILVMCDTYKFDGTPTDTNKRKTCLEVANKCAAEEPWFGIEQEYTFLDFDGHPLGWPKNGFPG
PQGPYYCGVGANKVYARDIVDAHYRACLYAGIKVSGTNAEVMPAQWEFQVGPCEGISIGDDLWMARFLLHRISEEFGIVS
TLDPKPMPGDWNGAGAHTNVSTKAMREDGGIRDIEKAVAKLSKCHERHIRAYDPKQGQDNARRLTGKHETSSINDFSAGV
ANRGCSIRIPRGVNDDGKGYFEDRRPSSNCDPYSVVEAILRTICLDE
;
_entity_poly.pdbx_strand_id   A,B,C,D,E,F,G,H,I,J
#
# COMPACT_ATOMS: atom_id res chain seq x y z
N ALA A 1 -1.97 7.86 -5.88
CA ALA A 1 -1.09 7.21 -4.85
C ALA A 1 0.07 8.11 -4.51
N ARG A 2 0.98 8.35 -5.47
CA ARG A 2 2.11 9.25 -5.23
C ARG A 2 1.75 10.72 -5.28
N ILE A 3 0.95 11.14 -6.25
CA ILE A 3 0.65 12.55 -6.41
C ILE A 3 0.10 13.17 -5.11
N LEU A 4 0.79 14.19 -4.61
CA LEU A 4 0.49 14.88 -3.34
C LEU A 4 0.51 14.04 -2.08
N GLU A 5 1.11 12.86 -2.12
CA GLU A 5 0.97 11.95 -1.02
C GLU A 5 1.75 12.43 0.18
N ASP A 6 2.85 13.17 0.01
CA ASP A 6 3.62 13.76 1.13
C ASP A 6 3.28 15.18 1.45
N SER A 7 2.32 15.75 0.76
CA SER A 7 1.98 17.14 1.02
C SER A 7 1.03 17.28 2.24
N PRO A 8 1.50 17.86 3.36
CA PRO A 8 0.66 17.95 4.57
C PRO A 8 -0.71 18.50 4.35
N ASN A 9 -0.85 19.64 3.66
CA ASN A 9 -2.17 20.22 3.40
C ASN A 9 -3.10 19.42 2.53
N ALA A 10 -2.59 18.64 1.59
CA ALA A 10 -3.46 17.84 0.75
C ALA A 10 -4.04 16.69 1.54
N ARG A 11 -3.47 16.40 2.70
CA ARG A 11 -3.82 15.22 3.43
C ARG A 11 -4.72 15.54 4.63
N ILE A 12 -4.95 16.81 4.88
CA ILE A 12 -5.79 17.25 5.94
C ILE A 12 -7.20 17.41 5.36
N ASN A 13 -8.19 17.16 6.19
CA ASN A 13 -9.59 17.32 5.76
C ASN A 13 -9.94 18.74 5.26
N LYS A 14 -10.66 18.84 4.15
CA LYS A 14 -11.01 20.12 3.52
C LYS A 14 -12.47 20.54 3.71
N THR A 15 -13.29 19.68 4.28
CA THR A 15 -14.75 19.90 4.43
C THR A 15 -15.17 20.70 5.69
N ILE A 16 -14.44 20.49 6.76
CA ILE A 16 -14.84 20.97 8.07
C ILE A 16 -14.85 22.49 8.14
N LEU A 17 -13.95 23.11 7.40
CA LEU A 17 -13.77 24.51 7.44
C LEU A 17 -15.06 25.27 7.16
N ASP A 18 -15.88 24.79 6.24
CA ASP A 18 -17.14 25.46 5.90
C ASP A 18 -18.05 25.61 7.14
N ARG A 19 -18.11 24.62 8.02
CA ARG A 19 -18.89 24.77 9.28
C ARG A 19 -18.53 26.05 10.02
N TYR A 20 -17.26 26.40 10.03
CA TYR A 20 -16.83 27.53 10.88
C TYR A 20 -16.95 28.85 10.13
N LEU A 21 -16.63 28.79 8.85
CA LEU A 21 -16.85 29.90 7.88
C LEU A 21 -18.29 30.46 7.85
N SER A 22 -19.27 29.57 7.96
CA SER A 22 -20.66 29.96 8.12
C SER A 22 -21.04 30.77 9.38
N LEU A 23 -20.14 30.89 10.35
CA LEU A 23 -20.48 31.55 11.62
C LEU A 23 -20.70 33.05 11.45
N PRO A 24 -21.93 33.54 11.75
CA PRO A 24 -22.18 35.01 11.70
C PRO A 24 -21.40 35.85 12.71
N LEU A 25 -20.87 36.98 12.28
CA LEU A 25 -20.23 37.94 13.17
C LEU A 25 -20.90 39.31 13.10
N GLN A 26 -20.77 40.06 14.20
CA GLN A 26 -21.12 41.49 14.24
C GLN A 26 -20.43 42.14 13.06
N GLU A 27 -21.21 42.78 12.19
CA GLU A 27 -20.64 43.38 10.98
C GLU A 27 -19.52 44.40 11.34
N ASN A 28 -19.58 44.89 12.58
CA ASN A 28 -18.52 45.76 13.12
C ASN A 28 -17.06 45.22 13.02
N ILE A 29 -16.92 43.91 13.14
CA ILE A 29 -15.65 43.19 13.33
C ILE A 29 -15.03 42.88 11.98
N VAL A 30 -13.73 43.14 11.87
CA VAL A 30 -13.06 43.05 10.59
C VAL A 30 -11.70 42.43 10.76
N GLN A 31 -11.47 41.35 10.04
CA GLN A 31 -10.18 40.67 10.03
C GLN A 31 -9.34 41.21 8.87
N ALA A 32 -8.10 41.58 9.16
CA ALA A 32 -7.24 42.19 8.14
C ALA A 32 -5.97 41.41 8.02
N THR A 33 -5.70 40.97 6.81
CA THR A 33 -4.50 40.20 6.51
C THR A 33 -3.53 41.16 5.83
N TYR A 34 -2.42 41.41 6.52
CA TYR A 34 -1.36 42.28 6.03
C TYR A 34 -0.34 41.40 5.31
N VAL A 35 0.02 41.79 4.09
CA VAL A 35 0.90 41.02 3.24
C VAL A 35 2.13 41.84 2.89
N TRP A 36 3.29 41.19 2.88
CA TRP A 36 4.52 41.88 2.53
C TRP A 36 5.57 41.02 1.89
N ILE A 37 6.59 41.69 1.35
CA ILE A 37 7.68 41.06 0.60
C ILE A 37 8.82 40.87 1.54
N ASP A 38 9.43 39.70 1.53
CA ASP A 38 10.45 39.41 2.49
C ASP A 38 11.85 39.78 1.94
N GLY A 39 12.87 39.49 2.72
CA GLY A 39 14.26 39.74 2.37
C GLY A 39 14.78 39.12 1.11
N THR A 40 14.12 38.09 0.58
CA THR A 40 14.59 37.48 -0.66
C THR A 40 14.19 38.36 -1.86
N GLY A 41 13.22 39.25 -1.65
CA GLY A 41 12.65 40.06 -2.74
C GLY A 41 11.73 39.28 -3.68
N GLU A 42 11.41 38.05 -3.30
CA GLU A 42 10.75 37.09 -4.23
C GLU A 42 9.47 36.54 -3.58
N ASP A 43 9.54 36.30 -2.26
CA ASP A 43 8.53 35.60 -1.52
C ASP A 43 7.71 36.56 -0.71
N LEU A 44 6.47 36.13 -0.44
CA LEU A 44 5.54 36.85 0.42
C LEU A 44 5.43 36.31 1.82
N ARG A 45 5.14 37.19 2.78
CA ARG A 45 4.76 36.82 4.15
C ARG A 45 3.43 37.47 4.50
N CYS A 46 2.75 36.97 5.53
CA CYS A 46 1.46 37.54 5.93
C CYS A 46 1.12 37.24 7.36
N LYS A 47 0.28 38.08 7.94
CA LYS A 47 -0.33 37.78 9.22
C LYS A 47 -1.57 38.62 9.32
N ASP A 48 -2.41 38.34 10.31
CA ASP A 48 -3.65 39.09 10.39
C ASP A 48 -4.02 39.61 11.77
N ARG A 49 -4.89 40.62 11.78
CA ARG A 49 -5.35 41.24 13.04
C ARG A 49 -6.83 41.62 12.97
N THR A 50 -7.42 41.78 14.12
CA THR A 50 -8.82 42.07 14.21
C THR A 50 -8.90 43.58 14.37
N LEU A 51 -9.61 44.22 13.45
CA LEU A 51 -10.02 45.59 13.61
C LEU A 51 -11.47 45.66 14.10
N ASP A 52 -11.84 46.78 14.73
CA ASP A 52 -13.24 47.06 15.06
C ASP A 52 -13.87 48.22 14.28
N PHE A 53 -13.55 48.29 12.99
CA PHE A 53 -14.08 49.34 12.09
C PHE A 53 -13.84 49.03 10.62
N ILE A 54 -14.67 49.54 9.74
CA ILE A 54 -14.42 49.39 8.30
C ILE A 54 -13.62 50.54 7.65
N PRO A 55 -12.34 50.29 7.28
CA PRO A 55 -11.49 51.35 6.71
C PRO A 55 -11.88 51.74 5.28
N GLN A 56 -11.83 53.02 4.97
CA GLN A 56 -12.17 53.49 3.61
C GLN A 56 -10.91 53.60 2.76
N SER A 57 -9.76 53.67 3.42
CA SER A 57 -8.53 53.99 2.75
C SER A 57 -7.37 53.33 3.47
N PRO A 58 -6.28 53.05 2.73
CA PRO A 58 -5.12 52.41 3.32
C PRO A 58 -4.45 53.27 4.38
N LYS A 59 -4.61 54.58 4.24
CA LYS A 59 -4.13 55.57 5.23
C LYS A 59 -4.81 55.44 6.61
N GLU A 60 -6.05 54.99 6.61
CA GLU A 60 -6.78 54.65 7.84
C GLU A 60 -6.39 53.34 8.55
N LEU A 61 -5.41 52.62 8.02
CA LEU A 61 -4.96 51.38 8.62
C LEU A 61 -3.71 51.60 9.43
N PRO A 62 -3.65 50.99 10.61
CA PRO A 62 -2.52 51.24 11.45
C PRO A 62 -1.27 50.61 10.91
N VAL A 63 -0.17 51.25 11.24
CA VAL A 63 1.14 50.84 10.88
C VAL A 63 1.40 49.70 11.83
N TRP A 64 2.13 48.71 11.34
CA TRP A 64 2.34 47.46 12.08
C TRP A 64 3.79 47.12 11.87
N ASN A 65 4.21 45.97 12.34
CA ASN A 65 5.61 45.60 12.35
C ASN A 65 5.77 44.09 12.43
N TYR A 66 6.99 43.61 12.16
CA TYR A 66 7.30 42.20 12.27
C TYR A 66 8.73 41.97 12.64
N ASP A 67 9.13 40.73 12.91
CA ASP A 67 10.53 40.46 13.18
C ASP A 67 11.27 40.22 11.86
N GLY A 68 11.93 41.27 11.41
CA GLY A 68 12.73 41.25 10.22
C GLY A 68 13.82 40.22 10.25
N SER A 69 14.31 39.88 11.42
CA SER A 69 15.32 38.81 11.51
C SER A 69 14.76 37.39 11.22
N SER A 70 13.44 37.22 11.32
CA SER A 70 12.78 36.00 10.91
C SER A 70 12.35 35.94 9.46
N CYS A 71 12.60 37.02 8.69
CA CYS A 71 12.21 37.15 7.25
C CYS A 71 13.40 37.49 6.42
N TYR A 72 14.59 37.14 6.86
CA TYR A 72 15.84 37.47 6.13
C TYR A 72 16.05 39.00 5.97
N GLN A 73 15.62 39.78 6.95
CA GLN A 73 15.83 41.23 6.97
C GLN A 73 16.43 41.64 8.34
N ALA A 74 17.42 40.90 8.77
CA ALA A 74 18.06 41.15 10.07
C ALA A 74 18.77 42.49 10.10
N GLU A 75 18.90 43.04 11.30
CA GLU A 75 19.49 44.37 11.50
C GLU A 75 19.92 44.40 12.97
N GLY A 76 20.90 43.55 13.31
CA GLY A 76 21.36 43.41 14.69
C GLY A 76 20.26 43.45 15.76
N SER A 77 20.50 44.25 16.80
CA SER A 77 19.55 44.44 17.92
C SER A 77 18.19 44.93 17.45
N ASN A 78 18.20 45.65 16.33
CA ASN A 78 17.09 46.48 15.93
C ASN A 78 16.39 45.86 14.73
N SER A 79 15.86 44.66 14.90
CA SER A 79 15.28 43.93 13.75
C SER A 79 13.77 44.17 13.48
N ASP A 80 13.11 44.88 14.39
CA ASP A 80 11.72 45.28 14.18
C ASP A 80 11.53 46.12 12.88
N THR A 81 10.64 45.66 12.03
CA THR A 81 10.55 46.19 10.71
C THR A 81 9.12 46.55 10.59
N TYR A 82 8.84 47.66 9.89
CA TYR A 82 7.54 48.29 9.94
C TYR A 82 6.79 48.09 8.65
N LEU A 83 5.48 48.08 8.78
CA LEU A 83 4.57 47.70 7.75
C LEU A 83 3.62 48.84 7.51
N TYR A 84 3.68 49.36 6.27
CA TYR A 84 2.95 50.54 5.86
C TYR A 84 1.98 50.15 4.79
N PRO A 85 0.70 50.16 5.13
CA PRO A 85 -0.25 49.75 4.17
C PRO A 85 -0.22 50.71 3.00
N VAL A 86 -0.37 50.15 1.82
CA VAL A 86 -0.39 50.95 0.65
C VAL A 86 -1.57 50.67 -0.24
N ALA A 87 -2.31 49.59 0.01
CA ALA A 87 -3.41 49.18 -0.88
C ALA A 87 -4.32 48.13 -0.23
N ILE A 88 -5.63 48.28 -0.40
CA ILE A 88 -6.63 47.44 0.23
C ILE A 88 -7.42 46.68 -0.79
N TYR A 89 -7.74 45.44 -0.50
CA TYR A 89 -8.49 44.58 -1.41
C TYR A 89 -9.53 43.84 -0.59
N LYS A 90 -10.63 43.39 -1.22
CA LYS A 90 -11.60 42.53 -0.52
C LYS A 90 -10.93 41.18 -0.35
N ASP A 91 -11.19 40.55 0.78
CA ASP A 91 -10.71 39.20 1.07
C ASP A 91 -11.63 38.09 0.56
N PRO A 92 -11.19 37.33 -0.49
CA PRO A 92 -12.01 36.27 -1.07
C PRO A 92 -12.16 35.00 -0.24
N PHE A 93 -11.41 34.90 0.87
CA PHE A 93 -11.45 33.74 1.80
C PHE A 93 -12.46 33.98 2.89
N ARG A 94 -12.57 35.21 3.36
CA ARG A 94 -13.48 35.52 4.47
C ARG A 94 -14.72 36.31 4.04
N ARG A 95 -14.63 37.02 2.92
CA ARG A 95 -15.77 37.71 2.27
C ARG A 95 -16.58 38.83 2.96
N GLY A 96 -16.22 39.32 4.11
CA GLY A 96 -17.26 40.21 4.69
C GLY A 96 -16.95 41.62 4.30
N ASN A 97 -16.65 42.38 5.32
CA ASN A 97 -15.88 43.58 5.18
C ASN A 97 -14.43 43.22 5.48
N ASN A 98 -14.09 41.93 5.44
CA ASN A 98 -12.72 41.50 5.73
C ASN A 98 -11.86 41.88 4.55
N ILE A 99 -10.59 42.11 4.77
CA ILE A 99 -9.77 42.75 3.74
C ILE A 99 -8.38 42.17 3.71
N LEU A 100 -7.78 42.28 2.54
CA LEU A 100 -6.35 42.11 2.35
C LEU A 100 -5.61 43.47 2.22
N VAL A 101 -4.40 43.49 2.74
CA VAL A 101 -3.65 44.70 2.85
C VAL A 101 -2.23 44.52 2.34
N MET A 102 -1.98 44.99 1.11
CA MET A 102 -0.60 45.11 0.64
C MET A 102 0.20 46.21 1.38
N CYS A 103 1.41 45.88 1.80
CA CYS A 103 2.27 46.80 2.49
C CYS A 103 3.60 46.99 1.78
N ASP A 104 4.30 48.08 2.14
CA ASP A 104 5.75 48.17 1.90
C ASP A 104 6.43 48.34 3.23
N THR A 105 7.74 48.12 3.25
CA THR A 105 8.45 47.86 4.50
C THR A 105 9.62 48.79 4.74
N TYR A 106 9.77 49.16 6.01
CA TYR A 106 10.71 50.15 6.46
C TYR A 106 11.46 49.63 7.64
N LYS A 107 12.76 49.92 7.63
CA LYS A 107 13.60 49.69 8.81
C LYS A 107 13.12 50.55 9.99
N PHE A 108 13.70 50.26 11.16
CA PHE A 108 13.43 50.97 12.41
C PHE A 108 13.71 52.48 12.32
N ASP A 109 14.73 52.87 11.54
CA ASP A 109 15.04 54.30 11.34
C ASP A 109 14.14 55.05 10.34
N GLY A 110 13.19 54.38 9.69
CA GLY A 110 12.22 55.07 8.81
C GLY A 110 12.61 54.97 7.36
N THR A 111 13.76 54.37 7.14
CA THR A 111 14.31 54.12 5.80
C THR A 111 13.73 52.82 5.21
N PRO A 112 13.53 52.77 3.89
CA PRO A 112 13.07 51.53 3.27
C PRO A 112 14.00 50.34 3.51
N THR A 113 13.45 49.12 3.61
CA THR A 113 14.29 47.91 3.58
C THR A 113 14.90 47.72 2.22
N ASP A 114 15.94 46.90 2.12
CA ASP A 114 16.56 46.60 0.82
C ASP A 114 15.50 46.15 -0.19
N THR A 115 14.56 45.27 0.22
CA THR A 115 13.58 44.72 -0.74
C THR A 115 12.37 45.59 -0.98
N ASN A 116 12.26 46.71 -0.27
CA ASN A 116 11.29 47.72 -0.63
C ASN A 116 11.62 48.47 -1.92
N LYS A 117 11.11 48.00 -3.06
CA LYS A 117 11.25 48.69 -4.31
C LYS A 117 10.11 49.66 -4.63
N ARG A 118 9.10 49.73 -3.77
CA ARG A 118 7.99 50.59 -4.09
C ARG A 118 8.30 52.08 -3.81
N LYS A 119 9.04 52.37 -2.77
CA LYS A 119 9.36 53.77 -2.42
C LYS A 119 9.81 54.60 -3.66
N THR A 120 10.94 54.22 -4.26
CA THR A 120 11.43 54.95 -5.43
C THR A 120 10.54 54.81 -6.68
N CYS A 121 9.92 53.65 -6.88
CA CYS A 121 9.10 53.49 -8.04
C CYS A 121 7.98 54.54 -8.02
N LEU A 122 7.49 54.83 -6.82
CA LEU A 122 6.42 55.78 -6.64
C LEU A 122 6.86 57.26 -6.87
N GLU A 123 7.99 57.66 -6.31
CA GLU A 123 8.63 58.94 -6.67
C GLU A 123 8.54 59.18 -8.17
N VAL A 124 9.02 58.20 -8.92
CA VAL A 124 9.08 58.27 -10.39
C VAL A 124 7.72 58.26 -11.08
N ALA A 125 6.87 57.35 -10.65
CA ALA A 125 5.57 57.21 -11.27
C ALA A 125 4.69 58.44 -11.02
N ASN A 126 4.88 59.11 -9.89
CA ASN A 126 4.29 60.43 -9.68
C ASN A 126 4.84 61.47 -10.68
N LYS A 127 6.15 61.54 -10.80
CA LYS A 127 6.78 62.45 -11.76
C LYS A 127 6.49 62.17 -13.25
N CYS A 128 5.94 61.00 -13.63
CA CYS A 128 5.48 60.80 -15.01
C CYS A 128 3.98 60.76 -15.08
N ALA A 129 3.31 61.26 -14.05
CA ALA A 129 1.87 61.04 -13.93
C ALA A 129 1.14 61.53 -15.17
N ALA A 130 1.44 62.76 -15.59
CA ALA A 130 0.77 63.40 -16.73
C ALA A 130 0.73 62.53 -17.98
N GLU A 131 1.72 61.65 -18.12
CA GLU A 131 1.80 60.74 -19.28
C GLU A 131 0.86 59.51 -19.22
N GLU A 132 0.22 59.28 -18.06
CA GLU A 132 -0.83 58.23 -17.85
C GLU A 132 -0.33 56.88 -18.34
N PRO A 133 0.82 56.47 -17.78
CA PRO A 133 1.43 55.25 -18.20
C PRO A 133 0.56 54.10 -17.68
N TRP A 134 0.30 53.15 -18.58
CA TRP A 134 -0.46 51.95 -18.29
C TRP A 134 0.41 50.71 -18.49
N PHE A 135 0.32 49.79 -17.53
CA PHE A 135 1.04 48.51 -17.59
C PHE A 135 0.14 47.27 -17.49
N GLY A 136 0.44 46.29 -18.32
CA GLY A 136 -0.13 44.94 -18.22
C GLY A 136 1.03 44.02 -17.93
N ILE A 137 0.78 42.95 -17.16
CA ILE A 137 1.78 41.95 -16.92
C ILE A 137 1.25 40.54 -17.11
N GLU A 138 2.00 39.75 -17.87
CA GLU A 138 1.68 38.37 -18.13
C GLU A 138 2.51 37.48 -17.20
N GLN A 139 1.97 37.18 -16.01
CA GLN A 139 2.64 36.29 -15.03
C GLN A 139 2.53 34.77 -15.26
N GLU A 140 3.66 34.19 -15.64
CA GLU A 140 3.81 32.76 -15.75
C GLU A 140 4.22 32.15 -14.42
N TYR A 141 3.87 30.87 -14.26
CA TYR A 141 4.10 30.12 -13.05
C TYR A 141 3.86 28.66 -13.34
N THR A 142 4.41 27.83 -12.46
CA THR A 142 4.33 26.39 -12.55
C THR A 142 3.85 25.81 -11.21
N PHE A 143 3.03 24.76 -11.28
CA PHE A 143 2.58 24.04 -10.11
C PHE A 143 3.54 22.86 -9.85
N LEU A 144 4.06 22.80 -8.65
CA LEU A 144 4.88 21.66 -8.16
C LEU A 144 4.21 20.82 -7.09
N ASP A 145 4.51 19.53 -7.09
CA ASP A 145 4.18 18.70 -5.98
C ASP A 145 5.15 19.10 -4.84
N PHE A 146 4.93 18.47 -3.68
CA PHE A 146 5.65 18.82 -2.49
C PHE A 146 7.12 18.45 -2.56
N ASP A 147 7.47 17.42 -3.33
CA ASP A 147 8.84 17.04 -3.56
C ASP A 147 9.59 17.93 -4.53
N GLY A 148 8.99 18.98 -5.06
CA GLY A 148 9.65 19.92 -5.94
C GLY A 148 9.55 19.57 -7.43
N HIS A 149 9.07 18.36 -7.75
CA HIS A 149 8.85 17.94 -9.14
C HIS A 149 7.54 18.59 -9.70
N PRO A 150 7.51 18.93 -10.99
CA PRO A 150 6.27 19.54 -11.47
C PRO A 150 5.06 18.68 -11.29
N LEU A 151 3.96 19.29 -10.92
CA LEU A 151 2.77 18.57 -10.50
C LEU A 151 2.29 17.62 -11.58
N GLY A 152 2.03 16.37 -11.19
CA GLY A 152 1.52 15.35 -12.14
C GLY A 152 2.54 14.67 -13.06
N TRP A 153 3.75 15.22 -13.17
CA TRP A 153 4.79 14.65 -14.00
C TRP A 153 5.21 13.36 -13.34
N PRO A 154 5.62 12.39 -14.15
CA PRO A 154 6.03 11.12 -13.59
C PRO A 154 7.26 11.28 -12.72
N LYS A 155 7.31 10.61 -11.58
CA LYS A 155 8.39 10.80 -10.60
C LYS A 155 9.67 10.27 -11.23
N ASN A 156 10.78 11.02 -11.08
CA ASN A 156 12.06 10.62 -11.66
C ASN A 156 12.09 10.63 -13.13
N GLY A 157 11.15 11.36 -13.75
CA GLY A 157 11.01 11.43 -15.19
C GLY A 157 10.22 12.62 -15.75
N PHE A 158 9.88 12.46 -17.03
CA PHE A 158 9.32 13.50 -17.86
C PHE A 158 8.04 13.02 -18.56
N PRO A 159 7.07 13.92 -18.74
CA PRO A 159 5.89 13.54 -19.53
C PRO A 159 6.30 13.65 -20.96
N GLY A 160 5.38 13.41 -21.88
CA GLY A 160 5.73 13.56 -23.31
C GLY A 160 6.21 14.96 -23.69
N PRO A 161 6.88 15.08 -24.83
CA PRO A 161 7.34 16.40 -25.37
C PRO A 161 6.27 17.46 -25.51
N GLN A 162 6.69 18.71 -25.43
CA GLN A 162 5.82 19.85 -25.66
C GLN A 162 5.05 19.82 -26.97
N GLY A 163 3.87 20.46 -27.01
CA GLY A 163 3.00 20.37 -28.19
C GLY A 163 1.54 20.34 -27.78
N PRO A 164 1.16 19.33 -27.01
CA PRO A 164 -0.26 19.21 -26.69
C PRO A 164 -0.82 20.03 -25.51
N TYR A 165 0.02 20.77 -24.77
CA TYR A 165 -0.31 21.28 -23.43
C TYR A 165 -0.71 22.71 -23.44
N TYR A 166 -0.13 23.47 -24.36
CA TYR A 166 -0.44 24.90 -24.52
C TYR A 166 -1.96 25.03 -24.75
N CYS A 167 -2.61 25.84 -23.95
CA CYS A 167 -4.01 26.08 -24.04
C CYS A 167 -4.80 24.77 -24.10
N GLY A 168 -4.32 23.72 -23.40
CA GLY A 168 -4.87 22.39 -23.59
C GLY A 168 -6.20 22.16 -22.90
N VAL A 169 -6.87 21.10 -23.29
CA VAL A 169 -8.09 20.72 -22.65
C VAL A 169 -8.08 19.23 -22.51
N GLY A 170 -8.38 18.74 -21.31
CA GLY A 170 -8.35 17.32 -21.08
C GLY A 170 -7.45 16.92 -19.94
N ALA A 171 -7.77 15.78 -19.34
CA ALA A 171 -7.10 15.27 -18.19
C ALA A 171 -5.65 14.97 -18.40
N ASN A 172 -5.27 14.66 -19.64
CA ASN A 172 -3.86 14.42 -20.02
C ASN A 172 -3.18 15.59 -20.68
N LYS A 173 -3.78 16.76 -20.60
CA LYS A 173 -3.26 17.93 -21.28
C LYS A 173 -2.95 19.05 -20.30
N VAL A 174 -3.73 19.23 -19.26
CA VAL A 174 -3.50 20.36 -18.33
C VAL A 174 -3.92 19.89 -16.96
N TYR A 175 -3.27 20.42 -15.93
CA TYR A 175 -3.47 19.92 -14.58
C TYR A 175 -3.79 21.06 -13.65
N ALA A 176 -4.74 20.84 -12.74
CA ALA A 176 -5.03 21.77 -11.64
C ALA A 176 -5.76 23.04 -12.10
N ARG A 177 -6.58 22.88 -13.14
CA ARG A 177 -7.41 23.98 -13.59
C ARG A 177 -8.20 24.57 -12.45
N ASP A 178 -8.63 23.71 -11.53
CA ASP A 178 -9.43 24.17 -10.38
C ASP A 178 -8.83 25.35 -9.70
N ILE A 179 -7.50 25.35 -9.58
CA ILE A 179 -6.78 26.39 -8.84
C ILE A 179 -6.73 27.63 -9.68
N VAL A 180 -6.50 27.44 -10.96
CA VAL A 180 -6.46 28.53 -11.89
C VAL A 180 -7.80 29.28 -11.86
N ASP A 181 -8.87 28.52 -11.92
CA ASP A 181 -10.23 29.07 -11.95
C ASP A 181 -10.59 29.75 -10.65
N ALA A 182 -10.23 29.13 -9.54
CA ALA A 182 -10.44 29.74 -8.29
C ALA A 182 -9.72 31.07 -8.20
N HIS A 183 -8.45 31.04 -8.59
CA HIS A 183 -7.60 32.19 -8.44
C HIS A 183 -8.12 33.35 -9.32
N TYR A 184 -8.50 33.05 -10.54
CA TYR A 184 -9.03 34.04 -11.47
C TYR A 184 -10.20 34.79 -10.79
N ARG A 185 -11.11 34.03 -10.22
CA ARG A 185 -12.28 34.61 -9.63
C ARG A 185 -11.98 35.33 -8.32
N ALA A 186 -11.00 34.83 -7.59
CA ALA A 186 -10.64 35.46 -6.31
C ALA A 186 -10.02 36.80 -6.57
N CYS A 187 -9.20 36.87 -7.60
CA CYS A 187 -8.57 38.10 -7.99
C CYS A 187 -9.64 39.13 -8.41
N LEU A 188 -10.57 38.70 -9.25
CA LEU A 188 -11.72 39.56 -9.63
C LEU A 188 -12.48 40.08 -8.41
N TYR A 189 -12.83 39.20 -7.50
CA TYR A 189 -13.55 39.59 -6.29
C TYR A 189 -12.74 40.53 -5.45
N ALA A 190 -11.43 40.34 -5.41
CA ALA A 190 -10.62 41.22 -4.62
C ALA A 190 -10.43 42.63 -5.24
N GLY A 191 -10.70 42.79 -6.53
CA GLY A 191 -10.60 44.10 -7.20
C GLY A 191 -9.34 44.21 -8.03
N ILE A 192 -8.74 43.07 -8.36
CA ILE A 192 -7.53 43.05 -9.13
C ILE A 192 -7.96 42.85 -10.54
N LYS A 193 -7.37 43.56 -11.47
CA LYS A 193 -7.84 43.51 -12.86
C LYS A 193 -7.18 42.41 -13.66
N VAL A 194 -7.52 41.16 -13.40
CA VAL A 194 -6.99 40.06 -14.20
C VAL A 194 -7.76 40.01 -15.50
N SER A 195 -7.06 39.98 -16.60
CA SER A 195 -7.69 40.09 -17.91
C SER A 195 -7.81 38.78 -18.64
N GLY A 196 -7.14 37.77 -18.13
CA GLY A 196 -7.35 36.41 -18.59
C GLY A 196 -6.33 35.43 -18.10
N THR A 197 -6.43 34.22 -18.61
CA THR A 197 -5.54 33.15 -18.21
C THR A 197 -5.33 32.28 -19.38
N ASN A 198 -4.20 31.56 -19.37
CA ASN A 198 -4.08 30.42 -20.27
C ASN A 198 -3.11 29.41 -19.72
N ALA A 199 -3.26 28.20 -20.24
CA ALA A 199 -2.32 27.15 -19.98
C ALA A 199 -1.10 27.27 -20.87
N GLU A 200 0.06 27.02 -20.28
CA GLU A 200 1.32 27.23 -20.98
C GLU A 200 1.91 25.97 -21.62
N VAL A 201 3.07 26.15 -22.23
CA VAL A 201 3.70 25.13 -23.09
C VAL A 201 4.10 23.83 -22.36
N MET A 202 4.54 24.05 -21.15
CA MET A 202 4.96 22.98 -20.25
C MET A 202 3.66 22.55 -19.50
N PRO A 203 3.38 21.25 -19.41
CA PRO A 203 2.30 20.75 -18.58
C PRO A 203 2.55 21.04 -17.07
N ALA A 204 1.53 21.48 -16.34
CA ALA A 204 1.62 22.11 -14.97
C ALA A 204 1.98 23.57 -15.02
N GLN A 205 2.15 24.13 -16.20
CA GLN A 205 2.54 25.54 -16.27
C GLN A 205 1.35 26.39 -16.76
N TRP A 206 1.14 27.53 -16.14
CA TRP A 206 0.07 28.39 -16.52
C TRP A 206 0.53 29.83 -16.52
N GLU A 207 -0.43 30.70 -16.83
CA GLU A 207 -0.22 32.14 -16.90
C GLU A 207 -1.52 32.83 -16.52
N PHE A 208 -1.42 33.93 -15.79
CA PHE A 208 -2.52 34.90 -15.77
C PHE A 208 -2.00 36.26 -16.14
N GLN A 209 -2.89 37.09 -16.72
CA GLN A 209 -2.52 38.42 -17.19
C GLN A 209 -3.17 39.42 -16.30
N VAL A 210 -2.42 40.42 -15.87
CA VAL A 210 -3.04 41.46 -15.08
C VAL A 210 -2.91 42.73 -15.84
N GLY A 211 -4.01 43.44 -15.95
CA GLY A 211 -4.01 44.84 -16.35
C GLY A 211 -5.09 45.15 -17.38
N PRO A 212 -5.11 46.37 -17.92
CA PRO A 212 -4.06 47.37 -17.70
C PRO A 212 -4.32 48.23 -16.48
N CYS A 213 -3.29 48.44 -15.67
CA CYS A 213 -3.37 49.31 -14.50
C CYS A 213 -2.47 50.53 -14.67
N GLU A 214 -2.85 51.61 -14.01
CA GLU A 214 -2.19 52.91 -14.15
C GLU A 214 -1.11 53.01 -13.13
N GLY A 215 0.08 53.26 -13.64
CA GLY A 215 1.19 53.63 -12.81
C GLY A 215 1.53 52.50 -11.89
N ILE A 216 1.65 52.85 -10.62
CA ILE A 216 2.20 51.97 -9.59
C ILE A 216 1.25 50.86 -9.10
N SER A 217 -0.04 51.06 -9.37
CA SER A 217 -1.03 50.09 -9.01
C SER A 217 -0.79 48.74 -9.68
N ILE A 218 -0.06 48.69 -10.80
CA ILE A 218 0.28 47.38 -11.37
C ILE A 218 1.16 46.56 -10.41
N GLY A 219 2.04 47.23 -9.69
CA GLY A 219 2.87 46.55 -8.70
C GLY A 219 2.10 46.05 -7.50
N ASP A 220 1.21 46.87 -6.97
CA ASP A 220 0.45 46.42 -5.85
C ASP A 220 -0.45 45.26 -6.24
N ASP A 221 -1.08 45.34 -7.40
CA ASP A 221 -2.06 44.35 -7.83
C ASP A 221 -1.41 43.00 -8.20
N LEU A 222 -0.28 43.06 -8.89
CA LEU A 222 0.43 41.82 -9.24
C LEU A 222 0.98 41.12 -8.01
N TRP A 223 1.54 41.87 -7.07
CA TRP A 223 2.02 41.33 -5.81
C TRP A 223 0.88 40.65 -5.02
N MET A 224 -0.29 41.27 -4.98
CA MET A 224 -1.45 40.72 -4.29
C MET A 224 -1.97 39.50 -5.02
N ALA A 225 -1.87 39.49 -6.33
CA ALA A 225 -2.33 38.39 -7.10
C ALA A 225 -1.40 37.19 -6.90
N ARG A 226 -0.10 37.44 -6.77
CA ARG A 226 0.86 36.40 -6.42
C ARG A 226 0.49 35.87 -5.02
N PHE A 227 0.21 36.76 -4.10
CA PHE A 227 -0.14 36.30 -2.78
C PHE A 227 -1.33 35.35 -2.86
N LEU A 228 -2.32 35.73 -3.66
CA LEU A 228 -3.51 34.94 -3.75
C LEU A 228 -3.26 33.60 -4.43
N LEU A 229 -2.39 33.55 -5.41
CA LEU A 229 -2.07 32.32 -6.07
C LEU A 229 -1.43 31.33 -5.07
N HIS A 230 -0.41 31.76 -4.33
CA HIS A 230 0.24 30.94 -3.31
C HIS A 230 -0.72 30.48 -2.26
N ARG A 231 -1.56 31.40 -1.80
CA ARG A 231 -2.48 31.12 -0.70
C ARG A 231 -3.60 30.17 -1.11
N ILE A 232 -4.08 30.29 -2.34
CA ILE A 232 -5.13 29.38 -2.82
C ILE A 232 -4.52 28.05 -3.07
N SER A 233 -3.34 28.03 -3.71
CA SER A 233 -2.71 26.78 -4.04
C SER A 233 -2.32 26.03 -2.74
N GLU A 234 -1.98 26.77 -1.67
CA GLU A 234 -1.64 26.15 -0.37
C GLU A 234 -2.71 25.21 0.20
N GLU A 235 -3.97 25.61 0.05
CA GLU A 235 -5.13 24.86 0.49
C GLU A 235 -5.22 23.49 -0.18
N PHE A 236 -4.77 23.41 -1.44
CA PHE A 236 -4.69 22.18 -2.18
C PHE A 236 -3.48 21.34 -1.91
N GLY A 237 -2.53 21.90 -1.18
CA GLY A 237 -1.27 21.25 -0.99
C GLY A 237 -0.32 21.40 -2.16
N ILE A 238 -0.61 22.37 -3.03
CA ILE A 238 0.18 22.52 -4.24
C ILE A 238 1.05 23.77 -4.12
N VAL A 239 2.32 23.64 -4.53
CA VAL A 239 3.27 24.76 -4.54
C VAL A 239 3.24 25.42 -5.90
N SER A 240 3.13 26.75 -5.90
CA SER A 240 3.11 27.56 -7.11
C SER A 240 4.45 28.20 -7.16
N THR A 241 5.20 28.00 -8.21
CA THR A 241 6.49 28.65 -8.22
C THR A 241 6.62 29.65 -9.33
N LEU A 242 7.27 30.75 -8.98
CA LEU A 242 7.58 31.85 -9.88
C LEU A 242 9.03 31.83 -10.42
N ASP A 243 9.73 30.77 -10.06
CA ASP A 243 11.06 30.58 -10.53
C ASP A 243 11.08 30.49 -12.08
N PRO A 244 12.00 31.22 -12.73
CA PRO A 244 12.04 31.23 -14.19
C PRO A 244 12.46 29.94 -14.85
N LYS A 245 13.15 29.04 -14.15
CA LYS A 245 13.47 27.74 -14.75
C LYS A 245 13.03 26.68 -13.76
N PRO A 246 11.71 26.46 -13.64
CA PRO A 246 11.26 25.44 -12.71
C PRO A 246 11.60 24.04 -13.18
N MET A 247 12.08 23.87 -14.43
CA MET A 247 12.75 22.61 -14.85
C MET A 247 13.81 22.74 -16.00
N PRO A 248 15.12 22.41 -15.72
CA PRO A 248 16.24 22.61 -16.68
C PRO A 248 16.21 21.98 -18.12
N GLY A 249 16.72 22.74 -19.09
CA GLY A 249 16.96 22.22 -20.44
C GLY A 249 15.84 22.66 -21.36
N ASP A 250 15.29 21.70 -22.11
CA ASP A 250 14.33 21.90 -23.24
C ASP A 250 12.91 22.45 -22.90
N TRP A 251 12.58 22.49 -21.60
CA TRP A 251 11.27 22.89 -21.14
C TRP A 251 11.23 24.38 -20.90
N ASN A 252 10.06 24.99 -21.19
CA ASN A 252 9.82 26.46 -21.16
C ASN A 252 10.02 27.00 -19.78
N GLY A 253 10.90 27.99 -19.72
CA GLY A 253 11.03 28.80 -18.53
C GLY A 253 9.84 29.74 -18.40
N ALA A 254 9.97 30.69 -17.48
CA ALA A 254 8.88 31.55 -17.14
C ALA A 254 9.24 33.05 -17.20
N GLY A 255 8.36 33.78 -17.88
CA GLY A 255 8.45 35.20 -18.07
C GLY A 255 7.41 35.91 -17.24
N ALA A 256 7.63 37.21 -17.10
CA ALA A 256 6.60 38.17 -16.76
C ALA A 256 6.62 39.28 -17.82
N HIS A 257 6.21 38.95 -19.05
CA HIS A 257 6.14 39.94 -20.13
C HIS A 257 5.27 41.11 -19.81
N THR A 258 5.79 42.31 -20.08
CA THR A 258 5.16 43.57 -19.64
C THR A 258 4.79 44.47 -20.81
N ASN A 259 3.51 44.78 -20.88
CA ASN A 259 2.95 45.61 -21.94
C ASN A 259 2.84 47.06 -21.42
N VAL A 260 3.29 48.01 -22.23
CA VAL A 260 3.44 49.40 -21.77
C VAL A 260 2.79 50.39 -22.72
N SER A 261 2.13 51.41 -22.17
CA SER A 261 1.74 52.58 -22.97
C SER A 261 1.67 53.84 -22.16
N THR A 262 1.85 54.98 -22.85
CA THR A 262 1.57 56.33 -22.34
C THR A 262 0.35 56.86 -23.06
N LYS A 263 -0.22 57.97 -22.58
CA LYS A 263 -1.37 58.53 -23.27
C LYS A 263 -1.05 58.85 -24.74
N ALA A 264 0.16 59.32 -25.01
CA ALA A 264 0.57 59.64 -26.39
C ALA A 264 0.56 58.39 -27.29
N MET A 265 1.03 57.28 -26.74
CA MET A 265 1.13 56.05 -27.51
C MET A 265 -0.23 55.48 -27.83
N ARG A 266 -1.17 55.76 -26.95
CA ARG A 266 -2.53 55.28 -27.09
C ARG A 266 -3.33 56.16 -28.03
N GLU A 267 -2.92 57.43 -28.14
CA GLU A 267 -3.57 58.39 -29.03
C GLU A 267 -3.27 58.04 -30.51
N ASP A 268 -3.99 58.69 -31.42
CA ASP A 268 -3.80 58.49 -32.86
C ASP A 268 -2.37 58.85 -33.29
N GLY A 269 -1.74 57.99 -34.09
CA GLY A 269 -0.31 58.18 -34.45
C GLY A 269 0.70 58.10 -33.29
N GLY A 270 0.32 57.40 -32.20
CA GLY A 270 1.22 57.06 -31.06
C GLY A 270 2.33 56.08 -31.47
N ILE A 271 2.14 55.42 -32.61
CA ILE A 271 3.16 54.53 -33.16
C ILE A 271 4.57 55.15 -33.20
N ARG A 272 4.63 56.45 -33.50
CA ARG A 272 5.93 57.12 -33.57
C ARG A 272 6.49 57.21 -32.14
N ASP A 273 5.64 57.56 -31.19
CA ASP A 273 6.02 57.59 -29.78
C ASP A 273 6.48 56.19 -29.29
N ILE A 274 5.78 55.17 -29.75
CA ILE A 274 6.11 53.80 -29.35
C ILE A 274 7.46 53.45 -29.89
N GLU A 275 7.60 53.62 -31.20
CA GLU A 275 8.85 53.33 -31.91
C GLU A 275 10.06 54.08 -31.31
N LYS A 276 9.83 55.28 -30.81
CA LYS A 276 10.81 56.07 -30.03
C LYS A 276 11.22 55.40 -28.70
N ALA A 277 10.19 55.03 -27.94
CA ALA A 277 10.39 54.39 -26.66
C ALA A 277 11.12 53.07 -26.78
N VAL A 278 10.79 52.26 -27.78
CA VAL A 278 11.44 50.96 -28.02
C VAL A 278 12.92 51.13 -28.37
N ALA A 279 13.22 52.09 -29.25
CA ALA A 279 14.61 52.47 -29.52
C ALA A 279 15.37 52.75 -28.22
N LYS A 280 14.88 53.72 -27.45
CA LYS A 280 15.44 54.03 -26.13
C LYS A 280 15.61 52.75 -25.27
N LEU A 281 14.54 51.97 -25.11
CA LEU A 281 14.59 50.67 -24.42
C LEU A 281 15.64 49.72 -25.02
N SER A 282 15.61 49.55 -26.34
CA SER A 282 16.46 48.54 -27.00
C SER A 282 17.96 48.55 -26.71
N LYS A 283 18.52 49.65 -26.21
CA LYS A 283 19.97 49.67 -26.00
C LYS A 283 20.50 49.74 -24.58
N CYS A 284 19.82 50.47 -23.71
CA CYS A 284 20.14 50.48 -22.26
C CYS A 284 19.90 49.11 -21.61
N HIS A 285 20.19 48.05 -22.35
CA HIS A 285 19.70 46.69 -22.08
C HIS A 285 20.30 46.07 -20.82
N GLU A 286 21.59 46.33 -20.63
CA GLU A 286 22.31 45.81 -19.49
C GLU A 286 21.77 46.40 -18.19
N ARG A 287 21.29 47.64 -18.25
CA ARG A 287 20.69 48.30 -17.07
C ARG A 287 19.30 47.75 -16.62
N HIS A 288 18.47 47.29 -17.55
CA HIS A 288 17.12 46.81 -17.20
C HIS A 288 17.11 45.39 -16.68
N ILE A 289 17.86 44.50 -17.33
CA ILE A 289 17.97 43.10 -16.93
C ILE A 289 18.48 42.89 -15.48
N ARG A 290 19.01 43.97 -14.89
CA ARG A 290 19.41 44.02 -13.47
C ARG A 290 18.26 44.26 -12.49
N ALA A 291 17.29 45.09 -12.89
CA ALA A 291 16.13 45.43 -12.07
C ALA A 291 14.90 44.60 -12.46
N TYR A 292 15.14 43.55 -13.24
CA TYR A 292 14.10 42.62 -13.70
C TYR A 292 14.28 41.26 -13.01
N ASP A 293 15.10 41.27 -11.95
CA ASP A 293 15.58 40.06 -11.31
C ASP A 293 15.95 40.39 -9.84
N PRO A 294 15.27 39.77 -8.86
CA PRO A 294 15.50 40.02 -7.43
C PRO A 294 16.92 39.72 -6.93
N LYS A 295 17.72 39.05 -7.76
CA LYS A 295 19.15 38.81 -7.51
C LYS A 295 20.07 39.41 -8.61
N GLN A 296 19.51 40.33 -9.40
CA GLN A 296 20.19 41.14 -10.47
C GLN A 296 20.61 40.47 -11.80
N GLY A 297 19.94 39.39 -12.17
CA GLY A 297 20.03 38.82 -13.53
C GLY A 297 20.53 37.38 -13.58
N GLN A 298 20.84 36.82 -12.40
CA GLN A 298 21.23 35.42 -12.23
C GLN A 298 20.06 34.43 -12.47
N ASP A 299 18.83 34.85 -12.14
CA ASP A 299 17.59 34.07 -12.40
C ASP A 299 17.18 34.13 -13.89
N ASN A 300 17.09 35.36 -14.40
CA ASN A 300 16.90 35.66 -15.84
C ASN A 300 17.68 34.71 -16.75
N ALA A 301 18.99 34.57 -16.50
CA ALA A 301 19.94 33.84 -17.36
C ALA A 301 19.79 32.31 -17.38
N ARG A 302 18.97 31.75 -16.48
CA ARG A 302 18.60 30.33 -16.53
C ARG A 302 17.50 30.06 -17.59
N ARG A 303 16.57 31.02 -17.72
CA ARG A 303 15.47 30.95 -18.73
C ARG A 303 15.86 31.61 -20.07
N LEU A 304 16.38 32.83 -19.99
CA LEU A 304 16.70 33.67 -21.16
C LEU A 304 17.85 33.12 -22.02
N THR A 305 18.22 33.90 -23.05
CA THR A 305 19.30 33.55 -24.01
C THR A 305 19.13 32.16 -24.57
N GLY A 306 17.96 31.92 -25.13
CA GLY A 306 17.69 30.67 -25.81
C GLY A 306 16.68 30.91 -26.91
N LYS A 307 16.06 29.81 -27.36
CA LYS A 307 15.04 29.86 -28.41
C LYS A 307 13.72 29.14 -28.01
N HIS A 308 13.21 29.45 -26.81
CA HIS A 308 11.91 28.91 -26.31
C HIS A 308 10.88 30.02 -26.00
N GLU A 309 10.44 30.75 -27.05
CA GLU A 309 9.49 31.88 -26.90
C GLU A 309 10.01 33.01 -25.98
N THR A 310 11.30 33.33 -26.04
CA THR A 310 11.91 34.26 -25.07
C THR A 310 12.69 35.46 -25.68
N SER A 311 13.95 35.60 -25.28
CA SER A 311 14.80 36.71 -25.65
C SER A 311 16.22 36.33 -25.25
N SER A 312 17.22 36.69 -26.06
CA SER A 312 18.62 36.50 -25.69
C SER A 312 19.03 37.57 -24.65
N ILE A 313 19.47 37.12 -23.47
CA ILE A 313 20.00 38.02 -22.41
C ILE A 313 21.33 38.67 -22.82
N ASN A 314 22.07 37.95 -23.67
CA ASN A 314 23.34 38.37 -24.24
C ASN A 314 23.16 39.75 -24.90
N ASP A 315 22.53 39.78 -26.08
CA ASP A 315 22.33 41.02 -26.83
C ASP A 315 20.85 41.43 -26.75
N PHE A 316 20.33 42.05 -27.81
CA PHE A 316 19.02 42.72 -27.77
C PHE A 316 18.47 42.82 -29.18
N SER A 317 17.22 42.41 -29.36
CA SER A 317 16.56 42.65 -30.65
C SER A 317 15.17 43.25 -30.44
N ALA A 318 14.79 44.15 -31.34
CA ALA A 318 13.46 44.75 -31.34
C ALA A 318 12.75 44.50 -32.67
N GLY A 319 11.77 43.60 -32.63
CA GLY A 319 11.00 43.22 -33.81
C GLY A 319 9.54 43.57 -33.62
N VAL A 320 8.77 43.41 -34.69
CA VAL A 320 7.31 43.55 -34.64
C VAL A 320 6.71 42.16 -34.69
N ALA A 321 5.78 41.90 -33.76
CA ALA A 321 5.16 40.58 -33.61
C ALA A 321 6.21 39.44 -33.59
N ASN A 322 7.34 39.68 -32.93
CA ASN A 322 8.40 38.66 -32.79
C ASN A 322 8.57 38.23 -31.33
N ARG A 323 8.15 36.99 -31.08
CA ARG A 323 8.29 36.32 -29.80
C ARG A 323 9.78 36.03 -29.48
N GLY A 324 10.63 36.02 -30.50
CA GLY A 324 12.10 35.95 -30.35
C GLY A 324 12.80 37.23 -29.86
N CYS A 325 12.11 38.37 -29.95
CA CYS A 325 12.71 39.70 -29.65
C CYS A 325 12.38 40.31 -28.30
N SER A 326 13.40 40.83 -27.66
CA SER A 326 13.29 41.32 -26.32
C SER A 326 12.11 42.27 -26.16
N ILE A 327 12.01 43.25 -27.06
CA ILE A 327 10.92 44.24 -27.05
C ILE A 327 10.20 44.21 -28.38
N ARG A 328 8.87 44.24 -28.31
CA ARG A 328 8.03 43.79 -29.40
C ARG A 328 6.84 44.72 -29.52
N ILE A 329 6.61 45.23 -30.72
CA ILE A 329 5.36 45.88 -31.07
C ILE A 329 4.49 44.81 -31.73
N PRO A 330 3.26 44.59 -31.22
CA PRO A 330 2.32 43.65 -31.89
C PRO A 330 1.80 44.15 -33.26
N ARG A 331 1.47 43.22 -34.16
CA ARG A 331 1.06 43.52 -35.56
C ARG A 331 -0.12 44.50 -35.64
N GLY A 332 -1.17 44.14 -34.89
CA GLY A 332 -2.34 45.00 -34.74
C GLY A 332 -2.04 46.41 -34.26
N VAL A 333 -0.89 46.60 -33.62
CA VAL A 333 -0.50 47.94 -33.12
C VAL A 333 0.21 48.74 -34.22
N ASN A 334 0.99 48.04 -35.02
CA ASN A 334 1.57 48.64 -36.22
C ASN A 334 0.42 48.99 -37.14
N ASP A 335 -0.47 48.03 -37.37
CA ASP A 335 -1.61 48.21 -38.25
C ASP A 335 -2.47 49.41 -37.83
N ASP A 336 -2.79 49.50 -36.53
CA ASP A 336 -3.59 50.62 -35.99
C ASP A 336 -2.78 51.93 -35.91
N GLY A 337 -1.46 51.84 -35.92
CA GLY A 337 -0.63 53.03 -35.73
C GLY A 337 -0.83 53.71 -34.36
N LYS A 338 -1.20 52.89 -33.37
CA LYS A 338 -1.28 53.33 -31.96
C LYS A 338 -1.43 52.10 -31.08
N GLY A 339 -1.29 52.31 -29.77
CA GLY A 339 -1.46 51.19 -28.80
C GLY A 339 -0.37 51.07 -27.74
N TYR A 340 0.39 49.97 -27.78
CA TYR A 340 1.31 49.61 -26.68
C TYR A 340 2.48 48.78 -27.19
N PHE A 341 3.52 48.62 -26.37
CA PHE A 341 4.58 47.68 -26.71
C PHE A 341 4.81 46.64 -25.60
N GLU A 342 5.24 45.44 -25.98
CA GLU A 342 5.54 44.36 -25.06
C GLU A 342 7.06 44.25 -24.79
N ASP A 343 7.40 44.33 -23.51
CA ASP A 343 8.75 44.03 -23.06
C ASP A 343 8.81 42.62 -22.60
N ARG A 344 9.39 41.77 -23.42
CA ARG A 344 9.53 40.35 -23.11
C ARG A 344 10.72 39.98 -22.22
N ARG A 345 11.41 40.93 -21.61
CA ARG A 345 12.62 40.62 -20.82
C ARG A 345 12.46 40.26 -19.35
N PRO A 346 11.50 40.87 -18.63
CA PRO A 346 11.31 40.47 -17.25
C PRO A 346 11.01 38.98 -17.02
N SER A 347 11.60 38.47 -15.97
CA SER A 347 11.49 37.09 -15.62
C SER A 347 10.29 36.96 -14.80
N SER A 348 9.76 35.73 -14.79
CA SER A 348 8.64 35.37 -13.92
C SER A 348 8.79 35.80 -12.49
N ASN A 349 10.01 35.75 -11.93
CA ASN A 349 10.24 36.25 -10.54
C ASN A 349 10.62 37.72 -10.38
N CYS A 350 10.44 38.52 -11.42
CA CYS A 350 10.73 39.95 -11.31
C CYS A 350 9.93 40.62 -10.20
N ASP A 351 10.45 41.71 -9.67
CA ASP A 351 9.65 42.61 -8.84
C ASP A 351 9.02 43.66 -9.80
N PRO A 352 7.68 43.72 -9.88
CA PRO A 352 7.15 44.69 -10.80
C PRO A 352 7.53 46.14 -10.51
N TYR A 353 7.64 46.52 -9.25
CA TYR A 353 8.04 47.86 -8.89
C TYR A 353 9.38 48.24 -9.59
N SER A 354 10.34 47.31 -9.64
CA SER A 354 11.64 47.55 -10.23
C SER A 354 11.50 47.68 -11.74
N VAL A 355 10.69 46.81 -12.30
CA VAL A 355 10.43 46.80 -13.73
C VAL A 355 9.81 48.11 -14.17
N VAL A 356 8.73 48.57 -13.53
CA VAL A 356 8.10 49.77 -14.04
C VAL A 356 9.04 50.98 -13.82
N GLU A 357 9.78 51.00 -12.71
CA GLU A 357 10.65 52.14 -12.40
C GLU A 357 11.74 52.27 -13.48
N ALA A 358 12.43 51.16 -13.76
CA ALA A 358 13.39 51.13 -14.87
C ALA A 358 12.78 51.60 -16.16
N ILE A 359 11.55 51.15 -16.43
CA ILE A 359 10.91 51.50 -17.69
C ILE A 359 10.64 52.99 -17.75
N LEU A 360 10.03 53.52 -16.69
CA LEU A 360 9.58 54.89 -16.68
C LEU A 360 10.78 55.80 -16.74
N ARG A 361 11.77 55.61 -15.86
CA ARG A 361 13.03 56.33 -15.96
C ARG A 361 13.44 56.50 -17.41
N THR A 362 13.58 55.40 -18.13
CA THR A 362 14.05 55.43 -19.49
C THR A 362 13.14 56.13 -20.47
N ILE A 363 11.82 56.02 -20.37
CA ILE A 363 10.97 56.56 -21.45
C ILE A 363 10.15 57.80 -21.12
N CYS A 364 10.23 58.30 -19.90
CA CYS A 364 9.48 59.50 -19.53
C CYS A 364 10.36 60.55 -18.88
N LEU A 365 11.09 60.10 -17.86
CA LEU A 365 12.02 60.95 -17.17
C LEU A 365 13.20 61.32 -18.06
N ASP A 366 13.32 60.59 -19.19
CA ASP A 366 14.47 60.71 -20.07
C ASP A 366 15.72 60.39 -19.23
N GLU A 367 15.77 59.13 -18.80
CA GLU A 367 16.78 58.59 -17.88
C GLU A 367 16.93 59.39 -16.57
N ARG B 2 1.53 8.40 4.80
CA ARG B 2 1.64 8.38 6.31
C ARG B 2 1.12 9.57 7.11
N ILE B 3 1.03 10.77 6.56
CA ILE B 3 0.53 11.86 7.36
C ILE B 3 -0.95 11.59 7.86
N LEU B 4 -1.14 11.66 9.18
CA LEU B 4 -2.42 11.41 9.85
C LEU B 4 -2.95 9.99 9.62
N GLU B 5 -2.11 9.11 9.20
CA GLU B 5 -2.58 7.77 8.83
C GLU B 5 -3.10 7.03 10.03
N ASP B 6 -2.55 7.28 11.21
CA ASP B 6 -2.93 6.57 12.44
C ASP B 6 -3.76 7.35 13.38
N SER B 7 -4.17 8.53 12.99
CA SER B 7 -4.97 9.32 13.87
C SER B 7 -6.41 8.94 13.68
N PRO B 8 -7.07 8.36 14.68
CA PRO B 8 -8.41 7.83 14.49
C PRO B 8 -9.41 8.85 14.01
N ASN B 9 -9.44 10.02 14.62
CA ASN B 9 -10.41 11.04 14.21
C ASN B 9 -10.29 11.49 12.76
N ALA B 10 -9.08 11.39 12.20
CA ALA B 10 -8.83 11.77 10.84
C ALA B 10 -9.25 10.70 9.89
N ARG B 11 -9.49 9.50 10.36
CA ARG B 11 -9.87 8.44 9.51
C ARG B 11 -11.41 8.16 9.56
N ILE B 12 -12.12 9.02 10.25
CA ILE B 12 -13.53 8.83 10.45
C ILE B 12 -14.18 9.80 9.54
N ASN B 13 -15.28 9.38 8.94
CA ASN B 13 -15.97 10.26 8.10
C ASN B 13 -16.34 11.57 8.79
N LYS B 14 -16.27 12.66 8.05
CA LYS B 14 -16.51 14.03 8.53
C LYS B 14 -17.73 14.80 7.93
N THR B 15 -18.43 14.24 6.96
CA THR B 15 -19.58 14.91 6.31
C THR B 15 -20.94 14.51 6.93
N ILE B 16 -20.99 13.33 7.53
CA ILE B 16 -22.20 12.74 8.09
C ILE B 16 -22.76 13.65 9.19
N LEU B 17 -21.89 14.24 10.00
CA LEU B 17 -22.35 15.03 11.12
C LEU B 17 -23.27 16.16 10.67
N ASP B 18 -23.02 16.80 9.54
CA ASP B 18 -23.90 17.90 9.09
C ASP B 18 -25.39 17.47 9.08
N ARG B 19 -25.68 16.30 8.52
CA ARG B 19 -27.07 15.77 8.52
C ARG B 19 -27.74 15.90 9.91
N TYR B 20 -27.01 15.65 10.99
CA TYR B 20 -27.65 15.66 12.31
C TYR B 20 -27.61 17.02 12.93
N LEU B 21 -26.58 17.77 12.61
CA LEU B 21 -26.44 19.08 13.15
C LEU B 21 -27.58 20.01 12.74
N SER B 22 -28.16 19.81 11.57
CA SER B 22 -29.22 20.67 11.09
C SER B 22 -30.65 20.28 11.58
N LEU B 23 -30.74 19.42 12.59
CA LEU B 23 -32.03 18.99 13.09
C LEU B 23 -32.58 20.08 14.01
N PRO B 24 -33.76 20.63 13.68
CA PRO B 24 -34.32 21.73 14.47
C PRO B 24 -34.77 21.22 15.83
N LEU B 25 -34.60 21.99 16.89
CA LEU B 25 -35.01 21.46 18.21
C LEU B 25 -36.08 22.22 19.00
N GLN B 26 -35.99 23.53 19.09
CA GLN B 26 -36.74 24.31 20.09
C GLN B 26 -35.79 25.26 20.74
N GLU B 27 -36.16 26.53 20.82
CA GLU B 27 -35.23 27.56 21.29
C GLU B 27 -34.84 27.32 22.75
N ASN B 28 -35.81 26.81 23.53
CA ASN B 28 -35.67 26.57 24.99
C ASN B 28 -34.71 25.46 25.45
N ILE B 29 -34.53 24.41 24.65
CA ILE B 29 -33.67 23.31 25.11
C ILE B 29 -32.25 23.70 24.69
N VAL B 30 -31.37 23.75 25.67
CA VAL B 30 -30.06 24.33 25.55
C VAL B 30 -28.98 23.33 25.96
N GLN B 31 -27.98 23.15 25.10
CA GLN B 31 -26.84 22.30 25.43
C GLN B 31 -25.70 23.15 26.00
N ALA B 32 -25.17 22.73 27.14
CA ALA B 32 -24.15 23.47 27.85
C ALA B 32 -22.93 22.61 28.03
N THR B 33 -21.79 23.09 27.55
CA THR B 33 -20.56 22.33 27.71
C THR B 33 -19.72 22.98 28.82
N TYR B 34 -19.52 22.23 29.91
CA TYR B 34 -18.67 22.69 31.00
C TYR B 34 -17.24 22.27 30.75
N VAL B 35 -16.32 23.20 30.93
CA VAL B 35 -14.92 23.02 30.68
C VAL B 35 -14.11 23.35 31.95
N TRP B 36 -13.10 22.55 32.29
CA TRP B 36 -12.29 22.78 33.44
C TRP B 36 -10.88 22.27 33.22
N ILE B 37 -9.98 22.73 34.08
CA ILE B 37 -8.56 22.38 34.02
C ILE B 37 -8.34 21.23 34.98
N ASP B 38 -7.61 20.20 34.56
CA ASP B 38 -7.42 19.03 35.41
C ASP B 38 -6.22 19.18 36.36
N GLY B 39 -5.86 18.09 37.02
CA GLY B 39 -4.74 18.07 37.95
C GLY B 39 -3.34 18.31 37.38
N THR B 40 -3.18 18.29 36.06
CA THR B 40 -1.89 18.61 35.46
C THR B 40 -1.61 20.09 35.52
N GLY B 41 -2.67 20.86 35.62
CA GLY B 41 -2.53 22.30 35.48
C GLY B 41 -2.44 22.82 34.04
N GLU B 42 -2.44 21.91 33.06
CA GLU B 42 -2.19 22.29 31.64
C GLU B 42 -3.33 21.84 30.71
N ASP B 43 -3.91 20.68 31.00
CA ASP B 43 -4.89 20.08 30.12
C ASP B 43 -6.33 20.44 30.49
N LEU B 44 -7.18 20.50 29.50
CA LEU B 44 -8.59 20.71 29.71
C LEU B 44 -9.40 19.45 29.67
N ARG B 45 -10.55 19.52 30.33
CA ARG B 45 -11.52 18.45 30.31
C ARG B 45 -12.88 19.08 30.09
N CYS B 46 -13.82 18.28 29.62
CA CYS B 46 -15.14 18.83 29.39
C CYS B 46 -16.21 17.77 29.40
N LYS B 47 -17.42 18.19 29.66
CA LYS B 47 -18.60 17.34 29.47
C LYS B 47 -19.87 18.21 29.33
N ASP B 48 -20.99 17.65 28.92
CA ASP B 48 -22.10 18.54 28.62
C ASP B 48 -23.46 18.12 29.21
N ARG B 49 -24.38 19.07 29.28
CA ARG B 49 -25.69 18.77 29.81
C ARG B 49 -26.73 19.58 29.09
N THR B 50 -27.96 19.11 29.22
CA THR B 50 -29.14 19.73 28.66
C THR B 50 -29.79 20.58 29.76
N LEU B 51 -30.07 21.83 29.42
CA LEU B 51 -30.81 22.71 30.32
C LEU B 51 -32.15 23.02 29.68
N ASP B 52 -33.14 23.44 30.47
CA ASP B 52 -34.42 23.88 29.87
C ASP B 52 -34.55 25.40 29.77
N PHE B 53 -33.47 26.13 30.05
CA PHE B 53 -33.54 27.61 30.00
C PHE B 53 -32.28 28.25 29.48
N ILE B 54 -32.44 29.44 28.88
CA ILE B 54 -31.33 30.29 28.45
C ILE B 54 -30.70 31.13 29.56
N PRO B 55 -29.47 30.80 29.99
CA PRO B 55 -28.89 31.57 31.11
C PRO B 55 -28.50 32.98 30.73
N GLN B 56 -28.49 33.86 31.72
CA GLN B 56 -28.21 35.28 31.52
C GLN B 56 -26.80 35.60 32.04
N SER B 57 -26.29 34.74 32.88
CA SER B 57 -24.98 34.98 33.46
C SER B 57 -24.52 33.68 34.10
N PRO B 58 -23.23 33.62 34.48
CA PRO B 58 -22.68 32.46 35.15
C PRO B 58 -23.50 32.05 36.34
N LYS B 59 -23.92 33.06 37.11
CA LYS B 59 -24.65 32.84 38.38
C LYS B 59 -25.86 31.93 38.19
N GLU B 60 -26.49 32.01 37.02
CA GLU B 60 -27.68 31.22 36.74
C GLU B 60 -27.39 29.77 36.42
N LEU B 61 -26.12 29.40 36.22
CA LEU B 61 -25.83 28.02 35.83
C LEU B 61 -25.62 27.21 37.06
N PRO B 62 -26.10 25.96 37.07
CA PRO B 62 -25.91 25.15 38.24
C PRO B 62 -24.45 24.74 38.41
N VAL B 63 -24.06 24.64 39.69
CA VAL B 63 -22.84 23.98 40.13
C VAL B 63 -22.90 22.52 39.73
N TRP B 64 -21.78 21.96 39.32
CA TRP B 64 -21.78 20.58 38.84
C TRP B 64 -20.57 19.94 39.43
N ASN B 65 -20.27 18.73 39.01
CA ASN B 65 -19.20 17.97 39.61
C ASN B 65 -18.67 16.89 38.69
N TYR B 66 -17.51 16.36 39.06
CA TYR B 66 -16.85 15.25 38.32
C TYR B 66 -16.04 14.42 39.28
N ASP B 67 -15.63 13.26 38.80
CA ASP B 67 -14.75 12.40 39.57
C ASP B 67 -13.35 12.90 39.46
N GLY B 68 -12.87 13.51 40.53
CA GLY B 68 -11.56 14.10 40.53
C GLY B 68 -10.50 13.04 40.44
N SER B 69 -10.82 11.82 40.89
CA SER B 69 -9.85 10.73 40.79
C SER B 69 -9.65 10.23 39.36
N SER B 70 -10.50 10.65 38.44
CA SER B 70 -10.30 10.28 37.02
C SER B 70 -9.61 11.39 36.24
N CYS B 71 -9.31 12.52 36.90
CA CYS B 71 -8.38 13.46 36.29
C CYS B 71 -7.28 14.08 37.15
N TYR B 72 -6.57 13.19 37.81
CA TYR B 72 -5.38 13.49 38.56
C TYR B 72 -5.75 14.50 39.68
N GLN B 73 -6.93 14.34 40.28
CA GLN B 73 -7.37 15.15 41.41
C GLN B 73 -8.02 14.24 42.52
N ALA B 74 -7.46 13.04 42.68
CA ALA B 74 -7.89 12.10 43.70
C ALA B 74 -7.84 12.76 45.10
N GLU B 75 -8.67 12.27 46.03
CA GLU B 75 -8.63 12.71 47.45
C GLU B 75 -9.27 11.63 48.33
N GLY B 76 -8.73 10.43 48.28
CA GLY B 76 -9.25 9.30 49.05
C GLY B 76 -10.58 8.79 48.50
N SER B 77 -11.48 8.42 49.40
CA SER B 77 -12.77 7.90 48.98
C SER B 77 -13.81 9.03 48.75
N ASN B 78 -13.38 10.29 48.83
CA ASN B 78 -14.25 11.40 48.48
C ASN B 78 -13.63 12.36 47.42
N SER B 79 -13.32 11.80 46.26
CA SER B 79 -12.71 12.54 45.16
C SER B 79 -13.72 13.30 44.27
N ASP B 80 -15.00 13.32 44.69
CA ASP B 80 -16.00 14.22 44.08
C ASP B 80 -15.53 15.65 44.14
N THR B 81 -15.60 16.32 42.98
CA THR B 81 -14.97 17.59 42.80
C THR B 81 -15.92 18.52 42.08
N TYR B 82 -15.92 19.79 42.49
CA TYR B 82 -17.05 20.65 42.15
C TYR B 82 -16.58 21.66 41.16
N LEU B 83 -17.48 21.93 40.21
CA LEU B 83 -17.33 22.81 39.08
C LEU B 83 -18.23 24.00 39.30
N TYR B 84 -17.66 25.19 39.38
CA TYR B 84 -18.42 26.45 39.51
C TYR B 84 -18.31 27.33 38.25
N PRO B 85 -19.43 27.56 37.57
CA PRO B 85 -19.33 28.37 36.39
C PRO B 85 -18.82 29.72 36.68
N VAL B 86 -17.83 30.15 35.92
CA VAL B 86 -17.35 31.51 36.03
C VAL B 86 -17.48 32.35 34.78
N ALA B 87 -17.69 31.75 33.61
CA ALA B 87 -17.86 32.53 32.39
C ALA B 87 -18.53 31.73 31.29
N ILE B 88 -19.33 32.42 30.48
CA ILE B 88 -20.19 31.77 29.51
C ILE B 88 -19.82 32.36 28.18
N TYR B 89 -19.83 31.52 27.15
CA TYR B 89 -19.57 31.89 25.77
C TYR B 89 -20.58 31.17 24.92
N LYS B 90 -20.88 31.72 23.75
CA LYS B 90 -21.63 31.03 22.70
C LYS B 90 -20.81 29.87 22.10
N ASP B 91 -21.51 28.85 21.66
CA ASP B 91 -20.96 27.57 21.26
C ASP B 91 -20.88 27.55 19.74
N PRO B 92 -19.66 27.63 19.20
CA PRO B 92 -19.49 27.69 17.75
C PRO B 92 -19.70 26.34 17.07
N PHE B 93 -19.82 25.27 17.84
CA PHE B 93 -20.07 23.92 17.31
C PHE B 93 -21.56 23.63 17.12
N ARG B 94 -22.34 24.18 18.02
CA ARG B 94 -23.80 23.90 18.07
C ARG B 94 -24.62 25.12 17.75
N ARG B 95 -24.04 26.32 17.95
CA ARG B 95 -24.71 27.62 17.75
C ARG B 95 -25.99 27.80 18.56
N GLY B 96 -26.94 28.56 18.01
CA GLY B 96 -28.24 28.85 18.64
C GLY B 96 -27.98 29.44 20.01
N ASN B 97 -28.65 28.88 21.01
CA ASN B 97 -28.51 29.31 22.40
C ASN B 97 -27.66 28.37 23.21
N ASN B 98 -26.95 27.48 22.52
CA ASN B 98 -26.06 26.54 23.18
C ASN B 98 -24.82 27.29 23.65
N ILE B 99 -24.16 26.79 24.66
CA ILE B 99 -23.11 27.57 25.27
C ILE B 99 -22.01 26.67 25.77
N LEU B 100 -20.85 27.32 25.92
CA LEU B 100 -19.69 26.80 26.57
C LEU B 100 -19.50 27.53 27.87
N VAL B 101 -19.03 26.80 28.87
CA VAL B 101 -19.01 27.30 30.20
C VAL B 101 -17.67 27.09 30.86
N MET B 102 -16.89 28.14 31.01
CA MET B 102 -15.63 28.04 31.79
C MET B 102 -15.93 27.93 33.28
N CYS B 103 -15.22 27.03 33.95
CA CYS B 103 -15.42 26.77 35.37
C CYS B 103 -14.12 26.88 36.12
N ASP B 104 -14.21 27.01 37.45
CA ASP B 104 -13.08 26.72 38.33
C ASP B 104 -13.52 25.68 39.35
N THR B 105 -12.56 25.00 39.96
CA THR B 105 -12.85 23.77 40.63
C THR B 105 -12.60 23.86 42.13
N TYR B 106 -13.36 23.07 42.86
CA TYR B 106 -13.33 23.08 44.32
C TYR B 106 -13.50 21.68 44.88
N LYS B 107 -12.70 21.37 45.91
CA LYS B 107 -12.70 20.06 46.57
C LYS B 107 -14.00 19.82 47.33
N PHE B 108 -14.23 18.58 47.73
CA PHE B 108 -15.45 18.25 48.51
C PHE B 108 -15.67 19.24 49.64
N ASP B 109 -14.58 19.66 50.30
CA ASP B 109 -14.67 20.53 51.47
C ASP B 109 -14.81 22.01 51.13
N GLY B 110 -15.18 22.36 49.89
CA GLY B 110 -15.32 23.77 49.47
C GLY B 110 -14.00 24.55 49.31
N THR B 111 -12.87 23.93 49.63
CA THR B 111 -11.55 24.51 49.42
C THR B 111 -11.18 24.35 47.93
N PRO B 112 -10.60 25.39 47.32
CA PRO B 112 -10.22 25.23 45.91
C PRO B 112 -9.21 24.10 45.70
N THR B 113 -9.20 23.50 44.50
CA THR B 113 -8.23 22.43 44.17
C THR B 113 -6.90 23.05 43.95
N ASP B 114 -5.86 22.26 43.95
CA ASP B 114 -4.51 22.76 43.74
C ASP B 114 -4.33 23.49 42.42
N THR B 115 -5.04 23.07 41.37
CA THR B 115 -4.84 23.69 40.04
C THR B 115 -5.94 24.68 39.74
N ASN B 116 -6.72 25.01 40.76
CA ASN B 116 -7.47 26.26 40.73
C ASN B 116 -6.66 27.51 41.20
N LYS B 117 -6.14 28.25 40.22
CA LYS B 117 -5.30 29.43 40.46
C LYS B 117 -6.13 30.63 40.14
N ARG B 118 -7.37 30.39 39.77
CA ARG B 118 -8.23 31.53 39.55
C ARG B 118 -8.72 32.17 40.85
N LYS B 119 -8.95 31.39 41.90
CA LYS B 119 -9.54 31.96 43.10
C LYS B 119 -8.65 33.09 43.64
N THR B 120 -7.39 32.78 43.96
CA THR B 120 -6.45 33.80 44.46
C THR B 120 -6.27 34.92 43.43
N CYS B 121 -6.15 34.58 42.16
CA CYS B 121 -5.94 35.61 41.15
C CYS B 121 -7.08 36.62 41.17
N LEU B 122 -8.30 36.14 41.36
CA LEU B 122 -9.46 37.03 41.33
C LEU B 122 -9.48 38.05 42.47
N GLU B 123 -8.96 37.65 43.64
CA GLU B 123 -8.88 38.52 44.84
C GLU B 123 -8.03 39.72 44.42
N VAL B 124 -6.78 39.42 44.06
CA VAL B 124 -5.79 40.40 43.67
C VAL B 124 -6.29 41.33 42.59
N ALA B 125 -6.86 40.79 41.52
CA ALA B 125 -7.38 41.61 40.43
C ALA B 125 -8.46 42.57 40.89
N ASN B 126 -9.28 42.16 41.84
CA ASN B 126 -10.34 43.06 42.34
C ASN B 126 -9.78 44.24 43.14
N LYS B 127 -8.80 43.94 43.99
CA LYS B 127 -7.96 44.97 44.66
C LYS B 127 -7.24 45.97 43.73
N CYS B 128 -7.05 45.65 42.45
CA CYS B 128 -6.43 46.59 41.51
C CYS B 128 -7.38 47.16 40.47
N ALA B 129 -8.69 47.01 40.69
CA ALA B 129 -9.67 47.40 39.68
C ALA B 129 -9.73 48.90 39.44
N ALA B 130 -9.19 49.68 40.38
CA ALA B 130 -9.04 51.13 40.20
C ALA B 130 -8.01 51.43 39.10
N GLU B 131 -6.90 50.70 39.17
CA GLU B 131 -5.84 50.85 38.19
C GLU B 131 -6.15 50.28 36.78
N GLU B 132 -7.39 49.80 36.58
CA GLU B 132 -7.92 49.17 35.34
C GLU B 132 -6.87 48.41 34.51
N PRO B 133 -6.27 47.37 35.10
CA PRO B 133 -5.25 46.67 34.32
C PRO B 133 -5.85 45.93 33.08
N TRP B 134 -5.09 45.98 31.99
CA TRP B 134 -5.42 45.35 30.71
C TRP B 134 -4.30 44.38 30.32
N PHE B 135 -4.69 43.23 29.78
CA PHE B 135 -3.70 42.23 29.41
C PHE B 135 -3.92 41.67 28.02
N GLY B 136 -2.83 41.39 27.34
CA GLY B 136 -2.88 40.71 26.03
C GLY B 136 -1.91 39.56 26.10
N ILE B 137 -2.31 38.38 25.67
CA ILE B 137 -1.38 37.24 25.63
C ILE B 137 -1.22 36.64 24.26
N GLU B 138 0.03 36.38 23.89
CA GLU B 138 0.43 35.80 22.59
C GLU B 138 0.64 34.28 22.73
N GLN B 139 -0.38 33.47 22.42
CA GLN B 139 -0.32 32.04 22.69
C GLN B 139 0.28 31.26 21.51
N GLU B 140 1.49 30.75 21.70
CA GLU B 140 2.20 29.92 20.71
C GLU B 140 1.84 28.49 20.96
N TYR B 141 1.79 27.72 19.88
CA TYR B 141 1.45 26.32 19.97
C TYR B 141 1.97 25.62 18.74
N THR B 142 2.05 24.30 18.78
CA THR B 142 2.50 23.52 17.63
C THR B 142 1.51 22.36 17.28
N PHE B 143 1.36 22.08 16.00
CA PHE B 143 0.47 20.97 15.60
C PHE B 143 1.32 19.71 15.50
N LEU B 144 0.91 18.60 16.12
CA LEU B 144 1.54 17.28 15.99
C LEU B 144 0.64 16.29 15.33
N ASP B 145 1.28 15.36 14.66
CA ASP B 145 0.60 14.15 14.21
C ASP B 145 0.38 13.30 15.41
N PHE B 146 -0.36 12.25 15.21
CA PHE B 146 -0.80 11.36 16.29
C PHE B 146 0.38 10.62 16.91
N ASP B 147 1.45 10.39 16.16
CA ASP B 147 2.67 9.79 16.72
C ASP B 147 3.53 10.77 17.54
N GLY B 148 3.08 12.01 17.78
CA GLY B 148 3.91 13.01 18.49
C GLY B 148 4.88 13.79 17.62
N HIS B 149 5.05 13.41 16.37
CA HIS B 149 5.98 14.16 15.51
C HIS B 149 5.27 15.40 14.99
N PRO B 150 5.97 16.53 14.88
CA PRO B 150 5.28 17.71 14.40
C PRO B 150 4.68 17.53 12.99
N LEU B 151 3.51 18.15 12.83
CA LEU B 151 2.66 17.89 11.71
C LEU B 151 3.34 18.17 10.43
N GLY B 152 3.36 17.18 9.58
CA GLY B 152 3.90 17.36 8.25
C GLY B 152 5.40 17.26 8.16
N TRP B 153 6.08 17.12 9.30
CA TRP B 153 7.51 16.92 9.25
C TRP B 153 7.79 15.54 8.70
N PRO B 154 8.88 15.35 7.90
CA PRO B 154 9.25 14.00 7.47
C PRO B 154 9.39 13.07 8.64
N LYS B 155 8.90 11.84 8.50
CA LYS B 155 9.00 10.89 9.60
C LYS B 155 10.49 10.58 9.86
N ASN B 156 10.84 10.56 11.14
CA ASN B 156 12.20 10.24 11.56
C ASN B 156 13.15 11.31 11.12
N GLY B 157 12.67 12.54 10.98
CA GLY B 157 13.51 13.57 10.45
C GLY B 157 13.01 14.95 10.57
N PHE B 158 13.68 15.84 9.86
CA PHE B 158 13.47 17.27 9.95
C PHE B 158 13.18 17.87 8.55
N PRO B 159 12.35 18.93 8.52
CA PRO B 159 12.21 19.69 7.31
C PRO B 159 13.41 20.64 7.21
N GLY B 160 13.41 21.49 6.20
CA GLY B 160 14.50 22.45 6.09
C GLY B 160 14.61 23.33 7.31
N PRO B 161 15.81 23.94 7.50
CA PRO B 161 16.12 24.88 8.58
C PRO B 161 15.23 26.12 8.62
N GLN B 162 15.11 26.70 9.79
CA GLN B 162 14.23 27.83 9.98
C GLN B 162 14.59 28.97 9.06
N GLY B 163 13.61 29.85 8.85
CA GLY B 163 13.72 30.93 7.89
C GLY B 163 12.51 31.16 7.02
N PRO B 164 12.07 30.12 6.28
CA PRO B 164 10.98 30.35 5.35
C PRO B 164 9.58 30.37 5.94
N TYR B 165 9.41 30.02 7.21
CA TYR B 165 8.11 29.56 7.69
C TYR B 165 7.38 30.64 8.44
N TYR B 166 8.12 31.48 9.15
CA TYR B 166 7.54 32.62 9.88
C TYR B 166 6.62 33.45 8.99
N CYS B 167 5.39 33.63 9.42
CA CYS B 167 4.40 34.33 8.61
C CYS B 167 4.37 33.84 7.18
N GLY B 168 4.60 32.53 7.01
CA GLY B 168 4.71 31.97 5.68
C GLY B 168 3.41 31.88 4.92
N VAL B 169 3.57 31.70 3.60
CA VAL B 169 2.44 31.40 2.75
C VAL B 169 2.86 30.43 1.65
N GLY B 170 2.11 29.31 1.58
CA GLY B 170 2.33 28.30 0.56
C GLY B 170 2.39 26.94 1.17
N ALA B 171 2.16 25.94 0.34
CA ALA B 171 1.94 24.57 0.78
C ALA B 171 3.14 23.95 1.44
N ASN B 172 4.32 24.48 1.08
CA ASN B 172 5.57 24.10 1.67
C ASN B 172 6.10 25.08 2.70
N LYS B 173 5.32 26.09 3.08
CA LYS B 173 5.69 26.96 4.17
C LYS B 173 4.90 26.83 5.44
N VAL B 174 3.60 26.64 5.36
CA VAL B 174 2.80 26.56 6.62
C VAL B 174 1.77 25.46 6.44
N TYR B 175 1.45 24.77 7.53
CA TYR B 175 0.57 23.62 7.48
C TYR B 175 -0.65 23.83 8.38
N ALA B 176 -1.80 23.35 7.91
CA ALA B 176 -3.04 23.36 8.62
C ALA B 176 -3.61 24.72 8.98
N ARG B 177 -3.43 25.68 8.09
CA ARG B 177 -4.07 26.95 8.23
C ARG B 177 -5.57 26.81 8.39
N ASP B 178 -6.19 25.76 7.84
CA ASP B 178 -7.62 25.59 8.02
C ASP B 178 -8.06 25.61 9.51
N ILE B 179 -7.27 24.97 10.37
CA ILE B 179 -7.61 24.89 11.79
C ILE B 179 -7.41 26.29 12.38
N VAL B 180 -6.32 26.93 11.99
CA VAL B 180 -5.97 28.28 12.44
C VAL B 180 -7.13 29.27 12.16
N ASP B 181 -7.67 29.23 10.95
CA ASP B 181 -8.79 30.08 10.56
C ASP B 181 -10.10 29.70 11.23
N ALA B 182 -10.36 28.42 11.35
CA ALA B 182 -11.53 28.01 12.05
C ALA B 182 -11.47 28.46 13.50
N HIS B 183 -10.31 28.28 14.10
CA HIS B 183 -10.20 28.61 15.51
C HIS B 183 -10.39 30.14 15.69
N TYR B 184 -9.80 30.92 14.80
CA TYR B 184 -9.90 32.37 14.84
C TYR B 184 -11.37 32.75 14.83
N ARG B 185 -12.07 32.28 13.85
CA ARG B 185 -13.45 32.66 13.69
C ARG B 185 -14.32 32.10 14.81
N ALA B 186 -14.03 30.89 15.28
CA ALA B 186 -14.79 30.32 16.38
C ALA B 186 -14.62 31.14 17.70
N CYS B 187 -13.44 31.67 17.89
CA CYS B 187 -13.16 32.43 19.06
C CYS B 187 -13.94 33.72 19.00
N LEU B 188 -14.00 34.33 17.82
CA LEU B 188 -14.72 35.59 17.72
C LEU B 188 -16.22 35.39 17.94
N TYR B 189 -16.77 34.26 17.53
CA TYR B 189 -18.19 34.00 17.64
C TYR B 189 -18.53 33.66 19.09
N ALA B 190 -17.60 33.02 19.77
CA ALA B 190 -17.79 32.70 21.16
C ALA B 190 -17.78 33.99 22.03
N GLY B 191 -17.25 35.07 21.50
CA GLY B 191 -17.16 36.32 22.21
C GLY B 191 -15.82 36.56 22.81
N ILE B 192 -14.83 35.78 22.38
CA ILE B 192 -13.44 35.94 22.83
C ILE B 192 -12.72 36.96 21.98
N LYS B 193 -11.92 37.80 22.65
CA LYS B 193 -11.20 38.88 21.99
C LYS B 193 -9.86 38.44 21.35
N VAL B 194 -9.96 37.73 20.25
CA VAL B 194 -8.79 37.25 19.54
C VAL B 194 -8.47 38.36 18.61
N SER B 195 -7.31 38.97 18.80
CA SER B 195 -6.98 40.13 18.03
C SER B 195 -6.04 39.86 16.87
N GLY B 196 -5.52 38.64 16.75
CA GLY B 196 -4.80 38.24 15.49
C GLY B 196 -4.09 36.89 15.57
N THR B 197 -3.49 36.49 14.45
CA THR B 197 -2.75 35.24 14.38
C THR B 197 -1.53 35.36 13.50
N ASN B 198 -0.53 34.53 13.75
CA ASN B 198 0.54 34.37 12.78
C ASN B 198 1.24 33.00 12.83
N ALA B 199 1.83 32.60 11.69
CA ALA B 199 2.61 31.38 11.61
C ALA B 199 3.87 31.72 12.27
N GLU B 200 4.47 30.75 12.96
CA GLU B 200 5.70 31.00 13.72
C GLU B 200 6.93 30.40 13.05
N VAL B 201 8.06 30.50 13.73
CA VAL B 201 9.36 30.28 13.12
C VAL B 201 9.56 28.84 12.72
N MET B 202 9.14 27.95 13.61
CA MET B 202 9.11 26.50 13.39
C MET B 202 7.96 26.11 12.45
N PRO B 203 8.23 25.25 11.50
CA PRO B 203 7.10 24.81 10.67
C PRO B 203 6.10 23.91 11.49
N ALA B 204 4.80 24.03 11.21
CA ALA B 204 3.70 23.52 12.07
C ALA B 204 3.47 24.33 13.34
N GLN B 205 4.15 25.45 13.50
CA GLN B 205 4.05 26.28 14.69
C GLN B 205 3.25 27.50 14.44
N TRP B 206 2.36 27.87 15.35
CA TRP B 206 1.54 29.06 15.17
C TRP B 206 1.32 29.88 16.45
N GLU B 207 0.65 31.01 16.30
CA GLU B 207 0.29 31.86 17.41
C GLU B 207 -1.10 32.48 17.19
N PHE B 208 -1.91 32.56 18.24
CA PHE B 208 -2.99 33.53 18.23
C PHE B 208 -2.78 34.50 19.42
N GLN B 209 -3.33 35.68 19.27
CA GLN B 209 -3.29 36.72 20.29
C GLN B 209 -4.69 37.01 20.77
N VAL B 210 -4.79 37.15 22.08
CA VAL B 210 -6.02 37.43 22.79
C VAL B 210 -5.80 38.72 23.55
N GLY B 211 -6.63 39.71 23.29
CA GLY B 211 -6.52 40.92 24.08
C GLY B 211 -6.76 42.20 23.33
N PRO B 212 -6.61 43.33 24.03
CA PRO B 212 -6.42 43.37 25.50
C PRO B 212 -7.70 43.09 26.33
N CYS B 213 -7.55 42.48 27.50
CA CYS B 213 -8.73 42.07 28.27
C CYS B 213 -8.62 42.62 29.67
N GLU B 214 -9.74 43.00 30.27
CA GLU B 214 -9.68 43.62 31.60
C GLU B 214 -9.57 42.57 32.67
N GLY B 215 -8.51 42.67 33.48
CA GLY B 215 -8.31 41.85 34.65
C GLY B 215 -8.35 40.35 34.44
N ILE B 216 -9.32 39.71 35.08
CA ILE B 216 -9.34 38.24 35.26
C ILE B 216 -9.83 37.61 33.95
N SER B 217 -10.60 38.36 33.21
CA SER B 217 -11.20 37.88 32.00
C SER B 217 -10.18 37.38 30.96
N ILE B 218 -8.94 37.87 30.98
CA ILE B 218 -7.88 37.35 30.10
C ILE B 218 -7.63 35.89 30.44
N GLY B 219 -7.78 35.56 31.70
CA GLY B 219 -7.57 34.17 32.12
C GLY B 219 -8.67 33.28 31.59
N ASP B 220 -9.91 33.73 31.73
CA ASP B 220 -11.03 32.93 31.34
C ASP B 220 -11.00 32.76 29.82
N ASP B 221 -10.82 33.86 29.13
CA ASP B 221 -10.96 33.91 27.71
C ASP B 221 -9.83 33.10 27.05
N LEU B 222 -8.65 33.04 27.65
CA LEU B 222 -7.59 32.37 27.05
C LEU B 222 -7.75 30.89 27.26
N TRP B 223 -8.21 30.48 28.43
CA TRP B 223 -8.40 29.08 28.67
C TRP B 223 -9.48 28.56 27.71
N MET B 224 -10.51 29.36 27.44
CA MET B 224 -11.57 28.93 26.55
C MET B 224 -11.10 28.85 25.09
N ALA B 225 -10.19 29.71 24.75
CA ALA B 225 -9.54 29.67 23.47
C ALA B 225 -8.65 28.44 23.31
N ARG B 226 -7.97 28.07 24.39
CA ARG B 226 -7.23 26.83 24.42
C ARG B 226 -8.13 25.63 24.19
N PHE B 227 -9.19 25.54 24.96
CA PHE B 227 -10.20 24.53 24.79
C PHE B 227 -10.62 24.45 23.33
N LEU B 228 -10.90 25.59 22.72
CA LEU B 228 -11.41 25.63 21.39
C LEU B 228 -10.37 25.14 20.40
N LEU B 229 -9.12 25.42 20.71
CA LEU B 229 -8.06 25.01 19.85
C LEU B 229 -7.92 23.52 19.84
N HIS B 230 -7.95 22.91 21.02
CA HIS B 230 -7.87 21.49 21.16
C HIS B 230 -9.06 20.79 20.56
N ARG B 231 -10.23 21.39 20.76
CA ARG B 231 -11.47 20.80 20.34
C ARG B 231 -11.64 20.88 18.83
N ILE B 232 -11.21 21.96 18.18
CA ILE B 232 -11.35 22.08 16.73
C ILE B 232 -10.30 21.19 16.07
N SER B 233 -9.08 21.24 16.58
CA SER B 233 -7.98 20.43 15.98
C SER B 233 -8.31 18.93 16.09
N GLU B 234 -8.96 18.53 17.20
CA GLU B 234 -9.44 17.15 17.41
C GLU B 234 -10.22 16.59 16.25
N GLU B 235 -11.02 17.43 15.67
CA GLU B 235 -11.91 17.08 14.60
C GLU B 235 -11.13 16.71 13.35
N PHE B 236 -9.95 17.30 13.19
CA PHE B 236 -9.12 17.01 12.07
C PHE B 236 -8.15 15.89 12.37
N GLY B 237 -8.17 15.35 13.60
CA GLY B 237 -7.21 14.31 13.97
C GLY B 237 -5.83 14.81 14.35
N ILE B 238 -5.72 16.12 14.53
CA ILE B 238 -4.46 16.77 14.78
C ILE B 238 -4.34 17.17 16.26
N VAL B 239 -3.17 16.98 16.83
CA VAL B 239 -2.89 17.36 18.18
C VAL B 239 -2.34 18.74 18.17
N SER B 240 -2.81 19.52 19.09
CA SER B 240 -2.30 20.87 19.36
C SER B 240 -1.53 20.83 20.68
N THR B 241 -0.24 21.13 20.68
CA THR B 241 0.43 21.09 21.95
C THR B 241 0.89 22.51 22.37
N LEU B 242 0.85 22.75 23.67
CA LEU B 242 1.25 23.98 24.27
C LEU B 242 2.55 23.75 25.08
N ASP B 243 3.13 22.57 24.93
CA ASP B 243 4.45 22.27 25.49
C ASP B 243 5.47 23.31 25.02
N PRO B 244 6.28 23.85 25.92
CA PRO B 244 7.18 24.92 25.46
C PRO B 244 8.34 24.47 24.62
N LYS B 245 8.66 23.18 24.65
CA LYS B 245 9.71 22.59 23.81
C LYS B 245 9.23 21.38 23.03
N PRO B 246 8.30 21.60 22.11
CA PRO B 246 7.82 20.44 21.35
C PRO B 246 8.93 19.63 20.63
N MET B 247 9.95 20.29 20.06
CA MET B 247 11.13 19.56 19.53
C MET B 247 12.47 20.07 20.04
N PRO B 248 13.29 19.18 20.65
CA PRO B 248 14.64 19.59 21.10
C PRO B 248 15.60 20.05 20.02
N GLY B 249 16.48 20.95 20.46
CA GLY B 249 17.61 21.36 19.71
C GLY B 249 17.41 22.79 19.32
N ASP B 250 17.85 23.10 18.08
CA ASP B 250 17.76 24.42 17.44
C ASP B 250 16.43 24.64 16.70
N TRP B 251 15.35 24.45 17.45
CA TRP B 251 14.01 24.63 16.98
C TRP B 251 13.38 25.48 18.04
N ASN B 252 12.80 26.60 17.62
CA ASN B 252 12.02 27.55 18.45
C ASN B 252 11.02 26.90 19.38
N GLY B 253 11.24 27.07 20.67
CA GLY B 253 10.22 26.67 21.62
C GLY B 253 9.13 27.72 21.65
N ALA B 254 8.35 27.73 22.72
CA ALA B 254 7.15 28.48 22.71
C ALA B 254 6.96 29.24 24.01
N GLY B 255 6.50 30.46 23.85
CA GLY B 255 6.13 31.29 24.94
C GLY B 255 4.68 31.68 24.89
N ALA B 256 4.26 32.36 25.94
CA ALA B 256 2.99 33.08 25.97
C ALA B 256 3.34 34.45 26.47
N HIS B 257 3.98 35.22 25.61
CA HIS B 257 4.42 36.55 25.98
C HIS B 257 3.21 37.32 26.33
N THR B 258 3.34 38.11 27.38
CA THR B 258 2.20 38.79 28.00
C THR B 258 2.40 40.34 27.99
N ASN B 259 1.45 41.03 27.37
CA ASN B 259 1.40 42.47 27.32
C ASN B 259 0.53 43.02 28.44
N VAL B 260 1.08 44.03 29.12
CA VAL B 260 0.46 44.67 30.29
C VAL B 260 0.39 46.21 30.16
N SER B 261 -0.79 46.73 30.44
CA SER B 261 -0.96 48.15 30.72
C SER B 261 -1.93 48.38 31.89
N THR B 262 -1.74 49.49 32.62
CA THR B 262 -2.73 50.05 33.56
C THR B 262 -3.23 51.33 33.00
N LYS B 263 -4.26 51.89 33.63
CA LYS B 263 -4.82 53.19 33.22
C LYS B 263 -3.73 54.27 33.24
N ALA B 264 -2.94 54.28 34.31
CA ALA B 264 -1.75 55.12 34.36
C ALA B 264 -1.05 55.14 33.01
N MET B 265 -0.65 53.95 32.59
CA MET B 265 0.28 53.74 31.47
C MET B 265 -0.36 54.07 30.12
N ARG B 266 -1.66 53.87 29.98
CA ARG B 266 -2.38 54.13 28.72
C ARG B 266 -2.63 55.59 28.45
N GLU B 267 -2.42 56.43 29.45
CA GLU B 267 -2.72 57.86 29.34
C GLU B 267 -1.43 58.68 29.27
N ASP B 268 -1.64 59.92 28.83
CA ASP B 268 -0.59 60.89 28.50
C ASP B 268 0.59 60.89 29.50
N GLY B 269 1.78 60.57 29.03
CA GLY B 269 2.96 60.48 29.90
C GLY B 269 3.08 59.19 30.69
N GLY B 270 2.30 58.17 30.29
CA GLY B 270 2.29 56.86 30.97
C GLY B 270 3.65 56.20 31.05
N ILE B 271 4.49 56.49 30.07
CA ILE B 271 5.82 55.92 29.97
C ILE B 271 6.61 55.90 31.29
N ARG B 272 6.32 56.85 32.16
CA ARG B 272 7.06 56.95 33.42
C ARG B 272 6.67 55.77 34.29
N ASP B 273 5.36 55.60 34.42
CA ASP B 273 4.74 54.52 35.20
C ASP B 273 5.18 53.15 34.70
N ILE B 274 5.21 53.02 33.38
CA ILE B 274 5.71 51.83 32.71
C ILE B 274 7.13 51.50 33.13
N GLU B 275 8.03 52.48 33.12
CA GLU B 275 9.42 52.23 33.53
C GLU B 275 9.52 51.79 35.00
N LYS B 276 8.61 52.35 35.80
CA LYS B 276 8.51 52.10 37.24
C LYS B 276 8.09 50.64 37.49
N ALA B 277 7.02 50.24 36.80
CA ALA B 277 6.57 48.83 36.78
C ALA B 277 7.69 47.87 36.39
N VAL B 278 8.38 48.20 35.28
CA VAL B 278 9.51 47.39 34.78
C VAL B 278 10.63 47.16 35.79
N ALA B 279 11.00 48.20 36.54
CA ALA B 279 12.03 48.10 37.58
C ALA B 279 11.66 47.07 38.69
N LYS B 280 10.43 47.13 39.19
CA LYS B 280 10.00 46.22 40.26
C LYS B 280 10.13 44.73 39.84
N LEU B 281 9.88 44.45 38.56
CA LEU B 281 9.97 43.08 38.01
C LEU B 281 11.38 42.57 37.97
N SER B 282 12.26 43.47 37.55
CA SER B 282 13.71 43.28 37.56
C SER B 282 14.26 42.70 38.87
N LYS B 283 13.88 43.33 39.99
CA LYS B 283 14.36 42.89 41.31
C LYS B 283 14.14 41.38 41.50
N CYS B 284 12.89 40.98 41.74
CA CYS B 284 12.57 39.56 41.88
C CYS B 284 13.10 38.75 40.68
N HIS B 285 12.29 38.63 39.64
CA HIS B 285 12.55 37.70 38.53
C HIS B 285 12.47 36.24 38.99
N GLU B 286 13.34 35.89 39.93
CA GLU B 286 13.40 34.60 40.63
C GLU B 286 12.00 33.98 40.95
N ARG B 287 11.10 34.81 41.46
CA ARG B 287 9.72 34.44 41.90
C ARG B 287 8.73 34.19 40.73
N HIS B 288 8.82 35.05 39.72
CA HIS B 288 7.97 34.96 38.51
C HIS B 288 8.11 33.67 37.69
N ILE B 289 9.34 33.18 37.54
CA ILE B 289 9.59 31.91 36.82
C ILE B 289 8.95 30.69 37.52
N ARG B 290 8.87 30.71 38.85
CA ARG B 290 8.13 29.66 39.58
C ARG B 290 6.62 29.69 39.23
N ALA B 291 6.06 30.88 39.04
CA ALA B 291 4.65 31.07 38.60
C ALA B 291 4.37 30.95 37.07
N TYR B 292 5.39 30.81 36.24
CA TYR B 292 5.23 30.90 34.77
C TYR B 292 5.18 29.54 34.03
N ASP B 293 4.93 28.49 34.81
CA ASP B 293 4.50 27.17 34.31
C ASP B 293 3.99 26.29 35.48
N PRO B 294 3.21 25.23 35.19
CA PRO B 294 2.52 24.46 36.25
C PRO B 294 3.44 23.55 37.04
N LYS B 295 4.42 22.99 36.35
CA LYS B 295 5.61 22.41 36.97
C LYS B 295 6.56 23.60 37.14
N GLN B 296 6.87 23.95 38.38
CA GLN B 296 7.39 25.29 38.72
C GLN B 296 8.85 25.58 38.31
N GLY B 297 9.03 25.87 37.02
CA GLY B 297 10.34 26.20 36.45
C GLY B 297 10.94 25.13 35.55
N GLN B 298 10.49 23.88 35.70
CA GLN B 298 11.10 22.70 35.05
C GLN B 298 10.68 22.45 33.57
N ASP B 299 9.64 23.16 33.12
CA ASP B 299 9.25 23.19 31.69
C ASP B 299 9.86 24.39 30.93
N ASN B 300 9.80 25.57 31.56
CA ASN B 300 10.51 26.77 31.07
C ASN B 300 11.96 26.40 30.66
N ALA B 301 12.77 25.95 31.62
CA ALA B 301 14.20 25.60 31.42
C ALA B 301 14.58 25.06 30.03
N ARG B 302 13.71 24.22 29.48
CA ARG B 302 13.92 23.62 28.18
C ARG B 302 13.87 24.61 27.00
N ARG B 303 13.24 25.78 27.13
CA ARG B 303 13.40 26.83 26.08
C ARG B 303 13.99 28.19 26.49
N LEU B 304 14.32 28.37 27.76
CA LEU B 304 15.01 29.59 28.15
C LEU B 304 16.49 29.24 28.18
N THR B 305 17.03 29.09 26.97
CA THR B 305 18.46 28.86 26.78
C THR B 305 19.18 30.20 26.85
N GLY B 306 18.41 31.27 26.62
CA GLY B 306 18.93 32.63 26.54
C GLY B 306 19.30 32.97 25.11
N LYS B 307 18.87 32.16 24.15
CA LYS B 307 19.17 32.38 22.73
C LYS B 307 17.87 32.63 21.91
N HIS B 308 17.80 33.78 21.23
CA HIS B 308 16.73 34.18 20.24
C HIS B 308 15.28 34.59 20.63
N GLU B 309 14.68 34.12 21.73
CA GLU B 309 13.23 34.42 21.93
C GLU B 309 13.02 35.29 23.17
N THR B 310 13.51 34.78 24.28
CA THR B 310 13.45 35.45 25.56
C THR B 310 14.79 35.18 26.23
N SER B 311 15.01 35.87 27.33
CA SER B 311 16.29 35.81 28.08
C SER B 311 16.66 34.44 28.69
N SER B 312 17.77 34.43 29.42
CA SER B 312 18.25 33.24 30.14
C SER B 312 17.28 32.94 31.32
N ILE B 313 17.32 31.71 31.85
CA ILE B 313 16.53 31.37 33.07
C ILE B 313 17.15 32.02 34.32
N ASN B 314 18.46 32.26 34.29
CA ASN B 314 19.22 32.84 35.41
C ASN B 314 19.17 34.38 35.51
N ASP B 315 19.12 35.06 34.37
CA ASP B 315 19.36 36.51 34.29
C ASP B 315 18.12 37.29 33.83
N PHE B 316 17.75 38.31 34.61
CA PHE B 316 16.73 39.26 34.18
C PHE B 316 17.36 40.29 33.24
N SER B 317 16.58 40.77 32.28
CA SER B 317 17.05 41.76 31.28
C SER B 317 15.89 42.67 30.90
N ALA B 318 16.17 43.96 30.72
CA ALA B 318 15.19 44.95 30.31
C ALA B 318 15.76 45.71 29.13
N GLY B 319 14.91 46.07 28.18
CA GLY B 319 15.37 46.73 26.96
C GLY B 319 14.27 47.36 26.12
N VAL B 320 14.63 48.44 25.44
CA VAL B 320 13.74 49.07 24.49
C VAL B 320 13.86 48.27 23.19
N ALA B 321 12.74 47.71 22.73
CA ALA B 321 12.65 46.98 21.45
C ALA B 321 13.61 45.79 21.31
N ASN B 322 14.06 45.23 22.43
CA ASN B 322 14.98 44.09 22.44
C ASN B 322 14.25 42.75 22.52
N ARG B 323 14.41 41.97 21.45
CA ARG B 323 13.85 40.60 21.37
C ARG B 323 14.59 39.56 22.24
N GLY B 324 15.81 39.87 22.68
CA GLY B 324 16.58 38.94 23.51
C GLY B 324 16.49 39.20 25.01
N CYS B 325 15.72 40.23 25.38
CA CYS B 325 15.46 40.58 26.79
C CYS B 325 14.35 39.72 27.45
N SER B 326 14.23 39.90 28.77
CA SER B 326 13.18 39.27 29.56
C SER B 326 11.91 40.15 29.42
N ILE B 327 12.01 41.40 29.85
CA ILE B 327 10.97 42.42 29.65
C ILE B 327 11.40 43.36 28.54
N ARG B 328 10.43 43.87 27.81
CA ARG B 328 10.71 44.64 26.62
C ARG B 328 9.69 45.76 26.51
N ILE B 329 10.19 46.95 26.20
CA ILE B 329 9.32 48.08 25.90
C ILE B 329 9.41 48.35 24.42
N PRO B 330 8.30 48.16 23.69
CA PRO B 330 8.35 48.35 22.24
C PRO B 330 8.80 49.75 21.84
N ARG B 331 9.42 49.86 20.68
CA ARG B 331 9.79 51.16 20.15
C ARG B 331 8.58 52.08 20.14
N GLY B 332 7.54 51.67 19.43
CA GLY B 332 6.32 52.48 19.29
C GLY B 332 5.77 53.07 20.57
N VAL B 333 5.83 52.29 21.64
CA VAL B 333 5.33 52.69 22.96
C VAL B 333 6.21 53.78 23.51
N ASN B 334 7.52 53.57 23.40
CA ASN B 334 8.48 54.57 23.83
C ASN B 334 8.34 55.90 23.10
N ASP B 335 8.24 55.83 21.77
CA ASP B 335 7.94 56.99 20.92
C ASP B 335 6.69 57.74 21.38
N ASP B 336 5.62 57.01 21.66
CA ASP B 336 4.38 57.64 22.10
C ASP B 336 4.42 58.14 23.55
N GLY B 337 5.38 57.66 24.33
CA GLY B 337 5.42 57.99 25.76
C GLY B 337 4.22 57.45 26.55
N LYS B 338 3.56 56.43 25.99
CA LYS B 338 2.48 55.73 26.65
C LYS B 338 2.19 54.39 25.92
N GLY B 339 1.41 53.55 26.60
CA GLY B 339 1.05 52.22 26.09
C GLY B 339 1.30 51.14 27.12
N TYR B 340 2.06 50.11 26.71
CA TYR B 340 2.21 48.85 27.47
C TYR B 340 3.65 48.32 27.38
N PHE B 341 4.00 47.37 28.23
CA PHE B 341 5.28 46.64 28.10
C PHE B 341 5.02 45.14 27.93
N GLU B 342 6.05 44.41 27.51
CA GLU B 342 5.92 43.00 27.15
C GLU B 342 6.74 42.14 28.08
N ASP B 343 6.12 41.19 28.79
CA ASP B 343 6.84 40.18 29.56
C ASP B 343 6.96 38.91 28.74
N ARG B 344 8.16 38.67 28.25
CA ARG B 344 8.44 37.56 27.35
C ARG B 344 8.91 36.33 28.15
N ARG B 345 8.79 36.37 29.46
CA ARG B 345 9.19 35.18 30.24
C ARG B 345 8.21 33.99 30.21
N PRO B 346 6.90 34.26 30.21
CA PRO B 346 5.99 33.15 30.40
C PRO B 346 6.04 32.13 29.30
N SER B 347 5.91 30.88 29.72
CA SER B 347 5.97 29.73 28.82
C SER B 347 4.64 29.48 28.16
N SER B 348 4.66 28.82 27.00
CA SER B 348 3.43 28.50 26.28
C SER B 348 2.42 27.73 27.12
N ASN B 349 2.92 26.90 28.04
CA ASN B 349 2.02 26.17 28.93
C ASN B 349 1.73 26.86 30.28
N CYS B 350 1.97 28.14 30.41
CA CYS B 350 1.69 28.81 31.68
C CYS B 350 0.20 28.79 31.97
N ASP B 351 -0.18 28.91 33.23
CA ASP B 351 -1.57 29.25 33.56
C ASP B 351 -1.71 30.78 33.57
N PRO B 352 -2.57 31.36 32.74
CA PRO B 352 -2.60 32.78 32.77
C PRO B 352 -3.09 33.37 34.09
N TYR B 353 -3.85 32.61 34.86
CA TYR B 353 -4.29 33.11 36.15
C TYR B 353 -3.08 33.39 37.04
N SER B 354 -2.18 32.43 37.11
CA SER B 354 -0.94 32.57 37.82
C SER B 354 -0.08 33.71 37.30
N VAL B 355 -0.07 33.90 35.99
CA VAL B 355 0.74 34.95 35.36
C VAL B 355 0.21 36.33 35.78
N VAL B 356 -1.09 36.54 35.63
CA VAL B 356 -1.69 37.81 35.94
C VAL B 356 -1.49 38.15 37.43
N GLU B 357 -1.70 37.19 38.31
CA GLU B 357 -1.56 37.41 39.75
C GLU B 357 -0.15 37.88 40.12
N ALA B 358 0.87 37.15 39.70
CA ALA B 358 2.25 37.49 40.04
C ALA B 358 2.66 38.88 39.52
N ILE B 359 2.02 39.37 38.46
CA ILE B 359 2.33 40.68 37.88
C ILE B 359 1.60 41.77 38.64
N LEU B 360 0.31 41.62 38.76
CA LEU B 360 -0.47 42.49 39.60
C LEU B 360 0.13 42.64 41.01
N ARG B 361 0.56 41.56 41.62
CA ARG B 361 1.09 41.64 42.98
C ARG B 361 2.28 42.59 43.00
N THR B 362 3.18 42.33 42.06
CA THR B 362 4.46 43.03 41.99
C THR B 362 4.34 44.52 41.74
N ILE B 363 3.56 44.89 40.74
CA ILE B 363 3.59 46.24 40.22
C ILE B 363 2.47 47.09 40.75
N CYS B 364 1.47 46.50 41.39
CA CYS B 364 0.28 47.26 41.79
C CYS B 364 0.02 47.15 43.27
N LEU B 365 0.92 46.51 44.00
CA LEU B 365 0.58 46.05 45.33
C LEU B 365 1.79 46.12 46.23
N ASP B 366 1.85 47.17 47.05
CA ASP B 366 2.94 47.41 48.03
C ASP B 366 3.91 46.24 48.12
N GLU B 367 4.57 45.94 47.00
CA GLU B 367 5.38 44.71 46.82
C GLU B 367 4.60 43.41 47.08
N ALA C 1 -2.52 2.45 6.79
CA ALA C 1 -3.99 2.71 6.76
C ALA C 1 -4.74 1.47 7.33
N ARG C 2 -4.98 1.45 8.65
CA ARG C 2 -5.69 0.32 9.26
C ARG C 2 -7.09 0.63 9.89
N ILE C 3 -7.26 1.81 10.46
CA ILE C 3 -8.46 2.17 11.17
C ILE C 3 -9.67 2.15 10.23
N LEU C 4 -10.65 1.30 10.54
CA LEU C 4 -11.89 1.11 9.73
C LEU C 4 -11.72 0.55 8.31
N GLU C 5 -10.57 -0.08 8.06
CA GLU C 5 -10.18 -0.41 6.72
C GLU C 5 -11.02 -1.57 6.24
N ASP C 6 -11.43 -2.46 7.14
CA ASP C 6 -12.24 -3.58 6.76
C ASP C 6 -13.70 -3.38 7.02
N SER C 7 -14.10 -2.19 7.45
CA SER C 7 -15.50 -1.91 7.76
C SER C 7 -16.24 -1.55 6.48
N PRO C 8 -17.13 -2.43 5.99
CA PRO C 8 -17.87 -2.14 4.76
C PRO C 8 -18.47 -0.76 4.73
N ASN C 9 -19.20 -0.40 5.77
CA ASN C 9 -19.92 0.86 5.76
C ASN C 9 -19.02 2.01 5.75
N ALA C 10 -17.80 1.86 6.31
CA ALA C 10 -16.88 3.01 6.24
C ALA C 10 -16.31 3.23 4.85
N ARG C 11 -16.34 2.22 4.00
CA ARG C 11 -15.70 2.26 2.69
C ARG C 11 -16.69 2.64 1.58
N ILE C 12 -17.96 2.81 1.92
CA ILE C 12 -19.00 3.16 0.91
C ILE C 12 -19.12 4.64 0.91
N ASN C 13 -19.29 5.22 -0.25
CA ASN C 13 -19.54 6.63 -0.26
C ASN C 13 -20.73 7.09 0.64
N LYS C 14 -20.57 8.25 1.23
CA LYS C 14 -21.40 8.80 2.28
C LYS C 14 -22.08 10.08 1.88
N THR C 15 -21.80 10.49 0.67
CA THR C 15 -22.19 11.78 0.16
C THR C 15 -23.43 11.70 -0.73
N ILE C 16 -23.65 10.54 -1.36
CA ILE C 16 -24.70 10.35 -2.40
C ILE C 16 -26.08 10.37 -1.78
N LEU C 17 -26.20 9.80 -0.57
CA LEU C 17 -27.51 9.67 0.08
C LEU C 17 -28.30 10.98 0.20
N ASP C 18 -27.61 12.07 0.48
CA ASP C 18 -28.26 13.41 0.63
C ASP C 18 -29.13 13.82 -0.58
N ARG C 19 -28.63 13.51 -1.77
CA ARG C 19 -29.34 13.69 -3.03
C ARG C 19 -30.73 13.03 -3.03
N TYR C 20 -30.83 11.83 -2.48
CA TYR C 20 -32.10 11.12 -2.46
C TYR C 20 -32.95 11.52 -1.27
N LEU C 21 -32.28 11.81 -0.16
CA LEU C 21 -32.95 12.26 1.07
C LEU C 21 -33.77 13.56 0.95
N SER C 22 -33.33 14.48 0.11
CA SER C 22 -34.06 15.70 -0.19
C SER C 22 -35.22 15.55 -1.20
N LEU C 23 -35.50 14.33 -1.67
CA LEU C 23 -36.66 14.13 -2.55
C LEU C 23 -37.94 14.35 -1.76
N PRO C 24 -38.83 15.22 -2.25
CA PRO C 24 -40.12 15.41 -1.58
C PRO C 24 -41.20 14.40 -1.97
N LEU C 25 -42.05 14.06 -1.00
CA LEU C 25 -43.21 13.21 -1.21
C LEU C 25 -44.42 13.91 -0.61
N GLN C 26 -45.64 13.41 -0.82
CA GLN C 26 -46.84 14.02 -0.17
C GLN C 26 -46.85 13.74 1.31
N GLU C 27 -47.41 14.66 2.10
CA GLU C 27 -47.28 14.67 3.59
C GLU C 27 -47.96 13.51 4.30
N ASN C 28 -48.91 12.91 3.60
CA ASN C 28 -49.63 11.68 4.00
C ASN C 28 -48.79 10.40 3.93
N ILE C 29 -47.72 10.41 3.11
CA ILE C 29 -46.81 9.24 2.99
C ILE C 29 -45.88 9.21 4.20
N VAL C 30 -45.92 8.14 4.97
CA VAL C 30 -45.23 8.07 6.22
C VAL C 30 -44.47 6.78 6.27
N GLN C 31 -43.15 6.90 6.46
CA GLN C 31 -42.29 5.73 6.67
C GLN C 31 -42.13 5.46 8.16
N ALA C 32 -42.44 4.25 8.58
CA ALA C 32 -42.36 3.91 9.97
C ALA C 32 -41.35 2.79 10.20
N THR C 33 -40.41 2.99 11.11
CA THR C 33 -39.41 1.95 11.44
C THR C 33 -39.79 1.32 12.76
N TYR C 34 -40.11 0.04 12.72
CA TYR C 34 -40.40 -0.71 13.93
C TYR C 34 -39.07 -1.32 14.47
N VAL C 35 -38.88 -1.25 15.78
CA VAL C 35 -37.64 -1.61 16.48
C VAL C 35 -38.09 -2.55 17.58
N TRP C 36 -37.40 -3.66 17.71
CA TRP C 36 -37.62 -4.61 18.80
C TRP C 36 -36.35 -5.28 19.33
N ILE C 37 -36.46 -5.91 20.49
CA ILE C 37 -35.39 -6.65 21.14
C ILE C 37 -35.48 -8.10 20.76
N ASP C 38 -34.36 -8.70 20.38
CA ASP C 38 -34.38 -10.07 19.94
C ASP C 38 -34.17 -11.09 21.06
N GLY C 39 -34.04 -12.34 20.65
CA GLY C 39 -33.83 -13.47 21.54
C GLY C 39 -32.66 -13.41 22.50
N THR C 40 -31.63 -12.60 22.26
CA THR C 40 -30.50 -12.53 23.15
C THR C 40 -30.89 -11.62 24.31
N GLY C 41 -31.91 -10.79 24.11
CA GLY C 41 -32.32 -9.88 25.18
C GLY C 41 -31.42 -8.67 25.31
N GLU C 42 -30.53 -8.47 24.34
CA GLU C 42 -29.68 -7.30 24.40
C GLU C 42 -29.40 -6.58 23.08
N ASP C 43 -29.62 -7.23 21.92
CA ASP C 43 -29.51 -6.62 20.60
C ASP C 43 -30.84 -6.20 20.01
N LEU C 44 -30.83 -5.17 19.19
CA LEU C 44 -32.02 -4.68 18.56
C LEU C 44 -32.12 -5.13 17.10
N ARG C 45 -33.36 -5.21 16.63
CA ARG C 45 -33.72 -5.43 15.23
C ARG C 45 -34.72 -4.38 14.79
N CYS C 46 -34.85 -4.19 13.50
CA CYS C 46 -35.71 -3.15 12.98
C CYS C 46 -36.10 -3.44 11.54
N LYS C 47 -37.22 -2.88 11.10
CA LYS C 47 -37.55 -2.89 9.68
C LYS C 47 -38.60 -1.82 9.48
N ASP C 48 -38.88 -1.49 8.25
CA ASP C 48 -39.78 -0.41 8.03
C ASP C 48 -40.93 -0.71 7.06
N ARG C 49 -41.97 0.12 7.20
CA ARG C 49 -43.13 0.06 6.30
C ARG C 49 -43.70 1.46 5.98
N THR C 50 -44.39 1.54 4.85
CA THR C 50 -45.01 2.78 4.42
C THR C 50 -46.45 2.82 4.97
N LEU C 51 -46.80 3.92 5.63
CA LEU C 51 -48.17 4.16 6.06
C LEU C 51 -48.72 5.24 5.20
N ASP C 52 -50.07 5.29 5.14
CA ASP C 52 -50.76 6.36 4.41
C ASP C 52 -51.41 7.42 5.32
N PHE C 53 -51.16 7.37 6.62
CA PHE C 53 -51.70 8.39 7.53
C PHE C 53 -50.65 8.76 8.54
N ILE C 54 -50.90 9.84 9.30
CA ILE C 54 -50.05 10.27 10.39
C ILE C 54 -50.60 9.81 11.73
N PRO C 55 -49.93 8.87 12.41
CA PRO C 55 -50.41 8.31 13.69
C PRO C 55 -50.38 9.26 14.88
N GLN C 56 -51.46 9.31 15.66
CA GLN C 56 -51.54 10.22 16.80
C GLN C 56 -51.01 9.57 18.04
N SER C 57 -51.07 8.26 18.14
CA SER C 57 -50.53 7.58 19.32
C SER C 57 -50.04 6.20 18.90
N PRO C 58 -49.27 5.53 19.77
CA PRO C 58 -48.90 4.15 19.45
C PRO C 58 -50.08 3.23 19.18
N LYS C 59 -51.23 3.50 19.77
CA LYS C 59 -52.39 2.62 19.62
C LYS C 59 -52.98 2.62 18.20
N GLU C 60 -52.70 3.66 17.43
CA GLU C 60 -53.17 3.75 16.07
C GLU C 60 -52.32 2.99 15.06
N LEU C 61 -51.20 2.40 15.52
CA LEU C 61 -50.26 1.69 14.62
C LEU C 61 -50.60 0.22 14.49
N PRO C 62 -50.40 -0.34 13.29
CA PRO C 62 -50.77 -1.72 13.28
C PRO C 62 -49.79 -2.58 14.06
N VAL C 63 -50.34 -3.63 14.60
CA VAL C 63 -49.57 -4.74 15.07
C VAL C 63 -48.86 -5.28 13.84
N TRP C 64 -47.61 -5.69 14.01
CA TRP C 64 -46.88 -6.31 12.88
C TRP C 64 -46.36 -7.65 13.32
N ASN C 65 -45.41 -8.19 12.58
CA ASN C 65 -44.82 -9.43 12.89
C ASN C 65 -43.47 -9.62 12.17
N TYR C 66 -42.77 -10.70 12.55
CA TYR C 66 -41.48 -11.05 12.02
C TYR C 66 -41.20 -12.50 12.27
N ASP C 67 -40.18 -13.02 11.59
CA ASP C 67 -39.83 -14.43 11.74
C ASP C 67 -38.88 -14.60 12.92
N GLY C 68 -39.41 -15.13 14.01
CA GLY C 68 -38.65 -15.27 15.21
C GLY C 68 -37.60 -16.34 15.16
N SER C 69 -37.73 -17.28 14.24
CA SER C 69 -36.63 -18.24 14.10
C SER C 69 -35.42 -17.56 13.47
N SER C 70 -35.56 -16.32 12.99
CA SER C 70 -34.43 -15.57 12.47
C SER C 70 -33.80 -14.61 13.51
N CYS C 71 -34.32 -14.63 14.75
CA CYS C 71 -33.97 -13.70 15.81
C CYS C 71 -33.68 -14.40 17.09
N TYR C 72 -33.37 -15.67 17.00
CA TYR C 72 -33.16 -16.53 18.15
C TYR C 72 -34.42 -16.62 19.06
N GLN C 73 -35.60 -16.52 18.45
CA GLN C 73 -36.87 -16.60 19.18
C GLN C 73 -37.74 -17.66 18.52
N ALA C 74 -37.11 -18.76 18.14
CA ALA C 74 -37.78 -19.90 17.48
C ALA C 74 -38.84 -20.63 18.39
N GLU C 75 -40.05 -20.88 17.86
CA GLU C 75 -41.02 -21.86 18.46
C GLU C 75 -41.43 -22.92 17.40
N GLY C 76 -40.44 -23.57 16.77
CA GLY C 76 -40.67 -24.54 15.69
C GLY C 76 -41.37 -23.99 14.44
N SER C 77 -42.46 -24.66 14.07
CA SER C 77 -43.27 -24.31 12.90
C SER C 77 -44.11 -23.02 13.10
N ASN C 78 -44.41 -22.73 14.37
CA ASN C 78 -45.09 -21.49 14.80
C ASN C 78 -44.10 -20.41 15.25
N SER C 79 -43.07 -20.15 14.48
CA SER C 79 -42.11 -19.14 14.90
C SER C 79 -42.57 -17.69 14.54
N ASP C 80 -43.75 -17.54 13.91
CA ASP C 80 -44.47 -16.24 13.75
C ASP C 80 -44.47 -15.39 15.02
N THR C 81 -43.96 -14.15 14.95
CA THR C 81 -43.76 -13.34 16.17
C THR C 81 -44.27 -11.92 16.02
N TYR C 82 -44.99 -11.45 17.04
CA TYR C 82 -45.83 -10.30 16.87
C TYR C 82 -45.18 -9.06 17.44
N LEU C 83 -45.24 -7.96 16.69
CA LEU C 83 -44.76 -6.67 17.15
C LEU C 83 -45.89 -5.77 17.66
N TYR C 84 -45.88 -5.44 18.95
CA TYR C 84 -46.85 -4.46 19.47
C TYR C 84 -46.24 -3.09 19.69
N PRO C 85 -46.79 -2.06 19.01
CA PRO C 85 -46.19 -0.74 19.17
C PRO C 85 -46.42 -0.25 20.54
N VAL C 86 -45.41 0.28 21.20
CA VAL C 86 -45.61 0.81 22.55
C VAL C 86 -45.20 2.23 22.70
N ALA C 87 -44.43 2.79 21.76
CA ALA C 87 -44.04 4.20 21.85
C ALA C 87 -43.58 4.73 20.48
N ILE C 88 -43.83 6.00 20.19
CA ILE C 88 -43.36 6.56 18.92
C ILE C 88 -42.50 7.78 19.08
N TYR C 89 -41.57 7.91 18.14
CA TYR C 89 -40.61 8.98 18.20
C TYR C 89 -40.50 9.57 16.81
N LYS C 90 -40.04 10.79 16.74
CA LYS C 90 -39.78 11.34 15.45
C LYS C 90 -38.49 10.75 14.92
N ASP C 91 -38.45 10.56 13.62
CA ASP C 91 -37.33 9.92 12.96
C ASP C 91 -36.22 10.93 12.59
N PRO C 92 -35.02 10.84 13.23
CA PRO C 92 -34.02 11.84 12.98
C PRO C 92 -33.30 11.61 11.68
N PHE C 93 -33.50 10.45 11.09
CA PHE C 93 -32.90 10.11 9.81
C PHE C 93 -33.69 10.61 8.57
N ARG C 94 -35.03 10.59 8.63
CA ARG C 94 -35.85 10.91 7.49
C ARG C 94 -36.64 12.15 7.70
N ARG C 95 -36.80 12.54 8.96
CA ARG C 95 -37.45 13.79 9.38
C ARG C 95 -38.91 13.81 8.99
N GLY C 96 -39.47 15.02 8.89
CA GLY C 96 -40.88 15.21 8.45
C GLY C 96 -41.84 14.50 9.40
N ASN C 97 -42.69 13.65 8.87
CA ASN C 97 -43.68 12.95 9.66
C ASN C 97 -43.30 11.50 9.82
N ASN C 98 -42.09 11.14 9.45
CA ASN C 98 -41.67 9.75 9.55
C ASN C 98 -41.32 9.48 11.00
N ILE C 99 -41.40 8.23 11.42
CA ILE C 99 -41.37 7.96 12.84
C ILE C 99 -40.62 6.67 13.08
N LEU C 100 -40.17 6.50 14.33
CA LEU C 100 -39.60 5.27 14.82
C LEU C 100 -40.57 4.71 15.82
N VAL C 101 -40.74 3.39 15.87
CA VAL C 101 -41.72 2.79 16.73
C VAL C 101 -41.08 1.72 17.63
N MET C 102 -40.96 1.98 18.92
CA MET C 102 -40.54 0.92 19.83
C MET C 102 -41.65 -0.07 20.06
N CYS C 103 -41.34 -1.35 20.06
CA CYS C 103 -42.32 -2.35 20.24
C CYS C 103 -41.94 -3.29 21.37
N ASP C 104 -42.91 -4.10 21.82
CA ASP C 104 -42.60 -5.28 22.59
C ASP C 104 -43.19 -6.44 21.81
N THR C 105 -42.81 -7.67 22.21
CA THR C 105 -43.00 -8.85 21.39
C THR C 105 -43.75 -9.97 22.05
N TYR C 106 -44.49 -10.71 21.24
CA TYR C 106 -45.47 -11.68 21.69
C TYR C 106 -45.45 -12.87 20.78
N LYS C 107 -45.55 -14.05 21.39
CA LYS C 107 -45.61 -15.30 20.64
C LYS C 107 -46.93 -15.43 19.92
N PHE C 108 -47.01 -16.34 18.94
CA PHE C 108 -48.26 -16.60 18.22
C PHE C 108 -49.48 -16.76 19.15
N ASP C 109 -49.31 -17.39 20.31
CA ASP C 109 -50.45 -17.63 21.22
C ASP C 109 -50.80 -16.39 22.09
N GLY C 110 -50.07 -15.30 21.85
CA GLY C 110 -50.34 -14.02 22.50
C GLY C 110 -49.64 -13.88 23.83
N THR C 111 -48.92 -14.91 24.23
CA THR C 111 -48.10 -14.84 25.42
C THR C 111 -46.82 -14.00 25.12
N PRO C 112 -46.25 -13.34 26.15
CA PRO C 112 -44.98 -12.63 25.85
C PRO C 112 -43.81 -13.60 25.54
N THR C 113 -42.95 -13.25 24.58
CA THR C 113 -41.62 -13.91 24.40
C THR C 113 -40.75 -13.77 25.66
N ASP C 114 -39.79 -14.67 25.83
CA ASP C 114 -38.86 -14.68 26.97
C ASP C 114 -38.10 -13.34 27.23
N THR C 115 -37.75 -12.62 26.18
CA THR C 115 -37.08 -11.34 26.26
C THR C 115 -38.00 -10.11 26.24
N ASN C 116 -39.31 -10.33 26.30
CA ASN C 116 -40.23 -9.23 26.62
C ASN C 116 -40.32 -9.07 28.14
N LYS C 117 -39.66 -8.04 28.65
CA LYS C 117 -39.58 -7.76 30.06
C LYS C 117 -40.45 -6.58 30.32
N ARG C 118 -41.00 -6.02 29.24
CA ARG C 118 -41.77 -4.80 29.41
C ARG C 118 -43.13 -5.04 30.04
N LYS C 119 -43.69 -6.18 29.76
CA LYS C 119 -45.07 -6.47 30.09
C LYS C 119 -45.21 -6.52 31.61
N THR C 120 -44.43 -7.36 32.27
CA THR C 120 -44.51 -7.40 33.73
C THR C 120 -44.02 -6.11 34.39
N CYS C 121 -43.02 -5.46 33.79
CA CYS C 121 -42.60 -4.12 34.27
C CYS C 121 -43.73 -3.08 34.21
N LEU C 122 -44.55 -3.11 33.18
CA LEU C 122 -45.64 -2.14 33.09
C LEU C 122 -46.67 -2.35 34.23
N GLU C 123 -47.03 -3.61 34.50
CA GLU C 123 -47.95 -3.98 35.61
C GLU C 123 -47.49 -3.39 36.95
N VAL C 124 -46.24 -3.65 37.28
CA VAL C 124 -45.61 -3.14 38.47
C VAL C 124 -45.55 -1.62 38.44
N ALA C 125 -45.06 -1.04 37.35
CA ALA C 125 -45.05 0.44 37.22
C ALA C 125 -46.41 1.14 37.42
N ASN C 126 -47.46 0.61 36.79
CA ASN C 126 -48.80 1.18 36.95
C ASN C 126 -49.24 1.10 38.41
N LYS C 127 -49.03 -0.05 39.03
CA LYS C 127 -49.32 -0.21 40.47
C LYS C 127 -48.63 0.76 41.38
N CYS C 128 -47.44 1.22 41.01
CA CYS C 128 -46.69 2.15 41.84
C CYS C 128 -46.86 3.55 41.36
N ALA C 129 -47.81 3.81 40.47
CA ALA C 129 -47.92 5.16 39.89
C ALA C 129 -48.16 6.26 40.94
N ALA C 130 -48.79 5.88 42.04
CA ALA C 130 -49.03 6.76 43.19
C ALA C 130 -47.75 7.41 43.67
N GLU C 131 -46.70 6.61 43.81
CA GLU C 131 -45.42 7.13 44.30
C GLU C 131 -44.64 7.93 43.24
N GLU C 132 -45.20 8.09 42.04
CA GLU C 132 -44.59 8.88 40.94
C GLU C 132 -43.06 8.61 40.73
N PRO C 133 -42.69 7.37 40.40
CA PRO C 133 -41.25 7.11 40.36
C PRO C 133 -40.55 7.70 39.13
N TRP C 134 -39.41 8.33 39.37
CA TRP C 134 -38.54 8.85 38.33
C TRP C 134 -37.26 8.07 38.23
N PHE C 135 -36.79 7.88 37.01
CA PHE C 135 -35.55 7.15 36.79
C PHE C 135 -34.65 7.83 35.81
N GLY C 136 -33.36 7.82 36.08
CA GLY C 136 -32.34 8.29 35.15
C GLY C 136 -31.30 7.20 34.99
N ILE C 137 -30.85 6.97 33.78
CA ILE C 137 -29.90 5.93 33.54
C ILE C 137 -28.67 6.50 32.84
N GLU C 138 -27.51 6.09 33.31
CA GLU C 138 -26.20 6.50 32.75
C GLU C 138 -25.62 5.41 31.88
N GLN C 139 -25.96 5.42 30.59
CA GLN C 139 -25.59 4.35 29.70
C GLN C 139 -24.15 4.53 29.24
N GLU C 140 -23.25 3.67 29.69
CA GLU C 140 -21.87 3.53 29.14
C GLU C 140 -21.81 2.60 27.92
N TYR C 141 -20.91 2.90 27.00
CA TYR C 141 -20.67 2.08 25.84
C TYR C 141 -19.30 2.36 25.30
N THR C 142 -18.85 1.48 24.40
CA THR C 142 -17.53 1.57 23.84
C THR C 142 -17.62 1.45 22.33
N PHE C 143 -16.84 2.22 21.61
CA PHE C 143 -16.73 2.09 20.17
C PHE C 143 -15.64 1.11 19.80
N LEU C 144 -15.99 0.18 18.92
CA LEU C 144 -15.11 -0.75 18.37
C LEU C 144 -14.94 -0.56 16.85
N ASP C 145 -13.78 -0.98 16.37
CA ASP C 145 -13.53 -1.23 14.96
C ASP C 145 -14.22 -2.57 14.55
N PHE C 146 -14.17 -2.88 13.27
CA PHE C 146 -14.88 -4.00 12.70
C PHE C 146 -14.21 -5.28 13.12
N ASP C 147 -12.93 -5.23 13.42
CA ASP C 147 -12.23 -6.42 13.95
C ASP C 147 -12.55 -6.69 15.45
N GLY C 148 -13.39 -5.88 16.08
CA GLY C 148 -13.70 -6.16 17.51
C GLY C 148 -12.74 -5.48 18.47
N HIS C 149 -11.66 -4.90 17.94
CA HIS C 149 -10.70 -4.18 18.78
C HIS C 149 -11.20 -2.76 19.01
N PRO C 150 -10.91 -2.16 20.19
CA PRO C 150 -11.48 -0.87 20.46
C PRO C 150 -11.02 0.24 19.59
N LEU C 151 -11.96 1.08 19.18
CA LEU C 151 -11.70 2.03 18.10
C LEU C 151 -10.48 2.87 18.37
N GLY C 152 -9.59 2.93 17.39
CA GLY C 152 -8.41 3.75 17.47
C GLY C 152 -7.26 3.19 18.28
N TRP C 153 -7.45 2.10 19.03
CA TRP C 153 -6.38 1.43 19.78
C TRP C 153 -5.40 0.81 18.79
N PRO C 154 -4.08 0.82 19.11
CA PRO C 154 -3.15 0.11 18.22
C PRO C 154 -3.54 -1.31 18.07
N LYS C 155 -3.44 -1.81 16.85
CA LYS C 155 -3.68 -3.20 16.57
C LYS C 155 -2.73 -4.14 17.30
N ASN C 156 -3.33 -5.19 17.85
CA ASN C 156 -2.62 -6.16 18.64
C ASN C 156 -2.00 -5.55 19.88
N GLY C 157 -2.50 -4.39 20.32
CA GLY C 157 -2.02 -3.82 21.57
C GLY C 157 -2.88 -2.82 22.29
N PHE C 158 -2.24 -1.91 23.03
CA PHE C 158 -2.89 -1.06 23.96
C PHE C 158 -2.41 0.37 23.84
N PRO C 159 -3.30 1.35 24.04
CA PRO C 159 -2.83 2.72 24.12
C PRO C 159 -2.23 2.95 25.51
N GLY C 160 -1.85 4.16 25.83
CA GLY C 160 -1.37 4.45 27.17
C GLY C 160 -2.40 4.23 28.29
N PRO C 161 -1.91 4.03 29.52
CA PRO C 161 -2.73 3.79 30.72
C PRO C 161 -3.84 4.83 30.93
N GLN C 162 -4.87 4.43 31.67
CA GLN C 162 -6.01 5.31 31.95
C GLN C 162 -5.59 6.58 32.69
N GLY C 163 -6.35 7.66 32.52
CA GLY C 163 -5.99 8.93 33.13
C GLY C 163 -6.22 10.13 32.25
N PRO C 164 -5.72 10.11 31.01
CA PRO C 164 -5.96 11.27 30.19
C PRO C 164 -7.31 11.30 29.48
N TYR C 165 -8.06 10.20 29.50
CA TYR C 165 -9.19 10.05 28.58
C TYR C 165 -10.53 10.55 29.08
N TYR C 166 -10.76 10.41 30.38
CA TYR C 166 -12.03 10.79 31.01
C TYR C 166 -12.35 12.22 30.70
N CYS C 167 -13.56 12.51 30.22
CA CYS C 167 -13.92 13.85 29.82
C CYS C 167 -12.80 14.56 29.00
N GLY C 168 -12.15 13.83 28.10
CA GLY C 168 -11.01 14.32 27.42
C GLY C 168 -11.31 15.26 26.31
N VAL C 169 -10.29 16.04 25.93
CA VAL C 169 -10.34 16.98 24.78
C VAL C 169 -9.09 16.83 23.89
N GLY C 170 -9.27 16.49 22.61
CA GLY C 170 -8.14 16.42 21.67
C GLY C 170 -7.98 15.10 20.94
N ALA C 171 -7.24 15.12 19.83
CA ALA C 171 -7.21 14.01 18.87
C ALA C 171 -6.63 12.78 19.48
N ASN C 172 -5.83 12.95 20.52
CA ASN C 172 -5.23 11.83 21.17
C ASN C 172 -5.83 11.55 22.53
N LYS C 173 -6.97 12.13 22.82
CA LYS C 173 -7.66 11.84 24.08
C LYS C 173 -9.02 11.18 23.89
N VAL C 174 -9.83 11.62 22.92
CA VAL C 174 -11.13 10.97 22.70
C VAL C 174 -11.36 10.78 21.20
N TYR C 175 -12.11 9.75 20.88
CA TYR C 175 -12.28 9.32 19.52
C TYR C 175 -13.78 9.29 19.19
N ALA C 176 -14.09 9.89 18.04
CA ALA C 176 -15.36 9.76 17.38
C ALA C 176 -16.42 10.56 18.07
N ARG C 177 -16.06 11.76 18.52
CA ARG C 177 -17.02 12.69 19.10
C ARG C 177 -18.18 13.03 18.17
N ASP C 178 -17.94 12.97 16.87
CA ASP C 178 -18.99 13.24 15.85
C ASP C 178 -20.21 12.34 16.05
N ILE C 179 -19.99 11.06 16.39
CA ILE C 179 -21.05 10.12 16.61
C ILE C 179 -21.76 10.50 17.89
N VAL C 180 -21.01 10.84 18.93
CA VAL C 180 -21.57 11.26 20.20
C VAL C 180 -22.50 12.48 20.07
N ASP C 181 -22.05 13.49 19.34
CA ASP C 181 -22.80 14.70 19.14
C ASP C 181 -23.96 14.49 18.17
N ALA C 182 -23.79 13.66 17.17
CA ALA C 182 -24.90 13.32 16.31
C ALA C 182 -26.00 12.62 17.14
N HIS C 183 -25.60 11.63 17.91
CA HIS C 183 -26.48 10.91 18.74
C HIS C 183 -27.25 11.75 19.75
N TYR C 184 -26.51 12.62 20.40
CA TYR C 184 -27.10 13.55 21.37
C TYR C 184 -28.27 14.35 20.71
N ARG C 185 -28.02 14.91 19.53
CA ARG C 185 -29.01 15.71 18.88
C ARG C 185 -30.12 14.91 18.24
N ALA C 186 -29.80 13.74 17.71
CA ALA C 186 -30.81 12.79 17.22
C ALA C 186 -31.79 12.42 18.35
N CYS C 187 -31.29 12.12 19.53
CA CYS C 187 -32.13 11.68 20.65
C CYS C 187 -33.06 12.81 21.04
N LEU C 188 -32.51 14.01 21.18
CA LEU C 188 -33.30 15.16 21.54
C LEU C 188 -34.37 15.38 20.55
N TYR C 189 -34.04 15.40 19.26
CA TYR C 189 -35.04 15.53 18.23
C TYR C 189 -36.09 14.46 18.29
N ALA C 190 -35.69 13.26 18.61
CA ALA C 190 -36.62 12.15 18.60
C ALA C 190 -37.64 12.23 19.72
N GLY C 191 -37.32 13.03 20.73
CA GLY C 191 -38.13 13.19 21.91
C GLY C 191 -37.61 12.39 23.07
N ILE C 192 -36.34 11.99 23.04
CA ILE C 192 -35.81 11.24 24.16
C ILE C 192 -35.09 12.27 25.01
N LYS C 193 -35.23 12.16 26.32
CA LYS C 193 -34.69 13.14 27.25
C LYS C 193 -33.24 12.79 27.61
N VAL C 194 -32.36 13.05 26.68
CA VAL C 194 -30.96 12.85 26.96
C VAL C 194 -30.49 14.05 27.76
N SER C 195 -29.98 13.82 28.95
CA SER C 195 -29.62 14.91 29.84
C SER C 195 -28.14 15.27 29.86
N GLY C 196 -27.30 14.44 29.25
CA GLY C 196 -25.90 14.86 29.05
C GLY C 196 -25.06 13.77 28.47
N THR C 197 -23.79 14.08 28.20
CA THR C 197 -22.85 13.07 27.77
C THR C 197 -21.51 13.34 28.35
N ASN C 198 -20.69 12.31 28.48
CA ASN C 198 -19.28 12.45 28.79
C ASN C 198 -18.41 11.36 28.20
N ALA C 199 -17.13 11.72 27.95
CA ALA C 199 -16.10 10.70 27.58
C ALA C 199 -15.76 9.95 28.83
N GLU C 200 -15.60 8.63 28.73
CA GLU C 200 -15.27 7.80 29.88
C GLU C 200 -13.75 7.47 30.06
N VAL C 201 -13.44 6.65 31.05
CA VAL C 201 -12.08 6.45 31.55
C VAL C 201 -11.22 5.67 30.59
N MET C 202 -11.86 4.67 30.01
CA MET C 202 -11.30 3.89 28.92
C MET C 202 -11.30 4.71 27.66
N PRO C 203 -10.18 4.79 26.99
CA PRO C 203 -10.19 5.45 25.69
C PRO C 203 -11.06 4.67 24.66
N ALA C 204 -11.74 5.38 23.76
CA ALA C 204 -12.94 4.85 23.01
C ALA C 204 -14.23 4.63 23.80
N GLN C 205 -14.23 4.91 25.09
CA GLN C 205 -15.41 4.72 25.93
C GLN C 205 -16.15 6.02 26.17
N TRP C 206 -17.47 5.95 26.18
CA TRP C 206 -18.31 7.13 26.38
C TRP C 206 -19.53 6.80 27.21
N GLU C 207 -20.30 7.83 27.50
CA GLU C 207 -21.56 7.67 28.21
C GLU C 207 -22.58 8.71 27.77
N PHE C 208 -23.85 8.29 27.73
CA PHE C 208 -24.92 9.28 27.75
C PHE C 208 -25.88 8.98 28.83
N GLN C 209 -26.50 10.04 29.33
CA GLN C 209 -27.49 9.93 30.43
C GLN C 209 -28.90 10.22 29.94
N VAL C 210 -29.86 9.43 30.37
CA VAL C 210 -31.24 9.56 29.92
C VAL C 210 -32.06 9.75 31.16
N GLY C 211 -32.87 10.81 31.16
CA GLY C 211 -33.68 11.09 32.35
C GLY C 211 -33.77 12.56 32.76
N PRO C 212 -34.53 12.84 33.82
CA PRO C 212 -35.30 11.81 34.58
C PRO C 212 -36.62 11.52 33.89
N CYS C 213 -37.02 10.25 33.86
CA CYS C 213 -38.21 9.78 33.14
C CYS C 213 -39.11 9.03 34.10
N GLU C 214 -40.42 9.24 33.94
CA GLU C 214 -41.40 8.60 34.79
C GLU C 214 -41.73 7.18 34.34
N GLY C 215 -41.54 6.28 35.29
CA GLY C 215 -41.98 4.89 35.17
C GLY C 215 -41.41 4.12 33.99
N ILE C 216 -42.32 3.59 33.19
CA ILE C 216 -42.00 2.69 32.09
C ILE C 216 -41.14 3.37 30.99
N SER C 217 -41.35 4.66 30.83
CA SER C 217 -40.76 5.51 29.83
C SER C 217 -39.29 5.44 29.71
N ILE C 218 -38.63 5.23 30.85
CA ILE C 218 -37.20 5.10 30.85
C ILE C 218 -36.79 3.88 30.03
N GLY C 219 -37.54 2.79 30.15
CA GLY C 219 -37.29 1.55 29.42
C GLY C 219 -37.40 1.80 27.94
N ASP C 220 -38.50 2.42 27.52
CA ASP C 220 -38.73 2.66 26.10
C ASP C 220 -37.74 3.65 25.55
N ASP C 221 -37.58 4.77 26.24
CA ASP C 221 -36.66 5.77 25.83
C ASP C 221 -35.18 5.29 25.79
N LEU C 222 -34.75 4.45 26.73
CA LEU C 222 -33.39 4.01 26.76
C LEU C 222 -33.21 2.96 25.63
N TRP C 223 -34.19 2.11 25.40
CA TRP C 223 -34.08 1.17 24.31
C TRP C 223 -33.97 1.87 22.96
N MET C 224 -34.81 2.85 22.74
CA MET C 224 -34.77 3.59 21.51
C MET C 224 -33.47 4.35 21.36
N ALA C 225 -32.95 4.89 22.44
CA ALA C 225 -31.68 5.59 22.36
C ALA C 225 -30.55 4.62 22.02
N ARG C 226 -30.66 3.39 22.47
CA ARG C 226 -29.67 2.37 22.12
C ARG C 226 -29.73 2.08 20.65
N PHE C 227 -30.95 1.98 20.12
CA PHE C 227 -31.17 1.79 18.70
C PHE C 227 -30.53 2.90 17.93
N LEU C 228 -30.72 4.13 18.40
CA LEU C 228 -30.18 5.24 17.68
C LEU C 228 -28.66 5.21 17.65
N LEU C 229 -28.08 4.74 18.72
CA LEU C 229 -26.63 4.74 18.85
C LEU C 229 -26.06 3.71 17.89
N HIS C 230 -26.58 2.50 17.88
CA HIS C 230 -26.14 1.56 16.93
C HIS C 230 -26.30 2.01 15.45
N ARG C 231 -27.42 2.65 15.17
CA ARG C 231 -27.84 3.01 13.83
C ARG C 231 -27.06 4.16 13.30
N ILE C 232 -26.71 5.13 14.16
CA ILE C 232 -25.89 6.24 13.74
C ILE C 232 -24.44 5.78 13.53
N SER C 233 -23.90 5.02 14.48
CA SER C 233 -22.54 4.41 14.42
C SER C 233 -22.39 3.62 13.14
N GLU C 234 -23.42 2.81 12.83
CA GLU C 234 -23.44 2.01 11.62
C GLU C 234 -23.02 2.76 10.36
N GLU C 235 -23.55 3.96 10.18
CA GLU C 235 -23.23 4.77 9.02
C GLU C 235 -21.73 5.09 8.94
N PHE C 236 -21.06 5.27 10.06
CA PHE C 236 -19.63 5.55 10.08
C PHE C 236 -18.81 4.26 9.99
N GLY C 237 -19.46 3.11 10.00
CA GLY C 237 -18.73 1.86 10.04
C GLY C 237 -18.16 1.51 11.38
N ILE C 238 -18.65 2.13 12.45
CA ILE C 238 -18.21 1.88 13.80
C ILE C 238 -19.19 1.07 14.65
N VAL C 239 -18.71 0.03 15.32
CA VAL C 239 -19.53 -0.81 16.17
C VAL C 239 -19.58 -0.16 17.55
N SER C 240 -20.81 -0.05 18.08
CA SER C 240 -21.06 0.41 19.45
C SER C 240 -21.42 -0.77 20.27
N THR C 241 -20.69 -1.03 21.34
CA THR C 241 -21.00 -2.20 22.10
C THR C 241 -21.38 -1.80 23.52
N LEU C 242 -22.26 -2.60 24.07
CA LEU C 242 -22.71 -2.49 25.46
C LEU C 242 -22.23 -3.66 26.30
N ASP C 243 -21.30 -4.41 25.77
CA ASP C 243 -20.65 -5.41 26.60
C ASP C 243 -20.07 -4.71 27.83
N PRO C 244 -20.31 -5.27 29.00
CA PRO C 244 -19.82 -4.57 30.19
C PRO C 244 -18.32 -4.71 30.39
N LYS C 245 -17.67 -5.67 29.76
CA LYS C 245 -16.20 -5.70 29.84
C LYS C 245 -15.65 -5.91 28.42
N PRO C 246 -15.70 -4.85 27.61
CA PRO C 246 -15.27 -4.88 26.22
C PRO C 246 -13.74 -5.07 25.97
N MET C 247 -12.94 -5.00 27.04
CA MET C 247 -11.54 -5.48 27.11
C MET C 247 -11.15 -6.00 28.53
N PRO C 248 -10.67 -7.25 28.65
CA PRO C 248 -10.29 -7.78 30.02
C PRO C 248 -9.14 -7.09 30.76
N GLY C 249 -9.21 -7.19 32.07
CA GLY C 249 -8.13 -6.78 32.93
C GLY C 249 -8.44 -5.42 33.50
N ASP C 250 -7.40 -4.61 33.60
CA ASP C 250 -7.40 -3.33 34.32
C ASP C 250 -7.76 -2.12 33.43
N TRP C 251 -8.80 -2.31 32.62
CA TRP C 251 -9.44 -1.31 31.80
C TRP C 251 -10.88 -1.31 32.29
N ASN C 252 -11.40 -0.09 32.49
CA ASN C 252 -12.74 0.18 33.07
C ASN C 252 -13.87 -0.52 32.36
N GLY C 253 -14.61 -1.29 33.14
CA GLY C 253 -15.85 -1.88 32.65
C GLY C 253 -16.92 -0.84 32.34
N ALA C 254 -18.12 -1.34 32.04
CA ALA C 254 -19.22 -0.52 31.60
C ALA C 254 -20.49 -0.85 32.43
N GLY C 255 -21.12 0.20 32.92
CA GLY C 255 -22.33 0.11 33.75
C GLY C 255 -23.45 0.91 33.15
N ALA C 256 -24.63 0.78 33.74
CA ALA C 256 -25.78 1.66 33.45
C ALA C 256 -26.37 2.01 34.79
N HIS C 257 -25.63 2.90 35.44
CA HIS C 257 -25.95 3.33 36.78
C HIS C 257 -27.31 3.95 36.74
N THR C 258 -28.15 3.50 37.63
CA THR C 258 -29.54 3.94 37.59
C THR C 258 -29.88 4.85 38.77
N ASN C 259 -30.26 6.09 38.47
CA ASN C 259 -30.71 7.05 39.47
C ASN C 259 -32.20 6.96 39.73
N VAL C 260 -32.58 7.00 41.00
CA VAL C 260 -33.97 6.65 41.37
C VAL C 260 -34.61 7.60 42.34
N SER C 261 -35.87 7.96 42.11
CA SER C 261 -36.61 8.79 43.08
C SER C 261 -38.13 8.61 43.02
N THR C 262 -38.73 8.63 44.21
CA THR C 262 -40.19 8.74 44.41
C THR C 262 -40.54 10.17 44.82
N LYS C 263 -41.82 10.50 44.80
CA LYS C 263 -42.24 11.88 45.07
C LYS C 263 -41.87 12.23 46.50
N ALA C 264 -42.01 11.24 47.39
CA ALA C 264 -41.61 11.33 48.81
C ALA C 264 -40.12 11.64 49.00
N MET C 265 -39.29 11.09 48.14
CA MET C 265 -37.85 11.33 48.21
C MET C 265 -37.50 12.72 47.71
N ARG C 266 -38.29 13.21 46.76
CA ARG C 266 -38.12 14.53 46.20
C ARG C 266 -38.57 15.65 47.13
N GLU C 267 -39.47 15.34 48.06
CA GLU C 267 -39.97 16.36 48.99
C GLU C 267 -39.07 16.43 50.25
N ASP C 268 -39.28 17.44 51.08
CA ASP C 268 -38.29 17.82 52.09
C ASP C 268 -37.92 16.76 53.16
N GLY C 269 -38.77 15.76 53.38
CA GLY C 269 -38.40 14.60 54.20
C GLY C 269 -37.61 13.50 53.48
N GLY C 270 -37.35 13.71 52.20
CA GLY C 270 -36.96 12.65 51.28
C GLY C 270 -35.95 11.64 51.77
N ILE C 271 -34.86 12.16 52.32
CA ILE C 271 -33.73 11.34 52.73
C ILE C 271 -34.10 10.23 53.73
N ARG C 272 -35.23 10.40 54.41
CA ARG C 272 -35.71 9.38 55.31
C ARG C 272 -36.15 8.14 54.51
N ASP C 273 -36.98 8.37 53.49
CA ASP C 273 -37.54 7.32 52.62
C ASP C 273 -36.44 6.69 51.73
N ILE C 274 -35.57 7.56 51.24
CA ILE C 274 -34.35 7.16 50.58
C ILE C 274 -33.57 6.09 51.35
N GLU C 275 -33.27 6.38 52.61
CA GLU C 275 -32.57 5.41 53.47
C GLU C 275 -33.41 4.16 53.71
N LYS C 276 -34.73 4.33 53.85
CA LYS C 276 -35.65 3.19 53.98
C LYS C 276 -35.59 2.28 52.76
N ALA C 277 -35.50 2.92 51.61
CA ALA C 277 -35.36 2.21 50.33
C ALA C 277 -34.01 1.49 50.26
N VAL C 278 -32.92 2.20 50.54
CA VAL C 278 -31.60 1.55 50.47
C VAL C 278 -31.53 0.31 51.30
N ALA C 279 -31.99 0.46 52.54
CA ALA C 279 -32.03 -0.61 53.50
C ALA C 279 -32.77 -1.81 52.93
N LYS C 280 -33.91 -1.56 52.29
CA LYS C 280 -34.64 -2.64 51.60
C LYS C 280 -33.81 -3.30 50.49
N LEU C 281 -33.03 -2.50 49.78
CA LEU C 281 -32.16 -3.03 48.74
C LEU C 281 -31.02 -3.90 49.28
N SER C 282 -30.50 -3.57 50.46
CA SER C 282 -29.45 -4.37 51.10
C SER C 282 -29.84 -5.84 51.37
N LYS C 283 -31.13 -6.09 51.63
CA LYS C 283 -31.62 -7.47 51.95
C LYS C 283 -31.66 -8.47 50.75
N CYS C 284 -31.58 -7.95 49.52
CA CYS C 284 -31.66 -8.80 48.32
C CYS C 284 -30.72 -8.27 47.21
N HIS C 285 -29.42 -8.41 47.45
CA HIS C 285 -28.36 -8.18 46.45
C HIS C 285 -28.44 -9.24 45.31
N GLU C 286 -28.46 -10.53 45.67
CA GLU C 286 -28.36 -11.66 44.69
C GLU C 286 -29.54 -11.79 43.71
N ARG C 287 -30.74 -11.45 44.17
CA ARG C 287 -31.92 -11.38 43.29
C ARG C 287 -31.75 -10.21 42.30
N HIS C 288 -31.29 -9.07 42.80
CA HIS C 288 -31.04 -7.89 41.97
C HIS C 288 -29.92 -8.05 40.95
N ILE C 289 -28.88 -8.81 41.33
CA ILE C 289 -27.81 -9.15 40.40
C ILE C 289 -28.35 -9.98 39.21
N ARG C 290 -29.22 -10.95 39.50
CA ARG C 290 -29.83 -11.84 38.49
C ARG C 290 -30.74 -11.11 37.46
N ALA C 291 -31.21 -9.91 37.82
CA ALA C 291 -32.04 -9.03 36.97
C ALA C 291 -31.29 -7.93 36.22
N TYR C 292 -29.99 -7.80 36.47
CA TYR C 292 -29.22 -6.62 36.05
C TYR C 292 -28.28 -6.88 34.86
N ASP C 293 -28.31 -8.11 34.35
CA ASP C 293 -27.83 -8.37 32.98
C ASP C 293 -28.66 -9.56 32.43
N PRO C 294 -28.74 -9.66 31.09
CA PRO C 294 -29.68 -10.58 30.40
C PRO C 294 -29.33 -12.08 30.41
N LYS C 295 -28.16 -12.44 30.92
CA LYS C 295 -27.84 -13.84 31.19
C LYS C 295 -27.98 -14.25 32.68
N GLN C 296 -28.10 -13.26 33.55
CA GLN C 296 -28.41 -13.39 35.01
C GLN C 296 -27.21 -13.41 35.97
N GLY C 297 -26.21 -12.57 35.70
CA GLY C 297 -25.06 -12.34 36.59
C GLY C 297 -23.66 -12.64 36.04
N GLN C 298 -23.59 -13.27 34.86
CA GLN C 298 -22.32 -13.73 34.25
C GLN C 298 -21.58 -12.60 33.49
N ASP C 299 -22.32 -11.56 33.08
CA ASP C 299 -21.78 -10.36 32.39
C ASP C 299 -21.33 -9.27 33.42
N ASN C 300 -22.14 -9.06 34.46
CA ASN C 300 -21.72 -8.32 35.67
C ASN C 300 -20.44 -8.92 36.33
N ALA C 301 -20.30 -10.26 36.33
CA ALA C 301 -19.15 -10.98 36.92
C ALA C 301 -17.76 -10.66 36.29
N ARG C 302 -17.70 -10.48 34.98
CA ARG C 302 -16.45 -10.08 34.30
C ARG C 302 -16.07 -8.59 34.51
N ARG C 303 -17.03 -7.77 34.93
CA ARG C 303 -16.86 -6.31 35.11
C ARG C 303 -16.85 -5.84 36.58
N LEU C 304 -17.64 -6.48 37.44
CA LEU C 304 -17.66 -6.15 38.88
C LEU C 304 -16.51 -6.85 39.62
N THR C 305 -15.25 -6.56 39.23
CA THR C 305 -14.05 -7.23 39.81
C THR C 305 -13.69 -6.71 41.24
N GLY C 306 -13.87 -5.41 41.48
CA GLY C 306 -13.55 -4.78 42.78
C GLY C 306 -12.24 -4.01 42.82
N LYS C 307 -11.78 -3.52 41.67
CA LYS C 307 -10.54 -2.75 41.53
C LYS C 307 -10.78 -1.41 40.79
N HIS C 308 -11.44 -1.48 39.64
CA HIS C 308 -11.64 -0.31 38.75
C HIS C 308 -13.06 0.31 38.83
N GLU C 309 -13.37 0.87 40.01
CA GLU C 309 -14.56 1.74 40.31
C GLU C 309 -15.90 1.02 40.58
N THR C 310 -15.84 -0.24 40.99
CA THR C 310 -17.08 -1.02 41.20
C THR C 310 -17.06 -1.87 42.46
N SER C 311 -18.27 -2.27 42.87
CA SER C 311 -18.48 -3.14 44.01
C SER C 311 -18.12 -4.58 43.66
N SER C 312 -18.25 -5.46 44.64
CA SER C 312 -18.12 -6.90 44.43
C SER C 312 -19.49 -7.49 44.04
N ILE C 313 -19.43 -8.47 43.15
CA ILE C 313 -20.63 -9.22 42.74
C ILE C 313 -21.20 -10.06 43.89
N ASN C 314 -20.33 -10.49 44.82
CA ASN C 314 -20.71 -11.31 46.00
C ASN C 314 -21.13 -10.51 47.22
N ASP C 315 -20.73 -9.23 47.27
CA ASP C 315 -20.87 -8.36 48.46
C ASP C 315 -21.69 -7.08 48.16
N PHE C 316 -22.67 -6.82 49.03
CA PHE C 316 -23.45 -5.57 49.02
C PHE C 316 -22.80 -4.55 49.95
N SER C 317 -22.94 -3.29 49.57
CA SER C 317 -22.52 -2.18 50.42
C SER C 317 -23.29 -0.92 50.02
N ALA C 318 -23.36 0.00 50.97
CA ALA C 318 -23.90 1.32 50.71
C ALA C 318 -22.86 2.30 51.22
N GLY C 319 -23.03 3.58 50.86
CA GLY C 319 -22.07 4.62 51.24
C GLY C 319 -22.48 5.99 50.75
N VAL C 320 -21.78 7.01 51.21
CA VAL C 320 -22.05 8.42 50.82
C VAL C 320 -20.86 9.03 50.06
N ALA C 321 -21.11 9.47 48.83
CA ALA C 321 -20.07 9.95 47.90
C ALA C 321 -19.05 8.87 47.51
N ASN C 322 -19.48 7.60 47.57
CA ASN C 322 -18.58 6.46 47.38
C ASN C 322 -18.77 5.71 46.03
N ARG C 323 -17.71 5.73 45.22
CA ARG C 323 -17.62 5.03 43.94
C ARG C 323 -17.38 3.51 44.06
N GLY C 324 -16.80 3.08 45.18
CA GLY C 324 -16.51 1.66 45.44
C GLY C 324 -17.72 0.90 45.94
N CYS C 325 -18.81 1.64 46.21
CA CYS C 325 -20.09 1.10 46.73
C CYS C 325 -21.07 0.61 45.67
N SER C 326 -22.03 -0.16 46.18
CA SER C 326 -23.03 -0.80 45.35
C SER C 326 -24.26 0.13 45.12
N ILE C 327 -24.78 0.72 46.20
CA ILE C 327 -25.80 1.79 46.13
C ILE C 327 -25.12 2.99 46.70
N ARG C 328 -25.56 4.19 46.31
CA ARG C 328 -24.82 5.40 46.65
C ARG C 328 -25.71 6.62 46.82
N ILE C 329 -25.66 7.21 48.02
CA ILE C 329 -26.31 8.49 48.27
C ILE C 329 -25.35 9.62 47.86
N PRO C 330 -25.77 10.53 46.97
CA PRO C 330 -24.84 11.62 46.64
C PRO C 330 -24.79 12.67 47.75
N ARG C 331 -23.64 13.32 47.96
CA ARG C 331 -23.58 14.34 49.01
C ARG C 331 -24.42 15.56 48.65
N GLY C 332 -24.52 15.86 47.36
CA GLY C 332 -25.47 16.87 46.88
C GLY C 332 -26.88 16.61 47.44
N VAL C 333 -27.28 15.34 47.44
CA VAL C 333 -28.59 14.91 47.94
C VAL C 333 -28.64 14.83 49.46
N ASN C 334 -27.58 14.33 50.09
CA ASN C 334 -27.53 14.13 51.55
C ASN C 334 -27.55 15.47 52.30
N ASP C 335 -26.76 16.42 51.82
CA ASP C 335 -26.75 17.80 52.35
C ASP C 335 -28.12 18.44 52.33
N ASP C 336 -28.89 18.17 51.28
CA ASP C 336 -30.18 18.85 51.08
C ASP C 336 -31.33 18.15 51.82
N GLY C 337 -31.15 16.87 52.18
CA GLY C 337 -32.21 16.02 52.76
C GLY C 337 -33.31 15.52 51.82
N LYS C 338 -33.11 15.72 50.51
CA LYS C 338 -34.08 15.35 49.47
C LYS C 338 -33.41 15.16 48.08
N GLY C 339 -33.90 14.18 47.32
CA GLY C 339 -33.38 13.91 45.96
C GLY C 339 -33.58 12.48 45.48
N TYR C 340 -32.50 11.85 45.00
CA TYR C 340 -32.54 10.51 44.41
C TYR C 340 -31.40 9.69 44.96
N PHE C 341 -31.45 8.38 44.76
CA PHE C 341 -30.26 7.58 45.03
C PHE C 341 -29.76 6.93 43.77
N GLU C 342 -28.49 6.50 43.82
CA GLU C 342 -27.80 5.89 42.68
C GLU C 342 -27.46 4.44 42.91
N ASP C 343 -28.11 3.55 42.16
CA ASP C 343 -27.79 2.14 42.13
C ASP C 343 -26.76 1.89 41.02
N ARG C 344 -25.57 1.47 41.42
CA ARG C 344 -24.41 1.30 40.56
C ARG C 344 -24.19 -0.16 40.14
N ARG C 345 -25.12 -1.03 40.46
CA ARG C 345 -24.96 -2.44 40.09
C ARG C 345 -25.22 -2.81 38.63
N PRO C 346 -26.24 -2.18 37.98
CA PRO C 346 -26.59 -2.71 36.65
C PRO C 346 -25.44 -2.57 35.69
N SER C 347 -25.19 -3.61 34.94
CA SER C 347 -24.20 -3.56 33.90
C SER C 347 -24.78 -2.81 32.69
N SER C 348 -23.88 -2.35 31.83
CA SER C 348 -24.24 -1.62 30.69
C SER C 348 -25.18 -2.40 29.74
N ASN C 349 -25.18 -3.73 29.74
CA ASN C 349 -26.09 -4.43 28.81
C ASN C 349 -27.40 -4.89 29.50
N CYS C 350 -27.75 -4.28 30.62
CA CYS C 350 -28.93 -4.65 31.35
C CYS C 350 -30.11 -4.27 30.53
N ASP C 351 -31.23 -4.93 30.77
CA ASP C 351 -32.54 -4.53 30.26
C ASP C 351 -33.16 -3.59 31.29
N PRO C 352 -33.37 -2.33 30.91
CA PRO C 352 -33.90 -1.40 31.88
C PRO C 352 -35.31 -1.71 32.34
N TYR C 353 -36.10 -2.46 31.57
CA TYR C 353 -37.39 -2.91 32.08
C TYR C 353 -37.19 -3.76 33.35
N SER C 354 -36.24 -4.70 33.31
CA SER C 354 -35.96 -5.63 34.42
C SER C 354 -35.37 -4.92 35.59
N VAL C 355 -34.55 -3.91 35.32
CA VAL C 355 -33.96 -3.09 36.36
C VAL C 355 -35.04 -2.31 37.14
N VAL C 356 -35.87 -1.59 36.37
CA VAL C 356 -36.96 -0.85 36.95
C VAL C 356 -37.89 -1.78 37.72
N GLU C 357 -38.31 -2.86 37.07
CA GLU C 357 -39.23 -3.80 37.70
C GLU C 357 -38.67 -4.18 39.07
N ALA C 358 -37.41 -4.60 39.10
CA ALA C 358 -36.90 -5.21 40.34
C ALA C 358 -36.80 -4.15 41.44
N ILE C 359 -36.35 -2.97 41.06
CA ILE C 359 -36.36 -1.83 41.96
C ILE C 359 -37.73 -1.46 42.50
N LEU C 360 -38.71 -1.17 41.65
CA LEU C 360 -40.07 -0.88 42.13
C LEU C 360 -40.64 -2.00 43.01
N ARG C 361 -40.32 -3.25 42.69
CA ARG C 361 -40.77 -4.36 43.52
C ARG C 361 -40.25 -4.28 44.96
N THR C 362 -38.99 -3.95 45.13
CA THR C 362 -38.37 -4.04 46.41
C THR C 362 -38.69 -2.83 47.27
N ILE C 363 -38.73 -1.65 46.67
CA ILE C 363 -38.97 -0.42 47.45
C ILE C 363 -40.37 0.18 47.38
N CYS C 364 -41.27 -0.37 46.58
CA CYS C 364 -42.64 0.12 46.53
C CYS C 364 -43.67 -0.99 46.85
N LEU C 365 -43.55 -2.15 46.21
CA LEU C 365 -44.39 -3.32 46.52
C LEU C 365 -43.89 -4.17 47.73
N ASP C 366 -42.77 -3.74 48.31
CA ASP C 366 -41.94 -4.55 49.22
C ASP C 366 -42.20 -6.07 49.21
N ARG D 2 -9.39 -2.91 0.44
CA ARG D 2 -9.98 -3.93 -0.44
C ARG D 2 -11.45 -3.82 -0.93
N ILE D 3 -12.34 -3.42 -0.04
CA ILE D 3 -13.78 -3.32 -0.28
C ILE D 3 -13.94 -2.28 -1.36
N LEU D 4 -14.47 -2.70 -2.52
CA LEU D 4 -14.71 -1.77 -3.66
C LEU D 4 -13.48 -1.15 -4.34
N GLU D 5 -12.30 -1.57 -3.94
CA GLU D 5 -11.05 -1.11 -4.54
C GLU D 5 -10.99 -1.22 -6.09
N ASP D 6 -11.56 -2.26 -6.68
CA ASP D 6 -11.61 -2.46 -8.12
C ASP D 6 -12.88 -2.02 -8.81
N SER D 7 -13.78 -1.38 -8.09
CA SER D 7 -15.04 -0.96 -8.71
C SER D 7 -14.94 0.42 -9.29
N PRO D 8 -14.93 0.51 -10.63
CA PRO D 8 -14.61 1.77 -11.27
C PRO D 8 -15.45 2.92 -10.82
N ASN D 9 -16.74 2.71 -10.76
CA ASN D 9 -17.62 3.77 -10.28
C ASN D 9 -17.37 4.17 -8.83
N ALA D 10 -16.86 3.25 -8.02
CA ALA D 10 -16.57 3.63 -6.58
C ALA D 10 -15.35 4.50 -6.49
N ARG D 11 -14.52 4.44 -7.52
CA ARG D 11 -13.25 5.15 -7.51
C ARG D 11 -13.34 6.51 -8.18
N ILE D 12 -14.43 6.79 -8.85
CA ILE D 12 -14.59 8.04 -9.58
C ILE D 12 -15.15 9.02 -8.60
N ASN D 13 -14.82 10.28 -8.75
CA ASN D 13 -15.29 11.27 -7.82
C ASN D 13 -16.86 11.45 -7.85
N LYS D 14 -17.46 11.70 -6.68
CA LYS D 14 -18.91 11.68 -6.50
C LYS D 14 -19.50 13.04 -6.21
N THR D 15 -18.69 14.06 -5.98
CA THR D 15 -19.21 15.37 -5.58
C THR D 15 -19.37 16.37 -6.69
N ILE D 16 -18.68 16.18 -7.81
CA ILE D 16 -18.69 17.09 -8.92
C ILE D 16 -20.03 17.13 -9.62
N LEU D 17 -20.69 15.99 -9.79
CA LEU D 17 -22.00 15.97 -10.44
C LEU D 17 -23.00 17.03 -9.92
N ASP D 18 -23.00 17.22 -8.60
CA ASP D 18 -23.96 18.08 -7.90
C ASP D 18 -23.91 19.54 -8.45
N ARG D 19 -22.74 19.92 -8.97
CA ARG D 19 -22.47 21.24 -9.56
C ARG D 19 -23.20 21.42 -10.87
N TYR D 20 -23.29 20.36 -11.64
CA TYR D 20 -24.04 20.37 -12.91
C TYR D 20 -25.52 20.09 -12.74
N LEU D 21 -25.88 19.38 -11.65
CA LEU D 21 -27.30 19.07 -11.37
C LEU D 21 -28.08 20.35 -10.99
N SER D 22 -27.46 21.25 -10.24
CA SER D 22 -28.10 22.51 -9.96
C SER D 22 -28.24 23.45 -11.17
N LEU D 23 -27.82 23.03 -12.37
CA LEU D 23 -27.94 23.85 -13.55
C LEU D 23 -29.40 24.07 -13.98
N PRO D 24 -29.91 25.32 -13.89
CA PRO D 24 -31.30 25.59 -14.35
C PRO D 24 -31.54 25.51 -15.86
N LEU D 25 -32.54 24.68 -16.23
CA LEU D 25 -32.96 24.51 -17.62
C LEU D 25 -34.32 25.12 -17.85
N GLN D 26 -34.56 25.51 -19.11
CA GLN D 26 -35.86 26.07 -19.51
C GLN D 26 -36.94 25.01 -19.23
N GLU D 27 -38.00 25.43 -18.55
CA GLU D 27 -39.20 24.59 -18.40
C GLU D 27 -39.59 24.06 -19.77
N ASN D 28 -40.13 22.84 -19.84
CA ASN D 28 -40.54 22.19 -21.14
C ASN D 28 -39.50 21.28 -21.85
N ILE D 29 -38.21 21.46 -21.60
CA ILE D 29 -37.22 20.43 -21.94
C ILE D 29 -37.40 19.29 -20.95
N VAL D 30 -37.58 18.08 -21.45
CA VAL D 30 -37.85 16.96 -20.60
C VAL D 30 -36.88 15.90 -21.02
N GLN D 31 -36.13 15.35 -20.09
CA GLN D 31 -35.34 14.18 -20.41
C GLN D 31 -36.15 12.93 -20.12
N ALA D 32 -36.19 12.02 -21.07
CA ALA D 32 -36.89 10.79 -20.87
C ALA D 32 -35.94 9.58 -20.97
N THR D 33 -35.96 8.73 -19.94
CA THR D 33 -35.20 7.50 -19.96
C THR D 33 -36.08 6.30 -20.20
N TYR D 34 -35.91 5.64 -21.34
CA TYR D 34 -36.60 4.47 -21.66
C TYR D 34 -35.85 3.24 -21.11
N VAL D 35 -36.60 2.33 -20.50
CA VAL D 35 -36.07 1.17 -19.83
C VAL D 35 -36.78 -0.02 -20.39
N TRP D 36 -36.02 -1.11 -20.57
CA TRP D 36 -36.53 -2.34 -21.14
C TRP D 36 -35.77 -3.55 -20.65
N ILE D 37 -36.37 -4.71 -20.85
CA ILE D 37 -35.80 -5.98 -20.49
C ILE D 37 -35.16 -6.59 -21.74
N ASP D 38 -33.93 -7.12 -21.57
CA ASP D 38 -33.15 -7.67 -22.67
C ASP D 38 -33.40 -9.13 -22.84
N GLY D 39 -32.66 -9.75 -23.76
CA GLY D 39 -32.86 -11.13 -24.14
C GLY D 39 -32.54 -12.22 -23.16
N THR D 40 -31.90 -11.87 -22.06
CA THR D 40 -31.81 -12.80 -20.92
C THR D 40 -33.10 -12.90 -20.17
N GLY D 41 -34.02 -11.97 -20.37
CA GLY D 41 -35.24 -11.98 -19.57
C GLY D 41 -35.04 -11.57 -18.10
N GLU D 42 -33.83 -11.26 -17.69
CA GLU D 42 -33.57 -10.91 -16.29
C GLU D 42 -33.02 -9.53 -16.14
N ASP D 43 -32.17 -9.09 -17.06
CA ASP D 43 -31.49 -7.81 -16.94
C ASP D 43 -32.14 -6.69 -17.73
N LEU D 44 -31.94 -5.47 -17.22
CA LEU D 44 -32.44 -4.24 -17.76
C LEU D 44 -31.46 -3.45 -18.61
N ARG D 45 -32.00 -2.71 -19.58
CA ARG D 45 -31.27 -1.75 -20.37
C ARG D 45 -31.95 -0.42 -20.36
N CYS D 46 -31.22 0.61 -20.77
CA CYS D 46 -31.77 1.92 -20.82
C CYS D 46 -31.01 2.91 -21.67
N LYS D 47 -31.74 3.93 -22.13
CA LYS D 47 -31.12 5.11 -22.77
C LYS D 47 -32.09 6.27 -22.72
N ASP D 48 -31.66 7.44 -23.12
CA ASP D 48 -32.48 8.63 -22.90
C ASP D 48 -32.54 9.58 -24.09
N ARG D 49 -33.61 10.36 -24.12
CA ARG D 49 -33.88 11.28 -25.21
C ARG D 49 -34.43 12.55 -24.64
N THR D 50 -34.18 13.64 -25.33
CA THR D 50 -34.70 14.92 -24.98
C THR D 50 -36.06 15.06 -25.69
N LEU D 51 -37.07 15.45 -24.91
CA LEU D 51 -38.42 15.73 -25.43
C LEU D 51 -38.73 17.21 -25.32
N ASP D 52 -39.66 17.60 -26.17
CA ASP D 52 -40.26 18.95 -26.31
C ASP D 52 -41.34 19.33 -25.30
N PHE D 53 -42.02 18.33 -24.74
CA PHE D 53 -43.30 18.50 -24.06
C PHE D 53 -43.38 17.67 -22.78
N ILE D 54 -44.35 17.96 -21.91
CA ILE D 54 -44.70 17.05 -20.80
C ILE D 54 -45.76 16.00 -21.19
N PRO D 55 -45.36 14.72 -21.33
CA PRO D 55 -46.35 13.72 -21.69
C PRO D 55 -47.35 13.56 -20.56
N GLN D 56 -48.61 13.39 -20.92
CA GLN D 56 -49.66 13.16 -19.93
C GLN D 56 -49.90 11.66 -19.74
N SER D 57 -49.44 10.83 -20.66
CA SER D 57 -49.62 9.40 -20.51
C SER D 57 -48.75 8.60 -21.48
N PRO D 58 -48.49 7.33 -21.17
CA PRO D 58 -47.63 6.52 -22.04
C PRO D 58 -47.92 6.59 -23.55
N LYS D 59 -49.18 6.81 -23.91
CA LYS D 59 -49.57 6.83 -25.33
C LYS D 59 -49.01 8.07 -26.04
N GLU D 60 -48.84 9.16 -25.28
CA GLU D 60 -48.28 10.40 -25.80
C GLU D 60 -46.78 10.39 -26.10
N LEU D 61 -46.10 9.28 -25.86
CA LEU D 61 -44.66 9.22 -25.99
C LEU D 61 -44.30 8.46 -27.24
N PRO D 62 -43.23 8.88 -27.91
CA PRO D 62 -42.92 8.16 -29.11
C PRO D 62 -42.44 6.73 -28.90
N VAL D 63 -42.75 5.91 -29.86
CA VAL D 63 -42.26 4.57 -30.04
C VAL D 63 -40.80 4.71 -30.49
N TRP D 64 -39.92 3.89 -29.95
CA TRP D 64 -38.50 4.03 -30.20
C TRP D 64 -37.98 2.68 -30.56
N ASN D 65 -36.66 2.54 -30.60
CA ASN D 65 -36.06 1.30 -30.99
C ASN D 65 -34.62 1.22 -30.47
N TYR D 66 -34.05 0.03 -30.56
CA TYR D 66 -32.68 -0.25 -30.23
C TYR D 66 -32.23 -1.39 -31.07
N ASP D 67 -30.95 -1.66 -30.99
CA ASP D 67 -30.39 -2.74 -31.77
C ASP D 67 -30.43 -4.01 -30.98
N GLY D 68 -31.38 -4.86 -31.30
CA GLY D 68 -31.55 -6.10 -30.58
C GLY D 68 -30.35 -7.01 -30.59
N SER D 69 -29.56 -6.85 -31.62
CA SER D 69 -28.38 -7.67 -31.81
C SER D 69 -27.34 -7.38 -30.69
N SER D 70 -27.42 -6.20 -30.11
CA SER D 70 -26.53 -5.84 -29.01
C SER D 70 -27.12 -6.15 -27.63
N CYS D 71 -28.27 -6.81 -27.55
CA CYS D 71 -28.72 -7.25 -26.23
C CYS D 71 -29.37 -8.59 -26.19
N TYR D 72 -28.77 -9.48 -26.97
CA TYR D 72 -29.09 -10.88 -27.02
C TYR D 72 -30.50 -11.04 -27.66
N GLN D 73 -30.86 -10.16 -28.59
CA GLN D 73 -32.19 -10.22 -29.27
C GLN D 73 -31.99 -10.10 -30.79
N ALA D 74 -30.98 -10.82 -31.28
CA ALA D 74 -30.60 -10.80 -32.69
C ALA D 74 -31.67 -11.53 -33.48
N GLU D 75 -32.13 -10.93 -34.57
CA GLU D 75 -33.06 -11.58 -35.50
C GLU D 75 -32.43 -11.40 -36.89
N GLY D 76 -31.23 -11.98 -37.00
CA GLY D 76 -30.37 -11.93 -38.16
C GLY D 76 -30.11 -10.52 -38.68
N SER D 77 -30.62 -10.31 -39.89
CA SER D 77 -30.34 -9.14 -40.67
C SER D 77 -31.27 -7.94 -40.36
N ASN D 78 -32.46 -8.16 -39.80
CA ASN D 78 -33.25 -7.04 -39.24
C ASN D 78 -33.43 -7.16 -37.72
N SER D 79 -32.36 -6.80 -37.02
CA SER D 79 -32.37 -6.90 -35.59
C SER D 79 -32.94 -5.65 -34.91
N ASP D 80 -33.36 -4.63 -35.69
CA ASP D 80 -33.97 -3.40 -35.11
C ASP D 80 -35.25 -3.75 -34.32
N THR D 81 -35.27 -3.40 -33.05
CA THR D 81 -36.26 -3.94 -32.13
C THR D 81 -36.94 -2.72 -31.63
N TYR D 82 -38.22 -2.81 -31.32
CA TYR D 82 -39.01 -1.62 -31.00
C TYR D 82 -39.43 -1.54 -29.54
N LEU D 83 -39.51 -0.30 -29.04
CA LEU D 83 -39.80 0.00 -27.67
C LEU D 83 -41.16 0.70 -27.55
N TYR D 84 -42.14 0.04 -26.96
CA TYR D 84 -43.46 0.68 -26.76
C TYR D 84 -43.59 1.11 -25.30
N PRO D 85 -43.71 2.41 -25.05
CA PRO D 85 -43.98 2.87 -23.70
C PRO D 85 -45.21 2.25 -23.05
N VAL D 86 -45.10 1.89 -21.77
CA VAL D 86 -46.22 1.29 -21.05
C VAL D 86 -46.52 1.99 -19.76
N ALA D 87 -45.54 2.68 -19.18
CA ALA D 87 -45.77 3.33 -17.90
C ALA D 87 -44.70 4.36 -17.69
N ILE D 88 -45.11 5.45 -17.05
CA ILE D 88 -44.30 6.62 -16.86
C ILE D 88 -44.11 6.85 -15.38
N TYR D 89 -42.93 7.31 -14.98
CA TYR D 89 -42.61 7.52 -13.57
C TYR D 89 -41.84 8.82 -13.46
N LYS D 90 -41.95 9.51 -12.35
CA LYS D 90 -41.11 10.67 -12.11
C LYS D 90 -39.68 10.20 -12.01
N ASP D 91 -38.75 10.97 -12.54
CA ASP D 91 -37.32 10.64 -12.51
C ASP D 91 -36.65 11.19 -11.20
N PRO D 92 -36.31 10.30 -10.25
CA PRO D 92 -35.73 10.74 -9.01
C PRO D 92 -34.29 11.19 -9.13
N PHE D 93 -33.65 10.96 -10.28
CA PHE D 93 -32.26 11.38 -10.52
C PHE D 93 -32.17 12.80 -11.07
N ARG D 94 -33.16 13.21 -11.84
CA ARG D 94 -33.17 14.52 -12.47
C ARG D 94 -34.28 15.41 -11.96
N ARG D 95 -35.34 14.81 -11.42
CA ARG D 95 -36.51 15.53 -10.94
C ARG D 95 -37.18 16.42 -12.00
N GLY D 96 -37.82 17.52 -11.57
CA GLY D 96 -38.51 18.43 -12.49
C GLY D 96 -39.59 17.65 -13.25
N ASN D 97 -39.66 17.85 -14.55
CA ASN D 97 -40.65 17.16 -15.36
C ASN D 97 -40.07 15.92 -16.04
N ASN D 98 -38.88 15.49 -15.57
CA ASN D 98 -38.13 14.46 -16.23
C ASN D 98 -38.74 13.15 -15.87
N ILE D 99 -38.64 12.16 -16.73
CA ILE D 99 -39.37 10.93 -16.50
C ILE D 99 -38.55 9.67 -16.85
N LEU D 100 -38.96 8.54 -16.28
CA LEU D 100 -38.55 7.22 -16.67
C LEU D 100 -39.75 6.57 -17.30
N VAL D 101 -39.51 5.68 -18.24
CA VAL D 101 -40.52 5.14 -19.09
C VAL D 101 -40.24 3.66 -19.21
N MET D 102 -41.10 2.83 -18.62
CA MET D 102 -41.03 1.40 -18.78
C MET D 102 -41.56 1.01 -20.14
N CYS D 103 -40.91 0.09 -20.84
CA CYS D 103 -41.39 -0.29 -22.16
C CYS D 103 -41.60 -1.77 -22.26
N ASP D 104 -42.32 -2.20 -23.30
CA ASP D 104 -42.21 -3.56 -23.74
C ASP D 104 -41.73 -3.59 -25.18
N THR D 105 -41.31 -4.74 -25.65
CA THR D 105 -40.52 -4.83 -26.82
C THR D 105 -41.07 -5.77 -27.85
N TYR D 106 -40.80 -5.40 -29.09
CA TYR D 106 -41.46 -5.94 -30.28
C TYR D 106 -40.46 -6.03 -31.40
N LYS D 107 -40.47 -7.16 -32.10
CA LYS D 107 -39.67 -7.33 -33.32
C LYS D 107 -40.09 -6.39 -34.45
N PHE D 108 -39.26 -6.37 -35.49
CA PHE D 108 -39.52 -5.63 -36.74
C PHE D 108 -40.90 -5.84 -37.35
N ASP D 109 -41.41 -7.06 -37.26
CA ASP D 109 -42.73 -7.37 -37.81
C ASP D 109 -43.90 -7.10 -36.85
N GLY D 110 -43.66 -6.48 -35.69
CA GLY D 110 -44.75 -6.22 -34.73
C GLY D 110 -45.08 -7.38 -33.78
N THR D 111 -44.50 -8.57 -33.99
CA THR D 111 -44.63 -9.66 -32.99
C THR D 111 -43.79 -9.35 -31.74
N PRO D 112 -44.14 -9.95 -30.57
CA PRO D 112 -43.38 -9.63 -29.35
C PRO D 112 -42.06 -10.35 -29.34
N THR D 113 -41.03 -9.76 -28.73
CA THR D 113 -39.75 -10.47 -28.59
C THR D 113 -39.97 -11.67 -27.67
N ASP D 114 -39.05 -12.64 -27.66
CA ASP D 114 -39.16 -13.78 -26.72
C ASP D 114 -39.27 -13.31 -25.26
N THR D 115 -38.61 -12.22 -24.90
CA THR D 115 -38.63 -11.80 -23.50
C THR D 115 -39.65 -10.78 -23.16
N ASN D 116 -40.55 -10.49 -24.11
CA ASN D 116 -41.72 -9.70 -23.79
C ASN D 116 -42.84 -10.59 -23.22
N LYS D 117 -43.01 -10.60 -21.90
CA LYS D 117 -44.07 -11.36 -21.22
C LYS D 117 -45.23 -10.49 -20.80
N ARG D 118 -45.06 -9.20 -20.95
CA ARG D 118 -46.13 -8.29 -20.61
C ARG D 118 -47.38 -8.49 -21.55
N LYS D 119 -47.17 -8.71 -22.85
CA LYS D 119 -48.27 -8.65 -23.85
C LYS D 119 -49.35 -9.60 -23.45
N THR D 120 -48.96 -10.83 -23.35
CA THR D 120 -49.74 -11.96 -22.92
C THR D 120 -50.23 -11.87 -21.46
N CYS D 121 -49.46 -11.20 -20.58
CA CYS D 121 -49.92 -11.07 -19.20
C CYS D 121 -51.04 -10.09 -19.17
N LEU D 122 -50.95 -9.07 -20.01
CA LEU D 122 -51.96 -8.00 -19.99
C LEU D 122 -53.36 -8.48 -20.46
N GLU D 123 -53.38 -9.40 -21.40
CA GLU D 123 -54.61 -9.96 -21.95
C GLU D 123 -55.34 -10.65 -20.83
N VAL D 124 -54.57 -11.46 -20.11
CA VAL D 124 -55.07 -12.20 -18.94
C VAL D 124 -55.47 -11.30 -17.77
N ALA D 125 -54.58 -10.44 -17.33
CA ALA D 125 -54.98 -9.51 -16.28
C ALA D 125 -56.20 -8.63 -16.64
N ASN D 126 -56.33 -8.24 -17.91
CA ASN D 126 -57.55 -7.45 -18.24
C ASN D 126 -58.84 -8.33 -18.09
N LYS D 127 -58.75 -9.57 -18.49
CA LYS D 127 -59.84 -10.50 -18.40
C LYS D 127 -60.32 -10.73 -16.97
N CYS D 128 -59.44 -10.42 -16.02
CA CYS D 128 -59.72 -10.78 -14.64
C CYS D 128 -60.06 -9.58 -13.90
N ALA D 129 -60.25 -8.47 -14.60
CA ALA D 129 -60.35 -7.17 -13.90
C ALA D 129 -61.48 -7.08 -12.91
N ALA D 130 -62.57 -7.79 -13.18
CA ALA D 130 -63.73 -7.81 -12.30
C ALA D 130 -63.44 -8.48 -10.97
N GLU D 131 -62.48 -9.39 -10.94
CA GLU D 131 -62.06 -9.99 -9.67
C GLU D 131 -61.09 -9.08 -8.83
N GLU D 132 -60.79 -7.87 -9.33
CA GLU D 132 -59.79 -6.93 -8.82
C GLU D 132 -58.57 -7.61 -8.14
N PRO D 133 -57.83 -8.43 -8.87
CA PRO D 133 -56.72 -9.09 -8.21
C PRO D 133 -55.65 -8.10 -7.77
N TRP D 134 -55.17 -8.29 -6.55
CA TRP D 134 -54.04 -7.50 -6.02
C TRP D 134 -52.86 -8.40 -5.72
N PHE D 135 -51.67 -7.86 -6.00
CA PHE D 135 -50.45 -8.58 -5.87
C PHE D 135 -49.52 -7.73 -5.05
N GLY D 136 -48.79 -8.42 -4.18
CA GLY D 136 -47.66 -7.86 -3.41
C GLY D 136 -46.43 -8.74 -3.64
N ILE D 137 -45.29 -8.14 -3.92
CA ILE D 137 -44.13 -8.98 -4.16
C ILE D 137 -42.97 -8.61 -3.24
N GLU D 138 -42.32 -9.63 -2.72
CA GLU D 138 -41.24 -9.46 -1.76
C GLU D 138 -39.94 -9.73 -2.51
N GLN D 139 -39.33 -8.66 -2.97
CA GLN D 139 -38.19 -8.80 -3.85
C GLN D 139 -36.91 -8.85 -2.99
N GLU D 140 -36.26 -10.00 -3.01
CA GLU D 140 -34.98 -10.20 -2.32
C GLU D 140 -33.87 -10.00 -3.28
N TYR D 141 -32.73 -9.57 -2.72
CA TYR D 141 -31.55 -9.25 -3.49
C TYR D 141 -30.33 -9.19 -2.59
N THR D 142 -29.17 -9.22 -3.19
CA THR D 142 -27.89 -9.24 -2.46
C THR D 142 -26.90 -8.24 -3.08
N PHE D 143 -26.20 -7.50 -2.24
CA PHE D 143 -25.20 -6.59 -2.78
C PHE D 143 -23.85 -7.31 -2.98
N LEU D 144 -23.23 -7.15 -4.14
CA LEU D 144 -21.92 -7.75 -4.46
C LEU D 144 -20.85 -6.72 -4.68
N ASP D 145 -19.62 -7.12 -4.39
CA ASP D 145 -18.47 -6.24 -4.69
C ASP D 145 -18.17 -6.56 -6.17
N PHE D 146 -17.26 -5.80 -6.79
CA PHE D 146 -17.06 -5.84 -8.24
C PHE D 146 -16.55 -7.23 -8.64
N ASP D 147 -15.91 -7.91 -7.69
CA ASP D 147 -15.40 -9.26 -7.91
C ASP D 147 -16.44 -10.39 -7.82
N GLY D 148 -17.69 -10.07 -7.51
CA GLY D 148 -18.70 -11.12 -7.48
C GLY D 148 -18.91 -11.68 -6.09
N HIS D 149 -18.08 -11.26 -5.14
CA HIS D 149 -18.17 -11.81 -3.81
C HIS D 149 -19.13 -10.92 -3.01
N PRO D 150 -19.91 -11.47 -2.05
CA PRO D 150 -20.88 -10.58 -1.44
C PRO D 150 -20.21 -9.46 -0.73
N LEU D 151 -20.86 -8.31 -0.77
CA LEU D 151 -20.25 -7.08 -0.39
C LEU D 151 -19.90 -7.17 1.09
N GLY D 152 -18.67 -6.77 1.40
CA GLY D 152 -18.18 -6.74 2.74
C GLY D 152 -17.69 -8.08 3.28
N TRP D 153 -17.96 -9.21 2.60
CA TRP D 153 -17.62 -10.52 3.12
C TRP D 153 -16.12 -10.57 3.03
N PRO D 154 -15.48 -11.29 3.96
CA PRO D 154 -14.02 -11.48 3.81
C PRO D 154 -13.65 -12.13 2.48
N LYS D 155 -12.64 -11.60 1.81
CA LYS D 155 -12.19 -12.17 0.57
C LYS D 155 -11.69 -13.59 0.82
N ASN D 156 -12.07 -14.43 -0.11
CA ASN D 156 -11.85 -15.85 -0.08
C ASN D 156 -12.45 -16.51 1.10
N GLY D 157 -13.47 -15.90 1.70
CA GLY D 157 -14.11 -16.53 2.84
C GLY D 157 -15.51 -16.09 3.19
N PHE D 158 -15.86 -16.36 4.45
CA PHE D 158 -17.20 -16.31 4.96
C PHE D 158 -17.26 -15.47 6.20
N PRO D 159 -18.31 -14.68 6.37
CA PRO D 159 -18.48 -13.99 7.66
C PRO D 159 -19.04 -15.01 8.64
N GLY D 160 -19.27 -14.62 9.87
CA GLY D 160 -19.95 -15.60 10.77
C GLY D 160 -21.31 -16.12 10.28
N PRO D 161 -21.75 -17.28 10.79
CA PRO D 161 -22.98 -17.91 10.45
C PRO D 161 -24.20 -17.04 10.67
N GLN D 162 -25.26 -17.42 9.99
CA GLN D 162 -26.53 -16.69 10.08
C GLN D 162 -27.07 -16.61 11.51
N GLY D 163 -27.78 -15.53 11.79
CA GLY D 163 -28.46 -15.31 13.05
C GLY D 163 -28.52 -13.84 13.39
N PRO D 164 -27.39 -13.17 13.32
CA PRO D 164 -27.38 -11.75 13.68
C PRO D 164 -27.84 -10.71 12.62
N TYR D 165 -27.95 -11.08 11.36
CA TYR D 165 -28.07 -10.15 10.22
C TYR D 165 -29.50 -9.76 9.83
N TYR D 166 -30.44 -10.70 10.01
CA TYR D 166 -31.85 -10.50 9.69
C TYR D 166 -32.33 -9.32 10.47
N CYS D 167 -32.92 -8.36 9.76
CA CYS D 167 -33.39 -7.13 10.39
C CYS D 167 -32.38 -6.50 11.36
N GLY D 168 -31.09 -6.59 11.03
CA GLY D 168 -30.01 -6.11 11.90
C GLY D 168 -29.78 -4.62 11.98
N VAL D 169 -29.11 -4.19 13.03
CA VAL D 169 -28.69 -2.84 13.22
C VAL D 169 -27.22 -2.84 13.68
N GLY D 170 -26.37 -2.12 13.03
CA GLY D 170 -24.96 -2.14 13.39
C GLY D 170 -24.04 -2.31 12.22
N ALA D 171 -22.85 -1.74 12.38
CA ALA D 171 -21.82 -1.81 11.35
C ALA D 171 -21.34 -3.21 11.06
N ASN D 172 -21.46 -4.11 12.04
CA ASN D 172 -21.12 -5.52 11.83
C ASN D 172 -22.36 -6.39 11.60
N LYS D 173 -23.54 -5.78 11.43
CA LYS D 173 -24.76 -6.54 11.13
C LYS D 173 -25.32 -6.39 9.72
N VAL D 174 -25.33 -5.21 9.17
CA VAL D 174 -25.91 -5.04 7.82
C VAL D 174 -25.09 -4.03 7.06
N TYR D 175 -25.01 -4.18 5.75
CA TYR D 175 -24.17 -3.33 4.94
C TYR D 175 -24.94 -2.53 3.90
N ALA D 176 -24.48 -1.31 3.63
CA ALA D 176 -25.00 -0.47 2.57
C ALA D 176 -26.51 -0.08 2.65
N ARG D 177 -26.95 0.20 3.86
CA ARG D 177 -28.27 0.68 4.10
C ARG D 177 -28.51 1.98 3.38
N ASP D 178 -27.46 2.75 3.16
CA ASP D 178 -27.62 3.99 2.43
C ASP D 178 -28.29 3.74 1.06
N ILE D 179 -27.87 2.71 0.33
CA ILE D 179 -28.50 2.37 -0.96
C ILE D 179 -29.97 1.97 -0.69
N VAL D 180 -30.17 1.18 0.36
CA VAL D 180 -31.54 0.68 0.65
C VAL D 180 -32.46 1.86 0.89
N ASP D 181 -32.03 2.81 1.73
CA ASP D 181 -32.85 3.98 2.06
C ASP D 181 -33.05 4.95 0.88
N ALA D 182 -32.03 5.09 0.07
CA ALA D 182 -32.11 5.90 -1.12
C ALA D 182 -33.07 5.25 -2.12
N HIS D 183 -32.99 3.95 -2.28
CA HIS D 183 -33.87 3.28 -3.19
C HIS D 183 -35.36 3.42 -2.75
N TYR D 184 -35.57 3.28 -1.46
CA TYR D 184 -36.90 3.26 -0.87
C TYR D 184 -37.54 4.61 -1.22
N ARG D 185 -36.83 5.65 -0.95
CA ARG D 185 -37.37 6.92 -1.18
C ARG D 185 -37.47 7.29 -2.68
N ALA D 186 -36.53 6.81 -3.47
CA ALA D 186 -36.58 7.07 -4.91
C ALA D 186 -37.79 6.39 -5.47
N CYS D 187 -38.05 5.19 -4.99
CA CYS D 187 -39.18 4.46 -5.47
C CYS D 187 -40.49 5.23 -5.14
N LEU D 188 -40.64 5.68 -3.89
CA LEU D 188 -41.81 6.45 -3.51
C LEU D 188 -41.95 7.74 -4.35
N TYR D 189 -40.85 8.40 -4.61
CA TYR D 189 -40.90 9.63 -5.38
C TYR D 189 -41.34 9.35 -6.82
N ALA D 190 -40.87 8.25 -7.36
CA ALA D 190 -41.18 7.85 -8.70
C ALA D 190 -42.66 7.43 -8.90
N GLY D 191 -43.37 7.13 -7.80
CA GLY D 191 -44.77 6.64 -7.87
C GLY D 191 -44.92 5.15 -7.71
N ILE D 192 -43.85 4.46 -7.30
CA ILE D 192 -43.93 3.04 -7.02
C ILE D 192 -44.35 2.79 -5.58
N LYS D 193 -45.23 1.82 -5.43
CA LYS D 193 -45.78 1.49 -4.14
C LYS D 193 -44.90 0.54 -3.30
N VAL D 194 -43.72 1.00 -2.92
CA VAL D 194 -42.90 0.22 -2.03
C VAL D 194 -43.54 0.32 -0.68
N SER D 195 -44.04 -0.81 -0.18
CA SER D 195 -44.70 -0.89 1.12
C SER D 195 -43.76 -1.10 2.33
N GLY D 196 -42.50 -1.48 2.08
CA GLY D 196 -41.52 -1.79 3.19
C GLY D 196 -40.15 -2.29 2.75
N THR D 197 -39.20 -2.28 3.69
CA THR D 197 -37.94 -2.98 3.48
C THR D 197 -37.46 -3.69 4.74
N ASN D 198 -36.60 -4.68 4.52
CA ASN D 198 -35.88 -5.30 5.62
C ASN D 198 -34.57 -5.98 5.13
N ALA D 199 -33.63 -6.04 6.07
CA ALA D 199 -32.43 -6.81 5.95
C ALA D 199 -32.71 -8.27 6.13
N GLU D 200 -32.10 -9.07 5.28
CA GLU D 200 -32.39 -10.47 5.22
C GLU D 200 -31.33 -11.26 6.00
N VAL D 201 -31.43 -12.57 5.92
CA VAL D 201 -30.74 -13.51 6.80
C VAL D 201 -29.28 -13.58 6.48
N MET D 202 -29.00 -13.43 5.21
CA MET D 202 -27.64 -13.44 4.72
C MET D 202 -27.09 -12.00 4.87
N PRO D 203 -25.89 -11.82 5.42
CA PRO D 203 -25.29 -10.49 5.40
C PRO D 203 -24.97 -10.03 3.98
N ALA D 204 -25.05 -8.72 3.72
CA ALA D 204 -25.25 -8.09 2.40
C ALA D 204 -26.58 -8.39 1.66
N GLN D 205 -27.48 -9.16 2.26
CA GLN D 205 -28.80 -9.46 1.65
C GLN D 205 -29.92 -8.60 2.22
N TRP D 206 -30.82 -8.15 1.34
CA TRP D 206 -31.92 -7.25 1.68
C TRP D 206 -33.17 -7.57 0.90
N GLU D 207 -34.23 -6.88 1.24
CA GLU D 207 -35.51 -7.12 0.58
C GLU D 207 -36.28 -5.83 0.54
N PHE D 208 -36.99 -5.63 -0.54
CA PHE D 208 -38.05 -4.59 -0.58
C PHE D 208 -39.33 -5.22 -1.01
N GLN D 209 -40.42 -4.69 -0.45
CA GLN D 209 -41.76 -5.15 -0.82
C GLN D 209 -42.49 -4.10 -1.67
N VAL D 210 -43.09 -4.57 -2.74
CA VAL D 210 -43.94 -3.72 -3.57
C VAL D 210 -45.39 -4.22 -3.51
N GLY D 211 -46.31 -3.28 -3.33
CA GLY D 211 -47.71 -3.59 -3.31
C GLY D 211 -48.54 -3.10 -2.13
N PRO D 212 -49.84 -3.41 -2.10
CA PRO D 212 -50.50 -4.21 -3.13
C PRO D 212 -50.78 -3.39 -4.39
N CYS D 213 -50.59 -3.99 -5.56
CA CYS D 213 -50.87 -3.30 -6.83
C CYS D 213 -51.85 -4.11 -7.63
N GLU D 214 -52.73 -3.39 -8.32
CA GLU D 214 -53.81 -4.04 -9.06
C GLU D 214 -53.19 -4.54 -10.33
N GLY D 215 -53.16 -5.86 -10.52
CA GLY D 215 -52.93 -6.49 -11.82
C GLY D 215 -51.56 -6.37 -12.47
N ILE D 216 -51.53 -5.91 -13.73
CA ILE D 216 -50.32 -5.73 -14.58
C ILE D 216 -49.34 -4.69 -13.99
N SER D 217 -49.89 -3.76 -13.22
CA SER D 217 -49.15 -2.64 -12.74
C SER D 217 -48.06 -3.08 -11.75
N ILE D 218 -48.27 -4.22 -11.07
CA ILE D 218 -47.27 -4.83 -10.21
C ILE D 218 -46.01 -5.17 -11.02
N GLY D 219 -46.22 -5.52 -12.27
CA GLY D 219 -45.18 -6.01 -13.13
C GLY D 219 -44.38 -4.81 -13.60
N ASP D 220 -45.06 -3.80 -14.12
CA ASP D 220 -44.42 -2.56 -14.46
C ASP D 220 -43.62 -1.97 -13.30
N ASP D 221 -44.22 -1.98 -12.14
CA ASP D 221 -43.68 -1.25 -10.99
C ASP D 221 -42.48 -1.99 -10.41
N LEU D 222 -42.56 -3.32 -10.35
CA LEU D 222 -41.48 -4.10 -9.82
C LEU D 222 -40.28 -4.01 -10.80
N TRP D 223 -40.56 -4.07 -12.11
CA TRP D 223 -39.50 -3.87 -13.05
C TRP D 223 -38.84 -2.49 -12.91
N MET D 224 -39.62 -1.41 -12.75
CA MET D 224 -38.97 -0.12 -12.61
C MET D 224 -38.16 0.02 -11.28
N ALA D 225 -38.64 -0.64 -10.24
CA ALA D 225 -37.98 -0.64 -8.94
C ALA D 225 -36.65 -1.37 -9.05
N ARG D 226 -36.63 -2.43 -9.86
CA ARG D 226 -35.45 -3.18 -10.14
C ARG D 226 -34.46 -2.30 -10.87
N PHE D 227 -34.91 -1.62 -11.90
CA PHE D 227 -34.09 -0.67 -12.61
C PHE D 227 -33.55 0.33 -11.61
N LEU D 228 -34.36 0.81 -10.70
CA LEU D 228 -33.91 1.84 -9.81
C LEU D 228 -32.85 1.34 -8.84
N LEU D 229 -33.02 0.09 -8.39
CA LEU D 229 -32.04 -0.53 -7.53
C LEU D 229 -30.68 -0.63 -8.22
N HIS D 230 -30.66 -1.24 -9.40
CA HIS D 230 -29.43 -1.37 -10.16
C HIS D 230 -28.79 -0.03 -10.43
N ARG D 231 -29.61 0.94 -10.84
CA ARG D 231 -29.14 2.28 -11.19
C ARG D 231 -28.61 3.05 -10.00
N ILE D 232 -29.24 2.97 -8.85
CA ILE D 232 -28.75 3.70 -7.65
C ILE D 232 -27.48 3.04 -7.13
N SER D 233 -27.52 1.71 -7.04
CA SER D 233 -26.36 0.97 -6.61
C SER D 233 -25.13 1.14 -7.58
N GLU D 234 -25.36 1.27 -8.89
CA GLU D 234 -24.30 1.66 -9.83
C GLU D 234 -23.48 2.88 -9.35
N GLU D 235 -24.12 3.92 -8.89
CA GLU D 235 -23.38 5.11 -8.53
C GLU D 235 -22.43 4.85 -7.28
N PHE D 236 -22.73 3.88 -6.42
CA PHE D 236 -21.88 3.48 -5.31
C PHE D 236 -20.78 2.51 -5.74
N GLY D 237 -20.88 1.96 -6.94
CA GLY D 237 -19.97 0.91 -7.39
C GLY D 237 -20.33 -0.46 -6.91
N ILE D 238 -21.58 -0.61 -6.50
CA ILE D 238 -22.05 -1.84 -5.94
C ILE D 238 -23.00 -2.48 -6.88
N VAL D 239 -22.84 -3.80 -7.07
CA VAL D 239 -23.65 -4.63 -7.91
C VAL D 239 -24.79 -5.16 -7.05
N SER D 240 -25.99 -5.13 -7.61
CA SER D 240 -27.16 -5.73 -6.96
C SER D 240 -27.57 -6.88 -7.80
N THR D 241 -27.61 -8.07 -7.22
CA THR D 241 -27.98 -9.22 -7.97
C THR D 241 -29.30 -9.80 -7.49
N LEU D 242 -30.08 -10.22 -8.47
CA LEU D 242 -31.32 -10.97 -8.28
C LEU D 242 -31.15 -12.44 -8.46
N ASP D 243 -29.92 -12.89 -8.69
CA ASP D 243 -29.65 -14.30 -8.69
C ASP D 243 -30.22 -14.98 -7.42
N PRO D 244 -30.89 -16.13 -7.62
CA PRO D 244 -31.52 -16.81 -6.51
C PRO D 244 -30.59 -17.52 -5.59
N LYS D 245 -29.40 -17.86 -6.04
CA LYS D 245 -28.49 -18.51 -5.12
C LYS D 245 -27.17 -17.83 -5.28
N PRO D 246 -27.07 -16.57 -4.83
CA PRO D 246 -25.85 -15.81 -5.05
C PRO D 246 -24.60 -16.33 -4.28
N MET D 247 -24.78 -17.22 -3.31
CA MET D 247 -23.68 -18.03 -2.75
C MET D 247 -24.15 -19.47 -2.42
N PRO D 248 -23.45 -20.50 -2.91
CA PRO D 248 -23.73 -21.92 -2.50
C PRO D 248 -23.36 -22.38 -1.08
N GLY D 249 -24.18 -23.30 -0.61
CA GLY D 249 -24.09 -23.90 0.70
C GLY D 249 -25.35 -23.59 1.47
N ASP D 250 -25.21 -23.61 2.80
CA ASP D 250 -26.29 -23.21 3.73
C ASP D 250 -26.25 -21.69 4.05
N TRP D 251 -26.46 -20.91 2.97
CA TRP D 251 -26.65 -19.46 2.96
C TRP D 251 -27.93 -19.26 2.21
N ASN D 252 -28.83 -18.44 2.78
CA ASN D 252 -30.17 -18.14 2.23
C ASN D 252 -30.18 -17.66 0.80
N GLY D 253 -30.77 -18.47 -0.07
CA GLY D 253 -31.02 -18.02 -1.40
C GLY D 253 -32.08 -16.93 -1.34
N ALA D 254 -32.69 -16.65 -2.49
CA ALA D 254 -33.47 -15.45 -2.63
C ALA D 254 -34.77 -15.79 -3.37
N GLY D 255 -35.84 -15.21 -2.83
CA GLY D 255 -37.19 -15.36 -3.34
C GLY D 255 -37.76 -14.04 -3.81
N ALA D 256 -38.86 -14.16 -4.53
CA ALA D 256 -39.72 -13.02 -4.79
C ALA D 256 -41.13 -13.49 -4.46
N HIS D 257 -41.35 -13.66 -3.16
CA HIS D 257 -42.59 -14.25 -2.69
C HIS D 257 -43.74 -13.38 -3.06
N THR D 258 -44.81 -13.99 -3.45
CA THR D 258 -45.87 -13.23 -4.06
C THR D 258 -47.19 -13.42 -3.32
N ASN D 259 -47.67 -12.31 -2.76
CA ASN D 259 -48.97 -12.22 -2.11
C ASN D 259 -50.13 -11.82 -3.09
N VAL D 260 -51.23 -12.54 -2.97
CA VAL D 260 -52.30 -12.55 -3.96
C VAL D 260 -53.64 -12.52 -3.24
N SER D 261 -54.51 -11.58 -3.64
CA SER D 261 -55.93 -11.61 -3.27
C SER D 261 -56.82 -11.08 -4.40
N THR D 262 -58.02 -11.67 -4.47
CA THR D 262 -59.12 -11.13 -5.28
C THR D 262 -60.11 -10.45 -4.38
N LYS D 263 -61.06 -9.75 -5.00
CA LYS D 263 -62.20 -9.10 -4.33
C LYS D 263 -62.87 -10.04 -3.30
N ALA D 264 -63.12 -11.29 -3.70
CA ALA D 264 -63.86 -12.22 -2.87
C ALA D 264 -63.05 -12.60 -1.63
N MET D 265 -61.75 -12.80 -1.83
CA MET D 265 -60.86 -13.15 -0.75
C MET D 265 -60.73 -12.02 0.29
N ARG D 266 -60.93 -10.79 -0.09
CA ARG D 266 -60.78 -9.68 0.84
C ARG D 266 -62.04 -9.34 1.65
N GLU D 267 -63.18 -9.86 1.24
CA GLU D 267 -64.41 -9.62 2.01
C GLU D 267 -64.67 -10.70 3.05
N ASP D 268 -65.38 -10.38 4.14
CA ASP D 268 -65.47 -11.34 5.24
C ASP D 268 -65.99 -12.65 4.70
N GLY D 269 -65.37 -13.75 5.12
CA GLY D 269 -65.69 -15.07 4.58
C GLY D 269 -64.94 -15.43 3.29
N GLY D 270 -64.16 -14.49 2.75
CA GLY D 270 -63.29 -14.78 1.62
C GLY D 270 -62.28 -15.90 1.85
N ILE D 271 -61.93 -16.16 3.10
CA ILE D 271 -61.09 -17.30 3.42
C ILE D 271 -61.50 -18.57 2.68
N ARG D 272 -62.79 -18.78 2.41
CA ARG D 272 -63.26 -19.97 1.64
C ARG D 272 -62.64 -19.98 0.22
N ASP D 273 -62.79 -18.83 -0.43
CA ASP D 273 -62.26 -18.57 -1.77
C ASP D 273 -60.74 -18.63 -1.84
N ILE D 274 -60.09 -18.20 -0.76
CA ILE D 274 -58.63 -18.36 -0.62
C ILE D 274 -58.30 -19.84 -0.77
N GLU D 275 -59.03 -20.68 -0.02
CA GLU D 275 -58.75 -22.12 0.05
C GLU D 275 -59.05 -22.80 -1.27
N LYS D 276 -60.11 -22.35 -1.93
CA LYS D 276 -60.42 -22.74 -3.33
C LYS D 276 -59.19 -22.50 -4.25
N ALA D 277 -58.69 -21.27 -4.24
CA ALA D 277 -57.51 -20.88 -5.05
C ALA D 277 -56.27 -21.73 -4.76
N VAL D 278 -55.87 -21.79 -3.48
CA VAL D 278 -54.73 -22.67 -3.10
C VAL D 278 -54.92 -24.08 -3.60
N ALA D 279 -56.14 -24.60 -3.52
CA ALA D 279 -56.41 -25.95 -4.01
C ALA D 279 -56.22 -26.09 -5.52
N LYS D 280 -56.68 -25.12 -6.31
CA LYS D 280 -56.39 -25.13 -7.76
C LYS D 280 -54.91 -25.07 -8.09
N LEU D 281 -54.15 -24.32 -7.30
CA LEU D 281 -52.67 -24.24 -7.48
C LEU D 281 -51.88 -25.49 -7.04
N SER D 282 -52.36 -26.20 -6.00
CA SER D 282 -51.88 -27.56 -5.64
C SER D 282 -51.85 -28.52 -6.81
N LYS D 283 -52.87 -28.45 -7.66
CA LYS D 283 -53.05 -29.43 -8.74
C LYS D 283 -52.17 -29.16 -9.99
N CYS D 284 -51.49 -28.02 -10.07
CA CYS D 284 -50.59 -27.78 -11.22
C CYS D 284 -49.25 -27.12 -10.87
N HIS D 285 -48.46 -27.84 -10.09
CA HIS D 285 -47.23 -27.29 -9.52
C HIS D 285 -46.14 -27.00 -10.56
N GLU D 286 -45.93 -27.97 -11.47
CA GLU D 286 -44.87 -27.89 -12.47
C GLU D 286 -44.97 -26.72 -13.45
N ARG D 287 -46.19 -26.38 -13.88
CA ARG D 287 -46.38 -25.21 -14.75
C ARG D 287 -46.05 -23.85 -14.07
N HIS D 288 -46.22 -23.75 -12.76
CA HIS D 288 -45.82 -22.52 -12.05
C HIS D 288 -44.32 -22.37 -11.84
N ILE D 289 -43.66 -23.44 -11.44
CA ILE D 289 -42.21 -23.37 -11.23
C ILE D 289 -41.51 -23.07 -12.58
N ARG D 290 -42.16 -23.46 -13.67
CA ARG D 290 -41.75 -23.13 -15.05
C ARG D 290 -41.93 -21.65 -15.40
N ALA D 291 -43.06 -21.08 -15.00
CA ALA D 291 -43.31 -19.64 -15.09
C ALA D 291 -42.50 -18.78 -14.08
N TYR D 292 -41.88 -19.40 -13.09
CA TYR D 292 -41.40 -18.67 -11.90
C TYR D 292 -39.92 -18.33 -11.89
N ASP D 293 -39.23 -18.69 -12.98
CA ASP D 293 -37.91 -18.14 -13.29
C ASP D 293 -37.71 -18.18 -14.82
N PRO D 294 -36.86 -17.29 -15.34
CA PRO D 294 -36.84 -17.05 -16.78
C PRO D 294 -36.02 -18.05 -17.62
N LYS D 295 -35.59 -19.16 -17.00
CA LYS D 295 -35.04 -20.32 -17.73
C LYS D 295 -35.88 -21.61 -17.47
N GLN D 296 -37.12 -21.46 -17.00
CA GLN D 296 -38.16 -22.53 -16.97
C GLN D 296 -38.06 -23.61 -15.85
N GLY D 297 -37.43 -23.25 -14.72
CA GLY D 297 -37.24 -24.17 -13.58
C GLY D 297 -35.79 -24.54 -13.25
N GLN D 298 -34.84 -24.00 -14.03
CA GLN D 298 -33.39 -24.25 -13.87
C GLN D 298 -32.74 -23.47 -12.71
N ASP D 299 -33.13 -22.19 -12.57
CA ASP D 299 -32.57 -21.27 -11.55
C ASP D 299 -33.16 -21.51 -10.13
N ASN D 300 -34.47 -21.74 -10.04
CA ASN D 300 -35.13 -22.11 -8.77
C ASN D 300 -34.59 -23.39 -8.10
N ALA D 301 -34.11 -24.35 -8.90
CA ALA D 301 -33.55 -25.61 -8.40
C ALA D 301 -32.39 -25.39 -7.41
N ARG D 302 -31.50 -24.45 -7.76
CA ARG D 302 -30.36 -24.03 -6.92
C ARG D 302 -30.77 -23.44 -5.55
N ARG D 303 -31.94 -22.79 -5.48
CA ARG D 303 -32.53 -22.30 -4.21
C ARG D 303 -33.44 -23.36 -3.54
N LEU D 304 -34.42 -23.89 -4.25
CA LEU D 304 -35.52 -24.65 -3.61
C LEU D 304 -35.16 -26.09 -3.12
N THR D 305 -34.36 -26.17 -2.06
CA THR D 305 -33.86 -27.46 -1.48
C THR D 305 -34.72 -28.00 -0.30
N GLY D 306 -35.76 -27.26 0.06
CA GLY D 306 -36.60 -27.55 1.24
C GLY D 306 -35.97 -27.30 2.62
N LYS D 307 -34.75 -26.73 2.65
CA LYS D 307 -33.94 -26.61 3.89
C LYS D 307 -33.89 -25.20 4.52
N HIS D 308 -33.81 -24.15 3.69
CA HIS D 308 -33.56 -22.76 4.18
C HIS D 308 -34.75 -21.80 4.07
N GLU D 309 -35.75 -22.02 4.93
CA GLU D 309 -37.04 -21.28 4.94
C GLU D 309 -37.73 -21.38 3.57
N THR D 310 -37.63 -22.55 2.95
CA THR D 310 -37.91 -22.70 1.51
C THR D 310 -38.71 -23.98 1.23
N SER D 311 -39.39 -23.99 0.09
CA SER D 311 -40.23 -25.10 -0.42
C SER D 311 -39.45 -26.13 -1.27
N SER D 312 -40.08 -27.27 -1.53
CA SER D 312 -39.48 -28.34 -2.36
C SER D 312 -39.53 -27.97 -3.86
N ILE D 313 -38.47 -28.32 -4.61
CA ILE D 313 -38.43 -28.22 -6.09
C ILE D 313 -39.64 -28.95 -6.68
N ASN D 314 -39.78 -30.22 -6.29
CA ASN D 314 -40.74 -31.17 -6.86
C ASN D 314 -42.10 -31.16 -6.17
N ASP D 315 -42.07 -31.21 -4.84
CA ASP D 315 -43.27 -31.45 -3.99
C ASP D 315 -44.04 -30.17 -3.57
N PHE D 316 -45.32 -30.15 -3.90
CA PHE D 316 -46.19 -29.05 -3.53
C PHE D 316 -46.69 -29.19 -2.09
N SER D 317 -46.54 -28.13 -1.30
CA SER D 317 -47.09 -28.11 0.06
C SER D 317 -47.64 -26.74 0.44
N ALA D 318 -48.54 -26.74 1.41
CA ALA D 318 -49.29 -25.57 1.78
C ALA D 318 -49.90 -25.75 3.17
N GLY D 319 -49.57 -24.85 4.08
CA GLY D 319 -50.10 -24.89 5.45
C GLY D 319 -50.06 -23.53 6.15
N VAL D 320 -50.96 -23.36 7.11
CA VAL D 320 -51.04 -22.08 7.84
C VAL D 320 -49.72 -21.80 8.58
N ALA D 321 -49.28 -20.54 8.55
CA ALA D 321 -48.18 -20.04 9.41
C ALA D 321 -46.79 -20.63 9.14
N ASN D 322 -46.66 -21.34 8.02
CA ASN D 322 -45.50 -22.21 7.72
C ASN D 322 -44.58 -21.74 6.55
N ARG D 323 -43.31 -21.49 6.90
CA ARG D 323 -42.31 -20.98 5.97
C ARG D 323 -41.56 -22.11 5.25
N GLY D 324 -41.93 -23.36 5.51
CA GLY D 324 -41.38 -24.53 4.76
C GLY D 324 -42.23 -24.98 3.57
N CYS D 325 -43.32 -24.24 3.31
CA CYS D 325 -44.37 -24.61 2.31
C CYS D 325 -44.31 -23.83 0.99
N SER D 326 -44.85 -24.41 -0.09
CA SER D 326 -45.00 -23.70 -1.38
C SER D 326 -45.99 -22.52 -1.27
N ILE D 327 -47.20 -22.77 -0.78
CA ILE D 327 -48.21 -21.71 -0.61
C ILE D 327 -48.70 -21.69 0.82
N ARG D 328 -48.48 -20.56 1.47
CA ARG D 328 -48.74 -20.35 2.89
C ARG D 328 -49.98 -19.45 2.98
N ILE D 329 -50.88 -19.78 3.91
CA ILE D 329 -51.95 -18.89 4.34
C ILE D 329 -51.50 -18.32 5.70
N PRO D 330 -51.23 -17.01 5.78
CA PRO D 330 -50.74 -16.43 7.03
C PRO D 330 -51.75 -16.51 8.16
N ARG D 331 -51.22 -16.52 9.37
CA ARG D 331 -52.01 -16.78 10.59
C ARG D 331 -53.16 -15.80 10.65
N GLY D 332 -52.80 -14.53 10.62
CA GLY D 332 -53.74 -13.40 10.67
C GLY D 332 -54.89 -13.48 9.69
N VAL D 333 -54.65 -14.05 8.50
CA VAL D 333 -55.73 -14.11 7.53
C VAL D 333 -56.61 -15.32 7.81
N ASN D 334 -56.05 -16.44 8.24
CA ASN D 334 -56.93 -17.57 8.59
C ASN D 334 -57.79 -17.21 9.80
N ASP D 335 -57.17 -16.48 10.74
CA ASP D 335 -57.84 -15.90 11.91
C ASP D 335 -58.98 -14.92 11.53
N ASP D 336 -58.73 -14.06 10.54
CA ASP D 336 -59.64 -12.97 10.23
C ASP D 336 -60.77 -13.40 9.35
N GLY D 337 -60.63 -14.60 8.78
CA GLY D 337 -61.55 -15.11 7.77
C GLY D 337 -61.48 -14.43 6.41
N LYS D 338 -60.44 -13.62 6.21
CA LYS D 338 -60.22 -12.96 4.94
C LYS D 338 -58.80 -12.40 4.77
N GLY D 339 -58.46 -12.08 3.53
CA GLY D 339 -57.18 -11.41 3.19
C GLY D 339 -56.59 -12.00 1.90
N TYR D 340 -55.42 -12.62 2.01
CA TYR D 340 -54.61 -13.03 0.86
C TYR D 340 -53.84 -14.31 1.14
N PHE D 341 -53.31 -14.97 0.11
CA PHE D 341 -52.34 -16.07 0.29
C PHE D 341 -50.92 -15.68 -0.18
N GLU D 342 -49.90 -16.41 0.27
CA GLU D 342 -48.54 -16.11 -0.06
C GLU D 342 -48.01 -17.22 -0.96
N ASP D 343 -47.63 -16.89 -2.20
CA ASP D 343 -46.97 -17.88 -3.07
C ASP D 343 -45.43 -17.81 -2.89
N ARG D 344 -44.81 -18.86 -2.35
CA ARG D 344 -43.40 -18.83 -1.92
C ARG D 344 -42.52 -19.46 -2.97
N ARG D 345 -43.11 -19.83 -4.09
CA ARG D 345 -42.34 -20.49 -5.12
C ARG D 345 -41.48 -19.56 -5.98
N PRO D 346 -41.95 -18.35 -6.30
CA PRO D 346 -41.14 -17.58 -7.27
C PRO D 346 -39.76 -17.17 -6.78
N SER D 347 -38.78 -17.37 -7.64
CA SER D 347 -37.42 -17.06 -7.30
C SER D 347 -37.21 -15.57 -7.53
N SER D 348 -36.17 -15.08 -6.86
CA SER D 348 -35.81 -13.69 -6.95
C SER D 348 -35.59 -13.17 -8.34
N ASN D 349 -35.20 -14.02 -9.30
CA ASN D 349 -35.03 -13.49 -10.66
C ASN D 349 -36.26 -13.69 -11.56
N CYS D 350 -37.42 -13.99 -10.97
CA CYS D 350 -38.65 -14.27 -11.74
C CYS D 350 -39.03 -13.04 -12.56
N ASP D 351 -39.77 -13.22 -13.67
CA ASP D 351 -40.41 -12.09 -14.38
C ASP D 351 -41.82 -11.95 -13.72
N PRO D 352 -42.16 -10.80 -13.11
CA PRO D 352 -43.45 -10.71 -12.48
C PRO D 352 -44.64 -10.81 -13.46
N TYR D 353 -44.41 -10.50 -14.72
CA TYR D 353 -45.50 -10.66 -15.69
C TYR D 353 -45.83 -12.13 -15.83
N SER D 354 -44.83 -13.00 -15.90
CA SER D 354 -45.10 -14.46 -15.99
C SER D 354 -45.72 -15.07 -14.76
N VAL D 355 -45.32 -14.54 -13.61
CA VAL D 355 -45.87 -15.02 -12.35
C VAL D 355 -47.37 -14.66 -12.26
N VAL D 356 -47.67 -13.38 -12.46
CA VAL D 356 -49.03 -12.88 -12.44
C VAL D 356 -49.91 -13.67 -13.41
N GLU D 357 -49.44 -13.79 -14.63
CA GLU D 357 -50.20 -14.44 -15.67
C GLU D 357 -50.50 -15.83 -15.24
N ALA D 358 -49.48 -16.56 -14.81
CA ALA D 358 -49.72 -17.99 -14.46
C ALA D 358 -50.73 -18.16 -13.29
N ILE D 359 -50.67 -17.26 -12.31
CA ILE D 359 -51.55 -17.39 -11.15
C ILE D 359 -53.00 -17.02 -11.54
N LEU D 360 -53.12 -15.98 -12.34
CA LEU D 360 -54.43 -15.57 -12.91
C LEU D 360 -55.11 -16.61 -13.78
N ARG D 361 -54.37 -17.20 -14.70
CA ARG D 361 -54.86 -18.34 -15.49
C ARG D 361 -55.47 -19.43 -14.61
N THR D 362 -54.81 -19.74 -13.49
CA THR D 362 -55.23 -20.91 -12.69
C THR D 362 -56.31 -20.63 -11.67
N ILE D 363 -56.27 -19.49 -11.02
CA ILE D 363 -57.26 -19.23 -10.03
C ILE D 363 -58.46 -18.40 -10.49
N CYS D 364 -58.37 -17.74 -11.63
CA CYS D 364 -59.43 -16.85 -12.15
C CYS D 364 -60.04 -17.43 -13.45
N LEU D 365 -59.17 -17.85 -14.35
CA LEU D 365 -59.59 -18.73 -15.44
C LEU D 365 -59.66 -20.15 -14.85
N ALA E 1 -5.43 -0.38 -5.28
CA ALA E 1 -6.01 0.83 -5.91
C ALA E 1 -5.22 1.12 -7.17
N ARG E 2 -5.84 0.99 -8.34
CA ARG E 2 -5.19 1.41 -9.56
C ARG E 2 -6.00 2.40 -10.39
N ILE E 3 -7.31 2.24 -10.43
CA ILE E 3 -8.15 3.10 -11.22
C ILE E 3 -7.93 4.55 -10.91
N LEU E 4 -7.55 5.32 -11.91
CA LEU E 4 -7.25 6.76 -11.71
C LEU E 4 -6.10 7.13 -10.73
N GLU E 5 -5.36 6.15 -10.27
CA GLU E 5 -4.27 6.41 -9.31
C GLU E 5 -3.22 7.40 -9.84
N ASP E 6 -2.86 7.35 -11.11
CA ASP E 6 -1.88 8.30 -11.61
C ASP E 6 -2.46 9.44 -12.33
N SER E 7 -3.77 9.65 -12.27
CA SER E 7 -4.32 10.85 -12.90
C SER E 7 -4.26 12.07 -12.01
N PRO E 8 -3.49 13.10 -12.39
CA PRO E 8 -3.26 14.23 -11.48
C PRO E 8 -4.55 14.88 -11.05
N ASN E 9 -5.42 15.10 -12.04
CA ASN E 9 -6.64 15.78 -11.74
C ASN E 9 -7.51 14.96 -10.84
N ALA E 10 -7.46 13.65 -10.92
CA ALA E 10 -8.26 12.85 -9.98
C ALA E 10 -7.72 12.83 -8.55
N ARG E 11 -6.50 13.30 -8.34
CA ARG E 11 -5.87 13.17 -7.06
C ARG E 11 -5.83 14.51 -6.35
N ILE E 12 -6.41 15.53 -6.97
CA ILE E 12 -6.47 16.88 -6.40
C ILE E 12 -7.85 17.06 -5.76
N ASN E 13 -7.90 17.73 -4.63
CA ASN E 13 -9.17 17.98 -4.00
C ASN E 13 -10.22 18.69 -4.92
N LYS E 14 -11.47 18.24 -4.83
CA LYS E 14 -12.56 18.76 -5.66
C LYS E 14 -13.64 19.65 -4.98
N THR E 15 -13.65 19.73 -3.66
CA THR E 15 -14.65 20.50 -2.96
C THR E 15 -14.26 21.95 -2.69
N ILE E 16 -12.98 22.23 -2.71
CA ILE E 16 -12.54 23.60 -2.41
C ILE E 16 -13.03 24.62 -3.44
N LEU E 17 -12.97 24.25 -4.71
CA LEU E 17 -13.42 25.14 -5.75
C LEU E 17 -14.76 25.82 -5.44
N ASP E 18 -15.75 25.09 -4.91
CA ASP E 18 -17.13 25.64 -4.67
C ASP E 18 -17.08 26.92 -3.82
N ARG E 19 -16.21 26.96 -2.82
CA ARG E 19 -15.97 28.22 -2.09
C ARG E 19 -15.72 29.41 -3.02
N TYR E 20 -14.89 29.20 -4.05
CA TYR E 20 -14.47 30.31 -4.88
C TYR E 20 -15.49 30.64 -5.95
N LEU E 21 -16.11 29.59 -6.49
CA LEU E 21 -17.19 29.70 -7.45
C LEU E 21 -18.34 30.59 -6.96
N SER E 22 -18.70 30.48 -5.71
CA SER E 22 -19.83 31.25 -5.22
C SER E 22 -19.48 32.71 -4.95
N LEU E 23 -18.23 33.11 -5.18
CA LEU E 23 -17.91 34.52 -4.99
C LEU E 23 -18.80 35.35 -5.93
N PRO E 24 -19.39 36.44 -5.40
CA PRO E 24 -20.29 37.26 -6.23
C PRO E 24 -19.50 38.39 -6.90
N LEU E 25 -19.63 38.53 -8.21
CA LEU E 25 -18.94 39.60 -8.89
C LEU E 25 -19.88 40.70 -9.29
N GLN E 26 -19.36 41.92 -9.31
CA GLN E 26 -20.05 43.06 -9.89
C GLN E 26 -20.47 42.77 -11.33
N GLU E 27 -21.58 43.37 -11.73
CA GLU E 27 -22.04 43.22 -13.08
C GLU E 27 -21.31 44.20 -14.01
N ASN E 28 -21.02 43.75 -15.23
CA ASN E 28 -20.11 44.37 -16.20
C ASN E 28 -19.06 43.33 -16.53
N ILE E 29 -18.66 42.57 -15.51
CA ILE E 29 -17.61 41.58 -15.62
C ILE E 29 -18.11 40.27 -16.18
N VAL E 30 -17.61 39.93 -17.37
CA VAL E 30 -17.93 38.69 -18.07
C VAL E 30 -16.63 37.97 -18.42
N GLN E 31 -16.62 36.66 -18.15
CA GLN E 31 -15.49 35.81 -18.43
C GLN E 31 -15.84 35.06 -19.68
N ALA E 32 -14.98 35.21 -20.69
CA ALA E 32 -15.20 34.54 -21.94
C ALA E 32 -14.09 33.50 -22.27
N THR E 33 -14.49 32.25 -22.51
CA THR E 33 -13.55 31.22 -22.92
C THR E 33 -13.64 31.07 -24.44
N TYR E 34 -12.57 31.39 -25.15
CA TYR E 34 -12.48 31.09 -26.56
C TYR E 34 -11.97 29.67 -26.81
N VAL E 35 -12.55 28.99 -27.79
CA VAL E 35 -12.28 27.59 -28.09
C VAL E 35 -11.98 27.51 -29.57
N TRP E 36 -10.94 26.75 -29.92
CA TRP E 36 -10.62 26.54 -31.31
C TRP E 36 -10.02 25.17 -31.57
N ILE E 37 -9.98 24.83 -32.84
CA ILE E 37 -9.46 23.59 -33.29
C ILE E 37 -7.99 23.82 -33.62
N ASP E 38 -7.15 22.84 -33.28
CA ASP E 38 -5.73 23.00 -33.44
C ASP E 38 -5.22 22.35 -34.73
N GLY E 39 -3.91 22.27 -34.88
CA GLY E 39 -3.34 21.83 -36.16
C GLY E 39 -3.53 20.36 -36.41
N THR E 40 -3.97 19.58 -35.41
CA THR E 40 -4.26 18.18 -35.66
C THR E 40 -5.59 18.03 -36.41
N GLY E 41 -6.42 19.05 -36.33
CA GLY E 41 -7.82 18.96 -36.81
C GLY E 41 -8.77 18.08 -36.00
N GLU E 42 -8.29 17.62 -34.83
CA GLU E 42 -9.06 16.77 -33.95
C GLU E 42 -9.21 17.39 -32.56
N ASP E 43 -8.11 17.91 -32.00
CA ASP E 43 -8.04 18.33 -30.62
C ASP E 43 -8.47 19.78 -30.50
N LEU E 44 -9.00 20.14 -29.35
CA LEU E 44 -9.39 21.48 -29.03
C LEU E 44 -8.40 22.15 -28.16
N ARG E 45 -8.50 23.49 -28.10
CA ARG E 45 -7.66 24.36 -27.27
C ARG E 45 -8.54 25.49 -26.84
N CYS E 46 -8.16 26.18 -25.78
CA CYS E 46 -8.96 27.20 -25.18
C CYS E 46 -8.20 28.14 -24.26
N LYS E 47 -8.74 29.34 -24.04
CA LYS E 47 -8.17 30.26 -23.07
C LYS E 47 -9.16 31.31 -22.80
N ASP E 48 -8.97 32.05 -21.73
CA ASP E 48 -9.96 32.93 -21.13
C ASP E 48 -9.57 34.36 -21.20
N ARG E 49 -10.55 35.26 -21.27
CA ARG E 49 -10.33 36.69 -21.05
C ARG E 49 -11.54 37.29 -20.44
N THR E 50 -11.33 38.41 -19.77
CA THR E 50 -12.33 39.15 -19.06
C THR E 50 -12.88 40.29 -19.95
N LEU E 51 -14.20 40.43 -20.02
CA LEU E 51 -14.83 41.48 -20.84
C LEU E 51 -15.55 42.37 -19.91
N ASP E 52 -15.73 43.63 -20.31
CA ASP E 52 -16.47 44.61 -19.52
C ASP E 52 -17.90 44.87 -20.05
N PHE E 53 -18.42 43.97 -20.88
CA PHE E 53 -19.79 44.06 -21.36
C PHE E 53 -20.33 42.67 -21.59
N ILE E 54 -21.65 42.59 -21.77
CA ILE E 54 -22.37 41.36 -22.13
C ILE E 54 -22.66 41.27 -23.61
N PRO E 55 -21.88 40.49 -24.36
CA PRO E 55 -22.14 40.45 -25.78
C PRO E 55 -23.48 39.84 -26.10
N GLN E 56 -24.01 40.30 -27.22
CA GLN E 56 -25.34 39.96 -27.63
C GLN E 56 -25.29 38.98 -28.82
N SER E 57 -24.26 39.13 -29.67
CA SER E 57 -23.98 38.18 -30.75
C SER E 57 -22.44 38.00 -30.87
N PRO E 58 -21.98 37.02 -31.70
CA PRO E 58 -20.53 36.77 -31.99
C PRO E 58 -19.79 37.97 -32.56
N LYS E 59 -20.52 38.80 -33.27
CA LYS E 59 -19.98 39.96 -33.96
C LYS E 59 -19.47 40.97 -32.97
N GLU E 60 -20.10 41.03 -31.78
CA GLU E 60 -19.73 41.97 -30.75
C GLU E 60 -18.45 41.58 -30.00
N LEU E 61 -17.87 40.43 -30.33
CA LEU E 61 -16.70 39.98 -29.57
C LEU E 61 -15.39 40.23 -30.28
N PRO E 62 -14.36 40.53 -29.50
CA PRO E 62 -13.06 40.82 -30.06
C PRO E 62 -12.41 39.63 -30.71
N VAL E 63 -11.85 39.91 -31.86
CA VAL E 63 -10.98 39.03 -32.56
C VAL E 63 -9.78 38.87 -31.64
N TRP E 64 -9.23 37.67 -31.63
CA TRP E 64 -8.15 37.39 -30.72
C TRP E 64 -7.13 36.52 -31.46
N ASN E 65 -6.12 36.10 -30.75
CA ASN E 65 -5.00 35.40 -31.39
C ASN E 65 -4.33 34.47 -30.43
N TYR E 66 -3.60 33.55 -31.01
CA TYR E 66 -2.73 32.71 -30.24
C TYR E 66 -1.49 32.44 -31.03
N ASP E 67 -0.56 31.72 -30.39
CA ASP E 67 0.64 31.27 -31.03
C ASP E 67 0.48 29.95 -31.67
N GLY E 68 0.34 29.97 -32.97
CA GLY E 68 0.17 28.76 -33.74
C GLY E 68 1.36 27.85 -33.73
N SER E 69 2.54 28.38 -33.45
CA SER E 69 3.73 27.49 -33.34
C SER E 69 3.61 26.54 -32.13
N SER E 70 2.77 26.94 -31.18
CA SER E 70 2.42 26.06 -30.05
C SER E 70 1.19 25.16 -30.19
N CYS E 71 0.56 25.13 -31.39
CA CYS E 71 -0.62 24.32 -31.74
C CYS E 71 -0.50 23.48 -32.98
N TYR E 72 0.72 23.22 -33.40
CA TYR E 72 1.00 22.49 -34.62
C TYR E 72 0.48 23.26 -35.85
N GLN E 73 0.46 24.60 -35.73
CA GLN E 73 0.06 25.44 -36.84
C GLN E 73 1.17 26.46 -37.08
N ALA E 74 2.41 25.99 -37.11
CA ALA E 74 3.57 26.88 -37.34
C ALA E 74 3.55 27.46 -38.77
N GLU E 75 3.97 28.72 -38.85
CA GLU E 75 4.14 29.46 -40.10
C GLU E 75 5.39 30.36 -39.95
N GLY E 76 6.54 29.73 -39.69
CA GLY E 76 7.82 30.41 -39.50
C GLY E 76 7.85 31.52 -38.44
N SER E 77 8.17 32.72 -38.87
CA SER E 77 8.24 33.90 -38.02
C SER E 77 6.88 34.57 -37.86
N ASN E 78 5.94 34.18 -38.70
CA ASN E 78 4.61 34.76 -38.68
C ASN E 78 3.67 33.72 -38.08
N SER E 79 3.95 33.29 -36.84
CA SER E 79 3.18 32.22 -36.24
C SER E 79 1.86 32.66 -35.52
N ASP E 80 1.71 33.96 -35.29
CA ASP E 80 0.49 34.49 -34.72
C ASP E 80 -0.69 34.11 -35.62
N THR E 81 -1.69 33.53 -34.96
CA THR E 81 -2.90 33.02 -35.56
C THR E 81 -4.09 33.68 -34.93
N TYR E 82 -5.10 33.86 -35.75
CA TYR E 82 -6.22 34.68 -35.40
C TYR E 82 -7.49 33.88 -35.12
N LEU E 83 -8.19 34.31 -34.06
CA LEU E 83 -9.39 33.67 -33.58
C LEU E 83 -10.59 34.52 -33.90
N TYR E 84 -11.47 34.04 -34.80
CA TYR E 84 -12.72 34.73 -35.09
C TYR E 84 -13.90 34.03 -34.43
N PRO E 85 -14.62 34.75 -33.58
CA PRO E 85 -15.76 34.19 -32.95
C PRO E 85 -16.86 33.90 -33.96
N VAL E 86 -17.45 32.72 -33.87
CA VAL E 86 -18.55 32.32 -34.73
C VAL E 86 -19.79 31.89 -33.98
N ALA E 87 -19.70 31.65 -32.67
CA ALA E 87 -20.86 31.18 -31.92
C ALA E 87 -20.62 31.38 -30.43
N ILE E 88 -21.66 31.81 -29.74
CA ILE E 88 -21.64 32.00 -28.31
C ILE E 88 -22.62 31.01 -27.63
N TYR E 89 -22.26 30.60 -26.42
CA TYR E 89 -23.00 29.62 -25.66
C TYR E 89 -22.85 30.07 -24.26
N LYS E 90 -23.79 29.66 -23.44
CA LYS E 90 -23.73 29.99 -22.01
C LYS E 90 -22.70 29.06 -21.33
N ASP E 91 -22.02 29.57 -20.31
CA ASP E 91 -20.90 28.84 -19.70
C ASP E 91 -21.43 28.08 -18.49
N PRO E 92 -21.50 26.76 -18.58
CA PRO E 92 -22.04 25.93 -17.49
C PRO E 92 -21.13 25.76 -16.30
N PHE E 93 -19.86 26.13 -16.44
CA PHE E 93 -18.91 25.99 -15.36
C PHE E 93 -18.98 27.23 -14.50
N ARG E 94 -19.16 28.37 -15.12
CA ARG E 94 -19.11 29.66 -14.41
C ARG E 94 -20.48 30.33 -14.25
N ARG E 95 -21.44 29.95 -15.09
CA ARG E 95 -22.82 30.45 -15.02
C ARG E 95 -22.85 31.98 -15.11
N GLY E 96 -23.98 32.57 -14.75
CA GLY E 96 -24.20 34.01 -14.86
C GLY E 96 -24.21 34.46 -16.31
N ASN E 97 -23.48 35.54 -16.61
CA ASN E 97 -23.29 36.02 -18.00
C ASN E 97 -22.01 35.56 -18.69
N ASN E 98 -21.31 34.65 -18.05
CA ASN E 98 -20.08 34.13 -18.57
C ASN E 98 -20.38 33.28 -19.79
N ILE E 99 -19.45 33.28 -20.73
CA ILE E 99 -19.72 32.64 -21.97
C ILE E 99 -18.59 31.81 -22.50
N LEU E 100 -18.96 30.85 -23.34
CA LEU E 100 -18.04 30.12 -24.17
C LEU E 100 -18.18 30.54 -25.62
N VAL E 101 -17.06 30.65 -26.30
CA VAL E 101 -17.02 31.13 -27.67
C VAL E 101 -16.32 30.16 -28.57
N MET E 102 -17.04 29.64 -29.55
CA MET E 102 -16.45 28.84 -30.61
C MET E 102 -15.88 29.77 -31.66
N CYS E 103 -14.67 29.46 -32.16
CA CYS E 103 -13.97 30.28 -33.15
C CYS E 103 -13.60 29.48 -34.36
N ASP E 104 -13.23 30.21 -35.40
CA ASP E 104 -12.52 29.57 -36.48
C ASP E 104 -11.24 30.37 -36.64
N THR E 105 -10.24 29.80 -37.32
CA THR E 105 -8.92 30.36 -37.18
C THR E 105 -8.31 30.80 -38.51
N TYR E 106 -7.55 31.90 -38.47
CA TYR E 106 -6.97 32.44 -39.69
C TYR E 106 -5.49 32.68 -39.50
N LYS E 107 -4.71 32.48 -40.56
CA LYS E 107 -3.31 32.91 -40.59
C LYS E 107 -3.13 34.43 -40.52
N PHE E 108 -1.90 34.84 -40.25
CA PHE E 108 -1.55 36.26 -40.08
C PHE E 108 -1.97 37.16 -41.25
N ASP E 109 -1.94 36.58 -42.45
CA ASP E 109 -2.39 37.23 -43.70
C ASP E 109 -3.92 37.20 -44.02
N GLY E 110 -4.74 36.64 -43.13
CA GLY E 110 -6.20 36.61 -43.35
C GLY E 110 -6.78 35.38 -44.05
N THR E 111 -5.93 34.49 -44.58
CA THR E 111 -6.39 33.24 -45.14
C THR E 111 -6.74 32.26 -43.97
N PRO E 112 -7.63 31.29 -44.25
CA PRO E 112 -7.91 30.25 -43.25
C PRO E 112 -6.71 29.34 -43.05
N THR E 113 -6.61 28.78 -41.82
CA THR E 113 -5.62 27.76 -41.53
C THR E 113 -6.03 26.48 -42.18
N ASP E 114 -5.08 25.55 -42.27
CA ASP E 114 -5.29 24.26 -42.89
C ASP E 114 -6.50 23.53 -42.21
N THR E 115 -6.62 23.66 -40.88
CA THR E 115 -7.69 22.96 -40.13
C THR E 115 -8.93 23.81 -39.88
N ASN E 116 -9.02 25.00 -40.47
CA ASN E 116 -10.29 25.70 -40.50
C ASN E 116 -11.16 25.19 -41.67
N LYS E 117 -12.13 24.30 -41.37
CA LYS E 117 -12.95 23.70 -42.43
C LYS E 117 -14.28 24.41 -42.60
N ARG E 118 -14.50 25.36 -41.69
CA ARG E 118 -15.74 26.12 -41.58
C ARG E 118 -15.97 27.24 -42.60
N LYS E 119 -14.92 27.80 -43.16
CA LYS E 119 -15.06 28.93 -44.07
C LYS E 119 -15.70 28.40 -45.34
N THR E 120 -15.13 27.34 -45.84
CA THR E 120 -15.58 26.69 -47.03
C THR E 120 -16.98 26.00 -46.83
N CYS E 121 -17.30 25.56 -45.61
CA CYS E 121 -18.56 24.92 -45.33
C CYS E 121 -19.61 25.97 -45.22
N LEU E 122 -19.28 27.08 -44.60
CA LEU E 122 -20.21 28.18 -44.50
C LEU E 122 -20.65 28.67 -45.88
N GLU E 123 -19.71 28.78 -46.81
CA GLU E 123 -19.99 29.20 -48.21
C GLU E 123 -21.04 28.33 -48.84
N VAL E 124 -20.80 27.02 -48.77
CA VAL E 124 -21.69 26.04 -49.35
C VAL E 124 -23.03 25.98 -48.64
N ALA E 125 -23.02 26.05 -47.32
CA ALA E 125 -24.25 26.07 -46.55
C ALA E 125 -25.09 27.24 -46.97
N ASN E 126 -24.46 28.36 -47.29
CA ASN E 126 -25.19 29.56 -47.65
C ASN E 126 -25.88 29.50 -49.00
N LYS E 127 -25.23 28.86 -49.98
CA LYS E 127 -25.85 28.57 -51.27
C LYS E 127 -27.04 27.61 -51.20
N CYS E 128 -27.08 26.78 -50.15
CA CYS E 128 -28.10 25.74 -50.01
C CYS E 128 -29.21 26.07 -49.06
N ALA E 129 -29.21 27.27 -48.50
CA ALA E 129 -30.15 27.64 -47.42
C ALA E 129 -31.64 27.31 -47.61
N ALA E 130 -32.20 27.74 -48.73
CA ALA E 130 -33.61 27.51 -49.07
C ALA E 130 -34.06 26.03 -48.95
N GLU E 131 -33.16 25.08 -49.17
CA GLU E 131 -33.48 23.67 -48.94
C GLU E 131 -33.51 23.30 -47.45
N GLU E 132 -33.37 24.30 -46.59
CA GLU E 132 -33.34 24.23 -45.12
C GLU E 132 -32.81 22.91 -44.49
N PRO E 133 -31.57 22.55 -44.83
CA PRO E 133 -31.04 21.26 -44.44
C PRO E 133 -30.80 21.18 -42.92
N TRP E 134 -31.08 20.01 -42.38
CA TRP E 134 -31.04 19.74 -40.96
C TRP E 134 -30.13 18.55 -40.73
N PHE E 135 -29.28 18.64 -39.71
CA PHE E 135 -28.28 17.58 -39.44
C PHE E 135 -28.34 17.12 -38.00
N GLY E 136 -28.21 15.80 -37.80
CA GLY E 136 -27.99 15.26 -36.45
C GLY E 136 -26.75 14.37 -36.50
N ILE E 137 -25.96 14.36 -35.43
CA ILE E 137 -24.76 13.53 -35.41
C ILE E 137 -24.68 12.71 -34.15
N GLU E 138 -24.46 11.42 -34.31
CA GLU E 138 -24.33 10.50 -33.16
C GLU E 138 -22.85 10.29 -32.78
N GLN E 139 -22.37 11.06 -31.82
CA GLN E 139 -20.96 11.08 -31.48
C GLN E 139 -20.61 10.03 -30.49
N GLU E 140 -19.85 9.03 -30.93
CA GLU E 140 -19.31 7.99 -30.07
C GLU E 140 -17.96 8.39 -29.53
N TYR E 141 -17.70 7.98 -28.30
CA TYR E 141 -16.46 8.27 -27.62
C TYR E 141 -16.22 7.25 -26.54
N THR E 142 -15.01 7.23 -26.00
CA THR E 142 -14.61 6.22 -25.05
C THR E 142 -13.80 6.84 -23.93
N PHE E 143 -14.02 6.38 -22.70
CA PHE E 143 -13.38 6.95 -21.53
C PHE E 143 -12.12 6.12 -21.33
N LEU E 144 -11.01 6.80 -21.12
CA LEU E 144 -9.75 6.15 -20.80
C LEU E 144 -9.23 6.64 -19.45
N ASP E 145 -8.56 5.73 -18.76
CA ASP E 145 -7.73 6.10 -17.61
C ASP E 145 -6.47 6.86 -18.12
N PHE E 146 -5.70 7.41 -17.16
CA PHE E 146 -4.51 8.20 -17.51
C PHE E 146 -3.47 7.48 -18.35
N ASP E 147 -3.34 6.17 -18.17
CA ASP E 147 -2.38 5.35 -18.88
C ASP E 147 -2.83 4.95 -20.26
N GLY E 148 -4.00 5.44 -20.68
CA GLY E 148 -4.49 5.15 -22.02
C GLY E 148 -5.29 3.88 -22.14
N HIS E 149 -5.34 3.08 -21.09
CA HIS E 149 -6.19 1.85 -21.14
C HIS E 149 -7.66 2.27 -20.84
N PRO E 150 -8.63 1.57 -21.42
CA PRO E 150 -9.98 2.09 -21.24
C PRO E 150 -10.43 2.03 -19.81
N LEU E 151 -11.18 3.03 -19.40
CA LEU E 151 -11.48 3.20 -18.02
C LEU E 151 -12.15 1.98 -17.38
N GLY E 152 -11.64 1.64 -16.20
CA GLY E 152 -12.11 0.49 -15.45
C GLY E 152 -11.73 -0.89 -15.98
N TRP E 153 -11.09 -0.99 -17.16
CA TRP E 153 -10.72 -2.29 -17.73
C TRP E 153 -9.60 -2.78 -16.86
N PRO E 154 -9.51 -4.07 -16.65
CA PRO E 154 -8.42 -4.65 -15.91
C PRO E 154 -7.07 -4.32 -16.53
N LYS E 155 -6.12 -3.96 -15.70
CA LYS E 155 -4.78 -3.58 -16.20
C LYS E 155 -4.11 -4.78 -16.84
N ASN E 156 -3.51 -4.53 -18.02
CA ASN E 156 -2.88 -5.52 -18.85
C ASN E 156 -3.81 -6.57 -19.39
N GLY E 157 -5.09 -6.25 -19.52
CA GLY E 157 -6.00 -7.21 -20.08
C GLY E 157 -7.38 -6.63 -20.39
N PHE E 158 -8.36 -7.51 -20.37
CA PHE E 158 -9.68 -7.27 -20.96
C PHE E 158 -10.77 -7.57 -19.98
N PRO E 159 -11.88 -6.83 -20.01
CA PRO E 159 -13.06 -7.34 -19.29
C PRO E 159 -13.79 -8.47 -20.07
N GLY E 160 -14.90 -8.90 -19.55
CA GLY E 160 -15.74 -9.83 -20.30
C GLY E 160 -16.07 -9.41 -21.73
N PRO E 161 -16.31 -10.40 -22.60
CA PRO E 161 -16.68 -10.08 -23.99
C PRO E 161 -17.95 -9.19 -24.13
N GLN E 162 -18.07 -8.61 -25.31
CA GLN E 162 -19.19 -7.77 -25.67
C GLN E 162 -20.57 -8.45 -25.45
N GLY E 163 -21.58 -7.62 -25.16
CA GLY E 163 -22.99 -8.10 -24.98
C GLY E 163 -23.76 -7.46 -23.81
N PRO E 164 -23.16 -7.44 -22.60
CA PRO E 164 -23.74 -6.84 -21.41
C PRO E 164 -23.73 -5.32 -21.31
N TYR E 165 -22.92 -4.64 -22.12
CA TYR E 165 -22.59 -3.27 -21.85
C TYR E 165 -23.47 -2.26 -22.58
N TYR E 166 -24.00 -2.63 -23.73
CA TYR E 166 -24.81 -1.69 -24.54
C TYR E 166 -26.01 -1.28 -23.74
N CYS E 167 -26.25 0.01 -23.67
CA CYS E 167 -27.37 0.51 -22.95
C CYS E 167 -27.41 -0.07 -21.55
N GLY E 168 -26.26 -0.34 -20.96
CA GLY E 168 -26.27 -1.12 -19.71
C GLY E 168 -26.72 -0.37 -18.48
N VAL E 169 -27.01 -1.14 -17.45
CA VAL E 169 -27.21 -0.53 -16.13
C VAL E 169 -26.62 -1.42 -15.03
N GLY E 170 -25.84 -0.77 -14.15
CA GLY E 170 -25.18 -1.51 -13.08
C GLY E 170 -23.70 -1.23 -13.01
N ALA E 171 -23.17 -1.37 -11.82
CA ALA E 171 -21.79 -1.06 -11.57
C ALA E 171 -20.82 -1.85 -12.43
N ASN E 172 -21.20 -3.05 -12.85
CA ASN E 172 -20.36 -3.88 -13.72
C ASN E 172 -20.76 -3.88 -15.19
N LYS E 173 -21.61 -2.91 -15.58
CA LYS E 173 -22.04 -2.79 -16.95
C LYS E 173 -21.56 -1.53 -17.59
N VAL E 174 -21.60 -0.41 -16.89
CA VAL E 174 -21.26 0.84 -17.50
C VAL E 174 -20.51 1.69 -16.52
N TYR E 175 -19.54 2.43 -17.02
CA TYR E 175 -18.69 3.24 -16.14
C TYR E 175 -18.76 4.72 -16.38
N ALA E 176 -18.66 5.47 -15.30
CA ALA E 176 -18.66 6.92 -15.29
C ALA E 176 -19.87 7.64 -15.93
N ARG E 177 -21.06 7.14 -15.62
CA ARG E 177 -22.27 7.77 -16.06
C ARG E 177 -22.41 9.21 -15.54
N ASP E 178 -21.90 9.49 -14.35
CA ASP E 178 -21.85 10.82 -13.84
C ASP E 178 -21.27 11.81 -14.88
N ILE E 179 -20.21 11.44 -15.58
CA ILE E 179 -19.68 12.38 -16.58
C ILE E 179 -20.74 12.57 -17.67
N VAL E 180 -21.35 11.49 -18.10
CA VAL E 180 -22.37 11.50 -19.18
C VAL E 180 -23.58 12.39 -18.85
N ASP E 181 -24.08 12.24 -17.64
CA ASP E 181 -25.20 13.04 -17.15
C ASP E 181 -24.80 14.48 -17.00
N ALA E 182 -23.60 14.71 -16.45
CA ALA E 182 -23.13 16.08 -16.28
C ALA E 182 -22.98 16.74 -17.65
N HIS E 183 -22.41 16.04 -18.61
CA HIS E 183 -22.28 16.59 -19.93
C HIS E 183 -23.63 16.88 -20.65
N TYR E 184 -24.60 15.97 -20.54
CA TYR E 184 -25.91 16.12 -21.19
C TYR E 184 -26.50 17.46 -20.64
N ARG E 185 -26.58 17.57 -19.34
CA ARG E 185 -27.08 18.79 -18.77
C ARG E 185 -26.30 20.05 -19.12
N ALA E 186 -24.98 19.98 -19.10
CA ALA E 186 -24.17 21.15 -19.42
C ALA E 186 -24.45 21.61 -20.84
N CYS E 187 -24.51 20.68 -21.78
CA CYS E 187 -24.79 21.04 -23.14
C CYS E 187 -26.15 21.74 -23.25
N LEU E 188 -27.19 21.13 -22.63
CA LEU E 188 -28.53 21.73 -22.67
C LEU E 188 -28.55 23.19 -22.13
N TYR E 189 -27.87 23.41 -21.02
CA TYR E 189 -27.69 24.70 -20.47
C TYR E 189 -26.95 25.63 -21.36
N ALA E 190 -25.95 25.09 -22.06
CA ALA E 190 -25.15 25.89 -22.93
C ALA E 190 -25.93 26.33 -24.20
N GLY E 191 -27.03 25.64 -24.50
CA GLY E 191 -27.78 25.90 -25.69
C GLY E 191 -27.50 24.95 -26.81
N ILE E 192 -26.77 23.88 -26.55
CA ILE E 192 -26.56 22.82 -27.52
C ILE E 192 -27.72 21.84 -27.45
N LYS E 193 -28.24 21.48 -28.61
CA LYS E 193 -29.38 20.62 -28.72
C LYS E 193 -28.97 19.14 -28.65
N VAL E 194 -28.54 18.70 -27.48
CA VAL E 194 -28.34 17.27 -27.27
C VAL E 194 -29.69 16.57 -27.20
N SER E 195 -29.90 15.61 -28.08
CA SER E 195 -31.19 14.98 -28.21
C SER E 195 -31.23 13.60 -27.57
N GLY E 196 -30.08 13.08 -27.17
CA GLY E 196 -30.04 11.82 -26.40
C GLY E 196 -28.64 11.30 -26.00
N THR E 197 -28.61 10.23 -25.24
CA THR E 197 -27.35 9.50 -24.94
C THR E 197 -27.62 8.04 -24.73
N ASN E 198 -26.64 7.23 -25.05
CA ASN E 198 -26.61 5.84 -24.66
C ASN E 198 -25.18 5.24 -24.46
N ALA E 199 -25.11 4.21 -23.62
CA ALA E 199 -23.94 3.43 -23.40
C ALA E 199 -23.77 2.52 -24.57
N GLU E 200 -22.52 2.38 -25.00
CA GLU E 200 -22.23 1.69 -26.20
C GLU E 200 -21.69 0.30 -25.94
N VAL E 201 -21.30 -0.37 -27.00
CA VAL E 201 -21.12 -1.83 -27.02
C VAL E 201 -19.93 -2.23 -26.19
N MET E 202 -18.93 -1.37 -26.28
CA MET E 202 -17.66 -1.53 -25.61
C MET E 202 -17.84 -0.97 -24.20
N PRO E 203 -17.49 -1.74 -23.21
CA PRO E 203 -17.52 -1.11 -21.88
C PRO E 203 -16.56 0.15 -21.74
N ALA E 204 -16.97 1.12 -20.94
CA ALA E 204 -16.45 2.49 -21.03
C ALA E 204 -16.78 3.26 -22.33
N GLN E 205 -17.48 2.68 -23.28
CA GLN E 205 -17.84 3.40 -24.52
C GLN E 205 -19.29 3.96 -24.43
N TRP E 206 -19.45 5.20 -24.88
CA TRP E 206 -20.71 5.94 -24.85
C TRP E 206 -20.98 6.78 -26.15
N GLU E 207 -22.18 7.36 -26.21
CA GLU E 207 -22.62 8.17 -27.34
C GLU E 207 -23.49 9.31 -26.85
N PHE E 208 -23.31 10.50 -27.39
CA PHE E 208 -24.35 11.48 -27.29
C PHE E 208 -24.75 11.91 -28.71
N GLN E 209 -26.05 12.25 -28.84
CA GLN E 209 -26.62 12.73 -30.10
C GLN E 209 -26.85 14.22 -30.04
N VAL E 210 -26.47 14.91 -31.09
CA VAL E 210 -26.75 16.32 -31.19
C VAL E 210 -27.61 16.52 -32.44
N GLY E 211 -28.64 17.34 -32.27
CA GLY E 211 -29.44 17.79 -33.40
C GLY E 211 -30.90 17.66 -33.06
N PRO E 212 -31.79 17.96 -34.01
CA PRO E 212 -31.44 18.46 -35.34
C PRO E 212 -31.07 19.93 -35.32
N CYS E 213 -30.09 20.29 -36.14
CA CYS E 213 -29.55 21.66 -36.16
C CYS E 213 -29.53 22.19 -37.57
N GLU E 214 -29.79 23.48 -37.71
CA GLU E 214 -29.88 24.12 -39.01
C GLU E 214 -28.51 24.28 -39.67
N GLY E 215 -28.29 23.68 -40.82
CA GLY E 215 -27.06 23.88 -41.61
C GLY E 215 -25.75 23.88 -40.81
N ILE E 216 -25.00 24.98 -40.92
CA ILE E 216 -23.65 25.11 -40.34
C ILE E 216 -23.64 24.93 -38.82
N SER E 217 -24.77 25.21 -38.18
CA SER E 217 -24.93 25.07 -36.75
C SER E 217 -24.50 23.72 -36.17
N ILE E 218 -24.67 22.65 -36.91
CA ILE E 218 -24.35 21.33 -36.37
C ILE E 218 -22.83 21.28 -36.03
N GLY E 219 -22.04 22.00 -36.81
CA GLY E 219 -20.60 21.96 -36.69
C GLY E 219 -20.17 22.74 -35.48
N ASP E 220 -20.71 23.92 -35.29
CA ASP E 220 -20.36 24.74 -34.13
C ASP E 220 -20.78 24.05 -32.85
N ASP E 221 -21.97 23.51 -32.90
CA ASP E 221 -22.56 22.85 -31.78
C ASP E 221 -21.81 21.55 -31.38
N LEU E 222 -21.53 20.68 -32.32
CA LEU E 222 -20.82 19.49 -32.01
C LEU E 222 -19.37 19.79 -31.52
N TRP E 223 -18.69 20.74 -32.15
CA TRP E 223 -17.36 21.12 -31.65
C TRP E 223 -17.46 21.59 -30.22
N MET E 224 -18.46 22.38 -29.88
CA MET E 224 -18.54 22.93 -28.57
C MET E 224 -18.90 21.81 -27.61
N ALA E 225 -19.69 20.86 -28.07
CA ALA E 225 -20.09 19.73 -27.24
C ALA E 225 -18.91 18.84 -26.92
N ARG E 226 -18.08 18.59 -27.93
CA ARG E 226 -16.81 17.87 -27.75
C ARG E 226 -15.92 18.56 -26.73
N PHE E 227 -15.82 19.87 -26.85
CA PHE E 227 -15.14 20.62 -25.88
C PHE E 227 -15.67 20.35 -24.47
N LEU E 228 -16.98 20.43 -24.32
CA LEU E 228 -17.58 20.26 -23.01
C LEU E 228 -17.29 18.88 -22.44
N LEU E 229 -17.24 17.89 -23.29
CA LEU E 229 -16.97 16.54 -22.82
C LEU E 229 -15.52 16.39 -22.28
N HIS E 230 -14.55 16.84 -23.05
CA HIS E 230 -13.14 16.91 -22.65
C HIS E 230 -12.94 17.67 -21.36
N ARG E 231 -13.60 18.80 -21.29
CA ARG E 231 -13.40 19.72 -20.18
C ARG E 231 -14.10 19.26 -18.88
N ILE E 232 -15.26 18.63 -19.00
CA ILE E 232 -15.92 18.02 -17.84
C ILE E 232 -15.15 16.79 -17.37
N SER E 233 -14.85 15.88 -18.30
CA SER E 233 -13.99 14.73 -18.05
C SER E 233 -12.71 15.07 -17.29
N GLU E 234 -12.09 16.16 -17.72
CA GLU E 234 -10.85 16.59 -17.18
C GLU E 234 -10.96 16.73 -15.65
N GLU E 235 -12.06 17.27 -15.18
CA GLU E 235 -12.22 17.50 -13.76
C GLU E 235 -12.22 16.16 -13.04
N PHE E 236 -12.61 15.07 -13.69
CA PHE E 236 -12.68 13.78 -13.04
C PHE E 236 -11.34 13.07 -13.13
N GLY E 237 -10.43 13.65 -13.88
CA GLY E 237 -9.21 12.95 -14.18
C GLY E 237 -9.35 11.95 -15.28
N ILE E 238 -10.44 12.02 -16.05
CA ILE E 238 -10.67 10.95 -17.02
C ILE E 238 -10.47 11.48 -18.45
N VAL E 239 -9.82 10.70 -19.31
CA VAL E 239 -9.61 11.11 -20.69
C VAL E 239 -10.84 10.68 -21.54
N SER E 240 -11.37 11.56 -22.39
CA SER E 240 -12.39 11.15 -23.40
C SER E 240 -11.71 11.10 -24.73
N THR E 241 -11.72 9.99 -25.42
CA THR E 241 -11.11 10.01 -26.72
C THR E 241 -12.19 9.80 -27.84
N LEU E 242 -12.00 10.50 -28.94
CA LEU E 242 -12.81 10.41 -30.16
C LEU E 242 -12.07 9.59 -31.23
N ASP E 243 -10.98 8.96 -30.85
CA ASP E 243 -10.29 8.06 -31.77
C ASP E 243 -11.23 6.93 -32.19
N PRO E 244 -11.29 6.61 -33.51
CA PRO E 244 -12.20 5.61 -33.99
C PRO E 244 -11.88 4.20 -33.62
N LYS E 245 -10.72 3.88 -33.13
CA LYS E 245 -10.45 2.48 -32.79
C LYS E 245 -9.57 2.53 -31.53
N PRO E 246 -10.19 2.88 -30.39
CA PRO E 246 -9.44 3.10 -29.19
C PRO E 246 -9.00 1.82 -28.48
N MET E 247 -9.44 0.67 -28.99
CA MET E 247 -8.79 -0.65 -28.71
C MET E 247 -8.94 -1.56 -29.97
N PRO E 248 -7.83 -2.22 -30.40
CA PRO E 248 -7.85 -3.11 -31.61
C PRO E 248 -8.44 -4.54 -31.51
N GLY E 249 -8.91 -5.01 -32.68
CA GLY E 249 -9.48 -6.34 -32.85
C GLY E 249 -10.98 -6.28 -32.72
N ASP E 250 -11.52 -7.29 -32.04
CA ASP E 250 -12.97 -7.48 -31.78
C ASP E 250 -13.53 -6.62 -30.63
N TRP E 251 -13.28 -5.31 -30.72
CA TRP E 251 -13.84 -4.32 -29.82
C TRP E 251 -14.30 -3.23 -30.75
N ASN E 252 -15.59 -2.88 -30.58
CA ASN E 252 -16.27 -1.83 -31.35
C ASN E 252 -15.57 -0.51 -31.44
N GLY E 253 -15.20 -0.15 -32.67
CA GLY E 253 -14.64 1.15 -32.85
C GLY E 253 -15.77 2.16 -32.77
N ALA E 254 -15.50 3.36 -33.28
CA ALA E 254 -16.39 4.46 -33.05
C ALA E 254 -16.76 5.18 -34.36
N GLY E 255 -18.01 5.64 -34.38
CA GLY E 255 -18.61 6.29 -35.51
C GLY E 255 -19.12 7.63 -35.06
N ALA E 256 -19.43 8.46 -36.05
CA ALA E 256 -20.20 9.68 -35.85
C ALA E 256 -21.27 9.72 -36.96
N HIS E 257 -22.25 8.82 -36.83
CA HIS E 257 -23.32 8.67 -37.81
C HIS E 257 -24.10 9.95 -37.93
N THR E 258 -24.28 10.37 -39.17
CA THR E 258 -24.88 11.63 -39.47
C THR E 258 -26.26 11.49 -40.13
N ASN E 259 -27.24 12.08 -39.48
CA ASN E 259 -28.59 12.12 -39.98
C ASN E 259 -28.87 13.40 -40.71
N VAL E 260 -29.45 13.26 -41.89
CA VAL E 260 -29.63 14.36 -42.81
C VAL E 260 -31.05 14.47 -43.34
N SER E 261 -31.59 15.66 -43.34
CA SER E 261 -32.78 15.91 -44.15
C SER E 261 -32.76 17.32 -44.71
N THR E 262 -33.43 17.48 -45.86
CA THR E 262 -33.88 18.77 -46.36
C THR E 262 -35.39 18.92 -46.21
N LYS E 263 -35.83 20.16 -46.38
CA LYS E 263 -37.25 20.59 -46.33
C LYS E 263 -38.16 19.74 -47.21
N ALA E 264 -37.72 19.51 -48.44
CA ALA E 264 -38.34 18.54 -49.33
C ALA E 264 -38.56 17.22 -48.61
N MET E 265 -37.48 16.69 -48.03
CA MET E 265 -37.52 15.40 -47.33
C MET E 265 -38.41 15.31 -46.09
N ARG E 266 -38.61 16.40 -45.36
CA ARG E 266 -39.48 16.44 -44.17
C ARG E 266 -41.01 16.64 -44.46
N GLU E 267 -41.35 17.12 -45.66
CA GLU E 267 -42.75 17.25 -46.10
C GLU E 267 -43.29 15.93 -46.67
N ASP E 268 -44.61 15.79 -46.64
CA ASP E 268 -45.26 14.56 -47.15
C ASP E 268 -44.72 14.22 -48.54
N GLY E 269 -44.43 12.95 -48.77
CA GLY E 269 -43.83 12.51 -50.03
C GLY E 269 -42.32 12.69 -50.13
N GLY E 270 -41.70 13.10 -49.03
CA GLY E 270 -40.26 13.36 -48.99
C GLY E 270 -39.40 12.16 -49.37
N ILE E 271 -39.89 10.95 -49.11
CA ILE E 271 -39.14 9.73 -49.38
C ILE E 271 -38.61 9.67 -50.80
N ARG E 272 -39.29 10.32 -51.75
CA ARG E 272 -38.80 10.40 -53.11
C ARG E 272 -37.48 11.17 -53.08
N ASP E 273 -37.50 12.33 -52.43
CA ASP E 273 -36.33 13.19 -52.35
C ASP E 273 -35.20 12.50 -51.57
N ILE E 274 -35.55 11.88 -50.44
CA ILE E 274 -34.60 11.06 -49.72
C ILE E 274 -33.99 9.99 -50.63
N GLU E 275 -34.79 9.38 -51.50
CA GLU E 275 -34.35 8.26 -52.34
C GLU E 275 -33.31 8.68 -53.35
N LYS E 276 -33.53 9.88 -53.88
CA LYS E 276 -32.66 10.48 -54.87
C LYS E 276 -31.33 10.88 -54.24
N ALA E 277 -31.39 11.65 -53.16
CA ALA E 277 -30.20 11.95 -52.35
C ALA E 277 -29.32 10.70 -52.07
N VAL E 278 -29.91 9.61 -51.62
CA VAL E 278 -29.16 8.38 -51.44
C VAL E 278 -28.50 7.90 -52.73
N ALA E 279 -29.24 8.04 -53.84
CA ALA E 279 -28.74 7.69 -55.17
C ALA E 279 -27.46 8.45 -55.49
N LYS E 280 -27.48 9.76 -55.36
CA LYS E 280 -26.31 10.59 -55.66
C LYS E 280 -25.12 10.23 -54.78
N LEU E 281 -25.37 9.93 -53.49
CA LEU E 281 -24.28 9.65 -52.55
C LEU E 281 -23.58 8.35 -52.90
N SER E 282 -24.28 7.45 -53.60
CA SER E 282 -23.75 6.15 -54.06
C SER E 282 -22.71 6.20 -55.23
N LYS E 283 -22.70 7.29 -55.99
CA LYS E 283 -21.76 7.46 -57.11
C LYS E 283 -20.51 8.29 -56.76
N CYS E 284 -20.45 8.81 -55.54
CA CYS E 284 -19.24 9.48 -55.05
C CYS E 284 -18.92 9.04 -53.60
N HIS E 285 -18.64 7.76 -53.45
CA HIS E 285 -18.30 7.18 -52.14
C HIS E 285 -16.94 7.65 -51.62
N GLU E 286 -15.91 7.58 -52.47
CA GLU E 286 -14.50 7.81 -52.06
C GLU E 286 -14.23 9.25 -51.57
N ARG E 287 -14.84 10.22 -52.25
CA ARG E 287 -14.68 11.64 -51.92
C ARG E 287 -15.18 11.92 -50.50
N HIS E 288 -16.22 11.19 -50.09
CA HIS E 288 -16.86 11.39 -48.79
C HIS E 288 -16.05 10.81 -47.64
N ILE E 289 -15.57 9.58 -47.81
CA ILE E 289 -14.55 8.97 -46.92
C ILE E 289 -13.32 9.86 -46.67
N ARG E 290 -12.87 10.57 -47.70
CA ARG E 290 -11.72 11.48 -47.63
C ARG E 290 -12.03 12.72 -46.75
N ALA E 291 -13.24 13.25 -46.88
CA ALA E 291 -13.73 14.33 -46.00
C ALA E 291 -14.25 13.85 -44.62
N TYR E 292 -14.16 12.53 -44.36
CA TYR E 292 -14.91 11.89 -43.24
C TYR E 292 -14.02 11.45 -42.08
N ASP E 293 -12.84 12.05 -42.10
CA ASP E 293 -11.75 11.81 -41.17
C ASP E 293 -10.66 12.84 -41.52
N PRO E 294 -10.12 13.55 -40.51
CA PRO E 294 -9.26 14.69 -40.81
C PRO E 294 -7.81 14.36 -41.28
N LYS E 295 -7.48 13.08 -41.45
CA LYS E 295 -6.25 12.65 -42.10
C LYS E 295 -6.51 11.93 -43.46
N GLN E 296 -7.52 12.42 -44.20
CA GLN E 296 -7.83 12.00 -45.59
C GLN E 296 -8.36 10.55 -45.79
N GLY E 297 -8.94 9.95 -44.73
CA GLY E 297 -9.49 8.59 -44.80
C GLY E 297 -8.48 7.49 -44.46
N GLN E 298 -7.74 7.68 -43.37
CA GLN E 298 -6.72 6.72 -42.88
C GLN E 298 -7.02 6.19 -41.45
N ASP E 299 -7.51 7.04 -40.56
CA ASP E 299 -8.11 6.62 -39.27
C ASP E 299 -9.49 5.97 -39.49
N ASN E 300 -10.14 6.30 -40.62
CA ASN E 300 -11.32 5.58 -41.14
C ASN E 300 -11.03 4.08 -41.42
N ALA E 301 -9.79 3.75 -41.80
CA ALA E 301 -9.39 2.39 -42.22
C ALA E 301 -9.13 1.37 -41.08
N ARG E 302 -8.84 1.86 -39.87
CA ARG E 302 -8.70 1.01 -38.67
C ARG E 302 -10.06 0.56 -38.09
N ARG E 303 -11.13 1.27 -38.46
CA ARG E 303 -12.53 0.90 -38.10
C ARG E 303 -13.32 0.26 -39.28
N LEU E 304 -13.58 1.05 -40.32
CA LEU E 304 -14.42 0.64 -41.44
C LEU E 304 -13.80 -0.53 -42.25
N THR E 305 -13.97 -1.74 -41.73
CA THR E 305 -13.44 -2.96 -42.37
C THR E 305 -14.54 -3.78 -43.05
N GLY E 306 -15.75 -3.73 -42.48
CA GLY E 306 -16.89 -4.56 -42.94
C GLY E 306 -17.29 -5.61 -41.91
N LYS E 307 -17.24 -5.22 -40.64
CA LYS E 307 -17.61 -6.08 -39.50
C LYS E 307 -17.75 -5.20 -38.24
N HIS E 308 -18.58 -5.64 -37.29
CA HIS E 308 -19.16 -4.82 -36.18
C HIS E 308 -20.17 -3.78 -36.74
N GLU E 309 -21.29 -4.29 -37.26
CA GLU E 309 -22.41 -3.48 -37.83
C GLU E 309 -21.95 -2.14 -38.43
N THR E 310 -21.24 -2.19 -39.56
CA THR E 310 -20.68 -0.97 -40.16
C THR E 310 -20.51 -1.04 -41.69
N SER E 311 -20.19 0.11 -42.26
CA SER E 311 -19.81 0.24 -43.68
C SER E 311 -18.46 -0.47 -43.94
N SER E 312 -18.14 -0.66 -45.22
CA SER E 312 -16.80 -1.12 -45.61
C SER E 312 -16.04 0.07 -46.20
N ILE E 313 -14.72 0.12 -45.99
CA ILE E 313 -13.88 1.26 -46.39
C ILE E 313 -13.83 1.45 -47.92
N ASN E 314 -13.75 0.34 -48.65
CA ASN E 314 -13.77 0.34 -50.12
C ASN E 314 -15.21 0.24 -50.67
N ASP E 315 -16.09 -0.48 -49.96
CA ASP E 315 -17.44 -0.85 -50.45
C ASP E 315 -18.60 0.10 -50.03
N PHE E 316 -19.36 0.59 -51.02
CA PHE E 316 -20.62 1.32 -50.81
C PHE E 316 -21.86 0.41 -50.95
N SER E 317 -22.56 0.18 -49.84
CA SER E 317 -23.89 -0.44 -49.91
C SER E 317 -24.89 0.46 -49.19
N ALA E 318 -26.10 0.53 -49.73
CA ALA E 318 -27.21 1.18 -49.04
C ALA E 318 -28.31 0.15 -48.82
N GLY E 319 -29.28 0.50 -48.01
CA GLY E 319 -30.40 -0.40 -47.76
C GLY E 319 -31.41 0.14 -46.78
N VAL E 320 -32.60 -0.46 -46.82
CA VAL E 320 -33.69 -0.08 -45.91
C VAL E 320 -33.48 -0.72 -44.52
N ALA E 321 -33.36 0.12 -43.48
CA ALA E 321 -33.03 -0.31 -42.09
C ALA E 321 -31.94 -1.42 -42.00
N ASN E 322 -30.74 -1.08 -42.48
CA ASN E 322 -29.64 -2.04 -42.66
C ASN E 322 -28.31 -1.42 -42.13
N ARG E 323 -27.78 -2.06 -41.08
CA ARG E 323 -26.64 -1.52 -40.31
C ARG E 323 -25.27 -1.96 -40.86
N GLY E 324 -25.22 -3.06 -41.61
CA GLY E 324 -24.04 -3.41 -42.41
C GLY E 324 -23.94 -2.57 -43.69
N CYS E 325 -24.34 -1.29 -43.60
CA CYS E 325 -24.42 -0.38 -44.76
C CYS E 325 -23.78 0.98 -44.54
N SER E 326 -23.57 1.65 -45.67
CA SER E 326 -23.02 2.98 -45.71
C SER E 326 -24.14 3.95 -45.45
N ILE E 327 -25.13 3.98 -46.33
CA ILE E 327 -26.24 4.92 -46.20
C ILE E 327 -27.54 4.17 -45.97
N ARG E 328 -28.23 4.52 -44.89
CA ARG E 328 -29.41 3.78 -44.43
C ARG E 328 -30.64 4.68 -44.38
N ILE E 329 -31.77 4.16 -44.88
CA ILE E 329 -33.09 4.77 -44.61
C ILE E 329 -33.78 4.00 -43.46
N PRO E 330 -34.13 4.69 -42.36
CA PRO E 330 -34.78 4.01 -41.24
C PRO E 330 -36.17 3.50 -41.58
N ARG E 331 -36.55 2.37 -40.98
CA ARG E 331 -37.83 1.72 -41.27
C ARG E 331 -38.97 2.78 -41.10
N GLY E 332 -39.03 3.40 -39.93
CA GLY E 332 -39.96 4.51 -39.64
C GLY E 332 -39.98 5.72 -40.61
N VAL E 333 -38.86 5.97 -41.29
CA VAL E 333 -38.86 6.98 -42.36
C VAL E 333 -39.56 6.39 -43.57
N ASN E 334 -39.26 5.15 -43.90
CA ASN E 334 -39.91 4.50 -45.01
C ASN E 334 -41.43 4.38 -44.75
N ASP E 335 -41.77 3.88 -43.58
CA ASP E 335 -43.17 3.69 -43.15
C ASP E 335 -43.93 5.02 -43.15
N ASP E 336 -43.30 6.11 -42.73
CA ASP E 336 -43.92 7.45 -42.82
C ASP E 336 -43.89 8.15 -44.19
N GLY E 337 -43.15 7.66 -45.18
CA GLY E 337 -43.03 8.34 -46.51
C GLY E 337 -42.31 9.70 -46.55
N LYS E 338 -41.64 10.06 -45.45
CA LYS E 338 -40.98 11.33 -45.24
C LYS E 338 -40.04 11.27 -44.01
N GLY E 339 -39.18 12.29 -43.86
CA GLY E 339 -38.21 12.39 -42.77
C GLY E 339 -36.76 12.67 -43.19
N TYR E 340 -35.87 11.74 -42.89
CA TYR E 340 -34.41 11.99 -42.95
C TYR E 340 -33.69 10.69 -43.30
N PHE E 341 -32.43 10.78 -43.74
CA PHE E 341 -31.60 9.56 -43.93
C PHE E 341 -30.31 9.57 -43.07
N GLU E 342 -29.73 8.38 -42.90
CA GLU E 342 -28.58 8.21 -42.04
C GLU E 342 -27.30 7.87 -42.81
N ASP E 343 -26.31 8.74 -42.70
CA ASP E 343 -24.96 8.45 -43.21
C ASP E 343 -24.09 7.88 -42.10
N ARG E 344 -23.73 6.62 -42.26
CA ARG E 344 -23.05 5.83 -41.27
C ARG E 344 -21.52 5.79 -41.44
N ARG E 345 -21.04 6.39 -42.51
CA ARG E 345 -19.64 6.36 -42.85
C ARG E 345 -18.68 7.14 -41.91
N PRO E 346 -19.06 8.35 -41.49
CA PRO E 346 -18.10 9.20 -40.82
C PRO E 346 -17.63 8.64 -39.50
N SER E 347 -16.37 8.87 -39.18
CA SER E 347 -15.78 8.32 -37.98
C SER E 347 -15.91 9.28 -36.87
N SER E 348 -15.75 8.75 -35.67
CA SER E 348 -15.87 9.53 -34.47
C SER E 348 -15.01 10.76 -34.40
N ASN E 349 -13.85 10.75 -35.07
CA ASN E 349 -13.01 11.92 -35.08
C ASN E 349 -13.15 12.84 -36.34
N CYS E 350 -14.25 12.70 -37.07
CA CYS E 350 -14.50 13.50 -38.30
C CYS E 350 -14.61 14.95 -37.91
N ASP E 351 -14.33 15.88 -38.84
CA ASP E 351 -14.68 17.27 -38.60
C ASP E 351 -16.08 17.47 -39.20
N PRO E 352 -17.08 17.87 -38.37
CA PRO E 352 -18.45 17.99 -38.83
C PRO E 352 -18.60 19.00 -39.97
N TYR E 353 -17.77 20.04 -39.97
CA TYR E 353 -17.82 21.01 -41.06
C TYR E 353 -17.53 20.31 -42.37
N SER E 354 -16.55 19.42 -42.37
CA SER E 354 -16.18 18.70 -43.58
C SER E 354 -17.26 17.74 -43.96
N VAL E 355 -17.94 17.15 -42.99
CA VAL E 355 -18.96 16.13 -43.31
C VAL E 355 -20.15 16.81 -43.97
N VAL E 356 -20.58 17.89 -43.35
CA VAL E 356 -21.66 18.71 -43.86
C VAL E 356 -21.41 19.18 -45.31
N GLU E 357 -20.24 19.77 -45.53
CA GLU E 357 -19.93 20.36 -46.82
C GLU E 357 -19.97 19.29 -47.89
N ALA E 358 -19.23 18.21 -47.69
CA ALA E 358 -19.29 17.10 -48.60
C ALA E 358 -20.75 16.69 -48.94
N ILE E 359 -21.63 16.78 -47.96
CA ILE E 359 -22.95 16.24 -48.16
C ILE E 359 -23.74 17.26 -48.98
N LEU E 360 -23.76 18.49 -48.52
CA LEU E 360 -24.50 19.53 -49.20
C LEU E 360 -24.02 19.74 -50.62
N ARG E 361 -22.75 19.43 -50.88
CA ARG E 361 -22.23 19.54 -52.25
C ARG E 361 -22.90 18.50 -53.12
N THR E 362 -22.95 17.28 -52.61
CA THR E 362 -23.41 16.17 -53.42
C THR E 362 -24.92 16.23 -53.69
N ILE E 363 -25.70 16.62 -52.69
CA ILE E 363 -27.14 16.50 -52.77
C ILE E 363 -27.93 17.82 -52.85
N CYS E 364 -27.24 18.94 -52.77
CA CYS E 364 -27.84 20.23 -53.13
C CYS E 364 -27.13 20.93 -54.32
N LEU E 365 -25.82 20.76 -54.45
CA LEU E 365 -25.04 21.35 -55.56
C LEU E 365 -24.41 20.31 -56.53
N ALA F 1 -2.05 -7.00 1.82
CA ALA F 1 -1.01 -8.05 2.05
C ALA F 1 -0.90 -8.45 3.54
N ARG F 2 -2.01 -8.90 4.13
CA ARG F 2 -2.16 -9.00 5.60
C ARG F 2 -1.42 -10.16 6.28
N ILE F 3 -1.21 -11.29 5.62
CA ILE F 3 -0.75 -12.48 6.32
C ILE F 3 0.68 -12.34 6.90
N LEU F 4 0.81 -12.52 8.22
CA LEU F 4 2.06 -12.26 8.98
C LEU F 4 2.63 -10.87 8.86
N GLU F 5 1.80 -9.92 8.42
CA GLU F 5 2.23 -8.54 8.24
C GLU F 5 2.66 -7.89 9.55
N ASP F 6 2.06 -8.26 10.67
CA ASP F 6 2.37 -7.63 11.98
C ASP F 6 3.29 -8.45 12.84
N SER F 7 3.73 -9.60 12.33
CA SER F 7 4.55 -10.51 13.10
C SER F 7 6.01 -10.10 12.96
N PRO F 8 6.59 -9.56 14.03
CA PRO F 8 8.00 -9.10 14.02
C PRO F 8 9.00 -10.08 13.50
N ASN F 9 8.96 -11.32 13.95
CA ASN F 9 9.94 -12.29 13.43
C ASN F 9 9.77 -12.60 11.96
N ALA F 10 8.59 -12.40 11.39
CA ALA F 10 8.45 -12.65 9.94
C ALA F 10 9.00 -11.50 9.12
N ARG F 11 9.10 -10.31 9.68
CA ARG F 11 9.66 -9.14 8.96
C ARG F 11 11.17 -8.94 9.11
N ILE F 12 11.79 -9.72 9.96
CA ILE F 12 13.23 -9.69 10.11
C ILE F 12 13.89 -10.62 9.09
N ASN F 13 14.95 -10.12 8.50
CA ASN F 13 15.72 -10.97 7.62
C ASN F 13 16.10 -12.38 8.18
N LYS F 14 16.05 -13.40 7.33
CA LYS F 14 16.28 -14.78 7.73
C LYS F 14 17.50 -15.46 7.10
N THR F 15 18.18 -14.79 6.18
CA THR F 15 19.37 -15.37 5.51
C THR F 15 20.71 -15.02 6.20
N ILE F 16 20.76 -13.92 6.91
CA ILE F 16 22.02 -13.43 7.53
C ILE F 16 22.51 -14.38 8.62
N LEU F 17 21.60 -14.98 9.37
CA LEU F 17 22.01 -15.89 10.40
C LEU F 17 22.98 -16.95 9.91
N ASP F 18 22.82 -17.43 8.68
CA ASP F 18 23.72 -18.46 8.13
C ASP F 18 25.21 -18.07 8.23
N ARG F 19 25.53 -16.85 7.75
CA ARG F 19 26.88 -16.26 7.91
C ARG F 19 27.48 -16.68 9.24
N TYR F 20 26.71 -16.56 10.32
CA TYR F 20 27.28 -16.70 11.67
C TYR F 20 27.24 -18.11 12.24
N LEU F 21 26.23 -18.90 11.94
CA LEU F 21 26.14 -20.22 12.60
C LEU F 21 27.11 -21.28 11.97
N SER F 22 27.80 -20.89 10.91
CA SER F 22 28.88 -21.67 10.30
C SER F 22 30.28 -21.30 10.84
N LEU F 23 30.37 -20.35 11.75
CA LEU F 23 31.64 -19.98 12.35
C LEU F 23 32.14 -21.17 13.13
N PRO F 24 33.41 -21.59 12.90
CA PRO F 24 33.89 -22.79 13.60
C PRO F 24 34.24 -22.47 15.00
N LEU F 25 34.05 -23.42 15.90
CA LEU F 25 34.39 -23.16 17.30
C LEU F 25 35.53 -24.00 17.90
N GLN F 26 36.42 -23.25 18.52
CA GLN F 26 37.79 -23.63 18.75
C GLN F 26 37.80 -24.19 20.15
N GLU F 27 38.41 -25.37 20.30
CA GLU F 27 38.26 -26.18 21.52
C GLU F 27 36.81 -26.68 21.51
N ASN F 28 36.45 -27.42 22.57
CA ASN F 28 35.06 -27.92 22.79
C ASN F 28 34.23 -27.15 23.84
N ILE F 29 33.90 -25.96 23.35
CA ILE F 29 32.87 -25.07 23.79
C ILE F 29 31.48 -25.67 23.48
N VAL F 30 30.66 -25.83 24.50
CA VAL F 30 29.34 -26.38 24.32
C VAL F 30 28.32 -25.36 24.79
N GLN F 31 27.31 -25.18 23.96
CA GLN F 31 26.18 -24.29 24.30
C GLN F 31 25.00 -25.14 24.72
N ALA F 32 24.49 -24.87 25.92
CA ALA F 32 23.40 -25.62 26.50
C ALA F 32 22.16 -24.74 26.74
N THR F 33 21.05 -25.14 26.12
CA THR F 33 19.78 -24.50 26.35
C THR F 33 18.99 -25.37 27.33
N TYR F 34 18.66 -24.74 28.46
CA TYR F 34 17.79 -25.32 29.46
C TYR F 34 16.33 -24.85 29.19
N VAL F 35 15.41 -25.79 29.29
CA VAL F 35 14.01 -25.62 28.95
C VAL F 35 13.20 -26.03 30.20
N TRP F 36 12.27 -25.19 30.66
CA TRP F 36 11.38 -25.61 31.73
C TRP F 36 9.95 -25.20 31.47
N ILE F 37 9.04 -25.74 32.28
CA ILE F 37 7.62 -25.42 32.30
C ILE F 37 7.34 -24.32 33.31
N ASP F 38 6.59 -23.31 32.90
CA ASP F 38 6.41 -22.19 33.78
C ASP F 38 5.22 -22.38 34.72
N GLY F 39 4.87 -21.31 35.42
CA GLY F 39 3.76 -21.33 36.38
C GLY F 39 2.36 -21.54 35.83
N THR F 40 2.15 -21.34 34.53
CA THR F 40 0.86 -21.69 33.94
C THR F 40 0.68 -23.20 33.79
N GLY F 41 1.78 -23.95 33.82
CA GLY F 41 1.70 -25.37 33.59
C GLY F 41 1.56 -25.80 32.13
N GLU F 42 1.49 -24.82 31.23
CA GLU F 42 1.28 -25.04 29.79
C GLU F 42 2.42 -24.48 28.93
N ASP F 43 2.96 -23.33 29.33
CA ASP F 43 4.01 -22.65 28.53
C ASP F 43 5.44 -23.03 28.96
N LEU F 44 6.36 -22.97 28.00
CA LEU F 44 7.75 -23.25 28.18
C LEU F 44 8.58 -21.96 28.28
N ARG F 45 9.72 -22.06 28.96
CA ARG F 45 10.71 -21.01 29.01
C ARG F 45 12.05 -21.60 28.78
N CYS F 46 13.02 -20.78 28.40
CA CYS F 46 14.34 -21.26 28.09
C CYS F 46 15.38 -20.19 28.22
N LYS F 47 16.61 -20.62 28.46
CA LYS F 47 17.79 -19.73 28.33
C LYS F 47 19.02 -20.59 28.15
N ASP F 48 20.15 -19.94 27.86
CA ASP F 48 21.33 -20.54 27.29
C ASP F 48 22.51 -20.30 28.22
N ARG F 49 23.45 -21.24 28.22
CA ARG F 49 24.75 -21.09 28.92
C ARG F 49 25.87 -21.83 28.24
N THR F 50 27.07 -21.34 28.44
CA THR F 50 28.25 -21.92 27.80
C THR F 50 28.93 -22.90 28.76
N LEU F 51 29.10 -24.13 28.31
CA LEU F 51 29.87 -25.15 29.02
C LEU F 51 31.22 -25.40 28.35
N ASP F 52 32.20 -25.88 29.12
CA ASP F 52 33.53 -26.23 28.55
C ASP F 52 33.79 -27.72 28.52
N PHE F 53 32.73 -28.52 28.63
CA PHE F 53 32.86 -29.96 28.42
C PHE F 53 31.62 -30.47 27.75
N ILE F 54 31.74 -31.69 27.24
CA ILE F 54 30.68 -32.34 26.52
C ILE F 54 30.08 -33.28 27.51
N PRO F 55 28.84 -33.01 27.97
CA PRO F 55 28.21 -33.84 28.97
C PRO F 55 27.59 -35.04 28.34
N GLN F 56 27.54 -36.10 29.13
CA GLN F 56 27.02 -37.37 28.68
C GLN F 56 25.74 -37.77 29.33
N SER F 57 25.51 -37.34 30.55
CA SER F 57 24.25 -37.63 31.18
C SER F 57 23.69 -36.39 31.85
N PRO F 58 22.38 -36.35 32.08
CA PRO F 58 21.75 -35.23 32.77
C PRO F 58 22.40 -34.94 34.11
N LYS F 59 22.97 -35.99 34.70
CA LYS F 59 23.68 -35.92 36.01
C LYS F 59 24.89 -34.98 35.97
N GLU F 60 25.50 -34.83 34.80
CA GLU F 60 26.74 -34.06 34.66
C GLU F 60 26.51 -32.55 34.50
N LEU F 61 25.28 -32.19 34.17
CA LEU F 61 24.91 -30.81 34.00
C LEU F 61 24.70 -30.06 35.30
N PRO F 62 25.05 -28.77 35.30
CA PRO F 62 24.88 -28.06 36.53
C PRO F 62 23.42 -27.73 36.75
N VAL F 63 23.10 -27.71 38.03
CA VAL F 63 21.78 -27.33 38.45
C VAL F 63 21.79 -25.82 38.41
N TRP F 64 20.70 -25.28 37.87
CA TRP F 64 20.72 -23.88 37.53
C TRP F 64 19.57 -23.27 38.23
N ASN F 65 19.23 -22.06 37.86
CA ASN F 65 18.13 -21.36 38.50
C ASN F 65 17.61 -20.18 37.64
N TYR F 66 16.44 -19.67 38.02
CA TYR F 66 15.81 -18.54 37.38
C TYR F 66 14.96 -17.79 38.39
N ASP F 67 14.40 -16.67 37.99
CA ASP F 67 13.53 -15.85 38.88
C ASP F 67 12.08 -16.21 38.68
N GLY F 68 11.56 -16.99 39.60
CA GLY F 68 10.24 -17.51 39.48
C GLY F 68 9.15 -16.45 39.40
N SER F 69 9.43 -15.27 39.95
CA SER F 69 8.45 -14.20 39.95
C SER F 69 8.26 -13.56 38.57
N SER F 70 9.11 -13.93 37.62
CA SER F 70 8.92 -13.50 36.23
C SER F 70 8.32 -14.61 35.35
N CYS F 71 7.97 -15.74 35.97
CA CYS F 71 7.43 -16.95 35.31
C CYS F 71 6.13 -17.42 35.96
N TYR F 72 5.42 -16.55 36.65
CA TYR F 72 4.17 -16.89 37.36
C TYR F 72 4.37 -17.94 38.49
N GLN F 73 5.58 -17.95 39.05
CA GLN F 73 5.94 -18.86 40.10
C GLN F 73 6.52 -18.03 41.23
N ALA F 74 5.89 -16.91 41.51
CA ALA F 74 6.38 -16.02 42.56
C ALA F 74 6.18 -16.64 43.95
N GLU F 75 7.15 -16.39 44.81
CA GLU F 75 7.09 -16.75 46.24
C GLU F 75 7.33 -15.49 47.10
N GLY F 76 7.10 -14.32 46.48
CA GLY F 76 7.48 -13.02 47.06
C GLY F 76 9.00 -12.86 47.11
N SER F 77 9.53 -12.78 48.33
CA SER F 77 10.96 -12.92 48.57
C SER F 77 11.30 -14.40 48.34
N ASN F 78 12.57 -14.70 48.08
CA ASN F 78 12.99 -16.09 47.74
C ASN F 78 12.22 -16.67 46.58
N SER F 79 12.00 -15.88 45.53
CA SER F 79 11.47 -16.45 44.28
C SER F 79 12.50 -17.21 43.45
N ASP F 80 13.74 -17.35 43.91
CA ASP F 80 14.74 -18.06 43.08
C ASP F 80 14.31 -19.52 43.02
N THR F 81 14.32 -20.05 41.80
CA THR F 81 13.71 -21.32 41.50
C THR F 81 14.74 -22.09 40.79
N TYR F 82 14.76 -23.37 41.08
CA TYR F 82 15.87 -24.21 40.65
C TYR F 82 15.53 -25.18 39.50
N LEU F 83 16.46 -25.23 38.54
CA LEU F 83 16.38 -26.07 37.35
C LEU F 83 17.30 -27.27 37.52
N TYR F 84 16.71 -28.46 37.62
CA TYR F 84 17.44 -29.73 37.66
C TYR F 84 17.26 -30.44 36.32
N PRO F 85 18.38 -30.73 35.64
CA PRO F 85 18.33 -31.43 34.38
C PRO F 85 17.78 -32.83 34.55
N VAL F 86 16.91 -33.22 33.59
CA VAL F 86 16.35 -34.58 33.56
C VAL F 86 16.57 -35.28 32.27
N ALA F 87 16.86 -34.56 31.18
CA ALA F 87 17.07 -35.21 29.91
C ALA F 87 17.73 -34.22 28.95
N ILE F 88 18.63 -34.74 28.12
CA ILE F 88 19.53 -33.99 27.23
C ILE F 88 19.20 -34.38 25.81
N TYR F 89 19.27 -33.48 24.86
CA TYR F 89 18.95 -33.83 23.47
C TYR F 89 19.95 -33.12 22.61
N LYS F 90 20.28 -33.65 21.45
CA LYS F 90 21.07 -32.94 20.46
C LYS F 90 20.33 -31.70 20.03
N ASP F 91 21.04 -30.62 19.77
CA ASP F 91 20.44 -29.34 19.48
C ASP F 91 20.35 -29.15 17.95
N PRO F 92 19.13 -29.12 17.35
CA PRO F 92 19.01 -29.09 15.90
C PRO F 92 19.19 -27.71 15.29
N PHE F 93 19.27 -26.70 16.14
CA PHE F 93 19.49 -25.33 15.72
C PHE F 93 20.96 -25.03 15.60
N ARG F 94 21.77 -25.58 16.50
CA ARG F 94 23.19 -25.30 16.61
C ARG F 94 24.07 -26.45 16.26
N ARG F 95 23.53 -27.67 16.32
CA ARG F 95 24.23 -28.90 15.90
C ARG F 95 25.49 -29.10 16.71
N GLY F 96 26.43 -29.87 16.20
CA GLY F 96 27.67 -30.16 16.91
C GLY F 96 27.41 -30.87 18.25
N ASN F 97 28.06 -30.41 19.30
CA ASN F 97 27.91 -31.02 20.58
C ASN F 97 27.02 -30.13 21.42
N ASN F 98 26.33 -29.21 20.77
CA ASN F 98 25.42 -28.36 21.45
C ASN F 98 24.18 -29.17 21.89
N ILE F 99 23.55 -28.75 22.97
CA ILE F 99 22.50 -29.57 23.51
C ILE F 99 21.34 -28.73 23.99
N LEU F 100 20.23 -29.44 24.18
CA LEU F 100 19.04 -28.92 24.80
C LEU F 100 18.79 -29.74 26.04
N VAL F 101 18.31 -29.07 27.08
CA VAL F 101 18.16 -29.74 28.35
C VAL F 101 16.83 -29.59 28.94
N MET F 102 16.06 -30.68 29.05
CA MET F 102 14.79 -30.60 29.68
C MET F 102 15.01 -30.66 31.19
N CYS F 103 14.29 -29.83 31.96
CA CYS F 103 14.42 -29.79 33.40
C CYS F 103 13.09 -29.96 34.06
N ASP F 104 13.12 -30.26 35.36
CA ASP F 104 12.00 -30.05 36.27
C ASP F 104 12.44 -29.04 37.30
N THR F 105 11.50 -28.47 38.03
CA THR F 105 11.77 -27.25 38.75
C THR F 105 11.42 -27.36 40.24
N TYR F 106 12.22 -26.69 41.08
CA TYR F 106 12.10 -26.84 42.53
C TYR F 106 12.19 -25.50 43.21
N LYS F 107 11.48 -25.36 44.30
CA LYS F 107 11.48 -24.15 45.05
C LYS F 107 12.75 -24.05 45.81
N PHE F 108 12.96 -22.90 46.43
CA PHE F 108 14.22 -22.58 47.10
C PHE F 108 14.53 -23.56 48.25
N ASP F 109 13.49 -24.14 48.85
CA ASP F 109 13.58 -25.16 49.92
C ASP F 109 13.71 -26.64 49.47
N GLY F 110 14.02 -26.84 48.18
CA GLY F 110 14.17 -28.20 47.61
C GLY F 110 12.86 -28.93 47.32
N THR F 111 11.73 -28.29 47.64
CA THR F 111 10.45 -28.91 47.34
C THR F 111 9.97 -28.58 45.87
N PRO F 112 9.20 -29.49 45.22
CA PRO F 112 8.71 -29.21 43.83
C PRO F 112 7.83 -27.98 43.73
N THR F 113 7.96 -27.25 42.63
CA THR F 113 7.05 -26.14 42.32
C THR F 113 5.72 -26.77 42.00
N ASP F 114 4.66 -25.97 42.01
CA ASP F 114 3.28 -26.48 41.73
C ASP F 114 3.16 -27.07 40.33
N THR F 115 3.99 -26.62 39.38
CA THR F 115 3.84 -27.17 37.99
C THR F 115 4.85 -28.22 37.63
N ASN F 116 5.66 -28.62 38.65
CA ASN F 116 6.48 -29.82 38.52
C ASN F 116 5.59 -31.00 38.79
N LYS F 117 5.17 -31.69 37.73
CA LYS F 117 4.37 -32.90 37.83
C LYS F 117 5.25 -34.08 37.63
N ARG F 118 6.50 -33.89 37.20
CA ARG F 118 7.41 -35.04 36.99
C ARG F 118 7.79 -35.84 38.25
N LYS F 119 8.09 -35.13 39.36
CA LYS F 119 8.66 -35.78 40.57
C LYS F 119 7.84 -36.99 40.98
N THR F 120 6.60 -36.68 41.30
CA THR F 120 5.54 -37.61 41.64
C THR F 120 5.30 -38.65 40.53
N CYS F 121 5.26 -38.25 39.25
CA CYS F 121 5.16 -39.24 38.13
C CYS F 121 6.36 -40.21 38.02
N LEU F 122 7.60 -39.73 38.12
CA LEU F 122 8.78 -40.63 38.21
C LEU F 122 8.68 -41.71 39.34
N GLU F 123 8.20 -41.32 40.52
CA GLU F 123 7.96 -42.25 41.63
C GLU F 123 7.06 -43.40 41.21
N VAL F 124 5.91 -43.04 40.68
CA VAL F 124 4.95 -44.02 40.21
C VAL F 124 5.50 -44.88 39.07
N ALA F 125 6.18 -44.28 38.11
CA ALA F 125 6.67 -45.00 36.95
C ALA F 125 7.68 -46.03 37.38
N ASN F 126 8.50 -45.68 38.37
CA ASN F 126 9.54 -46.56 38.89
C ASN F 126 8.94 -47.77 39.61
N LYS F 127 7.95 -47.53 40.46
CA LYS F 127 7.15 -48.64 40.99
C LYS F 127 6.47 -49.53 39.96
N CYS F 128 6.32 -49.08 38.70
CA CYS F 128 5.65 -49.85 37.64
C CYS F 128 6.58 -50.41 36.56
N ALA F 129 7.88 -50.29 36.79
CA ALA F 129 8.87 -50.58 35.74
C ALA F 129 8.74 -51.97 35.19
N ALA F 130 8.46 -52.91 36.08
CA ALA F 130 8.37 -54.34 35.74
C ALA F 130 7.32 -54.62 34.70
N GLU F 131 6.27 -53.81 34.69
CA GLU F 131 5.25 -53.97 33.71
C GLU F 131 5.56 -53.34 32.35
N GLU F 132 6.73 -52.69 32.23
CA GLU F 132 7.26 -52.13 30.95
C GLU F 132 6.19 -51.31 30.20
N PRO F 133 5.62 -50.29 30.88
CA PRO F 133 4.60 -49.48 30.28
C PRO F 133 5.14 -48.58 29.16
N TRP F 134 4.40 -48.57 28.07
CA TRP F 134 4.74 -47.83 26.91
C TRP F 134 3.59 -46.87 26.60
N PHE F 135 3.94 -45.66 26.15
CA PHE F 135 3.01 -44.59 25.80
C PHE F 135 3.29 -43.96 24.45
N GLY F 136 2.21 -43.74 23.69
CA GLY F 136 2.27 -42.91 22.49
C GLY F 136 1.31 -41.75 22.66
N ILE F 137 1.77 -40.51 22.45
CA ILE F 137 0.87 -39.38 22.47
C ILE F 137 0.68 -38.74 21.11
N GLU F 138 -0.59 -38.52 20.78
CA GLU F 138 -0.95 -37.76 19.56
C GLU F 138 -1.20 -36.28 19.80
N GLN F 139 -0.15 -35.48 19.63
CA GLN F 139 -0.21 -34.02 19.90
C GLN F 139 -0.79 -33.16 18.79
N GLU F 140 -2.01 -32.71 18.97
CA GLU F 140 -2.69 -31.79 18.02
C GLU F 140 -2.32 -30.37 18.34
N TYR F 141 -2.30 -29.51 17.35
CA TYR F 141 -1.98 -28.08 17.58
C TYR F 141 -2.47 -27.31 16.40
N THR F 142 -2.53 -25.99 16.53
CA THR F 142 -2.97 -25.13 15.44
C THR F 142 -2.01 -23.97 15.22
N PHE F 143 -1.75 -23.57 13.99
CA PHE F 143 -0.93 -22.40 13.73
C PHE F 143 -1.83 -21.13 13.68
N LEU F 144 -1.38 -20.08 14.37
CA LEU F 144 -2.02 -18.79 14.38
C LEU F 144 -1.15 -17.71 13.81
N ASP F 145 -1.80 -16.69 13.28
CA ASP F 145 -1.08 -15.47 12.93
C ASP F 145 -0.88 -14.68 14.24
N PHE F 146 -0.10 -13.64 14.13
CA PHE F 146 0.29 -12.80 15.24
C PHE F 146 -0.91 -12.15 15.92
N ASP F 147 -1.98 -11.87 15.16
CA ASP F 147 -3.19 -11.34 15.73
C ASP F 147 -4.03 -12.40 16.49
N GLY F 148 -3.65 -13.67 16.53
CA GLY F 148 -4.48 -14.70 17.17
C GLY F 148 -5.47 -15.44 16.28
N HIS F 149 -5.64 -15.00 15.06
CA HIS F 149 -6.54 -15.67 14.12
C HIS F 149 -5.79 -16.85 13.56
N PRO F 150 -6.48 -17.95 13.29
CA PRO F 150 -5.71 -19.01 12.64
C PRO F 150 -5.06 -18.63 11.34
N LEU F 151 -3.91 -19.27 11.14
CA LEU F 151 -3.02 -18.89 10.11
C LEU F 151 -3.65 -19.12 8.72
N GLY F 152 -3.53 -18.11 7.89
CA GLY F 152 -4.11 -18.10 6.63
C GLY F 152 -5.63 -17.98 6.52
N TRP F 153 -6.39 -18.08 7.62
CA TRP F 153 -7.83 -17.82 7.56
C TRP F 153 -8.05 -16.38 7.14
N PRO F 154 -9.12 -16.09 6.39
CA PRO F 154 -9.51 -14.70 6.08
C PRO F 154 -9.73 -13.89 7.31
N LYS F 155 -9.21 -12.67 7.32
CA LYS F 155 -9.37 -11.83 8.48
C LYS F 155 -10.83 -11.52 8.71
N ASN F 156 -11.20 -11.49 9.98
CA ASN F 156 -12.58 -11.24 10.40
C ASN F 156 -13.49 -12.28 9.83
N GLY F 157 -12.97 -13.44 9.48
CA GLY F 157 -13.87 -14.44 8.92
C GLY F 157 -13.35 -15.86 8.91
N PHE F 158 -14.03 -16.70 8.12
CA PHE F 158 -13.88 -18.16 8.13
C PHE F 158 -13.55 -18.62 6.72
N PRO F 159 -12.72 -19.68 6.61
CA PRO F 159 -12.45 -20.24 5.28
C PRO F 159 -13.61 -21.19 5.04
N GLY F 160 -13.70 -21.84 3.89
CA GLY F 160 -14.70 -22.92 3.71
C GLY F 160 -14.88 -23.98 4.83
N PRO F 161 -16.09 -24.56 4.92
CA PRO F 161 -16.31 -25.61 5.92
C PRO F 161 -15.32 -26.80 5.87
N GLN F 162 -15.20 -27.50 6.99
CA GLN F 162 -14.33 -28.67 7.09
C GLN F 162 -14.70 -29.74 6.09
N GLY F 163 -13.70 -30.57 5.78
CA GLY F 163 -13.85 -31.68 4.85
C GLY F 163 -12.64 -31.85 3.94
N PRO F 164 -12.14 -30.76 3.32
CA PRO F 164 -11.00 -30.81 2.39
C PRO F 164 -9.61 -30.78 3.01
N TYR F 165 -9.56 -30.45 4.30
CA TYR F 165 -8.30 -30.07 4.92
C TYR F 165 -7.59 -31.25 5.58
N TYR F 166 -8.35 -32.19 6.16
CA TYR F 166 -7.76 -33.36 6.82
C TYR F 166 -6.77 -34.04 5.91
N CYS F 167 -5.54 -34.30 6.38
CA CYS F 167 -4.52 -34.92 5.55
C CYS F 167 -4.46 -34.33 4.12
N GLY F 168 -4.65 -33.03 3.99
CA GLY F 168 -4.81 -32.44 2.67
C GLY F 168 -3.52 -32.20 1.96
N VAL F 169 -3.63 -31.90 0.67
CA VAL F 169 -2.49 -31.64 -0.19
C VAL F 169 -2.86 -30.48 -1.06
N GLY F 170 -1.98 -29.47 -1.13
CA GLY F 170 -2.22 -28.30 -1.98
C GLY F 170 -2.30 -26.97 -1.25
N ALA F 171 -1.99 -25.93 -2.01
CA ALA F 171 -1.92 -24.57 -1.52
C ALA F 171 -3.18 -24.11 -0.78
N ASN F 172 -4.32 -24.73 -1.08
CA ASN F 172 -5.56 -24.31 -0.51
C ASN F 172 -6.12 -25.31 0.38
N LYS F 173 -5.32 -26.30 0.76
CA LYS F 173 -5.80 -27.32 1.67
C LYS F 173 -5.04 -27.32 3.01
N VAL F 174 -3.74 -27.09 3.00
CA VAL F 174 -2.98 -27.12 4.23
C VAL F 174 -1.97 -26.04 4.19
N TYR F 175 -1.68 -25.48 5.36
CA TYR F 175 -0.81 -24.33 5.43
C TYR F 175 0.44 -24.62 6.33
N ALA F 176 1.64 -24.20 5.86
CA ALA F 176 2.88 -24.10 6.62
C ALA F 176 3.43 -25.49 6.88
N ARG F 177 3.22 -26.38 5.94
CA ARG F 177 3.89 -27.66 5.98
C ARG F 177 5.43 -27.53 6.22
N ASP F 178 6.07 -26.49 5.73
CA ASP F 178 7.49 -26.30 5.97
C ASP F 178 7.83 -26.42 7.45
N ILE F 179 6.98 -25.88 8.33
CA ILE F 179 7.22 -25.95 9.79
C ILE F 179 7.08 -27.37 10.28
N VAL F 180 6.07 -28.03 9.75
CA VAL F 180 5.73 -29.36 10.15
C VAL F 180 6.93 -30.30 9.77
N ASP F 181 7.44 -30.15 8.55
CA ASP F 181 8.56 -30.94 8.07
C ASP F 181 9.86 -30.59 8.80
N ALA F 182 10.09 -29.32 9.08
CA ALA F 182 11.27 -28.93 9.81
C ALA F 182 11.24 -29.50 11.21
N HIS F 183 10.09 -29.45 11.82
CA HIS F 183 9.92 -29.97 13.15
C HIS F 183 10.04 -31.48 13.29
N TYR F 184 9.49 -32.19 12.33
CA TYR F 184 9.57 -33.66 12.29
C TYR F 184 11.09 -34.03 12.21
N ARG F 185 11.83 -33.41 11.31
CA ARG F 185 13.26 -33.72 11.19
C ARG F 185 14.07 -33.29 12.41
N ALA F 186 13.73 -32.13 12.97
CA ALA F 186 14.42 -31.61 14.13
C ALA F 186 14.23 -32.50 15.34
N CYS F 187 13.02 -33.02 15.52
CA CYS F 187 12.70 -33.99 16.57
C CYS F 187 13.52 -35.24 16.39
N LEU F 188 13.51 -35.85 15.21
CA LEU F 188 14.32 -37.05 14.93
C LEU F 188 15.81 -36.77 15.24
N TYR F 189 16.37 -35.70 14.70
CA TYR F 189 17.75 -35.36 14.97
C TYR F 189 18.02 -35.26 16.46
N ALA F 190 17.04 -34.76 17.19
CA ALA F 190 17.27 -34.45 18.58
C ALA F 190 17.15 -35.69 19.46
N GLY F 191 16.66 -36.79 18.87
CA GLY F 191 16.53 -38.08 19.57
C GLY F 191 15.14 -38.37 20.13
N ILE F 192 14.14 -37.66 19.65
CA ILE F 192 12.75 -37.88 20.09
C ILE F 192 12.10 -38.74 19.05
N LYS F 193 11.26 -39.64 19.53
CA LYS F 193 10.69 -40.67 18.72
C LYS F 193 9.37 -40.19 18.10
N VAL F 194 9.44 -39.27 17.14
CA VAL F 194 8.25 -38.92 16.35
C VAL F 194 7.91 -40.04 15.38
N SER F 195 6.72 -40.60 15.54
CA SER F 195 6.28 -41.71 14.73
C SER F 195 5.44 -41.33 13.50
N GLY F 196 5.09 -40.05 13.38
CA GLY F 196 4.45 -39.53 12.15
C GLY F 196 3.81 -38.18 12.39
N THR F 197 3.14 -37.71 11.34
CA THR F 197 2.41 -36.45 11.34
C THR F 197 1.21 -36.53 10.45
N ASN F 198 0.22 -35.68 10.68
CA ASN F 198 -0.87 -35.44 9.71
C ASN F 198 -1.56 -34.07 9.84
N ALA F 199 -2.05 -33.52 8.72
CA ALA F 199 -2.97 -32.41 8.77
C ALA F 199 -4.32 -32.76 9.37
N GLU F 200 -4.84 -31.87 10.22
CA GLU F 200 -6.08 -32.14 10.91
C GLU F 200 -7.28 -31.49 10.22
N VAL F 201 -8.44 -31.56 10.85
CA VAL F 201 -9.74 -31.28 10.24
C VAL F 201 -9.93 -29.83 9.82
N MET F 202 -9.49 -28.83 10.59
CA MET F 202 -9.51 -27.47 10.00
C MET F 202 -8.17 -27.08 9.59
N PRO F 203 -8.10 -26.18 8.60
CA PRO F 203 -6.86 -25.75 8.08
C PRO F 203 -6.16 -24.87 9.10
N ALA F 204 -4.84 -24.96 9.00
CA ALA F 204 -3.90 -24.47 10.00
C ALA F 204 -3.78 -25.44 11.18
N GLN F 205 -4.57 -26.50 11.22
CA GLN F 205 -4.41 -27.52 12.29
C GLN F 205 -3.64 -28.71 11.86
N TRP F 206 -2.75 -29.16 12.73
CA TRP F 206 -1.92 -30.35 12.48
C TRP F 206 -1.72 -31.25 13.73
N GLU F 207 -0.96 -32.34 13.57
CA GLU F 207 -0.73 -33.29 14.66
C GLU F 207 0.63 -33.91 14.43
N PHE F 208 1.37 -34.14 15.51
CA PHE F 208 2.49 -35.08 15.46
C PHE F 208 2.34 -36.14 16.56
N GLN F 209 2.79 -37.36 16.29
CA GLN F 209 2.65 -38.48 17.21
C GLN F 209 4.03 -38.75 17.74
N VAL F 210 4.14 -38.85 19.05
CA VAL F 210 5.38 -39.25 19.71
C VAL F 210 5.24 -40.61 20.37
N GLY F 211 6.12 -41.52 20.02
CA GLY F 211 6.18 -42.83 20.68
C GLY F 211 6.38 -44.02 19.77
N PRO F 212 6.41 -45.23 20.32
CA PRO F 212 6.14 -45.51 21.74
C PRO F 212 7.37 -45.24 22.58
N CYS F 213 7.15 -44.73 23.79
CA CYS F 213 8.21 -44.37 24.73
C CYS F 213 7.96 -45.00 26.08
N GLU F 214 9.05 -45.45 26.69
CA GLU F 214 8.97 -46.20 27.94
C GLU F 214 8.79 -45.29 29.14
N GLY F 215 7.72 -45.53 29.86
CA GLY F 215 7.49 -44.88 31.12
C GLY F 215 7.47 -43.36 31.07
N ILE F 216 8.34 -42.79 31.91
CA ILE F 216 8.49 -41.36 32.13
C ILE F 216 9.00 -40.58 30.89
N SER F 217 9.76 -41.26 30.05
CA SER F 217 10.40 -40.62 28.92
C SER F 217 9.38 -40.03 27.91
N ILE F 218 8.13 -40.50 27.90
CA ILE F 218 7.13 -39.87 27.02
C ILE F 218 6.92 -38.43 27.45
N GLY F 219 6.95 -38.19 28.77
CA GLY F 219 6.76 -36.85 29.28
C GLY F 219 7.89 -35.91 28.90
N ASP F 220 9.13 -36.39 29.06
CA ASP F 220 10.28 -35.55 28.76
C ASP F 220 10.29 -35.25 27.26
N ASP F 221 10.11 -36.27 26.47
CA ASP F 221 10.21 -36.14 25.04
C ASP F 221 9.07 -35.30 24.43
N LEU F 222 7.86 -35.46 24.94
CA LEU F 222 6.77 -34.63 24.43
C LEU F 222 6.91 -33.15 24.85
N TRP F 223 7.29 -32.86 26.08
CA TRP F 223 7.56 -31.47 26.42
C TRP F 223 8.63 -30.89 25.49
N MET F 224 9.68 -31.65 25.22
CA MET F 224 10.76 -31.10 24.44
C MET F 224 10.32 -30.97 23.00
N ALA F 225 9.49 -31.89 22.50
CA ALA F 225 8.92 -31.73 21.13
C ALA F 225 8.04 -30.47 21.04
N ARG F 226 7.33 -30.17 22.13
CA ARG F 226 6.58 -28.94 22.24
C ARG F 226 7.47 -27.74 22.14
N PHE F 227 8.60 -27.78 22.83
CA PHE F 227 9.56 -26.71 22.78
C PHE F 227 10.06 -26.46 21.38
N LEU F 228 10.41 -27.51 20.70
CA LEU F 228 10.86 -27.44 19.34
C LEU F 228 9.81 -26.85 18.39
N LEU F 229 8.56 -27.22 18.59
CA LEU F 229 7.46 -26.66 17.77
C LEU F 229 7.31 -25.13 17.94
N HIS F 230 7.28 -24.63 19.18
CA HIS F 230 7.21 -23.23 19.41
C HIS F 230 8.43 -22.50 18.89
N ARG F 231 9.61 -23.06 19.13
CA ARG F 231 10.88 -22.47 18.73
C ARG F 231 11.10 -22.45 17.24
N ILE F 232 10.78 -23.51 16.55
CA ILE F 232 10.85 -23.47 15.06
C ILE F 232 9.81 -22.48 14.45
N SER F 233 8.55 -22.58 14.92
CA SER F 233 7.45 -21.63 14.59
C SER F 233 7.82 -20.18 14.77
N GLU F 234 8.49 -19.91 15.87
CA GLU F 234 8.93 -18.58 16.19
C GLU F 234 9.71 -17.99 15.08
N GLU F 235 10.58 -18.78 14.47
CA GLU F 235 11.51 -18.25 13.44
C GLU F 235 10.75 -17.79 12.20
N PHE F 236 9.61 -18.45 11.89
CA PHE F 236 8.71 -18.03 10.80
C PHE F 236 7.75 -16.93 11.18
N GLY F 237 7.72 -16.57 12.48
CA GLY F 237 6.83 -15.59 12.98
C GLY F 237 5.44 -16.09 13.19
N ILE F 238 5.29 -17.42 13.29
CA ILE F 238 4.00 -18.10 13.42
C ILE F 238 3.89 -18.65 14.82
N VAL F 239 2.72 -18.50 15.41
CA VAL F 239 2.48 -18.95 16.79
C VAL F 239 1.88 -20.32 16.68
N SER F 240 2.35 -21.25 17.50
CA SER F 240 1.77 -22.58 17.56
C SER F 240 0.99 -22.64 18.86
N THR F 241 -0.27 -23.00 18.80
CA THR F 241 -1.02 -23.09 20.04
C THR F 241 -1.51 -24.51 20.31
N LEU F 242 -1.47 -24.87 21.58
CA LEU F 242 -1.91 -26.15 22.09
C LEU F 242 -3.24 -26.00 22.81
N ASP F 243 -3.86 -24.82 22.77
CA ASP F 243 -5.22 -24.62 23.32
C ASP F 243 -6.22 -25.62 22.72
N PRO F 244 -7.00 -26.29 23.56
CA PRO F 244 -7.91 -27.28 23.05
C PRO F 244 -9.05 -26.74 22.21
N LYS F 245 -9.38 -25.45 22.29
CA LYS F 245 -10.35 -24.79 21.39
C LYS F 245 -9.80 -23.53 20.78
N PRO F 246 -8.90 -23.64 19.82
CA PRO F 246 -8.40 -22.37 19.31
C PRO F 246 -9.50 -21.50 18.70
N MET F 247 -10.45 -22.10 17.98
CA MET F 247 -11.63 -21.38 17.50
C MET F 247 -12.96 -22.00 17.99
N PRO F 248 -13.88 -21.19 18.64
CA PRO F 248 -15.21 -21.70 19.10
C PRO F 248 -16.22 -22.16 18.01
N GLY F 249 -17.07 -23.13 18.38
CA GLY F 249 -18.16 -23.55 17.52
C GLY F 249 -17.83 -24.84 16.79
N ASP F 250 -18.22 -24.87 15.51
CA ASP F 250 -18.17 -26.05 14.60
C ASP F 250 -16.79 -26.28 13.96
N TRP F 251 -15.74 -26.14 14.78
CA TRP F 251 -14.36 -26.29 14.35
C TRP F 251 -13.70 -27.21 15.37
N ASN F 252 -12.94 -28.20 14.88
CA ASN F 252 -12.34 -29.27 15.71
C ASN F 252 -11.36 -28.70 16.68
N GLY F 253 -11.56 -28.99 17.95
CA GLY F 253 -10.58 -28.58 18.93
C GLY F 253 -9.40 -29.56 18.88
N ALA F 254 -8.60 -29.57 19.93
CA ALA F 254 -7.40 -30.32 19.89
C ALA F 254 -7.29 -31.29 21.11
N GLY F 255 -6.94 -32.52 20.80
CA GLY F 255 -6.68 -33.54 21.78
C GLY F 255 -5.19 -33.85 21.87
N ALA F 256 -4.86 -34.69 22.84
CA ALA F 256 -3.56 -35.31 22.97
C ALA F 256 -3.84 -36.75 23.32
N HIS F 257 -4.42 -37.45 22.35
CA HIS F 257 -4.82 -38.83 22.61
C HIS F 257 -3.58 -39.67 22.98
N THR F 258 -3.76 -40.51 23.99
CA THR F 258 -2.66 -41.27 24.55
C THR F 258 -2.85 -42.75 24.39
N ASN F 259 -1.94 -43.35 23.65
CA ASN F 259 -1.94 -44.78 23.45
C ASN F 259 -1.15 -45.50 24.53
N VAL F 260 -1.73 -46.56 25.10
CA VAL F 260 -1.14 -47.26 26.23
C VAL F 260 -1.02 -48.79 26.10
N SER F 261 0.14 -49.28 26.54
CA SER F 261 0.33 -50.72 26.76
C SER F 261 1.33 -51.07 27.86
N THR F 262 1.16 -52.29 28.38
CA THR F 262 2.14 -52.99 29.25
C THR F 262 2.60 -54.24 28.48
N LYS F 263 3.62 -54.89 29.03
CA LYS F 263 4.22 -56.12 28.51
C LYS F 263 3.14 -57.14 28.28
N ALA F 264 2.32 -57.38 29.32
CA ALA F 264 1.20 -58.30 29.26
C ALA F 264 0.27 -58.02 28.10
N MET F 265 -0.07 -56.75 27.90
CA MET F 265 -1.01 -56.38 26.84
C MET F 265 -0.45 -56.56 25.42
N ARG F 266 0.88 -56.50 25.29
CA ARG F 266 1.57 -56.59 24.00
C ARG F 266 1.90 -58.01 23.53
N GLU F 267 2.03 -58.95 24.44
CA GLU F 267 2.29 -60.31 23.98
C GLU F 267 0.99 -61.10 23.91
N ASP F 268 1.14 -62.31 23.38
CA ASP F 268 0.04 -63.09 22.83
C ASP F 268 -1.08 -63.20 23.86
N GLY F 269 -2.30 -62.93 23.41
CA GLY F 269 -3.47 -62.97 24.27
C GLY F 269 -3.45 -61.89 25.34
N GLY F 270 -2.89 -60.73 24.99
CA GLY F 270 -2.89 -59.56 25.87
C GLY F 270 -4.18 -58.77 25.86
N ILE F 271 -5.07 -59.05 24.90
CA ILE F 271 -6.38 -58.41 24.91
C ILE F 271 -7.13 -58.57 26.25
N ARG F 272 -7.00 -59.72 26.89
CA ARG F 272 -7.54 -59.90 28.24
C ARG F 272 -7.12 -58.74 29.15
N ASP F 273 -5.82 -58.51 29.21
CA ASP F 273 -5.25 -57.54 30.14
C ASP F 273 -5.66 -56.11 29.76
N ILE F 274 -5.72 -55.86 28.46
CA ILE F 274 -6.25 -54.60 27.92
C ILE F 274 -7.69 -54.36 28.39
N GLU F 275 -8.50 -55.42 28.39
CA GLU F 275 -9.91 -55.28 28.79
C GLU F 275 -10.00 -55.00 30.28
N LYS F 276 -9.16 -55.62 31.10
CA LYS F 276 -9.16 -55.31 32.55
C LYS F 276 -8.82 -53.82 32.79
N ALA F 277 -7.71 -53.35 32.18
CA ALA F 277 -7.27 -51.95 32.31
C ALA F 277 -8.37 -50.93 31.93
N VAL F 278 -9.01 -51.11 30.78
CA VAL F 278 -10.06 -50.21 30.36
C VAL F 278 -11.25 -50.21 31.30
N ALA F 279 -11.61 -51.41 31.75
CA ALA F 279 -12.61 -51.62 32.78
C ALA F 279 -12.26 -50.84 34.03
N LYS F 280 -11.01 -50.95 34.50
CA LYS F 280 -10.60 -50.17 35.64
C LYS F 280 -10.76 -48.66 35.36
N LEU F 281 -10.57 -48.21 34.12
CA LEU F 281 -10.59 -46.76 33.86
C LEU F 281 -11.99 -46.20 33.83
N SER F 282 -12.95 -47.00 33.39
CA SER F 282 -14.38 -46.61 33.48
C SER F 282 -14.85 -46.21 34.89
N LYS F 283 -14.19 -46.72 35.90
CA LYS F 283 -14.57 -46.39 37.25
C LYS F 283 -13.92 -45.05 37.72
N CYS F 284 -12.88 -44.60 37.06
CA CYS F 284 -12.14 -43.40 37.50
C CYS F 284 -12.30 -42.15 36.65
N HIS F 285 -13.37 -42.02 35.86
CA HIS F 285 -13.42 -40.97 34.83
C HIS F 285 -13.08 -39.55 35.35
N GLU F 286 -13.88 -39.09 36.31
CA GLU F 286 -13.67 -37.82 37.03
C GLU F 286 -12.19 -37.50 37.40
N ARG F 287 -11.52 -38.43 38.09
CA ARG F 287 -10.13 -38.20 38.56
C ARG F 287 -9.19 -37.97 37.35
N HIS F 288 -9.42 -38.72 36.27
CA HIS F 288 -8.61 -38.59 35.05
C HIS F 288 -8.83 -37.27 34.36
N ILE F 289 -10.08 -36.82 34.25
CA ILE F 289 -10.34 -35.49 33.66
C ILE F 289 -9.63 -34.34 34.43
N ARG F 290 -9.64 -34.42 35.77
CA ARG F 290 -8.83 -33.52 36.64
C ARG F 290 -7.31 -33.46 36.29
N ALA F 291 -6.72 -34.62 35.97
CA ALA F 291 -5.28 -34.75 35.61
C ALA F 291 -4.95 -34.35 34.13
N TYR F 292 -5.93 -34.43 33.25
CA TYR F 292 -5.77 -34.32 31.79
C TYR F 292 -5.78 -32.89 31.16
N ASP F 293 -5.78 -31.86 32.01
CA ASP F 293 -5.45 -30.49 31.58
C ASP F 293 -4.99 -29.70 32.80
N PRO F 294 -4.14 -28.70 32.57
CA PRO F 294 -3.50 -28.07 33.71
C PRO F 294 -4.37 -27.04 34.47
N LYS F 295 -5.54 -26.67 33.93
CA LYS F 295 -6.56 -25.99 34.74
C LYS F 295 -7.51 -27.07 35.28
N GLN F 296 -7.14 -27.65 36.43
CA GLN F 296 -7.68 -28.94 36.93
C GLN F 296 -9.10 -29.29 36.46
N GLY F 297 -9.16 -29.88 35.28
CA GLY F 297 -10.40 -30.47 34.74
C GLY F 297 -11.12 -29.67 33.67
N GLN F 298 -11.44 -28.42 33.98
CA GLN F 298 -12.44 -27.65 33.21
C GLN F 298 -11.89 -26.84 31.99
N ASP F 299 -10.63 -27.03 31.58
CA ASP F 299 -10.07 -26.49 30.29
C ASP F 299 -10.28 -27.51 29.12
N ASN F 300 -10.14 -28.81 29.42
CA ASN F 300 -10.67 -29.91 28.60
C ASN F 300 -12.02 -29.56 27.99
N ALA F 301 -12.92 -29.08 28.87
CA ALA F 301 -14.38 -28.93 28.63
C ALA F 301 -14.85 -27.98 27.51
N ARG F 302 -13.97 -27.14 26.97
CA ARG F 302 -14.27 -26.38 25.73
C ARG F 302 -14.18 -27.28 24.48
N ARG F 303 -13.41 -28.37 24.58
CA ARG F 303 -13.35 -29.37 23.51
C ARG F 303 -14.49 -30.40 23.66
N LEU F 304 -14.61 -31.03 24.83
CA LEU F 304 -15.48 -32.22 24.99
C LEU F 304 -16.99 -31.99 25.34
N THR F 305 -17.82 -31.87 24.29
CA THR F 305 -19.30 -32.02 24.39
C THR F 305 -19.77 -33.41 23.90
N GLY F 306 -19.02 -34.02 22.98
CA GLY F 306 -19.36 -35.32 22.42
C GLY F 306 -19.25 -35.47 20.91
N LYS F 307 -19.28 -34.36 20.17
CA LYS F 307 -19.23 -34.36 18.68
C LYS F 307 -17.82 -33.99 18.19
N HIS F 308 -17.62 -34.04 16.88
CA HIS F 308 -16.31 -33.75 16.25
C HIS F 308 -15.26 -34.81 16.55
N GLU F 309 -15.70 -36.09 16.61
CA GLU F 309 -14.83 -37.26 16.90
C GLU F 309 -14.18 -37.21 18.33
N THR F 310 -15.05 -37.23 19.34
CA THR F 310 -14.67 -36.91 20.72
C THR F 310 -15.63 -37.59 21.72
N SER F 311 -15.14 -37.90 22.92
CA SER F 311 -16.02 -38.34 24.04
C SER F 311 -16.69 -37.14 24.72
N SER F 312 -17.80 -37.38 25.42
CA SER F 312 -18.37 -36.34 26.29
C SER F 312 -17.60 -36.33 27.64
N ILE F 313 -17.74 -35.25 28.40
CA ILE F 313 -17.06 -35.15 29.71
C ILE F 313 -17.72 -36.05 30.75
N ASN F 314 -19.04 -35.96 30.84
CA ASN F 314 -19.81 -36.74 31.82
C ASN F 314 -19.85 -38.22 31.41
N ASP F 315 -20.07 -38.47 30.12
CA ASP F 315 -20.06 -39.82 29.53
C ASP F 315 -18.64 -40.39 29.44
N PHE F 316 -18.32 -41.34 30.32
CA PHE F 316 -17.27 -42.29 30.02
C PHE F 316 -17.85 -43.34 29.10
N SER F 317 -17.22 -43.54 27.95
CA SER F 317 -17.58 -44.61 27.00
C SER F 317 -16.35 -45.45 26.60
N ALA F 318 -16.61 -46.64 26.04
CA ALA F 318 -15.58 -47.57 25.53
C ALA F 318 -16.14 -48.65 24.57
N GLY F 319 -15.51 -48.73 23.39
CA GLY F 319 -15.83 -49.77 22.38
C GLY F 319 -14.65 -50.18 21.48
N VAL F 320 -14.95 -50.65 20.27
CA VAL F 320 -13.92 -51.10 19.32
C VAL F 320 -13.95 -50.20 18.07
N ALA F 321 -12.76 -49.89 17.53
CA ALA F 321 -12.57 -48.80 16.56
C ALA F 321 -13.74 -47.81 16.54
N ASN F 322 -13.99 -47.19 17.70
CA ASN F 322 -15.02 -46.17 17.89
C ASN F 322 -14.44 -44.82 18.34
N ARG F 323 -14.47 -43.85 17.43
CA ARG F 323 -13.82 -42.54 17.64
C ARG F 323 -14.65 -41.56 18.49
N GLY F 324 -15.85 -41.95 18.90
CA GLY F 324 -16.67 -41.08 19.78
C GLY F 324 -16.54 -41.42 21.26
N CYS F 325 -15.81 -42.49 21.58
CA CYS F 325 -15.69 -42.98 22.95
C CYS F 325 -14.54 -42.33 23.74
N SER F 326 -14.55 -42.54 25.05
CA SER F 326 -13.45 -42.05 25.87
C SER F 326 -12.20 -42.89 25.70
N ILE F 327 -12.37 -44.21 25.80
CA ILE F 327 -11.30 -45.14 25.45
C ILE F 327 -11.70 -46.08 24.32
N ARG F 328 -10.79 -46.25 23.39
CA ARG F 328 -11.01 -47.02 22.19
C ARG F 328 -9.89 -48.05 22.07
N ILE F 329 -10.29 -49.32 21.95
CA ILE F 329 -9.44 -50.41 21.48
C ILE F 329 -9.51 -50.45 19.95
N PRO F 330 -8.37 -50.28 19.26
CA PRO F 330 -8.40 -50.31 17.80
C PRO F 330 -8.90 -51.63 17.26
N ARG F 331 -9.45 -51.63 16.04
CA ARG F 331 -9.99 -52.86 15.45
C ARG F 331 -8.85 -53.88 15.39
N GLY F 332 -7.70 -53.43 14.88
CA GLY F 332 -6.51 -54.25 14.75
C GLY F 332 -6.01 -54.92 16.02
N VAL F 333 -6.30 -54.33 17.18
CA VAL F 333 -5.80 -54.87 18.43
C VAL F 333 -6.71 -56.01 18.90
N ASN F 334 -7.99 -55.75 18.74
CA ASN F 334 -8.99 -56.78 18.83
C ASN F 334 -8.69 -58.03 17.96
N ASP F 335 -8.57 -57.85 16.64
CA ASP F 335 -8.13 -58.93 15.71
C ASP F 335 -6.90 -59.71 16.21
N ASP F 336 -5.76 -59.03 16.33
CA ASP F 336 -4.46 -59.67 16.68
C ASP F 336 -4.43 -60.29 18.08
N GLY F 337 -5.40 -59.92 18.92
CA GLY F 337 -5.48 -60.42 20.31
C GLY F 337 -4.50 -59.81 21.29
N LYS F 338 -3.82 -58.75 20.85
CA LYS F 338 -2.79 -58.12 21.65
C LYS F 338 -2.61 -56.71 21.13
N GLY F 339 -2.11 -55.84 21.99
CA GLY F 339 -1.56 -54.53 21.57
C GLY F 339 -1.70 -53.44 22.64
N TYR F 340 -2.50 -52.42 22.34
CA TYR F 340 -2.58 -51.23 23.19
C TYR F 340 -4.00 -50.73 23.14
N PHE F 341 -4.34 -49.87 24.08
CA PHE F 341 -5.56 -49.06 23.99
C PHE F 341 -5.32 -47.52 23.88
N GLU F 342 -6.33 -46.81 23.38
CA GLU F 342 -6.25 -45.39 23.16
C GLU F 342 -7.15 -44.61 24.13
N ASP F 343 -6.55 -43.80 24.98
CA ASP F 343 -7.30 -42.87 25.82
C ASP F 343 -7.51 -41.59 25.05
N ARG F 344 -8.73 -41.39 24.55
CA ARG F 344 -9.12 -40.20 23.79
C ARG F 344 -9.45 -39.00 24.68
N ARG F 345 -9.32 -39.13 26.00
CA ARG F 345 -9.74 -38.03 26.85
C ARG F 345 -8.79 -36.80 26.97
N PRO F 346 -7.46 -37.02 26.94
CA PRO F 346 -6.67 -35.82 27.29
C PRO F 346 -6.76 -34.75 26.22
N SER F 347 -6.78 -33.49 26.66
CA SER F 347 -6.78 -32.34 25.76
C SER F 347 -5.37 -31.94 25.28
N SER F 348 -5.28 -31.24 24.14
CA SER F 348 -3.98 -30.90 23.58
C SER F 348 -3.02 -30.21 24.51
N ASN F 349 -3.55 -29.51 25.50
CA ASN F 349 -2.70 -28.79 26.46
C ASN F 349 -2.47 -29.58 27.78
N CYS F 350 -2.73 -30.88 27.81
CA CYS F 350 -2.44 -31.68 29.00
C CYS F 350 -0.95 -31.65 29.33
N ASP F 351 -0.62 -31.84 30.60
CA ASP F 351 0.76 -32.18 30.99
C ASP F 351 0.99 -33.72 30.91
N PRO F 352 1.87 -34.18 29.99
CA PRO F 352 1.93 -35.63 29.86
C PRO F 352 2.36 -36.35 31.14
N TYR F 353 3.06 -35.68 32.05
CA TYR F 353 3.51 -36.32 33.28
C TYR F 353 2.27 -36.68 34.11
N SER F 354 1.31 -35.77 34.18
CA SER F 354 0.05 -36.00 34.88
C SER F 354 -0.81 -37.07 34.21
N VAL F 355 -0.83 -37.12 32.89
CA VAL F 355 -1.60 -38.14 32.19
C VAL F 355 -1.02 -39.53 32.51
N VAL F 356 0.29 -39.66 32.35
CA VAL F 356 0.96 -40.90 32.65
C VAL F 356 0.78 -41.33 34.12
N GLU F 357 0.95 -40.39 35.04
CA GLU F 357 0.82 -40.75 36.46
C GLU F 357 -0.58 -41.31 36.77
N ALA F 358 -1.59 -40.65 36.20
CA ALA F 358 -2.97 -40.97 36.48
C ALA F 358 -3.30 -42.32 35.88
N ILE F 359 -2.84 -42.59 34.66
CA ILE F 359 -3.07 -43.87 34.04
C ILE F 359 -2.31 -44.97 34.80
N LEU F 360 -1.06 -44.76 35.16
CA LEU F 360 -0.35 -45.83 35.89
C LEU F 360 -0.95 -46.17 37.28
N ARG F 361 -1.29 -45.16 38.06
CA ARG F 361 -1.97 -45.39 39.30
C ARG F 361 -3.19 -46.31 39.14
N THR F 362 -4.02 -46.09 38.11
CA THR F 362 -5.24 -46.83 37.94
C THR F 362 -5.08 -48.27 37.44
N ILE F 363 -4.21 -48.49 36.47
CA ILE F 363 -4.12 -49.79 35.76
C ILE F 363 -2.95 -50.69 36.20
N CYS F 364 -1.96 -50.15 36.91
CA CYS F 364 -0.83 -50.95 37.36
C CYS F 364 -0.70 -51.10 38.86
N LEU F 365 -0.63 -49.96 39.55
CA LEU F 365 -0.44 -49.91 41.01
C LEU F 365 -1.54 -50.57 41.88
N ASP F 366 -2.74 -50.72 41.33
CA ASP F 366 -3.94 -51.31 42.00
C ASP F 366 -4.78 -50.20 42.67
N GLU F 367 -5.21 -49.21 41.89
CA GLU F 367 -6.12 -48.14 42.38
C GLU F 367 -6.91 -47.52 41.21
N ALA G 1 2.37 -2.79 6.90
CA ALA G 1 3.72 -3.46 6.88
C ALA G 1 4.78 -2.56 7.52
N ARG G 2 4.48 -1.94 8.65
CA ARG G 2 5.37 -0.91 9.13
C ARG G 2 6.65 -1.43 9.83
N ILE G 3 6.71 -2.67 10.32
CA ILE G 3 7.88 -3.03 11.11
C ILE G 3 9.21 -3.02 10.24
N LEU G 4 10.19 -2.21 10.65
CA LEU G 4 11.48 -2.02 9.92
C LEU G 4 11.34 -1.36 8.52
N GLU G 5 10.19 -0.72 8.28
CA GLU G 5 9.85 -0.26 6.95
C GLU G 5 10.69 0.92 6.54
N ASP G 6 11.01 1.76 7.52
CA ASP G 6 11.85 2.89 7.29
C ASP G 6 13.30 2.64 7.64
N SER G 7 13.70 1.40 7.93
CA SER G 7 15.12 1.16 8.31
C SER G 7 15.91 0.93 7.02
N PRO G 8 16.79 1.86 6.63
CA PRO G 8 17.58 1.73 5.39
C PRO G 8 18.25 0.42 5.26
N ASN G 9 18.94 -0.01 6.31
CA ASN G 9 19.65 -1.29 6.22
C ASN G 9 18.78 -2.51 6.11
N ALA G 10 17.54 -2.46 6.65
CA ALA G 10 16.59 -3.57 6.40
C ALA G 10 16.03 -3.66 4.98
N ARG G 11 16.08 -2.59 4.18
CA ARG G 11 15.50 -2.56 2.81
C ARG G 11 16.55 -2.80 1.72
N ILE G 12 17.79 -2.89 2.10
CA ILE G 12 18.87 -3.10 1.19
C ILE G 12 18.96 -4.59 1.06
N ASN G 13 19.24 -5.09 -0.11
CA ASN G 13 19.49 -6.54 -0.26
C ASN G 13 20.61 -7.18 0.64
N LYS G 14 20.41 -8.41 1.06
CA LYS G 14 21.29 -9.10 1.98
C LYS G 14 22.00 -10.32 1.46
N THR G 15 21.69 -10.78 0.25
CA THR G 15 22.27 -11.99 -0.34
C THR G 15 23.54 -11.75 -1.21
N ILE G 16 23.66 -10.56 -1.77
CA ILE G 16 24.70 -10.25 -2.76
C ILE G 16 26.07 -10.27 -2.10
N LEU G 17 26.12 -9.80 -0.86
CA LEU G 17 27.38 -9.66 -0.16
C LEU G 17 28.16 -10.97 -0.10
N ASP G 18 27.44 -12.05 0.09
CA ASP G 18 28.02 -13.38 0.17
C ASP G 18 28.88 -13.71 -1.05
N ARG G 19 28.45 -13.28 -2.25
CA ARG G 19 29.28 -13.33 -3.48
C ARG G 19 30.67 -12.78 -3.26
N TYR G 20 30.78 -11.62 -2.62
CA TYR G 20 32.08 -10.98 -2.49
C TYR G 20 32.91 -11.54 -1.32
N LEU G 21 32.27 -11.93 -0.23
CA LEU G 21 32.99 -12.53 0.90
C LEU G 21 33.71 -13.83 0.54
N SER G 22 33.16 -14.55 -0.43
CA SER G 22 33.77 -15.75 -1.00
C SER G 22 35.12 -15.51 -1.70
N LEU G 23 35.43 -14.26 -2.02
CA LEU G 23 36.59 -14.02 -2.83
C LEU G 23 37.83 -14.41 -2.04
N PRO G 24 38.62 -15.36 -2.57
CA PRO G 24 39.90 -15.71 -1.98
C PRO G 24 40.95 -14.61 -2.19
N LEU G 25 41.74 -14.36 -1.15
CA LEU G 25 42.78 -13.32 -1.13
C LEU G 25 44.12 -13.86 -0.63
N GLN G 26 45.20 -13.14 -0.88
CA GLN G 26 46.52 -13.55 -0.39
C GLN G 26 46.49 -13.84 1.11
N GLU G 27 47.25 -14.85 1.54
CA GLU G 27 47.28 -15.28 2.95
C GLU G 27 47.86 -14.17 3.85
N ASN G 28 48.69 -13.30 3.29
CA ASN G 28 49.30 -12.20 4.06
C ASN G 28 48.49 -10.85 4.10
N ILE G 29 47.32 -10.80 3.48
CA ILE G 29 46.52 -9.57 3.53
C ILE G 29 45.65 -9.63 4.78
N VAL G 30 45.70 -8.61 5.60
CA VAL G 30 44.96 -8.62 6.85
C VAL G 30 44.21 -7.34 7.02
N GLN G 31 42.90 -7.45 7.21
CA GLN G 31 42.05 -6.27 7.41
C GLN G 31 41.82 -6.10 8.90
N ALA G 32 42.13 -4.93 9.43
CA ALA G 32 41.96 -4.74 10.84
C ALA G 32 41.00 -3.61 11.15
N THR G 33 39.98 -3.92 11.94
CA THR G 33 39.03 -2.94 12.34
C THR G 33 39.34 -2.37 13.74
N TYR G 34 39.60 -1.09 13.83
CA TYR G 34 39.85 -0.46 15.09
C TYR G 34 38.57 0.07 15.69
N VAL G 35 38.40 -0.20 16.97
CA VAL G 35 37.17 0.14 17.67
C VAL G 35 37.50 1.04 18.82
N TRP G 36 36.74 2.11 18.95
CA TRP G 36 36.93 3.02 20.08
C TRP G 36 35.62 3.61 20.62
N ILE G 37 35.73 4.13 21.83
CA ILE G 37 34.67 4.82 22.53
C ILE G 37 34.71 6.31 22.27
N ASP G 38 33.56 6.91 21.92
CA ASP G 38 33.55 8.34 21.54
C ASP G 38 33.33 9.24 22.70
N GLY G 39 33.18 10.53 22.45
CA GLY G 39 33.04 11.51 23.51
C GLY G 39 31.74 11.42 24.27
N THR G 40 30.78 10.59 23.85
CA THR G 40 29.63 10.38 24.73
C THR G 40 29.98 9.48 25.90
N GLY G 41 31.07 8.70 25.78
CA GLY G 41 31.39 7.67 26.77
C GLY G 41 30.46 6.46 26.69
N GLU G 42 29.58 6.40 25.68
CA GLU G 42 28.61 5.33 25.50
C GLU G 42 28.67 4.65 24.12
N ASP G 43 28.86 5.41 23.08
CA ASP G 43 28.81 4.85 21.72
C ASP G 43 30.19 4.50 21.23
N LEU G 44 30.22 3.63 20.26
CA LEU G 44 31.41 3.10 19.67
C LEU G 44 31.54 3.65 18.25
N ARG G 45 32.77 3.74 17.79
CA ARG G 45 33.12 4.17 16.45
C ARG G 45 34.10 3.14 15.97
N CYS G 46 34.28 3.06 14.67
CA CYS G 46 35.18 2.09 14.09
C CYS G 46 35.56 2.48 12.69
N LYS G 47 36.70 1.92 12.24
CA LYS G 47 37.11 2.02 10.86
C LYS G 47 38.19 0.99 10.61
N ASP G 48 38.54 0.75 9.37
CA ASP G 48 39.48 -0.29 9.07
C ASP G 48 40.65 0.06 8.15
N ARG G 49 41.69 -0.77 8.25
CA ARG G 49 42.91 -0.62 7.47
C ARG G 49 43.46 -1.98 7.10
N THR G 50 44.17 -2.00 5.99
CA THR G 50 44.81 -3.16 5.47
C THR G 50 46.23 -3.22 6.04
N LEU G 51 46.64 -4.40 6.54
CA LEU G 51 48.02 -4.64 7.03
C LEU G 51 48.60 -5.74 6.19
N ASP G 52 49.92 -5.82 6.13
CA ASP G 52 50.53 -6.88 5.30
C ASP G 52 51.27 -7.94 6.12
N PHE G 53 50.85 -8.09 7.38
CA PHE G 53 51.33 -9.14 8.28
C PHE G 53 50.28 -9.50 9.32
N ILE G 54 50.55 -10.61 9.98
CA ILE G 54 49.68 -11.18 11.01
C ILE G 54 50.19 -10.87 12.43
N PRO G 55 49.61 -9.87 13.08
CA PRO G 55 50.12 -9.48 14.39
C PRO G 55 49.86 -10.54 15.43
N GLN G 56 50.77 -10.71 16.36
CA GLN G 56 50.57 -11.72 17.37
C GLN G 56 50.30 -11.08 18.74
N SER G 57 50.33 -9.76 18.77
CA SER G 57 50.09 -9.03 19.98
C SER G 57 49.55 -7.64 19.62
N PRO G 58 48.81 -7.02 20.56
CA PRO G 58 48.39 -5.64 20.46
C PRO G 58 49.53 -4.67 20.20
N LYS G 59 50.70 -4.97 20.82
CA LYS G 59 51.88 -4.09 20.72
C LYS G 59 52.39 -4.07 19.31
N GLU G 60 52.17 -5.15 18.57
CA GLU G 60 52.58 -5.18 17.17
C GLU G 60 51.75 -4.31 16.24
N LEU G 61 50.62 -3.81 16.73
CA LEU G 61 49.76 -2.96 15.91
C LEU G 61 50.11 -1.49 15.99
N PRO G 62 49.95 -0.79 14.87
CA PRO G 62 50.37 0.56 14.98
C PRO G 62 49.29 1.45 15.56
N VAL G 63 49.78 2.52 16.16
CA VAL G 63 48.98 3.54 16.72
C VAL G 63 48.33 4.21 15.52
N TRP G 64 47.11 4.74 15.69
CA TRP G 64 46.38 5.33 14.59
C TRP G 64 45.77 6.56 15.18
N ASN G 65 44.91 7.21 14.39
CA ASN G 65 44.32 8.47 14.78
C ASN G 65 42.97 8.70 14.08
N TYR G 66 42.20 9.68 14.53
CA TYR G 66 40.94 10.01 13.95
C TYR G 66 40.68 11.44 14.30
N ASP G 67 39.73 12.05 13.61
CA ASP G 67 39.32 13.42 13.94
C ASP G 67 38.38 13.45 15.14
N GLY G 68 38.93 13.87 16.26
CA GLY G 68 38.21 13.94 17.48
C GLY G 68 37.04 14.89 17.45
N SER G 69 37.14 15.92 16.61
CA SER G 69 36.05 16.90 16.46
C SER G 69 34.86 16.34 15.67
N SER G 70 35.00 15.14 15.15
CA SER G 70 33.88 14.49 14.47
C SER G 70 33.21 13.46 15.38
N CYS G 71 33.73 13.29 16.61
CA CYS G 71 33.04 12.44 17.58
C CYS G 71 32.97 12.90 19.01
N TYR G 72 32.67 14.19 19.14
CA TYR G 72 32.35 14.89 20.37
C TYR G 72 33.57 14.95 21.32
N GLN G 73 34.78 14.96 20.74
CA GLN G 73 36.09 15.03 21.47
C GLN G 73 37.00 16.12 20.84
N ALA G 74 36.35 17.24 20.54
CA ALA G 74 36.97 18.41 19.91
C ALA G 74 38.04 19.00 20.84
N GLU G 75 39.06 19.66 20.25
CA GLU G 75 40.17 20.33 20.98
C GLU G 75 40.83 21.53 20.22
N GLY G 76 40.04 22.53 19.82
CA GLY G 76 40.57 23.77 19.20
C GLY G 76 41.59 23.63 18.06
N SER G 77 41.22 22.87 17.03
CA SER G 77 42.09 22.65 15.84
C SER G 77 43.38 21.87 16.12
N ASN G 78 43.55 21.45 17.35
CA ASN G 78 44.44 20.37 17.69
C ASN G 78 43.59 19.14 18.01
N SER G 79 42.72 18.74 17.08
CA SER G 79 41.70 17.73 17.42
C SER G 79 42.11 16.29 17.05
N ASP G 80 43.21 16.11 16.33
CA ASP G 80 43.83 14.80 16.10
C ASP G 80 43.86 13.98 17.40
N THR G 81 43.24 12.80 17.37
CA THR G 81 43.10 11.94 18.52
C THR G 81 43.68 10.58 18.15
N TYR G 82 44.31 9.95 19.14
CA TYR G 82 45.18 8.81 18.87
C TYR G 82 44.56 7.55 19.40
N LEU G 83 44.80 6.48 18.68
CA LEU G 83 44.17 5.24 18.95
C LEU G 83 45.26 4.26 19.27
N TYR G 84 45.23 3.77 20.50
CA TYR G 84 46.23 2.81 20.96
C TYR G 84 45.57 1.45 21.12
N PRO G 85 45.98 0.49 20.29
CA PRO G 85 45.45 -0.85 20.41
C PRO G 85 45.67 -1.44 21.83
N VAL G 86 44.61 -1.98 22.46
CA VAL G 86 44.75 -2.64 23.73
C VAL G 86 44.37 -4.11 23.74
N ALA G 87 43.66 -4.59 22.71
CA ALA G 87 43.28 -6.00 22.68
C ALA G 87 42.84 -6.36 21.26
N ILE G 88 43.00 -7.64 20.93
CA ILE G 88 42.87 -8.13 19.58
C ILE G 88 41.91 -9.30 19.63
N TYR G 89 41.05 -9.44 18.61
CA TYR G 89 40.01 -10.45 18.56
C TYR G 89 39.91 -10.92 17.16
N LYS G 90 39.47 -12.14 16.94
CA LYS G 90 39.17 -12.62 15.60
C LYS G 90 37.91 -11.97 15.11
N ASP G 91 37.92 -11.67 13.82
CA ASP G 91 36.87 -10.95 13.13
C ASP G 91 35.85 -11.95 12.62
N PRO G 92 34.66 -11.97 13.24
CA PRO G 92 33.64 -12.89 12.85
C PRO G 92 32.90 -12.53 11.58
N PHE G 93 33.12 -11.34 11.06
CA PHE G 93 32.56 -10.94 9.76
C PHE G 93 33.43 -11.36 8.58
N ARG G 94 34.73 -11.19 8.70
CA ARG G 94 35.68 -11.49 7.63
C ARG G 94 36.41 -12.78 7.82
N ARG G 95 36.44 -13.27 9.05
CA ARG G 95 37.18 -14.48 9.42
C ARG G 95 38.63 -14.48 8.92
N GLY G 96 39.18 -15.66 8.65
CA GLY G 96 40.59 -15.81 8.26
C GLY G 96 41.48 -15.25 9.36
N ASN G 97 42.41 -14.37 8.99
CA ASN G 97 43.35 -13.73 9.89
C ASN G 97 42.92 -12.31 10.19
N ASN G 98 41.74 -11.95 9.73
CA ASN G 98 41.27 -10.60 9.85
C ASN G 98 40.93 -10.39 11.28
N ILE G 99 41.10 -9.18 11.81
CA ILE G 99 40.95 -8.98 13.24
C ILE G 99 40.15 -7.75 13.57
N LEU G 100 39.62 -7.75 14.79
CA LEU G 100 39.07 -6.55 15.45
C LEU G 100 40.03 -6.13 16.57
N VAL G 101 40.15 -4.82 16.79
CA VAL G 101 41.11 -4.27 17.66
C VAL G 101 40.45 -3.23 18.55
N MET G 102 40.38 -3.49 19.84
CA MET G 102 39.87 -2.52 20.81
C MET G 102 40.96 -1.53 21.11
N CYS G 103 40.62 -0.23 21.16
CA CYS G 103 41.59 0.81 21.37
C CYS G 103 41.20 1.64 22.53
N ASP G 104 42.18 2.48 22.90
CA ASP G 104 42.18 3.37 24.00
C ASP G 104 42.50 4.73 23.45
N THR G 105 41.97 5.84 23.94
CA THR G 105 42.12 7.10 23.19
C THR G 105 42.91 8.12 23.94
N TYR G 106 43.78 8.81 23.20
CA TYR G 106 44.66 9.86 23.77
C TYR G 106 44.63 11.16 22.98
N LYS G 107 44.68 12.29 23.68
CA LYS G 107 44.80 13.56 23.04
C LYS G 107 46.17 13.74 22.33
N PHE G 108 46.28 14.80 21.54
CA PHE G 108 47.52 15.11 20.78
C PHE G 108 48.78 15.15 21.66
N ASP G 109 48.62 15.63 22.90
CA ASP G 109 49.70 15.74 23.93
C ASP G 109 49.96 14.50 24.79
N GLY G 110 49.44 13.35 24.34
CA GLY G 110 49.65 12.06 25.01
C GLY G 110 48.89 11.81 26.30
N THR G 111 48.06 12.76 26.74
CA THR G 111 47.19 12.51 27.86
C THR G 111 45.81 11.93 27.40
N PRO G 112 45.16 11.16 28.29
CA PRO G 112 43.90 10.44 28.01
C PRO G 112 42.75 11.36 27.65
N THR G 113 41.92 10.96 26.67
CA THR G 113 40.70 11.72 26.39
C THR G 113 39.87 11.62 27.61
N ASP G 114 38.91 12.52 27.77
CA ASP G 114 38.00 12.49 28.91
C ASP G 114 37.17 11.21 29.05
N THR G 115 36.83 10.57 27.93
CA THR G 115 36.12 9.26 27.98
C THR G 115 37.05 8.05 27.91
N ASN G 116 38.38 8.26 27.93
CA ASN G 116 39.30 7.15 28.23
C ASN G 116 39.33 6.82 29.74
N LYS G 117 38.64 5.75 30.14
CA LYS G 117 38.57 5.28 31.52
C LYS G 117 39.43 4.02 31.68
N ARG G 118 39.94 3.48 30.60
CA ARG G 118 40.79 2.30 30.75
C ARG G 118 42.12 2.57 31.49
N LYS G 119 42.70 3.74 31.26
CA LYS G 119 44.09 4.04 31.66
C LYS G 119 44.17 4.01 33.17
N THR G 120 43.37 4.80 33.87
CA THR G 120 43.34 4.68 35.32
C THR G 120 42.83 3.33 35.78
N CYS G 121 41.91 2.71 35.04
CA CYS G 121 41.39 1.42 35.50
C CYS G 121 42.52 0.37 35.39
N LEU G 122 43.39 0.55 34.43
CA LEU G 122 44.49 -0.38 34.25
C LEU G 122 45.49 -0.29 35.42
N GLU G 123 45.73 0.92 35.88
CA GLU G 123 46.63 1.18 37.01
C GLU G 123 46.07 0.48 38.26
N VAL G 124 44.78 0.65 38.52
CA VAL G 124 44.18 0.07 39.73
C VAL G 124 44.15 -1.46 39.63
N ALA G 125 43.67 -1.95 38.49
CA ALA G 125 43.66 -3.40 38.26
C ALA G 125 45.02 -4.08 38.34
N ASN G 126 46.08 -3.47 37.83
CA ASN G 126 47.42 -4.06 37.93
C ASN G 126 47.80 -4.15 39.39
N LYS G 127 47.61 -3.09 40.12
CA LYS G 127 47.87 -3.04 41.55
C LYS G 127 47.17 -4.09 42.38
N CYS G 128 46.06 -4.62 41.87
CA CYS G 128 45.27 -5.57 42.60
C CYS G 128 45.46 -6.95 42.10
N ALA G 129 46.37 -7.11 41.18
CA ALA G 129 46.46 -8.38 40.47
C ALA G 129 46.73 -9.59 41.35
N ALA G 130 47.44 -9.42 42.45
CA ALA G 130 47.78 -10.57 43.30
C ALA G 130 46.53 -11.15 43.95
N GLU G 131 45.49 -10.31 44.05
CA GLU G 131 44.20 -10.71 44.58
C GLU G 131 43.31 -11.48 43.57
N GLU G 132 43.75 -11.56 42.29
CA GLU G 132 43.08 -12.23 41.15
C GLU G 132 41.55 -11.94 41.11
N PRO G 133 41.20 -10.66 41.01
CA PRO G 133 39.81 -10.32 41.03
C PRO G 133 39.19 -10.76 39.71
N TRP G 134 38.03 -11.44 39.84
CA TRP G 134 37.21 -11.88 38.72
C TRP G 134 35.92 -11.11 38.65
N PHE G 135 35.57 -10.77 37.41
CA PHE G 135 34.33 -10.09 37.15
C PHE G 135 33.49 -10.75 36.12
N GLY G 136 32.20 -10.69 36.39
CA GLY G 136 31.18 -11.13 35.45
C GLY G 136 30.15 -10.05 35.27
N ILE G 137 29.76 -9.72 34.05
CA ILE G 137 28.73 -8.70 33.83
C ILE G 137 27.56 -9.23 33.01
N GLU G 138 26.36 -8.83 33.45
CA GLU G 138 25.06 -9.20 32.82
C GLU G 138 24.57 -8.01 32.03
N GLN G 139 24.91 -7.97 30.75
CA GLN G 139 24.61 -6.82 29.94
C GLN G 139 23.18 -6.95 29.35
N GLU G 140 22.25 -6.15 29.86
CA GLU G 140 20.94 -5.94 29.27
C GLU G 140 20.89 -4.93 28.19
N TYR G 141 19.95 -5.11 27.27
CA TYR G 141 19.82 -4.21 26.15
C TYR G 141 18.43 -4.45 25.56
N THR G 142 18.00 -3.52 24.73
CA THR G 142 16.69 -3.62 24.09
C THR G 142 16.82 -3.42 22.59
N PHE G 143 16.01 -4.09 21.77
CA PHE G 143 16.06 -3.85 20.33
C PHE G 143 15.00 -2.79 19.98
N LEU G 144 15.33 -1.83 19.13
CA LEU G 144 14.43 -0.74 18.73
C LEU G 144 14.31 -0.79 17.21
N ASP G 145 13.15 -0.37 16.73
CA ASP G 145 12.95 -0.12 15.31
C ASP G 145 13.60 1.25 15.05
N PHE G 146 13.75 1.57 13.77
CA PHE G 146 14.38 2.80 13.35
C PHE G 146 13.68 4.08 13.84
N ASP G 147 12.38 4.02 14.08
CA ASP G 147 11.66 5.14 14.72
C ASP G 147 11.93 5.32 16.21
N GLY G 148 12.72 4.44 16.83
CA GLY G 148 12.99 4.58 18.28
C GLY G 148 12.02 3.79 19.17
N HIS G 149 11.02 3.16 18.56
CA HIS G 149 10.02 2.47 19.34
C HIS G 149 10.53 1.06 19.49
N PRO G 150 10.28 0.41 20.63
CA PRO G 150 10.81 -0.93 20.79
C PRO G 150 10.33 -1.90 19.73
N LEU G 151 11.25 -2.76 19.29
CA LEU G 151 11.07 -3.59 18.11
C LEU G 151 9.81 -4.49 18.29
N GLY G 152 9.01 -4.51 17.22
CA GLY G 152 7.79 -5.25 17.14
C GLY G 152 6.63 -4.73 18.00
N TRP G 153 6.83 -3.76 18.91
CA TRP G 153 5.73 -3.20 19.68
C TRP G 153 4.75 -2.48 18.75
N PRO G 154 3.45 -2.49 19.09
CA PRO G 154 2.49 -1.72 18.25
C PRO G 154 2.87 -0.30 18.21
N LYS G 155 2.78 0.30 17.01
CA LYS G 155 3.08 1.72 16.86
C LYS G 155 2.08 2.52 17.65
N ASN G 156 2.60 3.54 18.29
CA ASN G 156 1.84 4.44 19.18
C ASN G 156 1.26 3.70 20.37
N GLY G 157 1.83 2.55 20.70
CA GLY G 157 1.32 1.80 21.84
C GLY G 157 2.18 0.74 22.49
N PHE G 158 1.51 -0.13 23.22
CA PHE G 158 2.12 -1.08 24.12
C PHE G 158 1.66 -2.47 23.77
N PRO G 159 2.53 -3.49 23.98
CA PRO G 159 2.08 -4.86 23.84
C PRO G 159 1.44 -5.24 25.16
N GLY G 160 1.03 -6.48 25.35
CA GLY G 160 0.49 -6.86 26.66
C GLY G 160 1.45 -6.66 27.81
N PRO G 161 0.94 -6.62 29.04
CA PRO G 161 1.78 -6.50 30.23
C PRO G 161 2.84 -7.57 30.38
N GLN G 162 3.87 -7.26 31.12
CA GLN G 162 4.93 -8.21 31.32
C GLN G 162 4.48 -9.47 32.07
N GLY G 163 5.15 -10.58 31.83
CA GLY G 163 4.84 -11.87 32.45
C GLY G 163 5.25 -13.00 31.51
N PRO G 164 4.80 -12.90 30.25
CA PRO G 164 5.07 -13.93 29.26
C PRO G 164 6.42 -13.87 28.58
N TYR G 165 7.14 -12.75 28.64
CA TYR G 165 8.28 -12.54 27.73
C TYR G 165 9.64 -13.02 28.27
N TYR G 166 9.78 -13.05 29.59
CA TYR G 166 11.02 -13.46 30.25
C TYR G 166 11.42 -14.86 29.91
N CYS G 167 12.61 -15.06 29.38
CA CYS G 167 12.99 -16.42 28.95
C CYS G 167 11.97 -17.07 28.03
N GLY G 168 11.28 -16.25 27.25
CA GLY G 168 10.13 -16.76 26.50
C GLY G 168 10.49 -17.47 25.24
N VAL G 169 9.54 -18.25 24.70
CA VAL G 169 9.68 -18.94 23.43
C VAL G 169 8.41 -18.84 22.59
N GLY G 170 8.52 -18.40 21.33
CA GLY G 170 7.32 -18.27 20.46
C GLY G 170 7.31 -16.91 19.82
N ALA G 171 6.63 -16.84 18.66
CA ALA G 171 6.59 -15.69 17.83
C ALA G 171 5.96 -14.52 18.50
N ASN G 172 5.11 -14.77 19.48
CA ASN G 172 4.52 -13.68 20.25
C ASN G 172 5.16 -13.47 21.63
N LYS G 173 6.30 -14.08 21.90
CA LYS G 173 6.93 -13.94 23.21
C LYS G 173 8.27 -13.28 23.16
N VAL G 174 9.04 -13.52 22.11
CA VAL G 174 10.35 -12.88 21.98
C VAL G 174 10.63 -12.59 20.53
N TYR G 175 11.33 -11.49 20.33
CA TYR G 175 11.64 -10.96 18.97
C TYR G 175 13.17 -10.94 18.67
N ALA G 176 13.55 -11.29 17.47
CA ALA G 176 14.88 -11.12 16.95
C ALA G 176 15.93 -12.03 17.64
N ARG G 177 15.50 -13.21 18.00
CA ARG G 177 16.39 -14.24 18.45
C ARG G 177 17.56 -14.49 17.52
N ASP G 178 17.35 -14.42 16.20
CA ASP G 178 18.42 -14.53 15.28
C ASP G 178 19.62 -13.58 15.64
N ILE G 179 19.35 -12.33 15.93
CA ILE G 179 20.46 -11.45 16.21
C ILE G 179 21.13 -11.95 17.49
N VAL G 180 20.36 -12.36 18.48
CA VAL G 180 20.95 -12.90 19.71
C VAL G 180 21.88 -14.11 19.55
N ASP G 181 21.45 -15.06 18.73
CA ASP G 181 22.18 -16.27 18.46
C ASP G 181 23.43 -15.95 17.64
N ALA G 182 23.30 -15.06 16.67
CA ALA G 182 24.42 -14.66 15.87
C ALA G 182 25.46 -13.97 16.74
N HIS G 183 25.01 -13.08 17.61
CA HIS G 183 25.91 -12.37 18.49
C HIS G 183 26.66 -13.29 19.48
N TYR G 184 25.94 -14.25 20.02
CA TYR G 184 26.48 -15.20 20.93
C TYR G 184 27.65 -15.96 20.30
N ARG G 185 27.40 -16.55 19.15
CA ARG G 185 28.40 -17.26 18.42
C ARG G 185 29.50 -16.37 17.88
N ALA G 186 29.18 -15.16 17.44
CA ALA G 186 30.19 -14.21 17.02
C ALA G 186 31.14 -13.89 18.20
N CYS G 187 30.59 -13.62 19.36
CA CYS G 187 31.40 -13.35 20.54
C CYS G 187 32.32 -14.55 20.88
N LEU G 188 31.78 -15.77 20.88
CA LEU G 188 32.60 -16.92 21.14
C LEU G 188 33.74 -17.05 20.12
N TYR G 189 33.47 -16.90 18.83
CA TYR G 189 34.49 -16.96 17.78
C TYR G 189 35.52 -15.88 17.98
N ALA G 190 35.07 -14.66 18.29
CA ALA G 190 35.97 -13.55 18.60
C ALA G 190 36.95 -13.79 19.72
N GLY G 191 36.62 -14.70 20.64
CA GLY G 191 37.42 -14.96 21.84
C GLY G 191 36.82 -14.35 23.08
N ILE G 192 35.58 -13.86 23.01
CA ILE G 192 34.98 -13.25 24.21
C ILE G 192 34.27 -14.32 25.01
N LYS G 193 34.37 -14.21 26.33
CA LYS G 193 33.83 -15.20 27.25
C LYS G 193 32.33 -14.97 27.52
N VAL G 194 31.50 -15.13 26.50
CA VAL G 194 30.07 -15.07 26.74
C VAL G 194 29.60 -16.35 27.39
N SER G 195 29.13 -16.24 28.61
CA SER G 195 28.76 -17.41 29.37
C SER G 195 27.30 -17.83 29.21
N GLY G 196 26.47 -16.92 28.68
CA GLY G 196 25.07 -17.20 28.43
C GLY G 196 24.24 -16.03 27.94
N THR G 197 22.99 -16.33 27.56
CA THR G 197 21.99 -15.34 27.18
C THR G 197 20.65 -15.71 27.71
N ASN G 198 19.80 -14.71 27.93
CA ASN G 198 18.35 -14.89 28.05
C ASN G 198 17.50 -13.67 27.62
N ALA G 199 16.24 -13.96 27.30
CA ALA G 199 15.25 -12.93 27.06
C ALA G 199 14.82 -12.37 28.35
N GLU G 200 14.66 -11.06 28.33
CA GLU G 200 14.29 -10.32 29.50
C GLU G 200 12.81 -10.05 29.66
N VAL G 201 12.48 -9.20 30.63
CA VAL G 201 11.10 -9.09 31.13
C VAL G 201 10.16 -8.31 30.20
N MET G 202 10.67 -7.27 29.53
CA MET G 202 9.86 -6.60 28.49
C MET G 202 10.19 -7.17 27.13
N PRO G 203 9.19 -7.29 26.31
CA PRO G 203 9.42 -7.84 25.01
C PRO G 203 10.35 -6.91 24.22
N ALA G 204 11.14 -7.51 23.32
CA ALA G 204 12.30 -6.89 22.66
C ALA G 204 13.56 -6.69 23.56
N GLN G 205 13.48 -7.05 24.83
CA GLN G 205 14.62 -6.88 25.80
C GLN G 205 15.35 -8.21 25.95
N TRP G 206 16.68 -8.15 25.98
CA TRP G 206 17.53 -9.32 26.14
C TRP G 206 18.72 -9.03 27.06
N GLU G 207 19.52 -10.07 27.29
CA GLU G 207 20.70 -10.01 28.16
C GLU G 207 21.71 -10.98 27.64
N PHE G 208 22.97 -10.58 27.65
CA PHE G 208 24.05 -11.60 27.55
C PHE G 208 24.97 -11.43 28.74
N GLN G 209 25.53 -12.51 29.25
CA GLN G 209 26.49 -12.43 30.36
C GLN G 209 27.89 -12.66 29.82
N VAL G 210 28.81 -11.83 30.27
CA VAL G 210 30.23 -12.03 29.96
C VAL G 210 30.94 -12.34 31.27
N GLY G 211 31.78 -13.36 31.26
CA GLY G 211 32.67 -13.59 32.38
C GLY G 211 32.69 -15.03 32.77
N PRO G 212 33.40 -15.39 33.85
CA PRO G 212 34.22 -14.48 34.63
C PRO G 212 35.56 -14.17 33.95
N CYS G 213 35.94 -12.90 34.00
CA CYS G 213 37.10 -12.39 33.28
C CYS G 213 37.95 -11.74 34.33
N GLU G 214 39.24 -12.00 34.21
CA GLU G 214 40.24 -11.48 35.13
C GLU G 214 40.44 -10.00 34.87
N GLY G 215 40.21 -9.14 35.86
CA GLY G 215 40.63 -7.75 35.82
C GLY G 215 40.09 -6.98 34.64
N ILE G 216 40.92 -6.13 34.00
CA ILE G 216 40.51 -5.18 32.92
C ILE G 216 40.01 -5.92 31.69
N SER G 217 40.37 -7.17 31.60
CA SER G 217 39.89 -8.01 30.54
C SER G 217 38.33 -7.85 30.37
N ILE G 218 37.62 -7.63 31.47
CA ILE G 218 36.17 -7.58 31.38
C ILE G 218 35.72 -6.33 30.64
N GLY G 219 36.44 -5.22 30.85
CA GLY G 219 36.18 -3.98 30.18
C GLY G 219 36.44 -4.08 28.68
N ASP G 220 37.62 -4.53 28.30
CA ASP G 220 37.90 -4.73 26.88
C ASP G 220 36.88 -5.59 26.15
N ASP G 221 36.54 -6.70 26.76
CA ASP G 221 35.73 -7.71 26.14
C ASP G 221 34.24 -7.32 26.14
N LEU G 222 33.76 -6.66 27.17
CA LEU G 222 32.43 -6.23 27.19
C LEU G 222 32.31 -5.19 26.13
N TRP G 223 33.28 -4.29 26.04
CA TRP G 223 33.12 -3.27 25.02
C TRP G 223 33.15 -3.89 23.63
N MET G 224 33.99 -4.87 23.39
CA MET G 224 34.04 -5.44 22.08
C MET G 224 32.70 -6.19 21.78
N ALA G 225 32.11 -6.80 22.80
CA ALA G 225 30.84 -7.47 22.69
C ALA G 225 29.71 -6.46 22.43
N ARG G 226 29.80 -5.32 23.03
CA ARG G 226 28.94 -4.23 22.66
C ARG G 226 29.05 -3.87 21.18
N PHE G 227 30.28 -3.66 20.73
CA PHE G 227 30.53 -3.40 19.32
C PHE G 227 29.92 -4.47 18.39
N LEU G 228 30.10 -5.73 18.77
CA LEU G 228 29.61 -6.81 17.96
C LEU G 228 28.05 -6.79 17.94
N LEU G 229 27.43 -6.52 19.07
CA LEU G 229 25.98 -6.36 19.12
C LEU G 229 25.48 -5.27 18.18
N HIS G 230 25.98 -4.04 18.29
CA HIS G 230 25.51 -3.01 17.41
C HIS G 230 25.80 -3.30 15.93
N ARG G 231 26.97 -3.90 15.63
CA ARG G 231 27.42 -4.14 14.27
C ARG G 231 26.61 -5.24 13.60
N ILE G 232 26.33 -6.30 14.35
CA ILE G 232 25.43 -7.38 13.87
C ILE G 232 23.99 -6.86 13.67
N SER G 233 23.46 -6.21 14.69
CA SER G 233 22.17 -5.54 14.62
C SER G 233 21.98 -4.72 13.36
N GLU G 234 22.96 -3.86 13.11
CA GLU G 234 22.98 -2.98 12.02
C GLU G 234 22.64 -3.70 10.72
N GLU G 235 23.17 -4.89 10.51
CA GLU G 235 22.92 -5.63 9.29
C GLU G 235 21.44 -5.97 9.09
N PHE G 236 20.74 -6.18 10.18
CA PHE G 236 19.30 -6.37 10.16
C PHE G 236 18.48 -5.09 10.06
N GLY G 237 19.10 -3.93 10.19
CA GLY G 237 18.32 -2.68 10.32
C GLY G 237 17.71 -2.43 11.68
N ILE G 238 18.18 -3.18 12.66
CA ILE G 238 17.68 -3.06 14.00
C ILE G 238 18.64 -2.30 14.89
N VAL G 239 18.12 -1.38 15.67
CA VAL G 239 18.91 -0.65 16.63
C VAL G 239 18.97 -1.40 17.91
N SER G 240 20.16 -1.51 18.49
CA SER G 240 20.32 -2.05 19.85
C SER G 240 20.62 -0.91 20.78
N THR G 241 19.91 -0.77 21.89
CA THR G 241 20.21 0.32 22.74
C THR G 241 20.53 -0.25 24.12
N LEU G 242 21.45 0.46 24.75
CA LEU G 242 21.88 0.21 26.11
C LEU G 242 21.35 1.23 27.09
N ASP G 243 20.43 2.06 26.62
CA ASP G 243 19.80 3.04 27.46
C ASP G 243 19.12 2.34 28.62
N PRO G 244 19.31 2.85 29.84
CA PRO G 244 18.78 2.17 30.98
C PRO G 244 17.26 2.31 31.17
N LYS G 245 16.62 3.23 30.48
CA LYS G 245 15.17 3.30 30.52
C LYS G 245 14.70 3.54 29.11
N PRO G 246 14.70 2.48 28.26
CA PRO G 246 14.32 2.68 26.87
C PRO G 246 12.81 2.85 26.68
N MET G 247 12.02 2.55 27.69
CA MET G 247 10.63 3.06 27.77
C MET G 247 10.14 3.44 29.18
N PRO G 248 9.71 4.73 29.37
CA PRO G 248 9.19 5.24 30.68
C PRO G 248 8.02 4.44 31.34
N GLY G 249 8.03 4.46 32.68
CA GLY G 249 7.01 3.87 33.51
C GLY G 249 7.36 2.46 33.96
N ASP G 250 6.33 1.63 33.97
CA ASP G 250 6.28 0.26 34.51
C ASP G 250 7.16 -0.81 33.81
N TRP G 251 7.72 -0.46 32.67
CA TRP G 251 8.50 -1.38 31.90
C TRP G 251 9.91 -1.40 32.44
N ASN G 252 10.45 -2.61 32.66
CA ASN G 252 11.81 -2.85 33.18
C ASN G 252 12.94 -2.10 32.45
N GLY G 253 13.60 -1.22 33.19
CA GLY G 253 14.80 -0.60 32.69
C GLY G 253 15.90 -1.68 32.60
N ALA G 254 17.14 -1.21 32.48
CA ALA G 254 18.22 -2.08 32.15
C ALA G 254 19.47 -1.85 33.07
N GLY G 255 20.04 -2.96 33.48
CA GLY G 255 21.22 -2.97 34.34
C GLY G 255 22.37 -3.67 33.66
N ALA G 256 23.52 -3.58 34.29
CA ALA G 256 24.64 -4.37 33.90
C ALA G 256 25.18 -4.81 35.24
N HIS G 257 24.39 -5.68 35.85
CA HIS G 257 24.79 -6.30 37.10
C HIS G 257 26.18 -6.99 37.04
N THR G 258 26.95 -6.79 38.09
CA THR G 258 28.35 -7.18 38.09
C THR G 258 28.64 -8.14 39.24
N ASN G 259 29.04 -9.34 38.90
CA ASN G 259 29.49 -10.34 39.82
C ASN G 259 30.98 -10.20 40.02
N VAL G 260 31.38 -10.23 41.28
CA VAL G 260 32.77 -9.92 41.69
C VAL G 260 33.25 -11.02 42.61
N SER G 261 34.43 -11.57 42.34
CA SER G 261 35.18 -12.29 43.38
C SER G 261 36.70 -12.00 43.38
N THR G 262 37.29 -12.16 44.55
CA THR G 262 38.74 -12.29 44.72
C THR G 262 39.18 -13.73 45.07
N LYS G 263 40.48 -14.00 44.95
CA LYS G 263 41.02 -15.32 45.31
C LYS G 263 40.51 -15.76 46.69
N ALA G 264 40.50 -14.82 47.61
CA ALA G 264 40.18 -15.10 48.99
C ALA G 264 38.71 -15.47 49.12
N MET G 265 37.87 -14.75 48.39
CA MET G 265 36.46 -14.99 48.39
C MET G 265 36.19 -16.35 47.83
N ARG G 266 36.98 -16.79 46.86
CA ARG G 266 36.67 -18.02 46.17
C ARG G 266 37.14 -19.28 46.92
N GLU G 267 38.01 -19.13 47.90
CA GLU G 267 38.54 -20.31 48.56
C GLU G 267 37.62 -20.58 49.75
N ASP G 268 37.66 -21.82 50.20
CA ASP G 268 36.81 -22.30 51.31
C ASP G 268 36.92 -21.37 52.51
N GLY G 269 35.79 -21.06 53.13
CA GLY G 269 35.78 -20.00 54.12
C GLY G 269 35.78 -18.58 53.52
N GLY G 270 35.76 -18.47 52.19
CA GLY G 270 35.78 -17.18 51.44
C GLY G 270 34.68 -16.20 51.81
N ILE G 271 33.55 -16.76 52.21
CA ILE G 271 32.37 -15.99 52.60
C ILE G 271 32.65 -14.82 53.51
N ARG G 272 33.61 -14.99 54.42
CA ARG G 272 33.90 -13.93 55.40
C ARG G 272 34.59 -12.76 54.71
N ASP G 273 35.33 -13.07 53.67
CA ASP G 273 35.99 -12.02 52.86
C ASP G 273 34.94 -11.28 52.03
N ILE G 274 33.95 -12.04 51.58
CA ILE G 274 32.80 -11.48 50.85
C ILE G 274 32.07 -10.50 51.74
N GLU G 275 31.77 -10.89 52.98
CA GLU G 275 30.99 -10.01 53.88
C GLU G 275 31.77 -8.75 54.24
N LYS G 276 33.08 -8.91 54.36
CA LYS G 276 33.99 -7.78 54.59
C LYS G 276 33.96 -6.78 53.42
N ALA G 277 34.03 -7.29 52.18
CA ALA G 277 33.95 -6.46 50.97
C ALA G 277 32.61 -5.74 50.82
N VAL G 278 31.54 -6.46 51.13
CA VAL G 278 30.20 -5.87 50.98
C VAL G 278 30.05 -4.72 51.95
N ALA G 279 30.53 -4.92 53.18
CA ALA G 279 30.45 -3.90 54.22
C ALA G 279 31.21 -2.63 53.83
N LYS G 280 32.36 -2.79 53.17
CA LYS G 280 33.07 -1.62 52.62
C LYS G 280 32.31 -0.92 51.47
N LEU G 281 31.66 -1.69 50.59
CA LEU G 281 30.81 -1.05 49.56
C LEU G 281 29.63 -0.27 50.13
N SER G 282 29.00 -0.76 51.22
CA SER G 282 27.94 0.01 51.98
C SER G 282 28.31 1.43 52.41
N LYS G 283 29.58 1.60 52.77
CA LYS G 283 30.11 2.86 53.29
C LYS G 283 30.31 3.97 52.24
N CYS G 284 30.24 3.62 50.95
CA CYS G 284 30.44 4.63 49.91
C CYS G 284 29.52 4.38 48.71
N HIS G 285 28.25 4.68 48.94
CA HIS G 285 27.26 4.55 47.87
C HIS G 285 27.39 5.62 46.80
N GLU G 286 27.45 6.87 47.25
CA GLU G 286 27.65 8.06 46.40
C GLU G 286 28.72 7.85 45.32
N ARG G 287 29.94 7.45 45.74
CA ARG G 287 31.12 7.32 44.83
C ARG G 287 30.81 6.37 43.64
N HIS G 288 30.26 5.20 43.96
CA HIS G 288 30.04 4.17 42.96
C HIS G 288 28.96 4.57 41.94
N ILE G 289 27.87 5.18 42.42
CA ILE G 289 26.79 5.70 41.55
C ILE G 289 27.33 6.70 40.52
N ARG G 290 28.23 7.58 40.93
CA ARG G 290 28.89 8.50 39.98
C ARG G 290 29.67 7.75 38.86
N ALA G 291 30.32 6.64 39.22
CA ALA G 291 31.19 5.85 38.32
C ALA G 291 30.41 4.84 37.46
N TYR G 292 29.20 4.54 37.89
CA TYR G 292 28.37 3.49 37.30
C TYR G 292 27.54 3.96 36.10
N ASP G 293 27.86 5.18 35.68
CA ASP G 293 27.06 5.93 34.77
C ASP G 293 27.94 6.96 34.05
N PRO G 294 27.99 6.93 32.70
CA PRO G 294 28.79 7.85 31.87
C PRO G 294 28.39 9.33 31.94
N LYS G 295 27.24 9.62 32.55
CA LYS G 295 26.91 10.97 33.03
C LYS G 295 27.42 11.04 34.49
N GLN G 296 26.63 11.47 35.46
CA GLN G 296 27.09 11.42 36.86
C GLN G 296 26.07 10.76 37.80
N GLY G 297 25.43 9.71 37.27
CA GLY G 297 24.30 9.04 37.92
C GLY G 297 22.95 9.70 37.60
N GLN G 298 22.86 10.29 36.40
CA GLN G 298 21.65 10.98 35.90
C GLN G 298 20.80 10.05 35.03
N ASP G 299 21.46 9.30 34.13
CA ASP G 299 20.82 8.17 33.41
C ASP G 299 20.46 7.02 34.38
N ASN G 300 21.30 6.83 35.41
CA ASN G 300 21.15 5.81 36.49
C ASN G 300 20.05 6.13 37.53
N ALA G 301 19.37 7.27 37.40
CA ALA G 301 18.23 7.69 38.25
C ALA G 301 16.85 7.46 37.58
N ARG G 302 16.82 7.61 36.26
CA ARG G 302 15.67 7.24 35.42
C ARG G 302 15.30 5.74 35.51
N ARG G 303 16.32 4.90 35.76
CA ARG G 303 16.17 3.44 35.85
C ARG G 303 15.78 2.98 37.25
N LEU G 304 16.73 3.05 38.19
CA LEU G 304 16.55 2.44 39.52
C LEU G 304 16.03 3.46 40.55
N THR G 305 14.70 3.50 40.66
CA THR G 305 13.98 4.17 41.77
C THR G 305 13.20 3.10 42.55
N GLY G 306 13.85 1.96 42.80
CA GLY G 306 13.26 0.81 43.49
C GLY G 306 12.19 0.08 42.70
N LYS G 307 12.09 0.41 41.42
CA LYS G 307 10.90 0.08 40.62
C LYS G 307 10.72 -1.44 40.33
N HIS G 308 11.61 -1.97 39.49
CA HIS G 308 11.36 -3.21 38.76
C HIS G 308 12.62 -4.09 38.74
N GLU G 309 12.73 -4.93 39.78
CA GLU G 309 13.89 -5.80 40.05
C GLU G 309 15.21 -5.00 40.28
N THR G 310 15.15 -4.01 41.17
CA THR G 310 16.32 -3.16 41.45
C THR G 310 16.21 -2.30 42.73
N SER G 311 17.27 -1.54 42.97
CA SER G 311 17.49 -0.79 44.23
C SER G 311 16.94 0.65 44.20
N SER G 312 17.10 1.34 45.33
CA SER G 312 16.96 2.81 45.44
C SER G 312 18.30 3.45 45.09
N ILE G 313 18.36 4.78 45.12
CA ILE G 313 19.62 5.51 44.90
C ILE G 313 20.45 5.69 46.20
N ASN G 314 19.83 5.55 47.38
CA ASN G 314 20.61 5.52 48.66
C ASN G 314 20.40 4.27 49.58
N ASP G 315 20.33 3.08 48.97
CA ASP G 315 20.14 1.80 49.68
C ASP G 315 21.36 1.32 50.49
N PHE G 316 21.12 0.85 51.71
CA PHE G 316 22.11 0.09 52.47
C PHE G 316 22.36 -1.19 51.66
N SER G 317 21.27 -1.92 51.44
CA SER G 317 21.24 -3.20 50.70
C SER G 317 21.94 -4.37 51.36
N ALA G 318 22.02 -4.36 52.68
CA ALA G 318 22.68 -5.43 53.44
C ALA G 318 21.89 -6.75 53.38
N GLY G 319 21.36 -7.08 52.19
CA GLY G 319 20.49 -8.24 51.96
C GLY G 319 21.19 -9.38 51.25
N VAL G 320 20.56 -10.55 51.27
CA VAL G 320 21.16 -11.82 50.79
C VAL G 320 20.12 -12.67 50.04
N ALA G 321 20.53 -13.23 48.91
CA ALA G 321 19.60 -13.93 47.96
C ALA G 321 18.40 -13.08 47.51
N ASN G 322 18.62 -11.77 47.36
CA ASN G 322 17.56 -10.77 47.32
C ASN G 322 17.66 -9.81 46.10
N ARG G 323 16.66 -9.88 45.21
CA ARG G 323 16.58 -9.07 43.96
C ARG G 323 16.17 -7.58 44.14
N GLY G 324 15.92 -7.15 45.38
CA GLY G 324 15.64 -5.73 45.72
C GLY G 324 16.83 -4.92 46.25
N CYS G 325 17.93 -5.63 46.55
CA CYS G 325 19.15 -5.01 47.12
C CYS G 325 20.15 -4.48 46.09
N SER G 326 20.92 -3.47 46.49
CA SER G 326 22.05 -3.00 45.71
C SER G 326 23.07 -4.10 45.55
N ILE G 327 23.50 -4.68 46.66
CA ILE G 327 24.48 -5.76 46.68
C ILE G 327 23.83 -7.00 47.24
N ARG G 328 23.88 -8.09 46.50
CA ARG G 328 23.26 -9.30 46.94
C ARG G 328 24.33 -10.40 47.03
N ILE G 329 24.25 -11.22 48.10
CA ILE G 329 24.97 -12.50 48.17
C ILE G 329 24.06 -13.68 47.82
N PRO G 330 24.32 -14.33 46.65
CA PRO G 330 23.44 -15.43 46.27
C PRO G 330 23.34 -16.51 47.35
N ARG G 331 22.26 -17.27 47.29
CA ARG G 331 22.03 -18.32 48.28
C ARG G 331 23.14 -19.40 48.24
N GLY G 332 23.37 -19.95 47.05
CA GLY G 332 24.42 -20.94 46.81
C GLY G 332 25.78 -20.53 47.37
N VAL G 333 26.06 -19.23 47.37
CA VAL G 333 27.34 -18.72 47.85
C VAL G 333 27.33 -18.67 49.35
N ASN G 334 26.28 -18.08 49.90
CA ASN G 334 26.09 -18.17 51.33
C ASN G 334 26.16 -19.65 51.82
N ASP G 335 25.55 -20.59 51.09
CA ASP G 335 25.53 -22.01 51.52
C ASP G 335 26.90 -22.73 51.34
N ASP G 336 27.63 -22.38 50.29
CA ASP G 336 28.88 -23.06 50.01
C ASP G 336 30.02 -22.43 50.80
N GLY G 337 29.74 -21.34 51.50
CA GLY G 337 30.75 -20.61 52.25
C GLY G 337 31.87 -19.99 51.42
N LYS G 338 31.59 -19.70 50.15
CA LYS G 338 32.57 -19.19 49.22
C LYS G 338 31.93 -18.96 47.84
N GLY G 339 32.50 -18.05 47.05
CA GLY G 339 32.03 -17.75 45.69
C GLY G 339 32.25 -16.27 45.38
N TYR G 340 31.13 -15.53 45.25
CA TYR G 340 31.15 -14.17 44.71
C TYR G 340 30.00 -13.37 45.26
N PHE G 341 30.06 -12.05 45.10
CA PHE G 341 28.91 -11.21 45.37
C PHE G 341 28.42 -10.50 44.10
N GLU G 342 27.18 -10.04 44.14
CA GLU G 342 26.54 -9.34 42.99
C GLU G 342 26.31 -7.89 43.29
N ASP G 343 26.92 -6.99 42.52
CA ASP G 343 26.60 -5.55 42.60
C ASP G 343 25.54 -5.20 41.56
N ARG G 344 24.34 -4.86 42.03
CA ARG G 344 23.16 -4.63 41.19
C ARG G 344 22.97 -3.16 40.86
N ARG G 345 23.91 -2.29 41.25
CA ARG G 345 23.76 -0.89 40.91
C ARG G 345 24.07 -0.46 39.46
N PRO G 346 25.05 -1.09 38.79
CA PRO G 346 25.39 -0.47 37.51
C PRO G 346 24.26 -0.51 36.50
N SER G 347 24.14 0.56 35.72
CA SER G 347 23.18 0.68 34.65
C SER G 347 23.69 0.01 33.45
N SER G 348 22.74 -0.34 32.57
CA SER G 348 23.10 -0.96 31.31
C SER G 348 24.04 -0.14 30.46
N ASN G 349 24.04 1.20 30.55
CA ASN G 349 24.96 2.02 29.77
C ASN G 349 26.26 2.39 30.57
N CYS G 350 26.55 1.72 31.68
CA CYS G 350 27.80 2.02 32.45
C CYS G 350 29.04 1.71 31.61
N ASP G 351 30.13 2.42 31.91
CA ASP G 351 31.47 2.03 31.41
C ASP G 351 32.08 0.96 32.32
N PRO G 352 32.29 -0.25 31.79
CA PRO G 352 32.81 -1.26 32.68
C PRO G 352 34.17 -0.90 33.36
N TYR G 353 35.00 -0.12 32.67
CA TYR G 353 36.28 0.26 33.22
C TYR G 353 36.03 1.05 34.50
N SER G 354 35.05 1.93 34.47
CA SER G 354 34.78 2.71 35.63
C SER G 354 34.26 1.90 36.75
N VAL G 355 33.43 0.92 36.42
CA VAL G 355 32.82 0.10 37.43
C VAL G 355 33.88 -0.78 38.12
N VAL G 356 34.71 -1.42 37.33
CA VAL G 356 35.84 -2.18 37.86
C VAL G 356 36.73 -1.26 38.73
N GLU G 357 37.09 -0.08 38.24
CA GLU G 357 38.00 0.76 38.99
C GLU G 357 37.45 1.07 40.36
N ALA G 358 36.19 1.50 40.40
CA ALA G 358 35.67 1.98 41.64
C ALA G 358 35.47 0.79 42.65
N ILE G 359 35.11 -0.37 42.14
CA ILE G 359 34.95 -1.48 43.01
C ILE G 359 36.29 -1.88 43.66
N LEU G 360 37.31 -1.99 42.84
CA LEU G 360 38.66 -2.36 43.28
C LEU G 360 39.29 -1.35 44.21
N ARG G 361 39.19 -0.07 43.88
CA ARG G 361 39.62 0.96 44.80
C ARG G 361 39.00 0.76 46.17
N THR G 362 37.73 0.33 46.20
CA THR G 362 37.01 0.24 47.45
C THR G 362 37.33 -1.04 48.20
N ILE G 363 37.33 -2.19 47.54
CA ILE G 363 37.45 -3.44 48.24
C ILE G 363 38.86 -4.05 48.27
N CYS G 364 39.77 -3.58 47.42
CA CYS G 364 41.17 -3.96 47.46
C CYS G 364 42.11 -2.81 47.96
N LEU G 365 41.81 -1.58 47.55
CA LEU G 365 42.49 -0.29 47.87
C LEU G 365 43.78 -0.14 47.04
N ALA H 1 6.75 2.36 2.68
CA ALA H 1 8.03 1.71 2.24
C ALA H 1 8.61 2.45 1.03
N ARG H 2 9.35 3.54 1.24
CA ARG H 2 9.88 4.23 0.09
C ARG H 2 11.34 4.00 -0.27
N ILE H 3 12.17 3.52 0.64
CA ILE H 3 13.58 3.34 0.32
C ILE H 3 13.84 2.35 -0.81
N LEU H 4 14.49 2.84 -1.87
CA LEU H 4 14.79 2.03 -3.06
C LEU H 4 13.56 1.55 -3.82
N GLU H 5 12.41 2.14 -3.54
CA GLU H 5 11.16 1.70 -4.18
C GLU H 5 11.16 1.81 -5.71
N ASP H 6 11.74 2.86 -6.25
CA ASP H 6 11.76 3.14 -7.69
C ASP H 6 13.03 2.76 -8.38
N SER H 7 13.98 2.13 -7.67
CA SER H 7 15.23 1.74 -8.29
C SER H 7 15.08 0.40 -8.96
N PRO H 8 15.11 0.35 -10.28
CA PRO H 8 14.81 -0.90 -10.99
C PRO H 8 15.70 -2.06 -10.60
N ASN H 9 16.98 -1.80 -10.48
CA ASN H 9 17.87 -2.86 -10.03
C ASN H 9 17.56 -3.34 -8.60
N ALA H 10 17.07 -2.47 -7.73
CA ALA H 10 16.69 -2.97 -6.40
C ALA H 10 15.51 -3.92 -6.46
N ARG H 11 14.69 -3.82 -7.51
CA ARG H 11 13.44 -4.56 -7.57
C ARG H 11 13.53 -5.88 -8.34
N ILE H 12 14.68 -6.20 -8.88
CA ILE H 12 14.80 -7.36 -9.72
C ILE H 12 15.41 -8.40 -8.83
N ASN H 13 15.00 -9.64 -9.01
CA ASN H 13 15.58 -10.71 -8.24
C ASN H 13 17.12 -10.77 -8.32
N LYS H 14 17.72 -11.05 -7.17
CA LYS H 14 19.17 -11.09 -7.02
C LYS H 14 19.81 -12.50 -6.84
N THR H 15 18.98 -13.53 -6.69
CA THR H 15 19.44 -14.91 -6.40
C THR H 15 19.54 -15.80 -7.64
N ILE H 16 18.78 -15.52 -8.67
CA ILE H 16 18.91 -16.28 -9.94
C ILE H 16 20.37 -16.30 -10.48
N LEU H 17 21.03 -15.16 -10.47
CA LEU H 17 22.29 -15.04 -11.20
C LEU H 17 23.27 -16.11 -10.82
N ASP H 18 23.19 -16.61 -9.59
CA ASP H 18 24.18 -17.55 -9.06
C ASP H 18 24.15 -18.90 -9.77
N ARG H 19 22.96 -19.30 -10.20
CA ARG H 19 22.74 -20.50 -11.02
C ARG H 19 23.54 -20.47 -12.30
N TYR H 20 23.67 -19.28 -12.87
CA TYR H 20 24.39 -19.13 -14.09
C TYR H 20 25.88 -18.94 -13.88
N LEU H 21 26.28 -18.22 -12.85
CA LEU H 21 27.73 -17.97 -12.67
C LEU H 21 28.53 -19.20 -12.21
N SER H 22 27.84 -20.16 -11.62
CA SER H 22 28.29 -21.54 -11.51
C SER H 22 28.67 -22.31 -12.79
N LEU H 23 28.25 -21.89 -13.97
CA LEU H 23 28.46 -22.74 -15.15
C LEU H 23 29.96 -22.78 -15.53
N PRO H 24 30.52 -23.99 -15.67
CA PRO H 24 31.94 -24.12 -16.00
C PRO H 24 32.23 -24.01 -17.49
N LEU H 25 33.25 -23.24 -17.85
CA LEU H 25 33.72 -23.11 -19.24
C LEU H 25 35.19 -23.59 -19.35
N GLN H 26 35.63 -24.08 -20.52
CA GLN H 26 37.09 -24.37 -20.70
C GLN H 26 37.93 -23.11 -20.46
N GLU H 27 39.20 -23.26 -20.14
CA GLU H 27 39.92 -22.19 -19.41
C GLU H 27 40.53 -21.12 -20.31
N ASN H 28 40.60 -21.44 -21.59
CA ASN H 28 41.03 -20.49 -22.61
C ASN H 28 40.01 -19.40 -22.89
N ILE H 29 38.77 -19.62 -22.50
CA ILE H 29 37.68 -18.64 -22.68
C ILE H 29 37.75 -17.51 -21.63
N VAL H 30 37.98 -16.29 -22.08
CA VAL H 30 38.26 -15.20 -21.17
C VAL H 30 37.43 -13.97 -21.53
N GLN H 31 36.68 -13.48 -20.54
CA GLN H 31 35.77 -12.35 -20.72
C GLN H 31 36.55 -11.21 -20.25
N ALA H 32 36.59 -10.15 -21.06
CA ALA H 32 37.36 -9.02 -20.69
C ALA H 32 36.49 -7.80 -20.70
N THR H 33 36.51 -7.06 -19.58
CA THR H 33 35.67 -5.89 -19.48
C THR H 33 36.54 -4.67 -19.62
N TYR H 34 36.33 -3.90 -20.69
CA TYR H 34 37.14 -2.70 -20.88
C TYR H 34 36.42 -1.56 -20.25
N VAL H 35 37.17 -0.66 -19.60
CA VAL H 35 36.63 0.49 -18.87
C VAL H 35 37.25 1.79 -19.33
N TRP H 36 36.45 2.82 -19.54
CA TRP H 36 37.00 4.08 -19.89
C TRP H 36 36.24 5.24 -19.34
N ILE H 37 36.90 6.39 -19.39
CA ILE H 37 36.32 7.59 -18.97
C ILE H 37 35.64 8.27 -20.18
N ASP H 38 34.46 8.83 -19.96
CA ASP H 38 33.71 9.43 -21.07
C ASP H 38 33.97 10.94 -21.15
N GLY H 39 33.26 11.64 -22.01
CA GLY H 39 33.49 13.07 -22.24
C GLY H 39 33.18 14.05 -21.14
N THR H 40 32.58 13.58 -20.06
CA THR H 40 32.37 14.46 -18.93
C THR H 40 33.63 14.56 -18.10
N GLY H 41 34.49 13.56 -18.24
CA GLY H 41 35.75 13.46 -17.48
C GLY H 41 35.54 12.99 -16.05
N GLU H 42 34.32 12.57 -15.74
CA GLU H 42 33.90 12.16 -14.39
C GLU H 42 33.33 10.75 -14.39
N ASP H 43 32.55 10.39 -15.40
CA ASP H 43 31.86 9.09 -15.37
C ASP H 43 32.60 8.04 -16.17
N LEU H 44 32.33 6.80 -15.80
CA LEU H 44 32.89 5.64 -16.50
C LEU H 44 31.90 4.98 -17.45
N ARG H 45 32.45 4.24 -18.42
CA ARG H 45 31.69 3.43 -19.34
C ARG H 45 32.42 2.14 -19.40
N CYS H 46 31.75 1.08 -19.85
CA CYS H 46 32.38 -0.20 -20.01
C CYS H 46 31.65 -1.06 -21.01
N LYS H 47 32.34 -2.08 -21.51
CA LYS H 47 31.65 -3.11 -22.23
C LYS H 47 32.57 -4.28 -22.29
N ASP H 48 32.11 -5.41 -22.80
CA ASP H 48 33.00 -6.56 -22.75
C ASP H 48 33.12 -7.45 -23.98
N ARG H 49 34.19 -8.26 -24.00
CA ARG H 49 34.50 -9.12 -25.12
C ARG H 49 35.10 -10.41 -24.64
N THR H 50 34.89 -11.42 -25.48
CA THR H 50 35.39 -12.73 -25.26
C THR H 50 36.73 -12.85 -25.98
N LEU H 51 37.76 -13.30 -25.25
CA LEU H 51 39.10 -13.60 -25.78
C LEU H 51 39.32 -15.08 -25.73
N ASP H 52 40.29 -15.59 -26.48
CA ASP H 52 40.56 -17.03 -26.46
C ASP H 52 41.92 -17.32 -25.83
N PHE H 53 42.57 -16.30 -25.29
CA PHE H 53 43.86 -16.49 -24.60
C PHE H 53 43.92 -15.73 -23.28
N ILE H 54 44.91 -16.08 -22.47
CA ILE H 54 45.15 -15.40 -21.21
C ILE H 54 46.24 -14.33 -21.34
N PRO H 55 45.85 -13.04 -21.36
CA PRO H 55 46.91 -12.02 -21.48
C PRO H 55 47.86 -12.00 -20.28
N GLN H 56 49.13 -11.73 -20.54
CA GLN H 56 50.14 -11.55 -19.49
C GLN H 56 50.28 -10.09 -19.08
N SER H 57 49.76 -9.18 -19.93
CA SER H 57 49.96 -7.73 -19.76
C SER H 57 49.13 -6.91 -20.73
N PRO H 58 48.92 -5.61 -20.42
CA PRO H 58 48.09 -4.72 -21.24
C PRO H 58 48.42 -4.81 -22.70
N LYS H 59 49.71 -4.95 -22.99
CA LYS H 59 50.22 -5.05 -24.34
C LYS H 59 49.58 -6.17 -25.14
N GLU H 60 49.35 -7.32 -24.52
CA GLU H 60 48.80 -8.47 -25.25
C GLU H 60 47.28 -8.35 -25.62
N LEU H 61 46.68 -7.21 -25.31
CA LEU H 61 45.22 -7.00 -25.48
C LEU H 61 44.88 -6.12 -26.69
N PRO H 62 43.84 -6.47 -27.42
CA PRO H 62 43.58 -5.67 -28.62
C PRO H 62 43.12 -4.24 -28.32
N VAL H 63 43.58 -3.33 -29.15
CA VAL H 63 43.04 -2.00 -29.16
C VAL H 63 41.59 -2.19 -29.60
N TRP H 64 40.74 -1.33 -29.08
CA TRP H 64 39.32 -1.42 -29.37
C TRP H 64 38.77 -0.04 -29.59
N ASN H 65 37.47 0.04 -29.79
CA ASN H 65 36.87 1.32 -30.15
C ASN H 65 35.43 1.39 -29.66
N TYR H 66 34.91 2.62 -29.61
CA TYR H 66 33.49 2.86 -29.29
C TYR H 66 33.03 4.08 -30.05
N ASP H 67 31.71 4.26 -30.09
CA ASP H 67 31.10 5.43 -30.69
C ASP H 67 31.16 6.54 -29.69
N GLY H 68 32.04 7.49 -29.98
CA GLY H 68 32.27 8.61 -29.14
C GLY H 68 31.08 9.54 -29.12
N SER H 69 30.30 9.58 -30.20
CA SER H 69 29.13 10.49 -30.27
C SER H 69 28.05 10.08 -29.29
N SER H 70 28.14 8.84 -28.80
CA SER H 70 27.28 8.36 -27.69
C SER H 70 27.83 8.54 -26.24
N CYS H 71 29.03 9.10 -26.10
CA CYS H 71 29.75 9.32 -24.81
C CYS H 71 30.14 10.75 -24.60
N TYR H 72 29.47 11.68 -25.25
CA TYR H 72 29.83 13.09 -25.21
C TYR H 72 31.23 13.33 -25.79
N GLN H 73 31.62 12.57 -26.80
CA GLN H 73 32.93 12.76 -27.48
C GLN H 73 32.74 12.73 -28.99
N ALA H 74 31.78 13.52 -29.46
CA ALA H 74 31.45 13.57 -30.88
C ALA H 74 32.53 14.33 -31.68
N GLU H 75 32.85 13.82 -32.87
CA GLU H 75 33.71 14.54 -33.85
C GLU H 75 33.12 14.51 -35.27
N GLY H 76 32.20 15.44 -35.57
CA GLY H 76 31.47 15.42 -36.85
C GLY H 76 31.10 13.99 -37.19
N SER H 77 31.50 13.55 -38.39
CA SER H 77 31.23 12.15 -38.86
C SER H 77 32.35 11.12 -38.55
N ASN H 78 33.35 11.54 -37.79
CA ASN H 78 34.52 10.72 -37.48
C ASN H 78 34.55 10.32 -36.01
N SER H 79 33.39 10.02 -35.45
CA SER H 79 33.28 9.95 -33.99
C SER H 79 33.78 8.62 -33.37
N ASP H 80 34.14 7.62 -34.21
CA ASP H 80 34.81 6.40 -33.70
C ASP H 80 36.06 6.78 -32.89
N THR H 81 36.16 6.13 -31.73
CA THR H 81 37.06 6.53 -30.68
C THR H 81 37.79 5.33 -30.17
N TYR H 82 39.06 5.46 -29.86
CA TYR H 82 39.82 4.25 -29.63
C TYR H 82 40.17 4.05 -28.16
N LEU H 83 40.23 2.78 -27.81
CA LEU H 83 40.46 2.34 -26.49
C LEU H 83 41.81 1.61 -26.42
N TYR H 84 42.79 2.25 -25.78
CA TYR H 84 44.12 1.64 -25.55
C TYR H 84 44.25 1.03 -24.15
N PRO H 85 44.36 -0.29 -24.05
CA PRO H 85 44.48 -0.85 -22.69
C PRO H 85 45.74 -0.29 -21.98
N VAL H 86 45.62 0.07 -20.72
CA VAL H 86 46.73 0.56 -19.91
C VAL H 86 46.97 -0.23 -18.66
N ALA H 87 46.05 -1.10 -18.25
CA ALA H 87 46.21 -1.87 -16.99
C ALA H 87 45.11 -2.91 -16.87
N ILE H 88 45.47 -4.06 -16.32
CA ILE H 88 44.66 -5.27 -16.28
C ILE H 88 44.37 -5.54 -14.81
N TYR H 89 43.24 -6.17 -14.50
CA TYR H 89 42.92 -6.52 -13.10
C TYR H 89 42.17 -7.78 -13.11
N LYS H 90 42.22 -8.48 -12.00
CA LYS H 90 41.39 -9.66 -11.83
C LYS H 90 39.94 -9.21 -11.67
N ASP H 91 39.03 -9.96 -12.27
CA ASP H 91 37.64 -9.62 -12.31
C ASP H 91 36.93 -10.18 -11.11
N PRO H 92 36.51 -9.32 -10.17
CA PRO H 92 35.89 -9.87 -8.97
C PRO H 92 34.44 -10.35 -9.13
N PHE H 93 33.82 -10.10 -10.28
CA PHE H 93 32.45 -10.58 -10.59
C PHE H 93 32.43 -11.97 -11.21
N ARG H 94 33.40 -12.27 -12.05
CA ARG H 94 33.39 -13.52 -12.84
C ARG H 94 34.50 -14.46 -12.42
N ARG H 95 35.53 -13.91 -11.79
CA ARG H 95 36.68 -14.68 -11.29
C ARG H 95 37.37 -15.43 -12.38
N GLY H 96 37.93 -16.59 -12.02
CA GLY H 96 38.81 -17.40 -12.88
C GLY H 96 39.88 -16.54 -13.50
N ASN H 97 39.98 -16.64 -14.82
CA ASN H 97 40.88 -15.84 -15.63
C ASN H 97 40.24 -14.63 -16.28
N ASN H 98 39.05 -14.26 -15.81
CA ASN H 98 38.34 -13.16 -16.43
C ASN H 98 39.00 -11.86 -15.93
N ILE H 99 38.97 -10.78 -16.70
CA ILE H 99 39.66 -9.58 -16.31
C ILE H 99 38.90 -8.31 -16.63
N LEU H 100 39.38 -7.22 -15.98
CA LEU H 100 39.00 -5.84 -16.18
C LEU H 100 40.18 -5.12 -16.74
N VAL H 101 39.92 -4.24 -17.67
CA VAL H 101 40.97 -3.56 -18.42
C VAL H 101 40.73 -2.08 -18.37
N MET H 102 41.50 -1.31 -17.61
CA MET H 102 41.42 0.16 -17.67
C MET H 102 42.02 0.65 -19.00
N CYS H 103 41.43 1.69 -19.62
CA CYS H 103 41.92 2.17 -20.91
C CYS H 103 42.11 3.67 -20.85
N ASP H 104 42.91 4.20 -21.76
CA ASP H 104 42.86 5.62 -22.09
C ASP H 104 42.32 5.78 -23.55
N THR H 105 41.86 6.96 -23.95
CA THR H 105 41.09 7.07 -25.18
C THR H 105 41.74 8.01 -26.17
N TYR H 106 41.63 7.67 -27.45
CA TYR H 106 42.19 8.51 -28.50
C TYR H 106 41.18 8.69 -29.62
N LYS H 107 41.21 9.89 -30.20
CA LYS H 107 40.46 10.22 -31.43
C LYS H 107 40.86 9.35 -32.62
N PHE H 108 40.03 9.42 -33.65
CA PHE H 108 40.23 8.66 -34.88
C PHE H 108 41.64 8.86 -35.48
N ASP H 109 42.15 10.10 -35.48
CA ASP H 109 43.54 10.40 -36.00
C ASP H 109 44.64 9.84 -35.11
N GLY H 110 44.35 9.77 -33.82
CA GLY H 110 45.30 9.20 -32.89
C GLY H 110 45.69 10.20 -31.83
N THR H 111 45.20 11.44 -31.89
CA THR H 111 45.40 12.36 -30.82
C THR H 111 44.57 11.93 -29.58
N PRO H 112 44.97 12.36 -28.39
CA PRO H 112 44.16 11.95 -27.24
C PRO H 112 42.82 12.70 -27.19
N THR H 113 41.73 12.01 -26.83
CA THR H 113 40.45 12.69 -26.53
C THR H 113 40.72 13.73 -25.50
N ASP H 114 39.84 14.72 -25.37
CA ASP H 114 40.02 15.80 -24.39
C ASP H 114 40.04 15.31 -22.93
N THR H 115 39.32 14.25 -22.63
CA THR H 115 39.37 13.71 -21.27
C THR H 115 40.37 12.59 -21.09
N ASN H 116 41.30 12.41 -22.01
CA ASN H 116 42.43 11.56 -21.71
C ASN H 116 43.51 12.42 -21.01
N LYS H 117 43.56 12.36 -19.70
CA LYS H 117 44.55 13.10 -18.95
C LYS H 117 45.71 12.21 -18.61
N ARG H 118 45.62 10.96 -19.01
CA ARG H 118 46.65 10.02 -18.66
C ARG H 118 47.96 10.18 -19.50
N LYS H 119 47.83 10.42 -20.81
CA LYS H 119 48.97 10.50 -21.71
C LYS H 119 50.00 11.46 -21.16
N THR H 120 49.62 12.71 -20.95
CA THR H 120 50.56 13.67 -20.48
C THR H 120 50.99 13.40 -19.04
N CYS H 121 50.12 12.77 -18.25
CA CYS H 121 50.50 12.51 -16.88
C CYS H 121 51.60 11.46 -16.92
N LEU H 122 51.50 10.53 -17.86
CA LEU H 122 52.51 9.47 -18.02
C LEU H 122 53.92 10.04 -18.42
N GLU H 123 53.95 11.02 -19.34
CA GLU H 123 55.19 11.68 -19.74
C GLU H 123 55.87 12.29 -18.51
N VAL H 124 55.11 13.07 -17.75
CA VAL H 124 55.63 13.73 -16.57
C VAL H 124 56.10 12.72 -15.54
N ALA H 125 55.32 11.69 -15.30
CA ALA H 125 55.72 10.71 -14.30
C ALA H 125 56.99 9.99 -14.69
N ASN H 126 57.20 9.83 -15.99
CA ASN H 126 58.35 9.08 -16.49
C ASN H 126 59.63 9.84 -16.26
N LYS H 127 59.62 11.11 -16.64
CA LYS H 127 60.71 12.04 -16.35
C LYS H 127 61.04 12.12 -14.83
N CYS H 128 60.12 11.76 -13.95
CA CYS H 128 60.34 11.87 -12.49
C CYS H 128 60.55 10.55 -11.82
N ALA H 129 60.62 9.49 -12.60
CA ALA H 129 60.73 8.12 -12.04
C ALA H 129 61.79 7.98 -10.93
N ALA H 130 62.90 8.69 -11.07
CA ALA H 130 64.08 8.56 -10.20
C ALA H 130 63.71 8.90 -8.78
N GLU H 131 62.86 9.91 -8.64
CA GLU H 131 62.36 10.33 -7.34
C GLU H 131 61.41 9.30 -6.66
N GLU H 132 61.01 8.26 -7.39
CA GLU H 132 60.14 7.17 -6.87
C GLU H 132 58.88 7.73 -6.16
N PRO H 133 58.11 8.57 -6.85
CA PRO H 133 56.99 9.25 -6.26
C PRO H 133 55.88 8.27 -5.89
N TRP H 134 55.32 8.46 -4.70
CA TRP H 134 54.22 7.58 -4.16
C TRP H 134 53.05 8.42 -3.85
N PHE H 135 51.86 7.87 -4.07
CA PHE H 135 50.61 8.62 -3.87
C PHE H 135 49.58 7.78 -3.13
N GLY H 136 48.86 8.43 -2.23
CA GLY H 136 47.71 7.80 -1.62
C GLY H 136 46.54 8.74 -1.86
N ILE H 137 45.36 8.21 -2.14
CA ILE H 137 44.19 9.10 -2.30
C ILE H 137 43.06 8.60 -1.45
N GLU H 138 42.40 9.54 -0.79
CA GLU H 138 41.29 9.24 0.09
C GLU H 138 39.96 9.58 -0.64
N GLN H 139 39.34 8.60 -1.26
CA GLN H 139 38.16 8.90 -2.13
C GLN H 139 36.90 8.97 -1.31
N GLU H 140 36.37 10.15 -1.08
CA GLU H 140 35.08 10.33 -0.42
C GLU H 140 33.94 10.17 -1.45
N TYR H 141 32.79 9.64 -1.02
CA TYR H 141 31.66 9.51 -1.91
C TYR H 141 30.41 9.39 -1.11
N THR H 142 29.27 9.51 -1.77
CA THR H 142 27.97 9.43 -1.09
C THR H 142 26.98 8.49 -1.79
N PHE H 143 26.25 7.75 -0.99
CA PHE H 143 25.23 6.84 -1.51
C PHE H 143 23.89 7.58 -1.67
N LEU H 144 23.27 7.44 -2.86
CA LEU H 144 22.02 8.12 -3.15
C LEU H 144 20.95 7.08 -3.46
N ASP H 145 19.69 7.40 -3.15
CA ASP H 145 18.56 6.62 -3.70
C ASP H 145 18.38 7.00 -5.20
N PHE H 146 17.53 6.29 -5.90
CA PHE H 146 17.33 6.51 -7.33
C PHE H 146 16.76 7.91 -7.56
N ASP H 147 16.04 8.43 -6.58
CA ASP H 147 15.56 9.82 -6.73
C ASP H 147 16.63 10.89 -6.58
N GLY H 148 17.87 10.53 -6.30
CA GLY H 148 18.90 11.57 -6.09
C GLY H 148 18.98 12.06 -4.65
N HIS H 149 18.09 11.60 -3.79
CA HIS H 149 18.15 11.97 -2.36
C HIS H 149 19.13 10.99 -1.66
N PRO H 150 19.87 11.46 -0.65
CA PRO H 150 20.86 10.53 -0.13
C PRO H 150 20.20 9.38 0.53
N LEU H 151 20.92 8.28 0.51
CA LEU H 151 20.35 7.02 0.73
C LEU H 151 19.94 6.97 2.15
N GLY H 152 18.67 6.59 2.33
CA GLY H 152 18.08 6.46 3.65
C GLY H 152 17.62 7.75 4.32
N TRP H 153 17.99 8.92 3.82
CA TRP H 153 17.51 10.18 4.38
C TRP H 153 15.98 10.22 4.24
N PRO H 154 15.28 10.80 5.21
CA PRO H 154 13.81 10.99 5.09
C PRO H 154 13.46 11.76 3.85
N LYS H 155 12.40 11.35 3.15
CA LYS H 155 12.04 12.03 1.91
C LYS H 155 11.62 13.45 2.21
N ASN H 156 12.13 14.38 1.40
CA ASN H 156 11.84 15.82 1.53
C ASN H 156 12.36 16.35 2.83
N GLY H 157 13.39 15.74 3.37
CA GLY H 157 13.99 16.30 4.54
C GLY H 157 15.36 15.75 4.89
N PHE H 158 15.69 15.93 6.17
CA PHE H 158 17.02 15.72 6.70
C PHE H 158 17.04 14.80 7.88
N PRO H 159 18.07 13.94 7.96
CA PRO H 159 18.24 13.21 9.15
C PRO H 159 18.70 14.20 10.23
N GLY H 160 18.91 13.73 11.44
CA GLY H 160 19.54 14.59 12.46
C GLY H 160 20.91 15.19 12.10
N PRO H 161 21.32 16.29 12.77
CA PRO H 161 22.58 16.96 12.44
C PRO H 161 23.83 16.08 12.64
N GLN H 162 24.90 16.49 12.01
CA GLN H 162 26.14 15.76 12.07
C GLN H 162 26.65 15.63 13.50
N GLY H 163 27.41 14.55 13.73
CA GLY H 163 28.03 14.23 15.02
C GLY H 163 28.11 12.71 15.14
N PRO H 164 26.97 12.02 14.98
CA PRO H 164 26.95 10.58 15.26
C PRO H 164 27.35 9.67 14.14
N TYR H 165 27.55 10.20 12.93
CA TYR H 165 27.64 9.34 11.72
C TYR H 165 29.09 8.99 11.43
N TYR H 166 30.02 9.94 11.64
CA TYR H 166 31.47 9.69 11.39
C TYR H 166 31.99 8.30 11.99
N CYS H 167 32.54 7.43 11.17
CA CYS H 167 33.01 6.17 11.72
C CYS H 167 31.94 5.51 12.60
N GLY H 168 30.66 5.62 12.19
CA GLY H 168 29.57 5.13 13.02
C GLY H 168 29.36 3.65 12.98
N VAL H 169 28.62 3.19 13.97
CA VAL H 169 28.31 1.78 14.14
C VAL H 169 26.86 1.67 14.54
N GLY H 170 26.02 1.03 13.74
CA GLY H 170 24.59 0.99 14.10
C GLY H 170 23.61 1.26 12.99
N ALA H 171 22.42 0.67 13.12
CA ALA H 171 21.42 0.74 12.10
C ALA H 171 20.99 2.18 11.83
N ASN H 172 21.07 3.02 12.84
CA ASN H 172 20.73 4.41 12.76
C ASN H 172 21.91 5.34 12.64
N LYS H 173 23.11 4.81 12.33
CA LYS H 173 24.34 5.63 12.23
C LYS H 173 24.98 5.58 10.84
N VAL H 174 25.02 4.41 10.23
CA VAL H 174 25.57 4.31 8.89
C VAL H 174 24.74 3.39 8.03
N TYR H 175 24.78 3.61 6.71
CA TYR H 175 23.92 2.88 5.77
C TYR H 175 24.69 2.19 4.63
N ALA H 176 24.30 0.96 4.31
CA ALA H 176 24.85 0.19 3.22
C ALA H 176 26.31 -0.26 3.40
N ARG H 177 26.66 -0.68 4.60
CA ARG H 177 27.99 -1.14 4.85
C ARG H 177 28.30 -2.35 3.98
N ASP H 178 27.30 -3.13 3.62
CA ASP H 178 27.48 -4.27 2.74
C ASP H 178 28.15 -3.86 1.44
N ILE H 179 27.79 -2.71 0.88
CA ILE H 179 28.44 -2.31 -0.35
C ILE H 179 29.90 -1.96 -0.06
N VAL H 180 30.12 -1.17 0.98
CA VAL H 180 31.48 -0.80 1.41
C VAL H 180 32.38 -2.04 1.55
N ASP H 181 31.88 -3.05 2.25
CA ASP H 181 32.62 -4.27 2.51
C ASP H 181 32.83 -5.06 1.26
N ALA H 182 31.81 -5.11 0.41
CA ALA H 182 31.96 -5.77 -0.88
C ALA H 182 33.02 -5.11 -1.71
N HIS H 183 33.06 -3.81 -1.74
CA HIS H 183 33.98 -3.12 -2.60
C HIS H 183 35.41 -3.30 -2.08
N TYR H 184 35.56 -3.21 -0.77
CA TYR H 184 36.87 -3.26 -0.13
C TYR H 184 37.51 -4.56 -0.63
N ARG H 185 36.81 -5.66 -0.47
CA ARG H 185 37.29 -6.93 -0.86
C ARG H 185 37.46 -7.19 -2.37
N ALA H 186 36.48 -6.78 -3.18
CA ALA H 186 36.59 -6.88 -4.65
C ALA H 186 37.88 -6.18 -5.13
N CYS H 187 38.13 -4.99 -4.58
CA CYS H 187 39.30 -4.20 -4.89
C CYS H 187 40.60 -4.97 -4.53
N LEU H 188 40.62 -5.57 -3.35
CA LEU H 188 41.76 -6.40 -2.90
C LEU H 188 41.98 -7.57 -3.82
N TYR H 189 40.92 -8.30 -4.16
CA TYR H 189 41.00 -9.41 -5.12
C TYR H 189 41.48 -8.97 -6.52
N ALA H 190 41.05 -7.79 -6.95
CA ALA H 190 41.33 -7.25 -8.26
C ALA H 190 42.78 -6.86 -8.41
N GLY H 191 43.43 -6.65 -7.27
CA GLY H 191 44.81 -6.27 -7.23
C GLY H 191 44.96 -4.82 -6.96
N ILE H 192 43.92 -4.16 -6.43
CA ILE H 192 44.03 -2.74 -6.10
C ILE H 192 44.34 -2.52 -4.63
N LYS H 193 45.21 -1.56 -4.37
CA LYS H 193 45.75 -1.38 -3.05
C LYS H 193 44.86 -0.51 -2.14
N VAL H 194 43.74 -1.06 -1.74
CA VAL H 194 42.85 -0.35 -0.83
C VAL H 194 43.43 -0.49 0.56
N SER H 195 43.81 0.59 1.16
CA SER H 195 44.47 0.54 2.50
C SER H 195 43.54 0.73 3.72
N GLY H 196 42.26 1.00 3.45
CA GLY H 196 41.28 1.27 4.52
C GLY H 196 39.98 1.93 4.03
N THR H 197 39.00 1.99 4.91
CA THR H 197 37.73 2.70 4.69
C THR H 197 37.25 3.28 6.00
N ASN H 198 36.40 4.27 5.89
CA ASN H 198 35.65 4.79 7.01
C ASN H 198 34.32 5.47 6.59
N ALA H 199 33.34 5.43 7.49
CA ALA H 199 32.12 6.17 7.32
C ALA H 199 32.42 7.57 7.62
N GLU H 200 31.80 8.49 6.88
CA GLU H 200 32.08 9.90 6.97
C GLU H 200 31.02 10.69 7.71
N VAL H 201 31.16 12.01 7.67
CA VAL H 201 30.49 12.90 8.62
C VAL H 201 28.98 12.97 8.32
N MET H 202 28.55 12.84 7.07
CA MET H 202 27.05 12.70 6.97
C MET H 202 26.64 11.31 6.62
N PRO H 203 25.46 10.87 7.07
CA PRO H 203 25.09 9.50 6.82
C PRO H 203 24.81 9.34 5.35
N ALA H 204 25.04 8.13 4.86
CA ALA H 204 25.17 7.81 3.46
C ALA H 204 26.54 8.20 2.87
N GLN H 205 27.38 8.88 3.65
CA GLN H 205 28.70 9.33 3.19
C GLN H 205 29.80 8.33 3.69
N TRP H 206 30.67 7.88 2.79
CA TRP H 206 31.77 7.01 3.09
C TRP H 206 33.10 7.42 2.41
N GLU H 207 34.14 6.62 2.57
CA GLU H 207 35.43 6.91 1.99
C GLU H 207 36.22 5.60 1.92
N PHE H 208 37.01 5.46 0.88
CA PHE H 208 38.02 4.41 0.85
C PHE H 208 39.31 5.09 0.44
N GLN H 209 40.42 4.57 0.97
CA GLN H 209 41.77 5.09 0.70
C GLN H 209 42.52 4.14 -0.19
N VAL H 210 43.16 4.68 -1.21
CA VAL H 210 43.92 3.82 -2.12
C VAL H 210 45.36 4.25 -2.01
N GLY H 211 46.24 3.28 -1.83
CA GLY H 211 47.66 3.58 -1.85
C GLY H 211 48.40 2.93 -0.71
N PRO H 212 49.69 3.28 -0.54
CA PRO H 212 50.42 4.17 -1.49
C PRO H 212 50.76 3.48 -2.82
N CYS H 213 50.65 4.22 -3.92
CA CYS H 213 50.82 3.66 -5.24
C CYS H 213 51.93 4.40 -5.93
N GLU H 214 52.70 3.65 -6.73
CA GLU H 214 53.86 4.21 -7.41
C GLU H 214 53.46 4.90 -8.68
N GLY H 215 53.64 6.19 -8.71
CA GLY H 215 53.55 6.96 -9.94
C GLY H 215 52.15 7.00 -10.52
N ILE H 216 52.07 6.66 -11.82
CA ILE H 216 50.87 6.75 -12.64
C ILE H 216 49.81 5.74 -12.20
N SER H 217 50.30 4.63 -11.66
CA SER H 217 49.48 3.65 -11.01
C SER H 217 48.32 4.19 -10.19
N ILE H 218 48.53 5.20 -9.36
CA ILE H 218 47.49 5.62 -8.49
C ILE H 218 46.26 6.03 -9.33
N GLY H 219 46.49 6.62 -10.52
CA GLY H 219 45.43 7.02 -11.43
C GLY H 219 44.69 5.82 -11.96
N ASP H 220 45.41 4.87 -12.46
CA ASP H 220 44.75 3.71 -13.04
C ASP H 220 43.91 3.04 -11.95
N ASP H 221 44.52 2.89 -10.78
CA ASP H 221 43.97 2.09 -9.69
C ASP H 221 42.73 2.76 -9.03
N LEU H 222 42.78 4.08 -8.87
CA LEU H 222 41.67 4.81 -8.33
C LEU H 222 40.51 4.78 -9.36
N TRP H 223 40.81 4.85 -10.65
CA TRP H 223 39.74 4.82 -11.66
C TRP H 223 39.10 3.49 -11.60
N MET H 224 39.88 2.44 -11.54
CA MET H 224 39.26 1.12 -11.56
C MET H 224 38.45 0.89 -10.28
N ALA H 225 38.91 1.47 -9.18
CA ALA H 225 38.23 1.37 -7.90
C ALA H 225 36.86 2.08 -7.94
N ARG H 226 36.83 3.28 -8.52
CA ARG H 226 35.62 3.99 -8.82
C ARG H 226 34.67 3.17 -9.65
N PHE H 227 35.19 2.50 -10.69
CA PHE H 227 34.40 1.63 -11.52
C PHE H 227 33.76 0.56 -10.67
N LEU H 228 34.57 -0.03 -9.83
CA LEU H 228 34.10 -1.18 -9.04
C LEU H 228 33.05 -0.71 -8.03
N LEU H 229 33.19 0.50 -7.56
CA LEU H 229 32.23 1.09 -6.65
C LEU H 229 30.84 1.31 -7.33
N HIS H 230 30.84 2.05 -8.45
CA HIS H 230 29.64 2.17 -9.31
C HIS H 230 28.99 0.86 -9.67
N ARG H 231 29.81 -0.08 -10.10
CA ARG H 231 29.33 -1.35 -10.55
C ARG H 231 28.77 -2.23 -9.43
N ILE H 232 29.42 -2.24 -8.29
CA ILE H 232 28.88 -3.02 -7.14
C ILE H 232 27.59 -2.46 -6.62
N SER H 233 27.58 -1.13 -6.43
CA SER H 233 26.41 -0.46 -5.95
C SER H 233 25.22 -0.63 -6.94
N GLU H 234 25.50 -0.57 -8.24
CA GLU H 234 24.51 -0.84 -9.26
C GLU H 234 23.65 -2.06 -8.94
N GLU H 235 24.28 -3.14 -8.52
CA GLU H 235 23.57 -4.40 -8.32
C GLU H 235 22.55 -4.26 -7.16
N PHE H 236 22.82 -3.37 -6.20
CA PHE H 236 21.90 -3.13 -5.09
C PHE H 236 20.86 -2.10 -5.41
N GLY H 237 21.01 -1.40 -6.54
CA GLY H 237 20.05 -0.36 -6.87
C GLY H 237 20.43 0.93 -6.30
N ILE H 238 21.64 1.07 -5.76
CA ILE H 238 22.08 2.31 -5.13
C ILE H 238 23.03 3.08 -6.03
N VAL H 239 22.90 4.40 -6.10
CA VAL H 239 23.78 5.29 -6.84
C VAL H 239 24.91 5.75 -5.94
N SER H 240 26.11 5.79 -6.50
CA SER H 240 27.31 6.23 -5.81
C SER H 240 27.73 7.47 -6.50
N THR H 241 27.73 8.57 -5.79
CA THR H 241 28.13 9.78 -6.42
C THR H 241 29.44 10.29 -5.82
N LEU H 242 30.23 10.86 -6.71
CA LEU H 242 31.53 11.47 -6.43
C LEU H 242 31.40 12.97 -6.47
N ASP H 243 30.16 13.43 -6.61
CA ASP H 243 29.93 14.86 -6.60
C ASP H 243 30.45 15.43 -5.28
N PRO H 244 31.22 16.52 -5.33
CA PRO H 244 31.76 17.07 -4.10
C PRO H 244 30.78 17.82 -3.21
N LYS H 245 29.58 18.09 -3.67
CA LYS H 245 28.62 18.70 -2.75
C LYS H 245 27.27 18.04 -3.01
N PRO H 246 27.14 16.78 -2.63
CA PRO H 246 25.90 16.05 -2.94
C PRO H 246 24.65 16.53 -2.19
N MET H 247 24.82 17.39 -1.20
CA MET H 247 23.74 18.24 -0.68
C MET H 247 24.26 19.67 -0.34
N PRO H 248 23.43 20.72 -0.57
CA PRO H 248 23.81 22.08 -0.15
C PRO H 248 23.62 22.44 1.33
N GLY H 249 24.43 23.41 1.76
CA GLY H 249 24.43 23.96 3.09
C GLY H 249 25.50 23.35 3.99
N ASP H 250 25.16 23.29 5.28
CA ASP H 250 25.99 22.73 6.41
C ASP H 250 26.72 21.38 6.23
N TRP H 251 26.12 20.50 5.44
CA TRP H 251 26.56 19.13 5.29
C TRP H 251 27.86 19.01 4.49
N ASN H 252 28.79 18.21 5.04
CA ASN H 252 30.09 17.93 4.43
C ASN H 252 30.06 17.57 2.99
N GLY H 253 30.90 18.26 2.23
CA GLY H 253 31.07 17.92 0.87
C GLY H 253 32.16 16.87 0.88
N ALA H 254 32.72 16.65 -0.29
CA ALA H 254 33.58 15.56 -0.44
C ALA H 254 34.88 15.98 -1.15
N GLY H 255 35.95 15.33 -0.69
CA GLY H 255 37.31 15.51 -1.17
C GLY H 255 37.91 14.22 -1.68
N ALA H 256 39.05 14.39 -2.31
CA ALA H 256 39.88 13.30 -2.69
C ALA H 256 41.28 13.64 -2.17
N HIS H 257 41.41 13.77 -0.86
CA HIS H 257 42.71 14.17 -0.27
C HIS H 257 43.84 13.26 -0.72
N THR H 258 44.91 13.90 -1.16
CA THR H 258 46.00 13.18 -1.83
C THR H 258 47.29 13.26 -0.99
N ASN H 259 47.79 12.11 -0.62
CA ASN H 259 49.03 12.02 0.10
C ASN H 259 50.13 11.75 -0.86
N VAL H 260 51.24 12.47 -0.66
CA VAL H 260 52.38 12.45 -1.56
C VAL H 260 53.72 12.22 -0.84
N SER H 261 54.53 11.31 -1.35
CA SER H 261 55.94 11.28 -0.97
C SER H 261 56.84 10.91 -2.15
N THR H 262 58.05 11.49 -2.12
CA THR H 262 59.19 11.09 -2.95
C THR H 262 60.19 10.25 -2.14
N LYS H 263 61.16 9.67 -2.83
CA LYS H 263 62.21 8.86 -2.19
C LYS H 263 62.93 9.64 -1.11
N ALA H 264 63.32 10.84 -1.44
CA ALA H 264 64.08 11.67 -0.55
C ALA H 264 63.23 11.91 0.68
N MET H 265 61.96 12.23 0.46
CA MET H 265 61.02 12.52 1.55
C MET H 265 60.83 11.36 2.52
N ARG H 266 60.88 10.16 1.98
CA ARG H 266 60.73 8.95 2.78
C ARG H 266 61.95 8.65 3.64
N GLU H 267 63.12 8.98 3.13
CA GLU H 267 64.36 8.73 3.85
C GLU H 267 64.56 9.57 5.10
N ASP H 268 65.54 9.15 5.88
CA ASP H 268 65.75 9.64 7.24
C ASP H 268 65.80 11.17 7.45
N GLY H 269 66.35 11.96 6.55
CA GLY H 269 66.22 13.43 6.74
C GLY H 269 65.05 14.15 6.04
N GLY H 270 64.07 13.34 5.62
CA GLY H 270 63.03 13.73 4.64
C GLY H 270 62.19 14.94 4.94
N ILE H 271 61.95 15.20 6.20
CA ILE H 271 61.12 16.36 6.50
C ILE H 271 61.54 17.62 5.76
N ARG H 272 62.84 17.79 5.53
CA ARG H 272 63.30 19.06 4.94
C ARG H 272 62.90 19.13 3.46
N ASP H 273 62.97 18.01 2.78
CA ASP H 273 62.39 17.85 1.44
C ASP H 273 60.87 18.09 1.37
N ILE H 274 60.16 17.75 2.44
CA ILE H 274 58.71 17.94 2.49
C ILE H 274 58.39 19.43 2.54
N GLU H 275 59.15 20.14 3.38
CA GLU H 275 58.96 21.57 3.56
C GLU H 275 59.30 22.32 2.28
N LYS H 276 60.33 21.86 1.58
CA LYS H 276 60.65 22.39 0.23
C LYS H 276 59.43 22.23 -0.67
N ALA H 277 59.04 20.97 -0.92
CA ALA H 277 57.89 20.61 -1.79
C ALA H 277 56.59 21.39 -1.47
N VAL H 278 56.31 21.57 -0.17
CA VAL H 278 55.19 22.39 0.29
C VAL H 278 55.29 23.89 -0.04
N ALA H 279 56.45 24.45 0.24
CA ALA H 279 56.72 25.85 -0.09
C ALA H 279 56.47 26.12 -1.58
N LYS H 280 56.87 25.20 -2.46
CA LYS H 280 56.53 25.33 -3.89
C LYS H 280 55.03 25.40 -4.19
N LEU H 281 54.26 24.57 -3.50
CA LEU H 281 52.82 24.55 -3.72
C LEU H 281 52.12 25.83 -3.24
N SER H 282 52.76 26.56 -2.30
CA SER H 282 52.28 27.91 -1.87
C SER H 282 52.48 29.13 -2.84
N LYS H 283 53.03 28.91 -4.05
CA LYS H 283 53.03 29.94 -5.12
C LYS H 283 51.98 29.77 -6.22
N CYS H 284 51.71 28.51 -6.60
CA CYS H 284 50.77 28.16 -7.69
C CYS H 284 49.44 27.49 -7.23
N HIS H 285 48.82 28.08 -6.20
CA HIS H 285 47.54 27.60 -5.63
C HIS H 285 46.40 27.52 -6.68
N GLU H 286 46.14 28.63 -7.36
CA GLU H 286 45.01 28.76 -8.32
C GLU H 286 45.20 27.87 -9.56
N ARG H 287 46.46 27.57 -9.86
CA ARG H 287 46.83 26.69 -10.98
C ARG H 287 46.55 25.20 -10.67
N HIS H 288 46.71 24.83 -9.39
CA HIS H 288 46.36 23.49 -8.93
C HIS H 288 44.85 23.28 -8.83
N ILE H 289 44.13 24.32 -8.36
CA ILE H 289 42.66 24.31 -8.26
C ILE H 289 41.99 24.13 -9.61
N ARG H 290 42.60 24.69 -10.66
CA ARG H 290 42.12 24.52 -12.03
C ARG H 290 42.17 23.02 -12.48
N ALA H 291 43.28 22.35 -12.18
CA ALA H 291 43.47 20.93 -12.54
C ALA H 291 42.89 19.88 -11.53
N TYR H 292 42.23 20.35 -10.46
CA TYR H 292 41.76 19.48 -9.35
C TYR H 292 40.25 19.17 -9.45
N ASP H 293 39.79 19.19 -10.69
CA ASP H 293 38.40 19.38 -11.04
C ASP H 293 38.23 19.41 -12.59
N PRO H 294 37.51 18.43 -13.17
CA PRO H 294 37.38 18.34 -14.65
C PRO H 294 36.57 19.43 -15.34
N LYS H 295 35.86 20.26 -14.57
CA LYS H 295 35.16 21.43 -15.11
C LYS H 295 36.05 22.70 -15.13
N GLN H 296 37.00 22.79 -14.19
CA GLN H 296 38.00 23.92 -14.03
C GLN H 296 38.02 24.56 -12.61
N GLY H 297 37.11 24.14 -11.73
CA GLY H 297 36.93 24.75 -10.40
C GLY H 297 35.56 25.39 -10.11
N GLN H 298 34.55 25.04 -10.91
CA GLN H 298 33.17 25.49 -10.69
C GLN H 298 32.39 24.48 -9.83
N ASP H 299 32.84 23.23 -9.85
CA ASP H 299 32.38 22.18 -8.92
C ASP H 299 33.14 22.19 -7.59
N ASN H 300 34.36 22.74 -7.62
CA ASN H 300 35.18 22.92 -6.42
C ASN H 300 34.65 24.11 -5.57
N ALA H 301 33.91 25.02 -6.20
CA ALA H 301 33.38 26.26 -5.57
C ALA H 301 32.22 26.02 -4.60
N ARG H 302 31.35 25.07 -4.95
CA ARG H 302 30.19 24.69 -4.12
C ARG H 302 30.57 24.02 -2.77
N ARG H 303 31.81 23.49 -2.67
CA ARG H 303 32.34 22.90 -1.41
C ARG H 303 33.46 23.73 -0.74
N LEU H 304 34.52 24.09 -1.49
CA LEU H 304 35.64 24.87 -0.93
C LEU H 304 35.17 26.29 -0.60
N THR H 305 34.32 26.36 0.43
CA THR H 305 33.67 27.60 0.89
C THR H 305 34.32 28.10 2.20
N GLY H 306 35.12 27.23 2.84
CA GLY H 306 35.78 27.53 4.11
C GLY H 306 34.87 27.33 5.30
N LYS H 307 34.22 26.16 5.36
CA LYS H 307 33.05 25.90 6.23
C LYS H 307 33.17 24.62 7.08
N HIS H 308 33.29 24.79 8.40
CA HIS H 308 33.50 23.70 9.38
C HIS H 308 34.73 22.81 9.05
N GLU H 309 35.91 23.45 8.95
CA GLU H 309 37.21 22.82 8.61
C GLU H 309 37.36 22.31 7.15
N THR H 310 37.39 23.24 6.20
CA THR H 310 37.62 22.97 4.76
C THR H 310 38.38 24.14 4.10
N SER H 311 39.16 23.86 3.06
CA SER H 311 39.97 24.87 2.35
C SER H 311 39.11 26.00 1.74
N SER H 312 39.60 27.24 1.85
CA SER H 312 38.99 28.40 1.18
C SER H 312 39.59 28.49 -0.23
N ILE H 313 38.70 28.50 -1.22
CA ILE H 313 39.12 28.48 -2.61
C ILE H 313 39.96 29.74 -2.97
N ASN H 314 39.60 30.88 -2.37
CA ASN H 314 40.23 32.17 -2.70
C ASN H 314 41.67 32.29 -2.19
N ASP H 315 41.86 32.03 -0.89
CA ASP H 315 43.21 32.16 -0.27
C ASP H 315 43.77 30.83 0.32
N PHE H 316 45.00 30.51 -0.10
CA PHE H 316 45.79 29.33 0.31
C PHE H 316 46.01 29.26 1.83
N SER H 317 46.53 28.12 2.28
CA SER H 317 47.03 27.94 3.65
C SER H 317 47.89 26.68 3.76
N ALA H 318 48.71 26.62 4.79
CA ALA H 318 49.59 25.47 5.01
C ALA H 318 50.11 25.42 6.46
N GLY H 319 50.32 24.23 6.98
CA GLY H 319 50.81 24.10 8.34
C GLY H 319 50.94 22.68 8.84
N VAL H 320 51.34 22.55 10.10
CA VAL H 320 51.61 21.23 10.72
C VAL H 320 50.35 20.66 11.41
N ALA H 321 49.74 19.66 10.78
CA ALA H 321 48.60 18.90 11.35
C ALA H 321 47.20 19.57 11.29
N ASN H 322 47.07 20.67 10.55
CA ASN H 322 45.78 21.40 10.44
C ASN H 322 44.85 20.92 9.28
N ARG H 323 43.59 20.62 9.64
CA ARG H 323 42.52 20.23 8.70
C ARG H 323 41.95 21.43 7.93
N GLY H 324 42.09 22.61 8.51
CA GLY H 324 41.72 23.86 7.84
C GLY H 324 42.67 24.29 6.71
N CYS H 325 43.87 23.73 6.69
CA CYS H 325 44.88 24.08 5.70
C CYS H 325 44.62 23.45 4.34
N SER H 326 45.19 24.05 3.33
CA SER H 326 45.17 23.50 2.00
C SER H 326 46.16 22.33 1.97
N ILE H 327 47.29 22.54 2.65
CA ILE H 327 48.34 21.53 2.74
C ILE H 327 48.83 21.34 4.15
N ARG H 328 48.95 20.07 4.51
CA ARG H 328 49.12 19.65 5.87
C ARG H 328 50.24 18.63 5.94
N ILE H 329 51.11 18.82 6.94
CA ILE H 329 52.14 17.86 7.28
C ILE H 329 51.69 17.21 8.58
N PRO H 330 51.40 15.90 8.55
CA PRO H 330 50.93 15.21 9.74
C PRO H 330 51.92 15.29 10.87
N ARG H 331 51.41 15.55 12.08
CA ARG H 331 52.17 15.49 13.32
C ARG H 331 53.16 14.31 13.33
N GLY H 332 52.62 13.10 13.12
CA GLY H 332 53.41 11.87 13.01
C GLY H 332 54.61 11.90 12.05
N VAL H 333 54.49 12.60 10.92
CA VAL H 333 55.64 12.73 10.01
C VAL H 333 56.58 13.84 10.51
N ASN H 334 56.02 14.92 11.04
CA ASN H 334 56.81 15.91 11.78
C ASN H 334 57.64 15.24 12.90
N ASP H 335 57.05 14.33 13.67
CA ASP H 335 57.77 13.67 14.75
C ASP H 335 58.86 12.76 14.22
N ASP H 336 58.56 11.99 13.19
CA ASP H 336 59.56 11.07 12.63
C ASP H 336 60.63 11.80 11.80
N GLY H 337 60.39 13.06 11.43
CA GLY H 337 61.32 13.78 10.57
C GLY H 337 61.36 13.21 9.15
N LYS H 338 60.35 12.41 8.80
CA LYS H 338 60.24 11.81 7.46
C LYS H 338 58.82 11.30 7.12
N GLY H 339 58.59 10.93 5.86
CA GLY H 339 57.27 10.42 5.42
C GLY H 339 56.72 11.11 4.18
N TYR H 340 55.59 11.82 4.34
CA TYR H 340 54.77 12.33 3.22
C TYR H 340 53.98 13.57 3.64
N PHE H 341 53.38 14.25 2.66
CA PHE H 341 52.45 15.36 2.93
C PHE H 341 51.07 15.07 2.33
N GLU H 342 50.08 15.85 2.75
CA GLU H 342 48.67 15.65 2.39
C GLU H 342 48.21 16.92 1.75
N ASP H 343 47.88 16.84 0.46
CA ASP H 343 47.19 17.91 -0.24
C ASP H 343 45.68 17.70 -0.09
N ARG H 344 45.02 18.64 0.54
CA ARG H 344 43.60 18.54 0.88
C ARG H 344 42.70 19.26 -0.10
N ARG H 345 43.27 19.78 -1.18
CA ARG H 345 42.51 20.61 -2.13
C ARG H 345 41.64 19.84 -3.12
N PRO H 346 42.10 18.68 -3.58
CA PRO H 346 41.36 18.01 -4.63
C PRO H 346 39.98 17.61 -4.20
N SER H 347 39.04 17.79 -5.11
CA SER H 347 37.67 17.53 -4.78
C SER H 347 37.42 16.09 -5.12
N SER H 348 36.36 15.54 -4.54
CA SER H 348 36.01 14.14 -4.70
C SER H 348 35.89 13.72 -6.13
N ASN H 349 35.52 14.65 -7.02
CA ASN H 349 35.41 14.27 -8.47
C ASN H 349 36.61 14.60 -9.34
N CYS H 350 37.78 14.83 -8.74
CA CYS H 350 38.98 15.11 -9.49
C CYS H 350 39.37 13.92 -10.35
N ASP H 351 40.17 14.19 -11.40
CA ASP H 351 40.79 13.13 -12.22
C ASP H 351 42.17 12.98 -11.56
N PRO H 352 42.49 11.77 -11.08
CA PRO H 352 43.76 11.69 -10.36
C PRO H 352 44.97 11.84 -11.30
N TYR H 353 44.87 11.45 -12.56
CA TYR H 353 45.94 11.78 -13.52
C TYR H 353 46.25 13.27 -13.50
N SER H 354 45.23 14.13 -13.52
CA SER H 354 45.47 15.56 -13.48
C SER H 354 46.05 16.04 -12.17
N VAL H 355 45.74 15.37 -11.07
CA VAL H 355 46.16 15.82 -9.76
C VAL H 355 47.65 15.50 -9.65
N VAL H 356 47.96 14.26 -9.98
CA VAL H 356 49.29 13.77 -9.99
C VAL H 356 50.20 14.62 -10.91
N GLU H 357 49.76 14.84 -12.16
CA GLU H 357 50.54 15.68 -13.10
C GLU H 357 50.84 17.00 -12.48
N ALA H 358 49.85 17.70 -11.97
CA ALA H 358 50.10 19.09 -11.60
C ALA H 358 51.08 19.18 -10.39
N ILE H 359 51.03 18.17 -9.52
CA ILE H 359 51.94 18.08 -8.40
C ILE H 359 53.39 17.77 -8.78
N LEU H 360 53.61 16.72 -9.54
CA LEU H 360 54.92 16.34 -9.96
C LEU H 360 55.62 17.45 -10.73
N ARG H 361 54.88 18.11 -11.64
CA ARG H 361 55.44 19.26 -12.34
C ARG H 361 55.98 20.19 -11.28
N THR H 362 55.12 20.62 -10.36
CA THR H 362 55.48 21.67 -9.42
C THR H 362 56.61 21.29 -8.47
N ILE H 363 56.57 20.07 -7.95
CA ILE H 363 57.54 19.69 -6.93
C ILE H 363 58.73 18.92 -7.46
N CYS H 364 58.71 18.55 -8.75
CA CYS H 364 59.87 18.03 -9.49
C CYS H 364 60.03 18.82 -10.88
N LEU H 365 60.41 20.11 -10.81
CA LEU H 365 60.50 21.00 -12.01
C LEU H 365 61.77 21.87 -12.11
N ASP H 366 61.96 22.44 -13.30
CA ASP H 366 63.13 23.26 -13.69
C ASP H 366 62.87 23.99 -15.01
N ARG I 2 6.10 -0.71 -7.74
CA ARG I 2 5.48 -0.75 -9.11
C ARG I 2 6.21 -1.52 -10.25
N ILE I 3 7.53 -1.49 -10.24
CA ILE I 3 8.26 -2.16 -11.29
C ILE I 3 8.17 -3.67 -11.08
N LEU I 4 7.73 -4.37 -12.14
CA LEU I 4 7.44 -5.83 -12.12
C LEU I 4 6.33 -6.25 -11.15
N GLU I 5 5.54 -5.30 -10.70
CA GLU I 5 4.50 -5.60 -9.72
C GLU I 5 3.46 -6.53 -10.34
N ASP I 6 3.17 -6.40 -11.65
CA ASP I 6 2.16 -7.23 -12.30
C ASP I 6 2.72 -8.40 -13.09
N SER I 7 4.00 -8.66 -13.03
CA SER I 7 4.60 -9.73 -13.82
C SER I 7 4.56 -11.01 -13.03
N PRO I 8 3.78 -12.01 -13.48
CA PRO I 8 3.57 -13.21 -12.66
C PRO I 8 4.83 -13.89 -12.26
N ASN I 9 5.76 -14.04 -13.19
CA ASN I 9 7.00 -14.74 -12.85
C ASN I 9 7.87 -14.00 -11.84
N ALA I 10 7.78 -12.68 -11.80
CA ALA I 10 8.57 -11.94 -10.83
C ALA I 10 8.04 -12.11 -9.43
N ARG I 11 6.80 -12.56 -9.30
CA ARG I 11 6.15 -12.59 -8.01
C ARG I 11 6.12 -14.00 -7.42
N ILE I 12 6.65 -14.97 -8.13
CA ILE I 12 6.68 -16.34 -7.69
C ILE I 12 8.03 -16.57 -7.06
N ASN I 13 8.07 -17.30 -5.95
CA ASN I 13 9.32 -17.59 -5.27
C ASN I 13 10.34 -18.23 -6.21
N LYS I 14 11.60 -17.79 -6.07
CA LYS I 14 12.70 -18.22 -6.96
C LYS I 14 13.78 -19.10 -6.31
N THR I 15 13.68 -19.31 -5.00
CA THR I 15 14.70 -20.07 -4.27
C THR I 15 14.32 -21.54 -4.20
N ILE I 16 13.02 -21.85 -4.27
CA ILE I 16 12.64 -23.24 -4.06
C ILE I 16 13.19 -24.14 -5.17
N LEU I 17 13.20 -23.67 -6.43
CA LEU I 17 13.58 -24.53 -7.59
C LEU I 17 14.93 -25.28 -7.39
N ASP I 18 15.84 -24.63 -6.70
CA ASP I 18 17.19 -25.13 -6.57
C ASP I 18 17.20 -26.44 -5.79
N ARG I 19 16.36 -26.58 -4.77
CA ARG I 19 16.35 -27.84 -4.07
C ARG I 19 15.87 -29.01 -4.93
N TYR I 20 15.19 -28.72 -6.03
CA TYR I 20 14.78 -29.77 -6.97
C TYR I 20 15.80 -30.04 -8.12
N LEU I 21 16.49 -29.00 -8.57
CA LEU I 21 17.43 -29.15 -9.67
C LEU I 21 18.57 -30.09 -9.27
N SER I 22 19.13 -29.81 -8.11
CA SER I 22 20.12 -30.67 -7.42
C SER I 22 19.76 -32.14 -7.18
N LEU I 23 18.58 -32.60 -7.58
CA LEU I 23 18.27 -34.01 -7.38
C LEU I 23 19.03 -34.85 -8.41
N PRO I 24 19.66 -35.98 -7.99
CA PRO I 24 20.44 -36.80 -8.95
C PRO I 24 19.65 -37.86 -9.66
N LEU I 25 20.02 -38.07 -10.92
CA LEU I 25 19.37 -39.03 -11.80
C LEU I 25 20.41 -39.88 -12.51
N GLN I 26 20.04 -41.13 -12.81
CA GLN I 26 20.90 -42.04 -13.56
C GLN I 26 21.38 -41.34 -14.85
N GLU I 27 22.60 -41.62 -15.29
CA GLU I 27 23.36 -40.74 -16.23
C GLU I 27 22.82 -40.58 -17.67
N ASN I 28 22.10 -41.58 -18.15
CA ASN I 28 21.63 -41.54 -19.54
C ASN I 28 20.15 -41.26 -19.65
N ILE I 29 19.55 -40.81 -18.54
CA ILE I 29 18.31 -40.03 -18.57
C ILE I 29 18.69 -38.65 -19.08
N VAL I 30 18.11 -38.27 -20.22
CA VAL I 30 18.45 -37.05 -20.90
C VAL I 30 17.18 -36.25 -21.19
N GLN I 31 17.12 -35.03 -20.64
CA GLN I 31 16.06 -34.10 -21.01
C GLN I 31 16.44 -33.25 -22.19
N ALA I 32 15.59 -33.27 -23.20
CA ALA I 32 15.82 -32.54 -24.42
C ALA I 32 14.71 -31.51 -24.72
N THR I 33 15.12 -30.27 -24.94
CA THR I 33 14.24 -29.18 -25.23
C THR I 33 14.38 -28.89 -26.69
N TYR I 34 13.30 -29.11 -27.41
CA TYR I 34 13.26 -28.80 -28.84
C TYR I 34 12.77 -27.39 -29.01
N VAL I 35 13.41 -26.59 -29.85
CA VAL I 35 13.12 -25.17 -30.05
C VAL I 35 12.82 -24.84 -31.51
N TRP I 36 11.76 -24.09 -31.79
CA TRP I 36 11.44 -23.77 -33.17
C TRP I 36 10.85 -22.42 -33.35
N ILE I 37 10.85 -21.97 -34.59
CA ILE I 37 10.30 -20.66 -34.97
C ILE I 37 8.84 -20.87 -35.35
N ASP I 38 7.94 -20.05 -34.80
CA ASP I 38 6.52 -20.15 -35.14
C ASP I 38 6.11 -19.34 -36.38
N GLY I 39 4.79 -19.21 -36.61
CA GLY I 39 4.24 -18.62 -37.84
C GLY I 39 4.47 -17.15 -38.02
N THR I 40 4.87 -16.42 -36.95
CA THR I 40 5.20 -15.03 -37.09
C THR I 40 6.58 -14.86 -37.70
N GLY I 41 7.36 -15.94 -37.69
CA GLY I 41 8.75 -15.84 -38.11
C GLY I 41 9.65 -15.02 -37.20
N GLU I 42 9.13 -14.58 -36.05
CA GLU I 42 9.90 -13.75 -35.07
C GLU I 42 10.11 -14.51 -33.76
N ASP I 43 9.04 -15.10 -33.25
CA ASP I 43 8.96 -15.66 -31.91
C ASP I 43 9.29 -17.13 -31.93
N LEU I 44 9.77 -17.60 -30.78
CA LEU I 44 10.14 -18.97 -30.58
C LEU I 44 9.18 -19.74 -29.71
N ARG I 45 9.26 -21.06 -29.80
CA ARG I 45 8.44 -21.98 -29.06
C ARG I 45 9.34 -23.12 -28.65
N CYS I 46 8.94 -23.83 -27.61
CA CYS I 46 9.72 -24.96 -27.15
C CYS I 46 8.90 -25.96 -26.43
N LYS I 47 9.43 -27.16 -26.31
CA LYS I 47 8.79 -28.14 -25.44
C LYS I 47 9.82 -29.18 -25.23
N ASP I 48 9.56 -30.13 -24.36
CA ASP I 48 10.63 -31.07 -24.04
C ASP I 48 10.23 -32.52 -23.80
N ARG I 49 11.24 -33.39 -23.97
CA ARG I 49 11.02 -34.82 -23.90
C ARG I 49 12.16 -35.54 -23.23
N THR I 50 11.87 -36.73 -22.75
CA THR I 50 12.84 -37.59 -22.10
C THR I 50 13.48 -38.61 -23.09
N LEU I 51 14.79 -38.61 -23.22
CA LEU I 51 15.46 -39.60 -24.01
C LEU I 51 16.14 -40.57 -23.06
N ASP I 52 16.46 -41.77 -23.58
CA ASP I 52 17.25 -42.74 -22.79
C ASP I 52 18.65 -42.91 -23.35
N PHE I 53 19.20 -41.88 -24.00
CA PHE I 53 20.52 -41.95 -24.61
C PHE I 53 21.16 -40.60 -24.82
N ILE I 54 22.47 -40.58 -24.98
CA ILE I 54 23.19 -39.34 -25.28
C ILE I 54 23.45 -39.15 -26.77
N PRO I 55 22.85 -38.12 -27.39
CA PRO I 55 23.08 -38.01 -28.82
C PRO I 55 24.41 -37.38 -29.16
N GLN I 56 25.02 -37.87 -30.23
CA GLN I 56 26.32 -37.40 -30.73
C GLN I 56 26.18 -36.23 -31.69
N SER I 57 25.12 -36.26 -32.50
CA SER I 57 24.84 -35.19 -33.46
C SER I 57 23.32 -35.02 -33.63
N PRO I 58 22.91 -33.97 -34.35
CA PRO I 58 21.48 -33.75 -34.56
C PRO I 58 20.81 -34.95 -35.18
N LYS I 59 21.43 -35.53 -36.20
CA LYS I 59 20.76 -36.63 -36.95
C LYS I 59 20.36 -37.80 -36.07
N GLU I 60 20.99 -37.95 -34.89
CA GLU I 60 20.59 -39.01 -33.96
C GLU I 60 19.32 -38.74 -33.16
N LEU I 61 18.81 -37.52 -33.22
CA LEU I 61 17.56 -37.23 -32.51
C LEU I 61 16.32 -37.53 -33.36
N PRO I 62 15.23 -37.96 -32.70
CA PRO I 62 14.00 -38.23 -33.43
C PRO I 62 13.32 -36.97 -33.93
N VAL I 63 12.90 -37.02 -35.17
CA VAL I 63 12.03 -36.05 -35.75
C VAL I 63 10.83 -36.05 -34.84
N TRP I 64 10.25 -34.87 -34.64
CA TRP I 64 9.10 -34.71 -33.75
C TRP I 64 8.04 -33.84 -34.46
N ASN I 65 7.00 -33.47 -33.74
CA ASN I 65 5.94 -32.66 -34.32
C ASN I 65 5.24 -31.80 -33.27
N TYR I 66 4.40 -30.89 -33.74
CA TYR I 66 3.57 -30.06 -32.90
C TYR I 66 2.28 -29.66 -33.62
N ASP I 67 1.36 -28.99 -32.93
CA ASP I 67 0.17 -28.47 -33.60
C ASP I 67 0.38 -27.10 -34.17
N GLY I 68 0.62 -27.04 -35.47
CA GLY I 68 0.79 -25.78 -36.18
C GLY I 68 -0.36 -24.80 -36.02
N SER I 69 -1.57 -25.31 -35.84
CA SER I 69 -2.73 -24.43 -35.65
C SER I 69 -2.71 -23.71 -34.27
N SER I 70 -1.88 -24.17 -33.35
CA SER I 70 -1.71 -23.44 -32.10
C SER I 70 -0.55 -22.49 -32.13
N CYS I 71 0.17 -22.44 -33.26
CA CYS I 71 1.14 -21.36 -33.43
C CYS I 71 1.22 -20.74 -34.75
N TYR I 72 0.06 -20.30 -35.24
CA TYR I 72 -0.08 -19.51 -36.46
C TYR I 72 0.53 -20.25 -37.66
N GLN I 73 0.46 -21.58 -37.63
CA GLN I 73 0.91 -22.36 -38.80
C GLN I 73 -0.21 -23.33 -39.23
N ALA I 74 -1.44 -22.82 -39.25
CA ALA I 74 -2.63 -23.64 -39.55
C ALA I 74 -2.67 -24.10 -41.01
N GLU I 75 -2.92 -25.39 -41.23
CA GLU I 75 -3.20 -25.92 -42.58
C GLU I 75 -4.45 -26.81 -42.48
N GLY I 76 -5.59 -26.17 -42.21
CA GLY I 76 -6.86 -26.87 -41.99
C GLY I 76 -6.78 -28.03 -40.99
N SER I 77 -7.19 -29.22 -41.43
CA SER I 77 -7.20 -30.45 -40.61
C SER I 77 -5.89 -31.27 -40.71
N ASN I 78 -4.95 -30.82 -41.55
CA ASN I 78 -3.59 -31.38 -41.64
C ASN I 78 -2.56 -30.46 -40.96
N SER I 79 -2.82 -30.11 -39.69
CA SER I 79 -2.07 -29.01 -39.03
C SER I 79 -0.81 -29.47 -38.26
N ASP I 80 -0.73 -30.76 -37.99
CA ASP I 80 0.49 -31.36 -37.44
C ASP I 80 1.71 -30.94 -38.27
N THR I 81 2.68 -30.37 -37.60
CA THR I 81 3.80 -29.75 -38.24
C THR I 81 4.99 -30.42 -37.66
N TYR I 82 6.04 -30.58 -38.48
CA TYR I 82 7.15 -31.48 -38.14
C TYR I 82 8.40 -30.74 -37.73
N LEU I 83 9.02 -31.29 -36.68
CA LEU I 83 10.24 -30.76 -36.13
C LEU I 83 11.47 -31.59 -36.51
N TYR I 84 12.36 -31.01 -37.29
CA TYR I 84 13.63 -31.64 -37.67
C TYR I 84 14.79 -30.99 -36.93
N PRO I 85 15.45 -31.76 -36.05
CA PRO I 85 16.64 -31.33 -35.33
C PRO I 85 17.73 -30.92 -36.28
N VAL I 86 18.33 -29.76 -36.06
CA VAL I 86 19.41 -29.32 -36.94
C VAL I 86 20.66 -28.86 -36.20
N ALA I 87 20.56 -28.67 -34.88
CA ALA I 87 21.74 -28.27 -34.10
C ALA I 87 21.54 -28.60 -32.63
N ILE I 88 22.58 -29.05 -31.97
CA ILE I 88 22.52 -29.38 -30.53
C ILE I 88 23.42 -28.46 -29.69
N TYR I 89 22.93 -28.14 -28.49
CA TYR I 89 23.62 -27.22 -27.58
C TYR I 89 23.46 -27.86 -26.22
N LYS I 90 24.47 -27.70 -25.39
CA LYS I 90 24.35 -28.09 -23.97
C LYS I 90 23.35 -27.19 -23.30
N ASP I 91 22.59 -27.74 -22.38
CA ASP I 91 21.51 -27.06 -21.72
C ASP I 91 21.99 -26.39 -20.44
N PRO I 92 22.03 -25.08 -20.44
CA PRO I 92 22.54 -24.34 -19.26
C PRO I 92 21.63 -24.26 -18.02
N PHE I 93 20.40 -24.67 -18.13
CA PHE I 93 19.45 -24.63 -17.08
C PHE I 93 19.45 -25.96 -16.35
N ARG I 94 19.67 -27.06 -17.05
CA ARG I 94 19.62 -28.38 -16.39
C ARG I 94 20.98 -29.00 -16.27
N ARG I 95 21.95 -28.49 -17.01
CA ARG I 95 23.31 -29.04 -17.09
C ARG I 95 23.36 -30.55 -17.36
N GLY I 96 24.44 -31.21 -16.91
CA GLY I 96 24.59 -32.65 -17.10
C GLY I 96 24.63 -32.91 -18.59
N ASN I 97 23.93 -33.95 -19.02
CA ASN I 97 23.90 -34.32 -20.44
C ASN I 97 22.64 -33.87 -21.12
N ASN I 98 21.97 -32.90 -20.51
CA ASN I 98 20.73 -32.43 -21.02
C ASN I 98 21.01 -31.46 -22.13
N ILE I 99 20.06 -31.32 -23.03
CA ILE I 99 20.36 -30.60 -24.28
C ILE I 99 19.25 -29.69 -24.77
N LEU I 100 19.65 -28.68 -25.53
CA LEU I 100 18.78 -27.90 -26.31
C LEU I 100 18.96 -28.27 -27.80
N VAL I 101 17.83 -28.34 -28.52
CA VAL I 101 17.78 -28.70 -29.95
C VAL I 101 17.09 -27.61 -30.79
N MET I 102 17.84 -26.91 -31.61
CA MET I 102 17.29 -26.05 -32.65
C MET I 102 16.75 -26.95 -33.77
N CYS I 103 15.51 -26.74 -34.18
CA CYS I 103 14.86 -27.43 -35.30
C CYS I 103 14.49 -26.50 -36.43
N ASP I 104 14.22 -27.07 -37.61
CA ASP I 104 13.45 -26.33 -38.62
C ASP I 104 12.22 -27.14 -38.89
N THR I 105 11.25 -26.48 -39.50
CA THR I 105 9.88 -26.98 -39.50
C THR I 105 9.33 -27.34 -40.90
N TYR I 106 8.56 -28.41 -40.96
CA TYR I 106 8.05 -28.91 -42.25
C TYR I 106 6.58 -29.28 -42.19
N LYS I 107 5.86 -28.96 -43.26
CA LYS I 107 4.41 -29.29 -43.32
C LYS I 107 4.24 -30.79 -43.35
N PHE I 108 2.97 -31.20 -43.28
CA PHE I 108 2.59 -32.62 -43.35
C PHE I 108 3.07 -33.29 -44.64
N ASP I 109 3.21 -32.51 -45.72
CA ASP I 109 3.59 -33.04 -47.05
C ASP I 109 5.12 -33.08 -47.22
N GLY I 110 5.86 -32.77 -46.15
CA GLY I 110 7.33 -32.79 -46.23
C GLY I 110 7.94 -31.52 -46.78
N THR I 111 7.11 -30.53 -47.15
CA THR I 111 7.66 -29.25 -47.62
C THR I 111 7.95 -28.27 -46.45
N PRO I 112 8.86 -27.33 -46.68
CA PRO I 112 9.15 -26.42 -45.58
C PRO I 112 7.92 -25.59 -45.20
N THR I 113 7.80 -25.21 -43.91
CA THR I 113 6.73 -24.28 -43.51
C THR I 113 7.14 -22.94 -44.05
N ASP I 114 6.19 -22.02 -44.23
CA ASP I 114 6.44 -20.65 -44.72
C ASP I 114 7.56 -19.94 -43.94
N THR I 115 7.65 -20.24 -42.63
CA THR I 115 8.67 -19.56 -41.74
C THR I 115 9.96 -20.36 -41.53
N ASN I 116 10.17 -21.40 -42.34
CA ASN I 116 11.46 -22.09 -42.41
C ASN I 116 12.26 -21.45 -43.50
N LYS I 117 13.21 -20.60 -43.13
CA LYS I 117 14.07 -19.98 -44.10
C LYS I 117 15.38 -20.71 -44.14
N ARG I 118 15.48 -21.73 -43.29
CA ARG I 118 16.75 -22.43 -43.16
C ARG I 118 17.08 -23.35 -44.36
N LYS I 119 16.04 -23.97 -44.91
CA LYS I 119 16.18 -25.00 -45.96
C LYS I 119 16.87 -24.41 -47.20
N THR I 120 16.33 -23.32 -47.72
CA THR I 120 16.94 -22.64 -48.85
C THR I 120 18.25 -21.99 -48.44
N CYS I 121 18.33 -21.51 -47.21
CA CYS I 121 19.55 -20.84 -46.81
C CYS I 121 20.70 -21.83 -46.89
N LEU I 122 20.44 -23.04 -46.44
CA LEU I 122 21.45 -24.08 -46.40
C LEU I 122 21.97 -24.53 -47.79
N GLU I 123 21.06 -24.52 -48.77
CA GLU I 123 21.36 -24.91 -50.15
C GLU I 123 22.44 -23.97 -50.66
N VAL I 124 22.12 -22.68 -50.60
CA VAL I 124 23.02 -21.60 -50.98
C VAL I 124 24.36 -21.63 -50.21
N ALA I 125 24.31 -21.84 -48.91
CA ALA I 125 25.51 -21.91 -48.08
C ALA I 125 26.48 -22.99 -48.56
N ASN I 126 25.97 -24.20 -48.82
CA ASN I 126 26.80 -25.29 -49.34
C ASN I 126 27.46 -25.00 -50.69
N LYS I 127 26.68 -24.43 -51.61
CA LYS I 127 27.21 -23.90 -52.88
C LYS I 127 28.31 -22.83 -52.73
N CYS I 128 28.29 -22.06 -51.65
CA CYS I 128 29.34 -21.06 -51.42
C CYS I 128 30.40 -21.54 -50.43
N ALA I 129 30.37 -22.82 -50.09
CA ALA I 129 31.34 -23.35 -49.12
C ALA I 129 32.79 -23.04 -49.50
N ALA I 130 33.10 -23.18 -50.79
CA ALA I 130 34.39 -22.79 -51.34
C ALA I 130 34.94 -21.48 -50.76
N GLU I 131 34.09 -20.46 -50.62
CA GLU I 131 34.55 -19.10 -50.34
C GLU I 131 34.52 -18.77 -48.83
N GLU I 132 34.25 -19.81 -48.04
CA GLU I 132 34.37 -19.84 -46.56
C GLU I 132 33.79 -18.60 -45.85
N PRO I 133 32.48 -18.38 -46.03
CA PRO I 133 31.93 -17.15 -45.53
C PRO I 133 31.75 -17.20 -43.98
N TRP I 134 32.05 -16.09 -43.36
CA TRP I 134 31.99 -15.94 -41.92
C TRP I 134 31.01 -14.81 -41.64
N PHE I 135 30.13 -15.04 -40.67
CA PHE I 135 29.19 -14.01 -40.26
C PHE I 135 29.25 -13.63 -38.79
N GLY I 136 29.08 -12.34 -38.54
CA GLY I 136 28.98 -11.84 -37.18
C GLY I 136 27.72 -10.99 -37.04
N ILE I 137 26.88 -11.26 -36.06
CA ILE I 137 25.68 -10.45 -35.89
C ILE I 137 25.56 -9.74 -34.53
N GLU I 138 25.31 -8.43 -34.58
CA GLU I 138 25.10 -7.59 -33.38
C GLU I 138 23.62 -7.37 -33.03
N GLN I 139 23.09 -8.28 -32.22
CA GLN I 139 21.64 -8.34 -31.84
C GLN I 139 21.26 -7.34 -30.75
N GLU I 140 20.62 -6.22 -31.12
CA GLU I 140 20.08 -5.29 -30.13
C GLU I 140 18.75 -5.85 -29.58
N TYR I 141 18.42 -5.47 -28.35
CA TYR I 141 17.15 -5.84 -27.80
C TYR I 141 16.84 -4.92 -26.66
N THR I 142 15.57 -4.93 -26.25
CA THR I 142 15.12 -4.09 -25.15
C THR I 142 14.33 -4.91 -24.08
N PHE I 143 14.60 -4.59 -22.82
CA PHE I 143 13.89 -5.17 -21.70
C PHE I 143 12.62 -4.37 -21.42
N LEU I 144 11.50 -5.08 -21.24
CA LEU I 144 10.23 -4.43 -20.97
C LEU I 144 9.70 -4.95 -19.66
N ASP I 145 8.96 -4.12 -18.95
CA ASP I 145 8.15 -4.62 -17.85
C ASP I 145 6.92 -5.35 -18.49
N PHE I 146 6.12 -5.96 -17.62
CA PHE I 146 4.98 -6.76 -18.01
C PHE I 146 3.96 -5.91 -18.73
N ASP I 147 3.86 -4.61 -18.41
CA ASP I 147 2.92 -3.71 -19.11
C ASP I 147 3.34 -3.28 -20.54
N GLY I 148 4.53 -3.68 -21.00
CA GLY I 148 5.06 -3.29 -22.32
C GLY I 148 5.86 -2.00 -22.35
N HIS I 149 5.90 -1.29 -21.21
CA HIS I 149 6.73 -0.10 -21.06
C HIS I 149 8.17 -0.56 -20.75
N PRO I 150 9.18 0.12 -21.28
CA PRO I 150 10.54 -0.35 -21.12
C PRO I 150 10.91 -0.38 -19.64
N LEU I 151 11.58 -1.45 -19.26
CA LEU I 151 11.88 -1.75 -17.89
C LEU I 151 12.56 -0.57 -17.20
N GLY I 152 11.97 -0.26 -16.06
CA GLY I 152 12.43 0.78 -15.18
C GLY I 152 12.06 2.20 -15.52
N TRP I 153 11.51 2.45 -16.71
CA TRP I 153 11.14 3.83 -17.12
C TRP I 153 9.97 4.27 -16.24
N PRO I 154 9.86 5.57 -15.96
CA PRO I 154 8.71 6.10 -15.19
C PRO I 154 7.40 5.73 -15.90
N LYS I 155 6.41 5.28 -15.13
CA LYS I 155 5.14 4.90 -15.68
C LYS I 155 4.55 6.16 -16.27
N ASN I 156 4.02 5.99 -17.49
CA ASN I 156 3.40 7.05 -18.28
C ASN I 156 4.34 8.12 -18.66
N GLY I 157 5.63 7.83 -18.73
CA GLY I 157 6.57 8.90 -19.05
C GLY I 157 7.92 8.38 -19.49
N PHE I 158 8.90 9.27 -19.46
CA PHE I 158 10.20 8.99 -20.03
C PHE I 158 11.29 9.29 -19.01
N PRO I 159 12.40 8.55 -19.03
CA PRO I 159 13.55 9.00 -18.24
C PRO I 159 14.26 10.21 -18.89
N GLY I 160 15.42 10.60 -18.38
CA GLY I 160 16.24 11.62 -19.05
C GLY I 160 16.65 11.29 -20.48
N PRO I 161 16.92 12.31 -21.28
CA PRO I 161 17.31 12.06 -22.67
C PRO I 161 18.54 11.17 -22.81
N GLN I 162 18.77 10.73 -24.03
CA GLN I 162 19.88 9.86 -24.35
C GLN I 162 21.19 10.58 -24.10
N GLY I 163 22.21 9.83 -23.74
CA GLY I 163 23.52 10.40 -23.40
C GLY I 163 24.27 9.58 -22.38
N PRO I 164 23.67 9.33 -21.21
CA PRO I 164 24.30 8.65 -20.07
C PRO I 164 24.23 7.15 -20.08
N TYR I 165 23.44 6.55 -20.98
CA TYR I 165 23.14 5.14 -20.81
C TYR I 165 24.06 4.21 -21.59
N TYR I 166 24.56 4.68 -22.73
CA TYR I 166 25.34 3.82 -23.62
C TYR I 166 26.57 3.29 -22.87
N CYS I 167 26.79 1.98 -22.89
CA CYS I 167 27.94 1.41 -22.20
C CYS I 167 28.01 1.91 -20.74
N GLY I 168 26.82 2.04 -20.12
CA GLY I 168 26.71 2.75 -18.85
C GLY I 168 27.11 1.91 -17.65
N VAL I 169 27.44 2.57 -16.55
CA VAL I 169 27.71 1.91 -15.27
C VAL I 169 27.01 2.64 -14.12
N GLY I 170 26.21 1.92 -13.34
CA GLY I 170 25.49 2.56 -12.24
C GLY I 170 24.00 2.29 -12.22
N ALA I 171 23.46 2.33 -11.03
CA ALA I 171 22.08 1.99 -10.82
C ALA I 171 21.13 2.87 -11.58
N ASN I 172 21.54 4.08 -11.87
CA ASN I 172 20.70 4.97 -12.71
C ASN I 172 21.14 5.08 -14.19
N LYS I 173 21.94 4.12 -14.64
CA LYS I 173 22.44 4.17 -16.02
C LYS I 173 22.05 2.93 -16.83
N VAL I 174 22.13 1.77 -16.24
CA VAL I 174 21.75 0.60 -16.98
C VAL I 174 20.96 -0.27 -16.07
N TYR I 175 20.01 -1.01 -16.64
CA TYR I 175 19.16 -1.89 -15.87
C TYR I 175 19.26 -3.34 -16.30
N ALA I 176 19.20 -4.21 -15.29
CA ALA I 176 19.06 -5.65 -15.49
C ALA I 176 20.30 -6.29 -16.07
N ARG I 177 21.45 -5.74 -15.73
CA ARG I 177 22.73 -6.36 -16.09
C ARG I 177 22.79 -7.82 -15.67
N ASP I 178 22.09 -8.19 -14.61
CA ASP I 178 22.08 -9.59 -14.22
C ASP I 178 21.64 -10.54 -15.32
N ILE I 179 20.63 -10.13 -16.10
CA ILE I 179 20.15 -10.99 -17.16
C ILE I 179 21.23 -11.11 -18.24
N VAL I 180 21.85 -10.00 -18.57
CA VAL I 180 22.86 -9.93 -19.60
C VAL I 180 24.07 -10.80 -19.31
N ASP I 181 24.54 -10.75 -18.06
CA ASP I 181 25.67 -11.57 -17.62
C ASP I 181 25.28 -13.00 -17.61
N ALA I 182 24.09 -13.29 -17.10
CA ALA I 182 23.66 -14.70 -17.08
C ALA I 182 23.52 -15.29 -18.53
N HIS I 183 23.04 -14.47 -19.45
CA HIS I 183 22.85 -14.89 -20.81
C HIS I 183 24.23 -15.04 -21.48
N TYR I 184 25.08 -14.06 -21.29
CA TYR I 184 26.45 -14.12 -21.83
C TYR I 184 27.08 -15.49 -21.47
N ARG I 185 27.02 -15.84 -20.21
CA ARG I 185 27.63 -17.03 -19.76
C ARG I 185 26.89 -18.28 -20.21
N ALA I 186 25.57 -18.26 -20.13
CA ALA I 186 24.78 -19.41 -20.56
C ALA I 186 25.01 -19.70 -22.05
N CYS I 187 25.26 -18.66 -22.83
CA CYS I 187 25.47 -18.85 -24.23
C CYS I 187 26.82 -19.56 -24.39
N LEU I 188 27.86 -19.00 -23.81
CA LEU I 188 29.19 -19.62 -23.84
C LEU I 188 29.14 -21.08 -23.41
N TYR I 189 28.43 -21.39 -22.35
CA TYR I 189 28.36 -22.77 -21.89
C TYR I 189 27.64 -23.68 -22.85
N ALA I 190 26.61 -23.15 -23.51
CA ALA I 190 25.81 -23.88 -24.46
C ALA I 190 26.57 -24.29 -25.73
N GLY I 191 27.66 -23.61 -26.02
CA GLY I 191 28.40 -23.84 -27.26
C GLY I 191 28.20 -22.71 -28.25
N ILE I 192 27.61 -21.58 -27.84
CA ILE I 192 27.36 -20.45 -28.72
C ILE I 192 28.43 -19.41 -28.57
N LYS I 193 28.89 -18.92 -29.71
CA LYS I 193 30.04 -18.12 -29.75
C LYS I 193 29.67 -16.66 -29.59
N VAL I 194 29.28 -16.31 -28.38
CA VAL I 194 29.00 -14.92 -28.10
C VAL I 194 30.34 -14.28 -27.91
N SER I 195 30.55 -13.11 -28.49
CA SER I 195 31.87 -12.49 -28.52
C SER I 195 31.93 -11.19 -27.75
N GLY I 196 30.79 -10.76 -27.21
CA GLY I 196 30.77 -9.55 -26.39
C GLY I 196 29.36 -9.01 -26.15
N THR I 197 29.24 -8.00 -25.29
CA THR I 197 27.97 -7.36 -25.06
C THR I 197 28.24 -5.96 -24.69
N ASN I 198 27.23 -5.11 -24.89
CA ASN I 198 27.18 -3.76 -24.38
C ASN I 198 25.75 -3.20 -24.14
N ALA I 199 25.70 -2.20 -23.29
CA ALA I 199 24.48 -1.46 -22.99
C ALA I 199 24.31 -0.44 -24.07
N GLU I 200 23.09 -0.28 -24.54
CA GLU I 200 22.84 0.57 -25.69
C GLU I 200 22.37 1.93 -25.30
N VAL I 201 22.13 2.74 -26.31
CA VAL I 201 21.92 4.16 -26.19
C VAL I 201 20.66 4.48 -25.40
N MET I 202 19.66 3.66 -25.68
CA MET I 202 18.39 3.71 -25.02
C MET I 202 18.50 3.00 -23.64
N PRO I 203 18.11 3.68 -22.59
CA PRO I 203 18.05 3.01 -21.26
C PRO I 203 17.08 1.75 -21.22
N ALA I 204 17.51 0.67 -20.57
CA ALA I 204 16.98 -0.70 -20.78
C ALA I 204 17.30 -1.41 -22.13
N GLN I 205 18.03 -0.76 -23.03
CA GLN I 205 18.41 -1.39 -24.29
C GLN I 205 19.84 -1.93 -24.20
N TRP I 206 20.02 -3.15 -24.70
CA TRP I 206 21.29 -3.82 -24.71
C TRP I 206 21.56 -4.49 -26.07
N GLU I 207 22.75 -5.09 -26.16
CA GLU I 207 23.22 -5.77 -27.36
C GLU I 207 24.11 -6.92 -26.96
N PHE I 208 24.01 -8.01 -27.69
CA PHE I 208 25.05 -8.96 -27.71
C PHE I 208 25.46 -9.27 -29.14
N GLN I 209 26.73 -9.66 -29.29
CA GLN I 209 27.36 -9.99 -30.59
C GLN I 209 27.61 -11.46 -30.62
N VAL I 210 27.28 -12.11 -31.74
CA VAL I 210 27.57 -13.54 -31.90
C VAL I 210 28.42 -13.71 -33.14
N GLY I 211 29.47 -14.53 -33.01
CA GLY I 211 30.34 -14.88 -34.13
C GLY I 211 31.78 -14.43 -33.95
N PRO I 212 32.64 -14.65 -34.96
CA PRO I 212 32.22 -15.05 -36.32
C PRO I 212 31.85 -16.51 -36.43
N CYS I 213 30.85 -16.81 -37.25
CA CYS I 213 30.36 -18.19 -37.37
C CYS I 213 30.35 -18.59 -38.83
N GLU I 214 30.75 -19.82 -39.09
CA GLU I 214 30.86 -20.24 -40.46
C GLU I 214 29.50 -20.59 -41.00
N GLY I 215 29.10 -19.78 -41.97
CA GLY I 215 28.03 -20.15 -42.87
C GLY I 215 26.69 -20.12 -42.16
N ILE I 216 25.94 -21.23 -42.29
CA ILE I 216 24.55 -21.39 -41.81
C ILE I 216 24.47 -21.42 -40.26
N SER I 217 25.57 -21.75 -39.61
CA SER I 217 25.58 -21.95 -38.16
C SER I 217 25.32 -20.63 -37.38
N ILE I 218 25.58 -19.49 -37.99
CA ILE I 218 25.28 -18.19 -37.41
C ILE I 218 23.77 -18.06 -37.17
N GLY I 219 22.99 -18.68 -38.06
CA GLY I 219 21.53 -18.67 -37.98
C GLY I 219 21.03 -19.57 -36.89
N ASP I 220 21.52 -20.80 -36.86
CA ASP I 220 21.24 -21.69 -35.77
C ASP I 220 21.62 -21.04 -34.41
N ASP I 221 22.81 -20.50 -34.35
CA ASP I 221 23.36 -20.04 -33.09
C ASP I 221 22.63 -18.76 -32.64
N LEU I 222 22.45 -17.79 -33.53
CA LEU I 222 21.72 -16.61 -33.15
C LEU I 222 20.32 -17.00 -32.70
N TRP I 223 19.64 -17.88 -33.42
CA TRP I 223 18.29 -18.27 -33.03
C TRP I 223 18.25 -18.86 -31.61
N MET I 224 19.24 -19.65 -31.28
CA MET I 224 19.25 -20.31 -30.01
C MET I 224 19.68 -19.30 -28.92
N ALA I 225 20.54 -18.37 -29.27
CA ALA I 225 20.84 -17.29 -28.37
C ALA I 225 19.62 -16.45 -28.04
N ARG I 226 18.74 -16.26 -29.00
CA ARG I 226 17.51 -15.49 -28.79
C ARG I 226 16.66 -16.26 -27.83
N PHE I 227 16.59 -17.56 -28.05
CA PHE I 227 15.86 -18.41 -27.20
C PHE I 227 16.33 -18.25 -25.78
N LEU I 228 17.64 -18.37 -25.61
CA LEU I 228 18.20 -18.20 -24.28
C LEU I 228 17.89 -16.86 -23.62
N LEU I 229 17.96 -15.79 -24.37
CA LEU I 229 17.61 -14.51 -23.82
C LEU I 229 16.17 -14.50 -23.30
N HIS I 230 15.21 -14.95 -24.12
CA HIS I 230 13.81 -14.90 -23.70
C HIS I 230 13.55 -15.76 -22.47
N ARG I 231 14.11 -16.94 -22.49
CA ARG I 231 13.95 -17.92 -21.47
C ARG I 231 14.61 -17.55 -20.09
N ILE I 232 15.71 -16.86 -20.13
CA ILE I 232 16.39 -16.40 -18.93
C ILE I 232 15.61 -15.21 -18.43
N SER I 233 15.29 -14.30 -19.35
CA SER I 233 14.45 -13.12 -19.05
C SER I 233 13.19 -13.53 -18.28
N GLU I 234 12.56 -14.60 -18.78
CA GLU I 234 11.31 -15.15 -18.23
C GLU I 234 11.35 -15.42 -16.71
N GLU I 235 12.43 -16.02 -16.24
CA GLU I 235 12.59 -16.36 -14.82
C GLU I 235 12.61 -15.10 -13.96
N PHE I 236 13.06 -13.98 -14.50
CA PHE I 236 13.03 -12.71 -13.78
C PHE I 236 11.71 -12.00 -13.94
N GLY I 237 10.87 -12.47 -14.87
CA GLY I 237 9.60 -11.83 -15.14
C GLY I 237 9.73 -10.64 -16.01
N ILE I 238 10.86 -10.54 -16.71
CA ILE I 238 11.12 -9.41 -17.60
C ILE I 238 10.98 -9.84 -19.05
N VAL I 239 10.37 -8.97 -19.86
CA VAL I 239 10.23 -9.27 -21.30
C VAL I 239 11.44 -8.70 -22.07
N SER I 240 11.95 -9.52 -22.97
CA SER I 240 12.98 -9.16 -23.95
C SER I 240 12.33 -8.98 -25.28
N THR I 241 12.35 -7.79 -25.85
CA THR I 241 11.79 -7.69 -27.13
C THR I 241 12.87 -7.41 -28.18
N LEU I 242 12.62 -7.94 -29.38
CA LEU I 242 13.41 -7.70 -30.58
C LEU I 242 12.74 -6.77 -31.58
N ASP I 243 11.61 -6.20 -31.20
CA ASP I 243 10.95 -5.20 -32.02
C ASP I 243 11.93 -4.10 -32.31
N PRO I 244 12.02 -3.66 -33.59
CA PRO I 244 13.02 -2.69 -33.99
C PRO I 244 12.77 -1.32 -33.49
N LYS I 245 11.58 -1.03 -33.02
CA LYS I 245 11.31 0.28 -32.49
C LYS I 245 10.40 0.09 -31.33
N PRO I 246 10.97 -0.39 -30.21
CA PRO I 246 10.21 -0.70 -29.01
C PRO I 246 9.61 0.53 -28.32
N MET I 247 10.02 1.75 -28.70
CA MET I 247 9.37 3.04 -28.34
C MET I 247 9.45 4.14 -29.44
N PRO I 248 8.32 4.83 -29.75
CA PRO I 248 8.36 5.80 -30.89
C PRO I 248 9.07 7.13 -30.65
N GLY I 249 9.68 7.61 -31.72
CA GLY I 249 10.16 8.95 -31.82
C GLY I 249 11.66 8.91 -31.80
N ASP I 250 12.23 9.88 -31.09
CA ASP I 250 13.70 10.10 -31.02
C ASP I 250 14.28 9.36 -29.76
N TRP I 251 14.07 8.05 -29.81
CA TRP I 251 14.61 7.05 -28.92
C TRP I 251 15.07 6.00 -29.89
N ASN I 252 16.25 5.41 -29.62
CA ASN I 252 17.02 4.60 -30.60
C ASN I 252 16.37 3.29 -30.94
N GLY I 253 16.08 3.11 -32.22
CA GLY I 253 15.56 1.84 -32.70
C GLY I 253 16.55 0.70 -32.49
N ALA I 254 16.22 -0.44 -33.08
CA ALA I 254 17.00 -1.64 -32.87
C ALA I 254 17.38 -2.30 -34.19
N GLY I 255 18.65 -2.67 -34.25
CA GLY I 255 19.29 -3.26 -35.41
C GLY I 255 19.79 -4.65 -35.09
N ALA I 256 20.14 -5.36 -36.15
CA ALA I 256 20.87 -6.63 -36.07
C ALA I 256 21.95 -6.56 -37.13
N HIS I 257 22.85 -5.61 -36.95
CA HIS I 257 23.92 -5.35 -37.90
C HIS I 257 24.72 -6.59 -38.11
N THR I 258 25.14 -6.78 -39.34
CA THR I 258 25.70 -8.02 -39.81
C THR I 258 27.05 -7.76 -40.44
N ASN I 259 28.06 -8.40 -39.87
CA ASN I 259 29.42 -8.34 -40.32
C ASN I 259 29.74 -9.57 -41.14
N VAL I 260 30.41 -9.33 -42.27
CA VAL I 260 30.57 -10.36 -43.32
C VAL I 260 31.97 -10.52 -43.89
N SER I 261 32.37 -11.77 -44.08
CA SER I 261 33.64 -12.07 -44.77
C SER I 261 33.68 -13.40 -45.52
N THR I 262 34.39 -13.37 -46.64
CA THR I 262 34.88 -14.58 -47.34
C THR I 262 36.39 -14.77 -47.06
N LYS I 263 36.90 -15.94 -47.44
CA LYS I 263 38.36 -16.22 -47.41
C LYS I 263 39.14 -15.12 -48.15
N ALA I 264 38.72 -14.81 -49.37
CA ALA I 264 39.38 -13.74 -50.12
C ALA I 264 39.54 -12.48 -49.28
N MET I 265 38.42 -11.99 -48.75
CA MET I 265 38.37 -10.69 -48.05
C MET I 265 39.27 -10.64 -46.81
N ARG I 266 39.47 -11.82 -46.24
CA ARG I 266 40.16 -11.99 -44.97
C ARG I 266 41.64 -12.31 -45.19
N GLU I 267 41.93 -13.14 -46.20
CA GLU I 267 43.30 -13.50 -46.54
C GLU I 267 43.92 -12.51 -47.52
N ASP I 268 44.53 -11.47 -46.95
CA ASP I 268 45.59 -10.63 -47.59
C ASP I 268 45.21 -9.89 -48.87
N GLY I 269 44.59 -10.63 -49.79
CA GLY I 269 43.99 -10.10 -51.02
C GLY I 269 43.22 -8.84 -50.73
N GLY I 270 42.37 -8.89 -49.71
CA GLY I 270 41.93 -7.67 -49.02
C GLY I 270 40.68 -6.93 -49.47
N ILE I 271 40.74 -5.60 -49.38
CA ILE I 271 39.56 -4.76 -49.55
C ILE I 271 39.07 -4.58 -51.00
N ARG I 272 39.77 -5.11 -52.00
CA ARG I 272 39.29 -4.94 -53.37
C ARG I 272 38.16 -5.98 -53.62
N ASP I 273 38.24 -7.11 -52.91
CA ASP I 273 37.17 -8.11 -52.92
C ASP I 273 35.95 -7.53 -52.20
N ILE I 274 36.23 -6.91 -51.07
CA ILE I 274 35.25 -6.20 -50.25
C ILE I 274 34.56 -5.03 -50.98
N GLU I 275 35.35 -4.14 -51.59
CA GLU I 275 34.85 -2.95 -52.31
C GLU I 275 33.94 -3.37 -53.46
N LYS I 276 34.23 -4.55 -54.02
CA LYS I 276 33.43 -5.13 -55.11
C LYS I 276 32.14 -5.70 -54.54
N ALA I 277 32.29 -6.49 -53.47
CA ALA I 277 31.15 -7.01 -52.68
C ALA I 277 30.21 -5.88 -52.31
N VAL I 278 30.75 -4.81 -51.76
CA VAL I 278 29.94 -3.64 -51.43
C VAL I 278 29.18 -3.09 -52.64
N ALA I 279 29.88 -2.94 -53.78
CA ALA I 279 29.28 -2.36 -55.00
C ALA I 279 28.21 -3.27 -55.57
N LYS I 280 28.35 -4.58 -55.33
CA LYS I 280 27.26 -5.52 -55.64
C LYS I 280 25.98 -5.30 -54.79
N LEU I 281 26.13 -4.85 -53.54
CA LEU I 281 24.96 -4.49 -52.71
C LEU I 281 24.29 -3.15 -53.03
N SER I 282 25.07 -2.16 -53.45
CA SER I 282 24.48 -0.87 -53.88
C SER I 282 23.44 -1.08 -54.99
N LYS I 283 23.69 -2.05 -55.87
CA LYS I 283 22.77 -2.42 -56.96
C LYS I 283 21.36 -2.83 -56.51
N CYS I 284 21.23 -3.56 -55.40
CA CYS I 284 19.91 -4.08 -54.95
C CYS I 284 19.52 -3.85 -53.46
N HIS I 285 19.31 -2.57 -53.12
CA HIS I 285 18.77 -2.16 -51.81
C HIS I 285 17.31 -2.59 -51.61
N GLU I 286 16.44 -2.23 -52.55
CA GLU I 286 15.01 -2.56 -52.50
C GLU I 286 14.79 -4.06 -52.18
N ARG I 287 15.59 -4.93 -52.78
CA ARG I 287 15.48 -6.41 -52.59
C ARG I 287 15.93 -6.91 -51.22
N HIS I 288 16.97 -6.27 -50.69
CA HIS I 288 17.55 -6.61 -49.38
C HIS I 288 16.72 -6.11 -48.18
N ILE I 289 16.10 -4.92 -48.30
CA ILE I 289 15.15 -4.42 -47.29
C ILE I 289 13.98 -5.39 -47.07
N ARG I 290 13.60 -6.09 -48.15
CA ARG I 290 12.54 -7.11 -48.11
C ARG I 290 13.00 -8.39 -47.38
N ALA I 291 14.26 -8.74 -47.51
CA ALA I 291 14.83 -9.88 -46.77
C ALA I 291 15.18 -9.61 -45.28
N TYR I 292 15.11 -8.35 -44.84
CA TYR I 292 15.79 -7.81 -43.63
C TYR I 292 14.91 -7.54 -42.38
N ASP I 293 13.60 -7.70 -42.56
CA ASP I 293 12.69 -7.93 -41.43
C ASP I 293 11.64 -8.92 -41.99
N PRO I 294 10.95 -9.68 -41.10
CA PRO I 294 10.01 -10.77 -41.48
C PRO I 294 8.58 -10.34 -41.95
N LYS I 295 8.39 -9.04 -42.20
CA LYS I 295 7.23 -8.51 -42.96
C LYS I 295 7.67 -7.70 -44.21
N GLN I 296 8.97 -7.71 -44.51
CA GLN I 296 9.57 -7.14 -45.75
C GLN I 296 9.52 -5.60 -45.93
N GLY I 297 10.12 -4.87 -44.99
CA GLY I 297 10.14 -3.40 -45.03
C GLY I 297 9.17 -2.67 -44.09
N GLN I 298 8.17 -3.38 -43.55
CA GLN I 298 7.09 -2.75 -42.72
C GLN I 298 7.53 -2.35 -41.30
N ASP I 299 8.48 -3.10 -40.74
CA ASP I 299 9.00 -2.82 -39.38
C ASP I 299 10.28 -1.96 -39.40
N ASN I 300 11.15 -2.23 -40.37
CA ASN I 300 12.34 -1.38 -40.66
C ASN I 300 11.98 0.10 -40.84
N ALA I 301 10.97 0.36 -41.68
CA ALA I 301 10.50 1.73 -41.98
C ALA I 301 10.39 2.60 -40.71
N ARG I 302 10.07 1.95 -39.58
CA ARG I 302 9.94 2.61 -38.25
C ARG I 302 11.28 3.03 -37.57
N ARG I 303 12.35 2.23 -37.69
CA ARG I 303 13.69 2.66 -37.16
C ARG I 303 14.66 3.21 -38.24
N LEU I 304 14.55 2.73 -39.47
CA LEU I 304 15.26 3.33 -40.60
C LEU I 304 14.56 4.64 -41.01
N THR I 305 14.87 5.71 -40.28
CA THR I 305 14.38 7.07 -40.58
C THR I 305 15.43 7.89 -41.37
N GLY I 306 16.70 7.51 -41.24
CA GLY I 306 17.83 8.36 -41.66
C GLY I 306 18.22 9.29 -40.52
N LYS I 307 17.50 9.19 -39.40
CA LYS I 307 17.70 10.02 -38.21
C LYS I 307 17.81 9.10 -36.98
N HIS I 308 18.83 9.38 -36.15
CA HIS I 308 19.24 8.55 -34.99
C HIS I 308 20.17 7.39 -35.38
N GLU I 309 21.29 7.75 -36.03
CA GLU I 309 22.39 6.83 -36.40
C GLU I 309 21.99 5.67 -37.35
N THR I 310 20.90 5.85 -38.10
CA THR I 310 20.35 4.82 -39.02
C THR I 310 20.31 5.31 -40.47
N SER I 311 20.33 4.35 -41.40
CA SER I 311 20.13 4.61 -42.82
C SER I 311 18.65 4.92 -43.10
N SER I 312 18.38 5.65 -44.18
CA SER I 312 17.00 5.83 -44.66
C SER I 312 16.60 4.60 -45.49
N ILE I 313 15.33 4.22 -45.40
CA ILE I 313 14.83 2.94 -45.96
C ILE I 313 14.70 2.97 -47.51
N ASN I 314 14.65 4.17 -48.09
CA ASN I 314 14.54 4.37 -49.55
C ASN I 314 15.90 4.39 -50.28
N ASP I 315 16.82 5.22 -49.79
CA ASP I 315 18.09 5.51 -50.47
C ASP I 315 19.23 4.63 -49.95
N PHE I 316 20.11 4.19 -50.86
CA PHE I 316 21.31 3.43 -50.49
C PHE I 316 22.51 4.35 -50.20
N SER I 317 23.41 3.93 -49.29
CA SER I 317 24.62 4.72 -48.97
C SER I 317 25.79 3.88 -48.41
N ALA I 318 27.01 4.23 -48.83
CA ALA I 318 28.24 3.55 -48.38
C ALA I 318 29.32 4.58 -48.00
N GLY I 319 29.91 4.40 -46.81
CA GLY I 319 30.98 5.26 -46.33
C GLY I 319 31.98 4.48 -45.49
N VAL I 320 33.20 5.00 -45.38
CA VAL I 320 34.27 4.38 -44.56
C VAL I 320 34.19 4.95 -43.12
N ALA I 321 34.22 4.05 -42.14
CA ALA I 321 34.04 4.38 -40.71
C ALA I 321 32.77 5.15 -40.38
N ASN I 322 31.80 5.15 -41.31
CA ASN I 322 30.60 6.01 -41.19
C ASN I 322 29.32 5.28 -40.79
N ARG I 323 28.59 5.93 -39.88
CA ARG I 323 27.51 5.33 -39.11
C ARG I 323 26.10 5.69 -39.61
N GLY I 324 26.01 6.70 -40.48
CA GLY I 324 24.77 7.06 -41.15
C GLY I 324 24.49 6.22 -42.39
N CYS I 325 25.48 5.44 -42.82
CA CYS I 325 25.41 4.63 -44.04
C CYS I 325 24.71 3.27 -43.85
N SER I 326 24.26 2.71 -44.97
CA SER I 326 23.61 1.41 -45.02
C SER I 326 24.65 0.30 -44.93
N ILE I 327 25.69 0.42 -45.74
CA ILE I 327 26.83 -0.48 -45.64
C ILE I 327 28.06 0.33 -45.30
N ARG I 328 28.94 -0.30 -44.54
CA ARG I 328 30.00 0.39 -43.88
C ARG I 328 31.29 -0.43 -44.03
N ILE I 329 32.37 0.26 -44.38
CA ILE I 329 33.74 -0.29 -44.28
C ILE I 329 34.42 0.34 -43.06
N PRO I 330 34.75 -0.48 -42.04
CA PRO I 330 35.35 0.08 -40.81
C PRO I 330 36.72 0.61 -41.11
N ARG I 331 37.00 1.84 -40.72
CA ARG I 331 38.36 2.41 -40.83
C ARG I 331 39.42 1.28 -40.69
N GLY I 332 39.38 0.59 -39.56
CA GLY I 332 40.31 -0.51 -39.23
C GLY I 332 40.58 -1.55 -40.30
N VAL I 333 39.56 -1.88 -41.10
CA VAL I 333 39.68 -2.84 -42.21
C VAL I 333 40.30 -2.17 -43.45
N ASN I 334 40.03 -0.88 -43.62
CA ASN I 334 40.55 -0.05 -44.71
C ASN I 334 42.07 0.16 -44.55
N ASP I 335 42.47 0.58 -43.36
CA ASP I 335 43.88 0.70 -42.96
C ASP I 335 44.68 -0.55 -43.34
N ASP I 336 44.07 -1.71 -43.17
CA ASP I 336 44.75 -2.99 -43.42
C ASP I 336 44.39 -3.57 -44.79
N GLY I 337 45.22 -4.52 -45.22
CA GLY I 337 44.99 -5.20 -46.50
C GLY I 337 43.57 -5.75 -46.57
N LYS I 338 43.12 -6.31 -45.45
CA LYS I 338 41.97 -7.23 -45.39
C LYS I 338 40.95 -6.96 -44.22
N GLY I 339 39.95 -7.84 -44.11
CA GLY I 339 38.97 -7.82 -42.99
C GLY I 339 37.59 -8.43 -43.28
N TYR I 340 36.54 -7.63 -43.03
CA TYR I 340 35.11 -7.99 -43.23
C TYR I 340 34.38 -6.67 -43.49
N PHE I 341 33.13 -6.70 -43.98
CA PHE I 341 32.32 -5.42 -44.08
C PHE I 341 31.04 -5.44 -43.20
N GLU I 342 30.55 -4.27 -42.81
CA GLU I 342 29.35 -4.21 -41.97
C GLU I 342 28.10 -3.89 -42.80
N ASP I 343 27.07 -4.74 -42.65
CA ASP I 343 25.73 -4.45 -43.19
C ASP I 343 24.79 -3.90 -42.11
N ARG I 344 24.50 -2.60 -42.13
CA ARG I 344 23.73 -1.93 -41.09
C ARG I 344 22.19 -1.86 -41.33
N ARG I 345 21.68 -2.56 -42.31
CA ARG I 345 20.27 -2.48 -42.66
C ARG I 345 19.41 -3.53 -41.94
N PRO I 346 19.93 -4.75 -41.70
CA PRO I 346 19.06 -5.72 -41.05
C PRO I 346 18.52 -5.22 -39.70
N SER I 347 17.25 -5.48 -39.46
CA SER I 347 16.61 -4.96 -38.28
C SER I 347 16.71 -5.98 -37.18
N SER I 348 16.47 -5.52 -35.95
CA SER I 348 16.63 -6.39 -34.77
C SER I 348 15.81 -7.64 -34.88
N ASN I 349 14.68 -7.57 -35.58
CA ASN I 349 13.84 -8.80 -35.65
C ASN I 349 13.99 -9.66 -36.93
N CYS I 350 15.06 -9.39 -37.68
CA CYS I 350 15.34 -10.15 -38.89
C CYS I 350 15.50 -11.63 -38.62
N ASP I 351 15.24 -12.45 -39.63
CA ASP I 351 15.60 -13.85 -39.58
C ASP I 351 17.02 -13.92 -40.18
N PRO I 352 17.99 -14.38 -39.39
CA PRO I 352 19.36 -14.43 -39.90
C PRO I 352 19.55 -15.38 -41.09
N TYR I 353 18.76 -16.43 -41.18
CA TYR I 353 18.83 -17.29 -42.36
C TYR I 353 18.56 -16.54 -43.65
N SER I 354 17.52 -15.71 -43.65
CA SER I 354 17.21 -14.82 -44.79
C SER I 354 18.24 -13.73 -45.03
N VAL I 355 18.90 -13.30 -43.95
CA VAL I 355 19.90 -12.26 -44.13
C VAL I 355 21.13 -12.82 -44.82
N VAL I 356 21.52 -14.01 -44.39
CA VAL I 356 22.65 -14.75 -44.93
C VAL I 356 22.38 -15.14 -46.37
N GLU I 357 21.32 -15.90 -46.61
CA GLU I 357 20.91 -16.22 -48.00
C GLU I 357 21.05 -15.04 -48.97
N ALA I 358 20.34 -13.95 -48.71
CA ALA I 358 20.34 -12.83 -49.61
C ALA I 358 21.74 -12.26 -49.77
N ILE I 359 22.48 -12.17 -48.68
CA ILE I 359 23.83 -11.66 -48.82
C ILE I 359 24.67 -12.58 -49.74
N LEU I 360 24.58 -13.88 -49.51
CA LEU I 360 25.26 -14.90 -50.34
C LEU I 360 24.87 -14.99 -51.84
N ARG I 361 23.60 -14.80 -52.15
CA ARG I 361 23.17 -14.77 -53.54
C ARG I 361 23.79 -13.62 -54.25
N THR I 362 23.80 -12.47 -53.61
CA THR I 362 24.23 -11.26 -54.26
C THR I 362 25.75 -11.20 -54.42
N ILE I 363 26.46 -11.88 -53.53
CA ILE I 363 27.88 -11.66 -53.28
C ILE I 363 28.79 -12.82 -53.65
N CYS I 364 28.30 -14.03 -53.48
CA CYS I 364 29.05 -15.21 -53.83
C CYS I 364 28.45 -15.97 -55.02
N LEU I 365 27.40 -15.41 -55.63
CA LEU I 365 26.61 -16.10 -56.66
C LEU I 365 26.09 -15.19 -57.80
N ASP I 366 25.83 -13.91 -57.48
CA ASP I 366 25.19 -12.95 -58.40
C ASP I 366 23.78 -13.34 -58.85
N ALA J 1 0.13 -4.66 -6.08
CA ALA J 1 0.68 -6.03 -5.83
C ALA J 1 -0.43 -7.00 -5.47
N ARG J 2 -0.89 -7.85 -6.41
CA ARG J 2 -1.92 -8.86 -6.08
C ARG J 2 -1.53 -10.31 -6.26
N ILE J 3 -0.66 -10.65 -7.20
CA ILE J 3 -0.41 -12.05 -7.51
C ILE J 3 0.03 -12.80 -6.27
N LEU J 4 -0.72 -13.79 -5.84
CA LEU J 4 -0.46 -14.62 -4.69
C LEU J 4 -0.44 -13.88 -3.31
N GLU J 5 -0.89 -12.65 -3.26
CA GLU J 5 -0.96 -11.84 -2.03
C GLU J 5 -1.71 -12.52 -0.88
N ASP J 6 -2.77 -13.29 -1.19
CA ASP J 6 -3.63 -13.90 -0.18
C ASP J 6 -3.31 -15.37 0.03
N SER J 7 -2.30 -15.90 -0.66
CA SER J 7 -1.99 -17.31 -0.52
C SER J 7 -1.09 -17.57 0.67
N PRO J 8 -1.58 -18.28 1.72
CA PRO J 8 -0.76 -18.44 2.92
C PRO J 8 0.62 -18.99 2.69
N ASN J 9 0.75 -20.03 1.88
CA ASN J 9 2.05 -20.64 1.63
C ASN J 9 3.03 -19.74 0.84
N ALA J 10 2.51 -18.85 0.01
CA ALA J 10 3.37 -17.90 -0.70
C ALA J 10 3.94 -16.83 0.22
N ARG J 11 3.29 -16.58 1.36
CA ARG J 11 3.58 -15.47 2.23
C ARG J 11 4.41 -15.95 3.40
N ILE J 12 4.74 -17.21 3.45
CA ILE J 12 5.54 -17.76 4.51
C ILE J 12 6.99 -17.84 4.02
N ASN J 13 7.94 -17.62 4.93
CA ASN J 13 9.34 -17.69 4.51
C ASN J 13 9.72 -19.06 3.92
N LYS J 14 10.55 -19.05 2.87
CA LYS J 14 10.92 -20.31 2.15
C LYS J 14 12.35 -20.81 2.35
N THR J 15 13.24 -20.00 2.87
CA THR J 15 14.66 -20.40 3.01
C THR J 15 15.00 -21.13 4.32
N ILE J 16 14.22 -20.90 5.36
CA ILE J 16 14.43 -21.54 6.66
C ILE J 16 14.42 -23.07 6.61
N LEU J 17 13.58 -23.65 5.79
CA LEU J 17 13.49 -25.07 5.76
C LEU J 17 14.81 -25.76 5.45
N ASP J 18 15.58 -25.23 4.51
CA ASP J 18 16.93 -25.74 4.11
C ASP J 18 17.83 -26.06 5.34
N ARG J 19 17.89 -25.12 6.25
CA ARG J 19 18.54 -25.30 7.54
C ARG J 19 18.20 -26.64 8.22
N TYR J 20 16.95 -27.08 8.11
CA TYR J 20 16.52 -28.28 8.77
C TYR J 20 16.65 -29.55 7.92
N LEU J 21 16.59 -29.39 6.60
CA LEU J 21 16.72 -30.50 5.64
C LEU J 21 18.10 -31.12 5.63
N SER J 22 19.10 -30.27 5.86
CA SER J 22 20.49 -30.69 5.86
C SER J 22 20.89 -31.35 7.20
N LEU J 23 19.96 -31.49 8.13
CA LEU J 23 20.27 -32.19 9.38
C LEU J 23 20.44 -33.66 9.09
N PRO J 24 21.59 -34.25 9.46
CA PRO J 24 21.78 -35.66 9.12
C PRO J 24 21.07 -36.63 10.08
N LEU J 25 20.50 -37.71 9.57
CA LEU J 25 20.03 -38.80 10.46
C LEU J 25 20.75 -40.05 10.03
N GLN J 26 20.65 -41.09 10.84
CA GLN J 26 21.23 -42.40 10.48
C GLN J 26 20.37 -43.09 9.44
N GLU J 27 21.02 -43.63 8.39
CA GLU J 27 20.36 -44.16 7.15
C GLU J 27 19.15 -45.08 7.38
N ASN J 28 19.12 -45.72 8.55
CA ASN J 28 18.03 -46.62 8.94
C ASN J 28 16.69 -45.99 9.42
N ILE J 29 16.63 -44.68 9.61
CA ILE J 29 15.34 -43.99 9.83
C ILE J 29 14.65 -43.64 8.51
N VAL J 30 13.45 -44.12 8.32
CA VAL J 30 12.78 -43.98 7.08
C VAL J 30 11.45 -43.30 7.32
N GLN J 31 11.24 -42.21 6.61
CA GLN J 31 9.97 -41.53 6.56
C GLN J 31 9.15 -41.98 5.31
N ALA J 32 7.97 -42.49 5.58
CA ALA J 32 7.12 -42.94 4.53
C ALA J 32 5.84 -42.10 4.51
N THR J 33 5.56 -41.54 3.36
CA THR J 33 4.35 -40.78 3.11
C THR J 33 3.39 -41.65 2.32
N TYR J 34 2.26 -41.93 2.91
CA TYR J 34 1.20 -42.69 2.31
C TYR J 34 0.23 -41.71 1.70
N VAL J 35 -0.17 -42.02 0.48
CA VAL J 35 -0.98 -41.18 -0.35
C VAL J 35 -2.21 -41.96 -0.79
N TRP J 36 -3.38 -41.35 -0.77
CA TRP J 36 -4.55 -42.02 -1.27
C TRP J 36 -5.61 -41.12 -1.91
N ILE J 37 -6.56 -41.74 -2.58
CA ILE J 37 -7.64 -41.01 -3.21
C ILE J 37 -8.84 -40.98 -2.31
N ASP J 38 -9.42 -39.79 -2.18
CA ASP J 38 -10.51 -39.60 -1.25
C ASP J 38 -11.86 -39.85 -1.92
N GLY J 39 -12.93 -39.61 -1.17
CA GLY J 39 -14.30 -39.88 -1.63
C GLY J 39 -14.79 -39.02 -2.76
N THR J 40 -14.08 -37.96 -3.14
CA THR J 40 -14.46 -37.24 -4.36
C THR J 40 -14.07 -38.01 -5.60
N GLY J 41 -13.07 -38.88 -5.47
CA GLY J 41 -12.50 -39.57 -6.61
C GLY J 41 -11.51 -38.81 -7.44
N GLU J 42 -11.21 -37.59 -7.01
CA GLU J 42 -10.39 -36.66 -7.79
C GLU J 42 -9.15 -36.22 -7.00
N ASP J 43 -9.35 -35.89 -5.73
CA ASP J 43 -8.31 -35.29 -4.92
C ASP J 43 -7.53 -36.33 -4.15
N LEU J 44 -6.29 -35.97 -3.80
CA LEU J 44 -5.37 -36.80 -3.01
C LEU J 44 -5.32 -36.41 -1.53
N ARG J 45 -5.06 -37.37 -0.67
CA ARG J 45 -4.71 -37.10 0.72
C ARG J 45 -3.43 -37.80 1.04
N CYS J 46 -2.83 -37.45 2.15
CA CYS J 46 -1.56 -38.05 2.53
C CYS J 46 -1.24 -37.92 3.99
N LYS J 47 -0.37 -38.79 4.50
CA LYS J 47 0.25 -38.55 5.77
C LYS J 47 1.46 -39.43 5.94
N ASP J 48 2.21 -39.21 7.02
CA ASP J 48 3.62 -39.62 7.18
C ASP J 48 3.72 -40.51 8.39
N ARG J 49 4.68 -41.42 8.36
CA ARG J 49 5.03 -42.18 9.55
C ARG J 49 6.49 -42.60 9.49
N THR J 50 7.08 -42.78 10.66
CA THR J 50 8.46 -43.24 10.78
C THR J 50 8.53 -44.81 10.77
N LEU J 51 9.37 -45.36 9.91
CA LEU J 51 9.74 -46.80 9.95
C LEU J 51 11.17 -46.95 10.42
N ASP J 52 11.46 -48.09 11.03
CA ASP J 52 12.85 -48.46 11.33
C ASP J 52 13.54 -49.39 10.28
N PHE J 53 12.93 -49.60 9.11
CA PHE J 53 13.48 -50.47 8.08
C PHE J 53 13.22 -49.96 6.68
N ILE J 54 13.96 -50.50 5.73
CA ILE J 54 13.83 -50.09 4.34
C ILE J 54 13.05 -51.15 3.57
N PRO J 55 11.79 -50.88 3.25
CA PRO J 55 11.03 -51.94 2.61
C PRO J 55 11.46 -52.22 1.17
N GLN J 56 11.32 -53.47 0.77
CA GLN J 56 11.80 -53.93 -0.53
C GLN J 56 10.64 -53.97 -1.54
N SER J 57 9.42 -54.13 -1.05
CA SER J 57 8.26 -54.10 -1.91
C SER J 57 7.03 -53.67 -1.11
N PRO J 58 5.95 -53.33 -1.81
CA PRO J 58 4.77 -52.86 -1.11
C PRO J 58 4.25 -53.85 -0.09
N LYS J 59 4.46 -55.12 -0.41
CA LYS J 59 4.10 -56.24 0.48
C LYS J 59 4.74 -56.05 1.90
N GLU J 60 5.96 -55.55 1.93
CA GLU J 60 6.69 -55.33 3.21
C GLU J 60 6.30 -54.10 4.06
N LEU J 61 5.44 -53.24 3.51
CA LEU J 61 4.93 -52.06 4.23
C LEU J 61 3.70 -52.39 5.05
N PRO J 62 3.52 -51.74 6.20
CA PRO J 62 2.31 -52.00 6.95
C PRO J 62 1.07 -51.47 6.28
N VAL J 63 0.02 -52.21 6.47
CA VAL J 63 -1.32 -51.79 6.15
C VAL J 63 -1.71 -50.76 7.19
N TRP J 64 -2.30 -49.65 6.77
CA TRP J 64 -2.58 -48.52 7.66
C TRP J 64 -4.04 -48.15 7.49
N ASN J 65 -4.44 -47.11 8.19
CA ASN J 65 -5.79 -46.67 8.16
C ASN J 65 -5.90 -45.15 8.38
N TYR J 66 -7.10 -44.67 8.15
CA TYR J 66 -7.43 -43.28 8.35
C TYR J 66 -8.90 -43.21 8.65
N ASP J 67 -9.37 -42.02 9.00
CA ASP J 67 -10.78 -41.78 9.28
C ASP J 67 -11.51 -41.28 8.04
N GLY J 68 -12.31 -42.15 7.45
CA GLY J 68 -12.95 -41.91 6.20
C GLY J 68 -14.04 -40.88 6.26
N SER J 69 -14.60 -40.72 7.45
CA SER J 69 -15.57 -39.67 7.68
C SER J 69 -15.00 -38.25 7.54
N SER J 70 -13.66 -38.12 7.54
CA SER J 70 -13.01 -36.84 7.22
C SER J 70 -12.51 -36.70 5.81
N CYS J 71 -12.89 -37.63 4.94
CA CYS J 71 -12.44 -37.69 3.56
C CYS J 71 -13.57 -37.95 2.58
N TYR J 72 -14.76 -37.61 3.00
CA TYR J 72 -15.96 -37.93 2.29
C TYR J 72 -16.14 -39.44 2.02
N GLN J 73 -15.78 -40.27 2.97
CA GLN J 73 -15.94 -41.71 2.83
C GLN J 73 -16.53 -42.24 4.11
N ALA J 74 -17.55 -41.57 4.60
CA ALA J 74 -18.14 -41.78 5.91
C ALA J 74 -18.43 -43.24 6.30
N GLU J 75 -19.48 -43.87 5.77
CA GLU J 75 -19.95 -45.21 6.30
C GLU J 75 -20.31 -45.26 7.81
N GLY J 76 -20.93 -44.18 8.31
CA GLY J 76 -21.41 -44.07 9.70
C GLY J 76 -20.34 -44.11 10.78
N SER J 77 -20.48 -45.06 11.72
CA SER J 77 -19.53 -45.21 12.85
C SER J 77 -18.39 -46.23 12.57
N ASN J 78 -18.51 -46.97 11.49
CA ASN J 78 -17.40 -47.79 11.00
C ASN J 78 -16.64 -47.03 9.94
N SER J 79 -16.10 -45.88 10.29
CA SER J 79 -15.53 -45.02 9.27
C SER J 79 -14.04 -45.29 9.03
N ASP J 80 -13.44 -46.12 9.87
CA ASP J 80 -12.02 -46.46 9.70
C ASP J 80 -11.82 -47.14 8.35
N THR J 81 -10.90 -46.62 7.58
CA THR J 81 -10.76 -47.01 6.19
C THR J 81 -9.35 -47.45 6.12
N TYR J 82 -9.05 -48.40 5.26
CA TYR J 82 -7.77 -49.05 5.30
C TYR J 82 -7.00 -48.73 4.07
N LEU J 83 -5.68 -48.64 4.27
CA LEU J 83 -4.72 -48.23 3.28
C LEU J 83 -3.75 -49.33 3.01
N TYR J 84 -3.79 -49.87 1.80
CA TYR J 84 -2.90 -50.94 1.40
C TYR J 84 -1.96 -50.39 0.39
N PRO J 85 -0.65 -50.45 0.66
CA PRO J 85 0.34 -50.04 -0.28
C PRO J 85 0.23 -50.83 -1.57
N VAL J 86 0.49 -50.18 -2.70
CA VAL J 86 0.54 -50.90 -4.01
C VAL J 86 1.70 -50.48 -4.83
N ALA J 87 2.36 -49.39 -4.43
CA ALA J 87 3.54 -48.86 -5.17
C ALA J 87 4.39 -47.95 -4.28
N ILE J 88 5.70 -48.02 -4.47
CA ILE J 88 6.64 -47.22 -3.71
C ILE J 88 7.48 -46.45 -4.65
N TYR J 89 7.79 -45.22 -4.26
CA TYR J 89 8.62 -44.33 -5.03
C TYR J 89 9.61 -43.72 -4.06
N LYS J 90 10.67 -43.20 -4.62
CA LYS J 90 11.63 -42.46 -3.85
C LYS J 90 11.09 -41.06 -3.62
N ASP J 91 11.29 -40.56 -2.41
CA ASP J 91 10.72 -39.32 -1.94
C ASP J 91 11.65 -38.18 -2.38
N PRO J 92 11.21 -37.33 -3.32
CA PRO J 92 12.05 -36.25 -3.79
C PRO J 92 12.11 -35.03 -2.88
N PHE J 93 11.37 -35.02 -1.77
CA PHE J 93 11.40 -33.88 -0.85
C PHE J 93 12.37 -34.15 0.27
N ARG J 94 12.42 -35.39 0.76
CA ARG J 94 13.35 -35.72 1.87
C ARG J 94 14.61 -36.51 1.43
N ARG J 95 14.53 -37.13 0.25
CA ARG J 95 15.59 -37.94 -0.29
C ARG J 95 15.95 -39.12 0.61
N GLY J 96 17.23 -39.51 0.62
CA GLY J 96 17.75 -40.53 1.50
C GLY J 96 17.05 -41.80 1.17
N ASN J 97 16.70 -42.60 2.18
CA ASN J 97 15.89 -43.80 1.94
C ASN J 97 14.40 -43.57 2.13
N ASN J 98 13.99 -42.30 2.14
CA ASN J 98 12.59 -41.98 2.43
C ASN J 98 11.73 -42.22 1.22
N ILE J 99 10.44 -42.51 1.46
CA ILE J 99 9.58 -42.98 0.41
C ILE J 99 8.17 -42.37 0.35
N LEU J 100 7.65 -42.31 -0.88
CA LEU J 100 6.21 -42.15 -1.11
C LEU J 100 5.54 -43.49 -1.39
N VAL J 101 4.36 -43.69 -0.82
CA VAL J 101 3.65 -44.93 -1.01
C VAL J 101 2.28 -44.67 -1.60
N MET J 102 2.02 -45.17 -2.80
CA MET J 102 0.70 -45.07 -3.33
C MET J 102 -0.11 -46.21 -2.75
N CYS J 103 -1.35 -45.96 -2.38
CA CYS J 103 -2.22 -46.95 -1.78
C CYS J 103 -3.54 -47.04 -2.50
N ASP J 104 -4.27 -48.11 -2.24
CA ASP J 104 -5.66 -48.16 -2.56
C ASP J 104 -6.41 -48.36 -1.27
N THR J 105 -7.73 -48.20 -1.31
CA THR J 105 -8.50 -48.13 -0.09
C THR J 105 -9.61 -49.13 -0.01
N TYR J 106 -9.91 -49.47 1.23
CA TYR J 106 -10.81 -50.56 1.55
C TYR J 106 -11.56 -50.23 2.81
N LYS J 107 -12.85 -50.52 2.79
CA LYS J 107 -13.71 -50.31 3.94
C LYS J 107 -13.37 -51.27 5.10
N PHE J 108 -14.03 -51.04 6.24
CA PHE J 108 -13.80 -51.81 7.46
C PHE J 108 -14.02 -53.33 7.27
N ASP J 109 -15.00 -53.71 6.46
CA ASP J 109 -15.25 -55.11 6.13
C ASP J 109 -14.33 -55.74 5.07
N GLY J 110 -13.37 -54.99 4.51
CA GLY J 110 -12.44 -55.54 3.49
C GLY J 110 -12.85 -55.36 2.04
N THR J 111 -14.05 -54.84 1.81
CA THR J 111 -14.51 -54.50 0.47
C THR J 111 -13.96 -53.13 0.06
N PRO J 112 -13.78 -52.91 -1.26
CA PRO J 112 -13.17 -51.63 -1.67
C PRO J 112 -14.10 -50.41 -1.50
N THR J 113 -13.53 -49.22 -1.35
CA THR J 113 -14.32 -47.99 -1.28
C THR J 113 -14.82 -47.71 -2.69
N ASP J 114 -15.86 -46.88 -2.80
CA ASP J 114 -16.40 -46.46 -4.10
C ASP J 114 -15.31 -45.87 -4.99
N THR J 115 -14.36 -45.14 -4.39
CA THR J 115 -13.28 -44.44 -5.18
C THR J 115 -12.04 -45.28 -5.33
N ASN J 116 -12.07 -46.51 -4.83
CA ASN J 116 -11.06 -47.49 -5.19
C ASN J 116 -11.40 -48.20 -6.52
N LYS J 117 -10.78 -47.76 -7.60
CA LYS J 117 -11.05 -48.30 -8.93
C LYS J 117 -9.94 -49.28 -9.33
N ARG J 118 -8.86 -49.28 -8.56
CA ARG J 118 -7.71 -50.10 -8.88
C ARG J 118 -7.99 -51.61 -8.88
N LYS J 119 -8.84 -52.03 -7.96
CA LYS J 119 -9.04 -53.43 -7.68
C LYS J 119 -9.54 -54.15 -8.93
N THR J 120 -10.71 -53.72 -9.41
CA THR J 120 -11.31 -54.31 -10.59
C THR J 120 -10.51 -54.06 -11.83
N CYS J 121 -9.68 -53.02 -11.83
CA CYS J 121 -8.77 -52.74 -12.95
C CYS J 121 -7.64 -53.73 -12.98
N LEU J 122 -7.14 -54.09 -11.80
CA LEU J 122 -6.02 -54.99 -11.71
C LEU J 122 -6.47 -56.45 -12.01
N GLU J 123 -7.69 -56.80 -11.63
CA GLU J 123 -8.28 -58.05 -12.08
C GLU J 123 -8.21 -58.09 -13.62
N VAL J 124 -8.81 -57.10 -14.26
CA VAL J 124 -8.75 -56.97 -15.71
C VAL J 124 -7.36 -56.99 -16.30
N ALA J 125 -6.47 -56.12 -15.84
CA ALA J 125 -5.13 -56.03 -16.43
C ALA J 125 -4.32 -57.32 -16.33
N ASN J 126 -4.61 -58.13 -15.32
CA ASN J 126 -3.90 -59.40 -15.17
C ASN J 126 -4.31 -60.44 -16.21
N LYS J 127 -5.61 -60.51 -16.49
CA LYS J 127 -6.12 -61.34 -17.59
C LYS J 127 -5.60 -60.93 -18.97
N CYS J 128 -5.07 -59.70 -19.14
CA CYS J 128 -4.57 -59.24 -20.44
C CYS J 128 -3.08 -59.18 -20.51
N ALA J 129 -2.44 -59.78 -19.51
CA ALA J 129 -0.98 -59.75 -19.34
C ALA J 129 -0.22 -60.08 -20.60
N ALA J 130 -0.70 -61.11 -21.31
CA ALA J 130 -0.08 -61.56 -22.57
C ALA J 130 -0.01 -60.49 -23.67
N GLU J 131 -1.11 -59.77 -23.91
CA GLU J 131 -1.16 -58.70 -24.93
C GLU J 131 -0.13 -57.59 -24.67
N GLU J 132 0.48 -57.61 -23.48
CA GLU J 132 1.55 -56.67 -23.09
C GLU J 132 1.19 -55.20 -23.41
N PRO J 133 0.02 -54.75 -22.92
CA PRO J 133 -0.53 -53.45 -23.26
C PRO J 133 0.20 -52.30 -22.58
N TRP J 134 0.54 -51.31 -23.38
CA TRP J 134 1.23 -50.10 -22.95
C TRP J 134 0.28 -48.88 -22.94
N PHE J 135 0.48 -48.01 -21.97
CA PHE J 135 -0.28 -46.79 -21.91
C PHE J 135 0.62 -45.59 -21.68
N GLY J 136 0.34 -44.53 -22.43
CA GLY J 136 0.83 -43.18 -22.10
C GLY J 136 -0.35 -42.26 -21.84
N ILE J 137 -0.24 -41.37 -20.85
CA ILE J 137 -1.28 -40.36 -20.61
C ILE J 137 -0.72 -38.93 -20.67
N GLU J 138 -1.46 -38.06 -21.34
CA GLU J 138 -1.10 -36.66 -21.51
C GLU J 138 -1.90 -35.80 -20.52
N GLN J 139 -1.35 -35.58 -19.34
CA GLN J 139 -2.08 -34.88 -18.28
C GLN J 139 -2.04 -33.36 -18.38
N GLU J 140 -3.17 -32.77 -18.73
CA GLU J 140 -3.32 -31.32 -18.75
C GLU J 140 -3.75 -30.79 -17.41
N TYR J 141 -3.31 -29.58 -17.11
CA TYR J 141 -3.67 -28.93 -15.87
C TYR J 141 -3.47 -27.43 -15.96
N THR J 142 -4.08 -26.76 -14.98
CA THR J 142 -4.02 -25.29 -14.91
C THR J 142 -3.57 -24.80 -13.53
N PHE J 143 -2.62 -23.86 -13.52
CA PHE J 143 -2.25 -23.18 -12.28
C PHE J 143 -3.23 -22.04 -11.93
N LEU J 144 -3.79 -22.05 -10.72
CA LEU J 144 -4.64 -21.00 -10.22
C LEU J 144 -3.99 -20.25 -9.07
N ASP J 145 -4.22 -18.96 -8.99
CA ASP J 145 -4.01 -18.21 -7.76
C ASP J 145 -5.02 -18.69 -6.68
N PHE J 146 -4.84 -18.22 -5.45
CA PHE J 146 -5.56 -18.75 -4.28
C PHE J 146 -7.02 -18.35 -4.33
N ASP J 147 -7.31 -17.27 -5.02
CA ASP J 147 -8.70 -16.85 -5.25
C ASP J 147 -9.46 -17.66 -6.29
N GLY J 148 -8.82 -18.66 -6.92
CA GLY J 148 -9.47 -19.43 -7.97
C GLY J 148 -9.35 -18.88 -9.38
N HIS J 149 -8.80 -17.67 -9.55
CA HIS J 149 -8.59 -17.16 -10.89
C HIS J 149 -7.27 -17.73 -11.42
N PRO J 150 -7.20 -18.04 -12.74
CA PRO J 150 -5.93 -18.58 -13.23
C PRO J 150 -4.72 -17.70 -12.96
N LEU J 151 -3.62 -18.39 -12.68
CA LEU J 151 -2.45 -17.70 -12.17
C LEU J 151 -1.99 -16.65 -13.14
N GLY J 152 -1.76 -15.43 -12.67
CA GLY J 152 -1.25 -14.40 -13.56
C GLY J 152 -2.27 -13.65 -14.40
N TRP J 153 -3.53 -14.08 -14.41
CA TRP J 153 -4.54 -13.42 -15.23
C TRP J 153 -4.93 -12.16 -14.54
N PRO J 154 -5.27 -11.14 -15.31
CA PRO J 154 -5.65 -9.90 -14.68
C PRO J 154 -6.90 -10.13 -13.85
N LYS J 155 -6.98 -9.50 -12.67
CA LYS J 155 -8.05 -9.80 -11.77
C LYS J 155 -9.33 -9.22 -12.41
N ASN J 156 -10.42 -9.98 -12.29
CA ASN J 156 -11.68 -9.56 -12.85
C ASN J 156 -11.62 -9.49 -14.35
N GLY J 157 -10.66 -10.16 -14.97
CA GLY J 157 -10.55 -10.07 -16.41
C GLY J 157 -9.77 -11.18 -17.06
N PHE J 158 -9.36 -10.91 -18.30
CA PHE J 158 -8.81 -11.93 -19.20
C PHE J 158 -7.56 -11.37 -19.80
N PRO J 159 -6.58 -12.24 -20.03
CA PRO J 159 -5.42 -11.79 -20.76
C PRO J 159 -5.76 -11.75 -22.27
N GLY J 160 -4.86 -11.30 -23.10
CA GLY J 160 -5.01 -11.48 -24.54
C GLY J 160 -5.42 -12.87 -25.02
N PRO J 161 -6.10 -12.94 -26.18
CA PRO J 161 -6.61 -14.23 -26.68
C PRO J 161 -5.55 -15.28 -27.00
N GLN J 162 -6.01 -16.50 -27.23
CA GLN J 162 -5.14 -17.65 -27.40
C GLN J 162 -4.36 -17.49 -28.65
N GLY J 163 -3.25 -18.23 -28.70
CA GLY J 163 -2.29 -18.17 -29.81
C GLY J 163 -0.85 -18.09 -29.35
N PRO J 164 -0.52 -17.10 -28.53
CA PRO J 164 0.91 -16.92 -28.18
C PRO J 164 1.46 -17.78 -27.06
N TYR J 165 0.60 -18.39 -26.31
CA TYR J 165 0.98 -19.11 -25.11
C TYR J 165 1.42 -20.58 -25.31
N TYR J 166 0.86 -21.28 -26.30
CA TYR J 166 1.17 -22.70 -26.55
C TYR J 166 2.66 -22.91 -26.73
N CYS J 167 3.28 -23.83 -25.99
CA CYS J 167 4.73 -24.01 -26.02
C CYS J 167 5.50 -22.71 -25.99
N GLY J 168 5.01 -21.73 -25.24
CA GLY J 168 5.61 -20.40 -25.31
C GLY J 168 6.93 -20.27 -24.52
N VAL J 169 7.67 -19.19 -24.81
CA VAL J 169 8.81 -18.80 -24.06
C VAL J 169 8.76 -17.28 -23.86
N GLY J 170 8.97 -16.83 -22.64
CA GLY J 170 8.79 -15.42 -22.38
C GLY J 170 7.94 -15.16 -21.15
N ALA J 171 8.30 -14.09 -20.43
CA ALA J 171 7.58 -13.69 -19.23
C ALA J 171 6.14 -13.38 -19.46
N ASN J 172 5.80 -12.96 -20.67
CA ASN J 172 4.41 -12.66 -20.98
C ASN J 172 3.77 -13.77 -21.81
N LYS J 173 4.39 -14.95 -21.85
CA LYS J 173 3.87 -16.11 -22.58
C LYS J 173 3.44 -17.27 -21.72
N VAL J 174 4.25 -17.60 -20.73
CA VAL J 174 3.95 -18.75 -19.88
C VAL J 174 4.33 -18.40 -18.45
N TYR J 175 3.68 -19.04 -17.48
CA TYR J 175 3.85 -18.65 -16.09
C TYR J 175 4.13 -19.88 -15.26
N ALA J 176 5.03 -19.71 -14.28
CA ALA J 176 5.41 -20.68 -13.28
C ALA J 176 6.16 -21.89 -13.80
N ARG J 177 7.07 -21.66 -14.76
CA ARG J 177 7.84 -22.73 -15.29
C ARG J 177 8.65 -23.48 -14.22
N ASP J 178 9.07 -22.77 -13.19
CA ASP J 178 9.79 -23.41 -12.09
C ASP J 178 9.08 -24.58 -11.50
N ILE J 179 7.76 -24.49 -11.38
CA ILE J 179 7.02 -25.62 -10.84
C ILE J 179 7.05 -26.78 -11.83
N VAL J 180 6.85 -26.46 -13.10
CA VAL J 180 6.85 -27.46 -14.19
C VAL J 180 8.21 -28.22 -14.17
N ASP J 181 9.29 -27.46 -14.04
CA ASP J 181 10.64 -28.01 -14.12
C ASP J 181 10.99 -28.81 -12.88
N ALA J 182 10.65 -28.27 -11.71
CA ALA J 182 10.79 -29.03 -10.49
C ALA J 182 10.03 -30.36 -10.56
N HIS J 183 8.79 -30.29 -10.97
CA HIS J 183 7.96 -31.47 -10.91
C HIS J 183 8.50 -32.55 -11.88
N TYR J 184 8.98 -32.13 -13.04
CA TYR J 184 9.45 -33.02 -14.07
C TYR J 184 10.65 -33.79 -13.43
N ARG J 185 11.58 -33.05 -12.85
CA ARG J 185 12.71 -33.66 -12.20
C ARG J 185 12.32 -34.50 -11.01
N ALA J 186 11.35 -34.07 -10.23
CA ALA J 186 10.92 -34.84 -9.10
C ALA J 186 10.24 -36.15 -9.48
N CYS J 187 9.48 -36.13 -10.56
CA CYS J 187 8.90 -37.38 -11.09
C CYS J 187 10.00 -38.39 -11.53
N LEU J 188 10.99 -37.89 -12.23
CA LEU J 188 12.02 -38.77 -12.74
C LEU J 188 12.70 -39.43 -11.57
N TYR J 189 13.15 -38.62 -10.63
CA TYR J 189 13.80 -39.11 -9.41
C TYR J 189 12.99 -40.08 -8.61
N ALA J 190 11.71 -39.83 -8.47
CA ALA J 190 10.83 -40.69 -7.73
C ALA J 190 10.63 -42.02 -8.44
N GLY J 191 10.94 -42.07 -9.74
CA GLY J 191 10.85 -43.31 -10.52
C GLY J 191 9.62 -43.40 -11.40
N ILE J 192 9.03 -42.26 -11.69
CA ILE J 192 7.92 -42.22 -12.64
C ILE J 192 8.46 -41.87 -14.02
N LYS J 193 7.88 -42.50 -15.04
CA LYS J 193 8.32 -42.40 -16.42
C LYS J 193 7.68 -41.19 -17.10
N VAL J 194 8.15 -39.99 -16.73
CA VAL J 194 7.67 -38.77 -17.38
C VAL J 194 8.40 -38.55 -18.69
N SER J 195 7.65 -38.65 -19.78
CA SER J 195 8.26 -38.60 -21.13
C SER J 195 8.43 -37.18 -21.73
N GLY J 196 7.79 -36.19 -21.11
CA GLY J 196 7.88 -34.82 -21.59
C GLY J 196 6.89 -33.86 -20.96
N THR J 197 6.97 -32.59 -21.35
CA THR J 197 6.06 -31.55 -20.85
C THR J 197 5.89 -30.52 -21.91
N ASN J 198 4.76 -29.83 -21.92
CA ASN J 198 4.66 -28.57 -22.69
C ASN J 198 3.67 -27.58 -22.09
N ALA J 199 3.85 -26.32 -22.44
CA ALA J 199 2.89 -25.30 -22.15
C ALA J 199 1.75 -25.37 -23.12
N GLU J 200 0.58 -25.16 -22.59
CA GLU J 200 -0.66 -25.33 -23.34
C GLU J 200 -1.32 -24.07 -23.85
N VAL J 201 -2.48 -24.23 -24.50
CA VAL J 201 -3.07 -23.16 -25.30
C VAL J 201 -3.48 -21.97 -24.42
N MET J 202 -4.04 -22.29 -23.29
CA MET J 202 -4.50 -21.33 -22.29
C MET J 202 -3.30 -20.87 -21.49
N PRO J 203 -3.10 -19.55 -21.39
CA PRO J 203 -2.05 -19.11 -20.48
C PRO J 203 -2.32 -19.56 -19.00
N ALA J 204 -1.26 -20.03 -18.33
CA ALA J 204 -1.32 -20.74 -17.05
C ALA J 204 -1.60 -22.21 -17.19
N GLN J 205 -1.78 -22.67 -18.41
CA GLN J 205 -2.09 -24.08 -18.62
C GLN J 205 -0.88 -24.87 -19.06
N TRP J 206 -0.73 -26.07 -18.56
CA TRP J 206 0.44 -26.89 -18.85
C TRP J 206 0.02 -28.35 -19.02
N GLU J 207 0.99 -29.20 -19.31
CA GLU J 207 0.78 -30.62 -19.56
C GLU J 207 2.07 -31.35 -19.29
N PHE J 208 1.97 -32.54 -18.71
CA PHE J 208 3.08 -33.48 -18.66
C PHE J 208 2.57 -34.78 -19.18
N GLN J 209 3.46 -35.52 -19.81
CA GLN J 209 3.12 -36.83 -20.40
C GLN J 209 3.84 -37.91 -19.60
N VAL J 210 3.12 -38.99 -19.32
CA VAL J 210 3.63 -40.13 -18.58
C VAL J 210 3.42 -41.41 -19.37
N GLY J 211 4.46 -42.24 -19.45
CA GLY J 211 4.43 -43.48 -20.19
C GLY J 211 5.57 -43.61 -21.19
N PRO J 212 5.57 -44.68 -21.99
CA PRO J 212 4.57 -45.75 -21.89
C PRO J 212 4.81 -46.63 -20.66
N CYS J 213 3.77 -46.93 -19.91
CA CYS J 213 3.88 -47.82 -18.75
C CYS J 213 3.09 -49.08 -18.98
N GLU J 214 3.59 -50.19 -18.44
CA GLU J 214 2.96 -51.53 -18.57
C GLU J 214 1.75 -51.64 -17.71
N GLY J 215 0.61 -51.82 -18.34
CA GLY J 215 -0.61 -52.17 -17.63
C GLY J 215 -0.89 -51.22 -16.48
N ILE J 216 -1.15 -51.80 -15.31
CA ILE J 216 -1.75 -51.10 -14.14
C ILE J 216 -0.85 -50.00 -13.58
N SER J 217 0.42 -50.07 -13.91
CA SER J 217 1.39 -49.17 -13.39
C SER J 217 1.17 -47.74 -13.91
N ILE J 218 0.42 -47.61 -15.01
CA ILE J 218 0.14 -46.27 -15.54
C ILE J 218 -0.74 -45.51 -14.53
N GLY J 219 -1.68 -46.24 -13.97
CA GLY J 219 -2.56 -45.73 -12.95
C GLY J 219 -1.79 -45.29 -11.72
N ASP J 220 -0.99 -46.19 -11.16
CA ASP J 220 -0.26 -45.83 -9.93
C ASP J 220 0.63 -44.63 -10.17
N ASP J 221 1.37 -44.65 -11.26
CA ASP J 221 2.35 -43.59 -11.57
C ASP J 221 1.71 -42.23 -11.86
N LEU J 222 0.53 -42.22 -12.47
CA LEU J 222 -0.06 -40.95 -12.84
C LEU J 222 -0.65 -40.32 -11.55
N TRP J 223 -1.23 -41.13 -10.70
CA TRP J 223 -1.78 -40.63 -9.45
C TRP J 223 -0.68 -40.08 -8.56
N MET J 224 0.43 -40.77 -8.52
CA MET J 224 1.60 -40.20 -7.87
C MET J 224 2.19 -38.97 -8.55
N ALA J 225 2.22 -38.91 -9.88
CA ALA J 225 2.63 -37.67 -10.50
C ALA J 225 1.70 -36.54 -10.09
N ARG J 226 0.40 -36.84 -10.01
CA ARG J 226 -0.58 -35.82 -9.63
C ARG J 226 -0.25 -35.28 -8.22
N PHE J 227 0.00 -36.20 -7.29
CA PHE J 227 0.33 -35.89 -5.91
C PHE J 227 1.49 -34.95 -5.86
N LEU J 228 2.53 -35.30 -6.57
CA LEU J 228 3.68 -34.48 -6.62
C LEU J 228 3.41 -33.10 -7.18
N LEU J 229 2.52 -33.00 -8.14
CA LEU J 229 2.21 -31.71 -8.71
C LEU J 229 1.59 -30.75 -7.68
N HIS J 230 0.62 -31.24 -6.92
CA HIS J 230 -0.08 -30.40 -5.98
C HIS J 230 0.87 -30.13 -4.86
N ARG J 231 1.59 -31.14 -4.46
CA ARG J 231 2.50 -31.00 -3.30
C ARG J 231 3.66 -30.04 -3.60
N ILE J 232 4.14 -30.04 -4.82
CA ILE J 232 5.15 -29.07 -5.19
C ILE J 232 4.58 -27.66 -5.36
N SER J 233 3.47 -27.55 -6.08
CA SER J 233 2.72 -26.28 -6.22
C SER J 233 2.42 -25.67 -4.85
N GLU J 234 2.01 -26.51 -3.92
CA GLU J 234 1.62 -26.09 -2.60
C GLU J 234 2.70 -25.23 -1.97
N GLU J 235 3.95 -25.67 -2.08
CA GLU J 235 5.07 -24.89 -1.62
C GLU J 235 5.14 -23.45 -2.13
N PHE J 236 4.77 -23.24 -3.39
CA PHE J 236 4.82 -21.92 -3.97
C PHE J 236 3.55 -21.13 -3.68
N GLY J 237 2.56 -21.75 -3.05
CA GLY J 237 1.31 -21.10 -2.80
C GLY J 237 0.39 -21.13 -3.98
N ILE J 238 0.71 -21.98 -4.97
CA ILE J 238 -0.02 -22.10 -6.22
C ILE J 238 -0.91 -23.35 -6.23
N VAL J 239 -2.16 -23.17 -6.67
CA VAL J 239 -3.09 -24.27 -6.75
C VAL J 239 -2.97 -24.87 -8.14
N SER J 240 -2.94 -26.19 -8.22
CA SER J 240 -2.89 -26.92 -9.48
C SER J 240 -4.22 -27.62 -9.64
N THR J 241 -4.96 -27.30 -10.70
CA THR J 241 -6.26 -27.93 -10.85
C THR J 241 -6.30 -28.81 -12.07
N LEU J 242 -6.98 -29.95 -11.90
CA LEU J 242 -7.31 -30.93 -12.94
C LEU J 242 -8.76 -30.82 -13.43
N ASP J 243 -9.46 -29.78 -13.01
CA ASP J 243 -10.76 -29.42 -13.54
C ASP J 243 -10.69 -29.30 -15.10
N PRO J 244 -11.58 -29.99 -15.82
CA PRO J 244 -11.53 -29.93 -17.25
C PRO J 244 -11.94 -28.61 -17.87
N LYS J 245 -12.67 -27.75 -17.18
CA LYS J 245 -12.93 -26.40 -17.71
C LYS J 245 -12.65 -25.51 -16.57
N PRO J 246 -11.37 -25.15 -16.41
CA PRO J 246 -11.02 -24.19 -15.36
C PRO J 246 -11.40 -22.72 -15.68
N MET J 247 -11.85 -22.46 -16.89
CA MET J 247 -12.53 -21.19 -17.22
C MET J 247 -13.59 -21.33 -18.35
N PRO J 248 -14.83 -20.87 -18.11
CA PRO J 248 -15.86 -21.04 -19.18
C PRO J 248 -15.66 -20.17 -20.42
N GLY J 249 -16.00 -20.73 -21.59
CA GLY J 249 -16.10 -19.98 -22.83
C GLY J 249 -15.12 -20.51 -23.85
N ASP J 250 -14.55 -19.61 -24.66
CA ASP J 250 -13.54 -19.90 -25.75
C ASP J 250 -12.12 -20.05 -25.19
N TRP J 251 -12.00 -20.69 -24.04
CA TRP J 251 -10.71 -20.94 -23.45
C TRP J 251 -10.70 -22.46 -23.33
N ASN J 252 -9.62 -23.06 -23.86
CA ASN J 252 -9.35 -24.52 -23.90
C ASN J 252 -9.48 -25.25 -22.57
N GLY J 253 -10.37 -26.22 -22.54
CA GLY J 253 -10.40 -27.14 -21.44
C GLY J 253 -9.17 -28.03 -21.39
N ALA J 254 -9.27 -29.01 -20.50
CA ALA J 254 -8.19 -29.88 -20.17
C ALA J 254 -8.66 -31.33 -20.32
N GLY J 255 -7.79 -32.12 -20.94
CA GLY J 255 -8.03 -33.53 -21.16
C GLY J 255 -6.92 -34.36 -20.56
N ALA J 256 -7.14 -35.66 -20.59
CA ALA J 256 -6.10 -36.64 -20.31
C ALA J 256 -6.01 -37.66 -21.48
N HIS J 257 -5.53 -37.18 -22.62
CA HIS J 257 -5.43 -38.02 -23.83
C HIS J 257 -4.57 -39.25 -23.55
N THR J 258 -5.12 -40.41 -23.88
CA THR J 258 -4.52 -41.66 -23.50
C THR J 258 -4.06 -42.43 -24.73
N ASN J 259 -2.75 -42.61 -24.84
CA ASN J 259 -2.13 -43.44 -25.85
C ASN J 259 -2.10 -44.88 -25.41
N VAL J 260 -2.45 -45.78 -26.35
CA VAL J 260 -2.63 -47.21 -26.11
C VAL J 260 -1.99 -48.09 -27.18
N SER J 261 -1.32 -49.13 -26.74
CA SER J 261 -0.82 -50.12 -27.67
C SER J 261 -0.69 -51.50 -27.00
N THR J 262 -0.86 -52.54 -27.81
CA THR J 262 -0.58 -53.94 -27.44
C THR J 262 0.66 -54.42 -28.20
N LYS J 263 1.18 -55.57 -27.78
CA LYS J 263 2.26 -56.29 -28.50
C LYS J 263 2.02 -56.32 -30.00
N ALA J 264 0.79 -56.62 -30.38
CA ALA J 264 0.36 -56.77 -31.76
C ALA J 264 0.27 -55.46 -32.57
N MET J 265 -0.03 -54.35 -31.91
CA MET J 265 -0.11 -53.09 -32.64
C MET J 265 1.27 -52.53 -32.86
N ARG J 266 2.23 -53.00 -32.06
CA ARG J 266 3.62 -52.53 -32.14
C ARG J 266 4.52 -53.24 -33.17
N GLU J 267 4.22 -54.50 -33.45
CA GLU J 267 4.92 -55.24 -34.51
C GLU J 267 4.63 -54.73 -35.93
N ASP J 268 5.30 -55.33 -36.92
CA ASP J 268 4.96 -55.07 -38.31
C ASP J 268 3.52 -55.54 -38.60
N GLY J 269 2.83 -54.80 -39.45
CA GLY J 269 1.43 -55.08 -39.76
C GLY J 269 0.49 -54.78 -38.61
N GLY J 270 1.04 -54.18 -37.54
CA GLY J 270 0.29 -53.96 -36.33
C GLY J 270 -0.92 -53.09 -36.56
N ILE J 271 -0.74 -52.10 -37.43
CA ILE J 271 -1.82 -51.20 -37.85
C ILE J 271 -3.17 -51.93 -38.06
N ARG J 272 -3.14 -53.19 -38.46
CA ARG J 272 -4.39 -53.91 -38.74
C ARG J 272 -5.17 -54.17 -37.44
N ASP J 273 -4.42 -54.57 -36.42
CA ASP J 273 -4.93 -54.74 -35.03
C ASP J 273 -5.48 -53.42 -34.44
N ILE J 274 -4.82 -52.32 -34.80
CA ILE J 274 -5.21 -50.98 -34.39
C ILE J 274 -6.59 -50.61 -34.91
N GLU J 275 -6.77 -50.73 -36.22
CA GLU J 275 -8.00 -50.28 -36.87
C GLU J 275 -9.18 -51.16 -36.44
N LYS J 276 -8.87 -52.35 -35.93
CA LYS J 276 -9.87 -53.23 -35.34
C LYS J 276 -10.31 -52.78 -33.93
N ALA J 277 -9.36 -52.29 -33.13
CA ALA J 277 -9.66 -51.77 -31.78
C ALA J 277 -10.52 -50.50 -31.81
N VAL J 278 -10.11 -49.54 -32.65
CA VAL J 278 -10.88 -48.32 -32.86
C VAL J 278 -12.32 -48.68 -33.12
N ALA J 279 -12.52 -49.59 -34.06
CA ALA J 279 -13.85 -50.02 -34.47
C ALA J 279 -14.64 -50.57 -33.29
N LYS J 280 -13.97 -51.33 -32.43
CA LYS J 280 -14.62 -51.86 -31.21
C LYS J 280 -15.02 -50.76 -30.22
N LEU J 281 -14.14 -49.77 -30.02
CA LEU J 281 -14.43 -48.62 -29.15
C LEU J 281 -15.52 -47.71 -29.74
N SER J 282 -15.54 -47.64 -31.06
CA SER J 282 -16.60 -46.92 -31.81
C SER J 282 -18.01 -47.46 -31.53
N LYS J 283 -18.13 -48.73 -31.16
CA LYS J 283 -19.45 -49.33 -30.92
C LYS J 283 -20.02 -49.08 -29.51
N CYS J 284 -19.27 -48.41 -28.64
CA CYS J 284 -19.70 -48.25 -27.25
C CYS J 284 -19.19 -46.93 -26.69
N HIS J 285 -19.54 -45.85 -27.38
CA HIS J 285 -19.17 -44.52 -26.96
C HIS J 285 -19.64 -44.20 -25.54
N GLU J 286 -20.90 -44.54 -25.24
CA GLU J 286 -21.50 -44.14 -23.97
C GLU J 286 -20.96 -44.89 -22.74
N ARG J 287 -20.47 -46.11 -22.94
CA ARG J 287 -19.76 -46.85 -21.88
C ARG J 287 -18.52 -46.08 -21.37
N HIS J 288 -17.71 -45.58 -22.31
CA HIS J 288 -16.42 -44.96 -21.98
C HIS J 288 -16.57 -43.59 -21.34
N ILE J 289 -17.34 -42.70 -21.96
CA ILE J 289 -17.62 -41.37 -21.36
C ILE J 289 -17.89 -41.48 -19.86
N ARG J 290 -18.65 -42.50 -19.44
CA ARG J 290 -19.02 -42.72 -18.02
C ARG J 290 -17.85 -43.17 -17.14
N ALA J 291 -16.89 -43.86 -17.74
CA ALA J 291 -15.63 -44.26 -17.08
C ALA J 291 -14.51 -43.19 -17.16
N TYR J 292 -14.82 -42.05 -17.80
CA TYR J 292 -13.80 -41.07 -18.24
C TYR J 292 -13.84 -39.78 -17.43
N ASP J 293 -14.33 -39.91 -16.22
CA ASP J 293 -14.85 -38.80 -15.48
C ASP J 293 -15.27 -39.33 -14.12
N PRO J 294 -14.82 -38.70 -13.02
CA PRO J 294 -15.11 -39.07 -11.60
C PRO J 294 -16.60 -39.11 -11.23
N LYS J 295 -17.41 -38.30 -11.90
CA LYS J 295 -18.85 -38.57 -11.99
C LYS J 295 -19.03 -39.52 -13.18
N GLN J 296 -20.02 -39.33 -14.03
CA GLN J 296 -20.18 -40.23 -15.17
C GLN J 296 -20.65 -39.45 -16.42
N GLY J 297 -19.76 -38.59 -16.89
CA GLY J 297 -19.99 -37.73 -18.07
C GLY J 297 -20.28 -36.25 -17.76
N GLN J 298 -20.32 -35.93 -16.46
CA GLN J 298 -20.75 -34.59 -15.99
C GLN J 298 -19.70 -33.48 -16.25
N ASP J 299 -18.43 -33.76 -15.94
CA ASP J 299 -17.32 -32.78 -16.11
C ASP J 299 -16.79 -32.69 -17.55
N ASN J 300 -16.76 -33.83 -18.26
CA ASN J 300 -16.51 -33.90 -19.71
C ASN J 300 -17.43 -32.96 -20.51
N ALA J 301 -18.72 -32.91 -20.13
CA ALA J 301 -19.76 -32.13 -20.83
C ALA J 301 -19.51 -30.63 -20.88
N ARG J 302 -18.69 -30.12 -19.96
CA ARG J 302 -18.24 -28.71 -19.99
C ARG J 302 -17.04 -28.47 -20.96
N ARG J 303 -16.12 -29.44 -21.05
CA ARG J 303 -14.96 -29.39 -21.98
C ARG J 303 -15.40 -29.74 -23.40
N LEU J 304 -15.94 -30.94 -23.55
CA LEU J 304 -16.22 -31.56 -24.85
C LEU J 304 -17.49 -30.95 -25.52
N THR J 305 -17.27 -29.95 -26.36
CA THR J 305 -18.37 -29.30 -27.10
C THR J 305 -18.25 -29.43 -28.64
N GLY J 306 -17.07 -29.86 -29.14
CA GLY J 306 -16.80 -29.93 -30.58
C GLY J 306 -15.71 -28.97 -30.99
N LYS J 307 -15.88 -27.69 -30.62
CA LYS J 307 -14.85 -26.64 -30.79
C LYS J 307 -13.73 -26.81 -29.76
N HIS J 308 -12.77 -25.88 -29.74
CA HIS J 308 -11.55 -25.90 -28.89
C HIS J 308 -10.79 -27.26 -28.83
N GLU J 309 -10.64 -27.87 -30.02
CA GLU J 309 -9.76 -29.04 -30.27
C GLU J 309 -10.11 -30.35 -29.50
N THR J 310 -11.41 -30.65 -29.38
CA THR J 310 -11.86 -31.89 -28.71
C THR J 310 -13.07 -32.51 -29.38
N SER J 311 -13.32 -33.78 -29.03
CA SER J 311 -14.46 -34.52 -29.57
C SER J 311 -15.79 -34.05 -28.96
N SER J 312 -16.89 -34.38 -29.64
CA SER J 312 -18.24 -34.14 -29.12
C SER J 312 -18.55 -35.20 -28.05
N ILE J 313 -19.34 -34.84 -27.03
CA ILE J 313 -19.85 -35.85 -26.07
C ILE J 313 -20.92 -36.73 -26.72
N ASN J 314 -21.65 -36.15 -27.66
CA ASN J 314 -22.85 -36.78 -28.22
C ASN J 314 -22.55 -37.93 -29.20
N ASP J 315 -21.76 -37.64 -30.25
CA ASP J 315 -21.37 -38.68 -31.23
C ASP J 315 -19.84 -38.92 -31.31
N PHE J 316 -19.48 -40.10 -31.81
CA PHE J 316 -18.10 -40.62 -31.89
C PHE J 316 -17.48 -40.33 -33.26
N SER J 317 -16.15 -40.34 -33.36
CA SER J 317 -15.45 -40.29 -34.66
C SER J 317 -14.00 -40.76 -34.63
N ALA J 318 -13.43 -41.02 -35.81
CA ALA J 318 -12.03 -41.46 -35.91
C ALA J 318 -11.15 -40.46 -36.69
N GLY J 319 -10.95 -40.67 -38.00
CA GLY J 319 -10.03 -39.82 -38.79
C GLY J 319 -8.54 -40.10 -38.58
N VAL J 320 -7.69 -39.34 -39.28
CA VAL J 320 -6.22 -39.43 -39.13
C VAL J 320 -5.62 -38.03 -39.14
N ALA J 321 -4.73 -37.75 -38.19
CA ALA J 321 -4.19 -36.40 -37.97
C ALA J 321 -5.26 -35.36 -37.64
N ASN J 322 -6.41 -35.82 -37.16
CA ASN J 322 -7.52 -34.92 -36.84
C ASN J 322 -7.70 -34.79 -35.32
N ARG J 323 -7.60 -33.55 -34.87
CA ARG J 323 -7.75 -33.19 -33.46
C ARG J 323 -9.18 -32.78 -33.10
N GLY J 324 -10.08 -32.77 -34.09
CA GLY J 324 -11.51 -32.60 -33.86
C GLY J 324 -12.24 -33.89 -33.50
N CYS J 325 -11.55 -35.03 -33.59
CA CYS J 325 -12.15 -36.37 -33.41
C CYS J 325 -11.95 -36.94 -32.00
N SER J 326 -12.57 -38.10 -31.76
CA SER J 326 -12.49 -38.83 -30.50
C SER J 326 -11.27 -39.73 -30.45
N ILE J 327 -11.12 -40.57 -31.47
CA ILE J 327 -9.95 -41.47 -31.58
C ILE J 327 -9.11 -41.08 -32.80
N ARG J 328 -7.88 -40.65 -32.53
CA ARG J 328 -6.94 -40.23 -33.56
C ARG J 328 -5.82 -41.27 -33.68
N ILE J 329 -5.54 -41.71 -34.92
CA ILE J 329 -4.36 -42.51 -35.22
C ILE J 329 -3.36 -41.54 -35.83
N PRO J 330 -2.16 -41.41 -35.24
CA PRO J 330 -1.21 -40.42 -35.77
C PRO J 330 -0.84 -40.73 -37.21
N ARG J 331 -0.40 -39.71 -37.94
CA ARG J 331 0.13 -39.91 -39.28
C ARG J 331 1.32 -40.87 -39.15
N GLY J 332 2.36 -40.43 -38.45
CA GLY J 332 3.62 -41.18 -38.30
C GLY J 332 3.45 -42.65 -37.98
N VAL J 333 2.29 -43.01 -37.44
CA VAL J 333 1.94 -44.41 -37.17
C VAL J 333 1.37 -45.10 -38.42
N ASN J 334 0.34 -44.51 -39.03
CA ASN J 334 -0.23 -45.03 -40.28
C ASN J 334 0.89 -45.22 -41.32
N ASP J 335 1.71 -44.18 -41.50
CA ASP J 335 2.92 -44.21 -42.37
C ASP J 335 3.91 -45.34 -42.05
N ASP J 336 4.06 -45.68 -40.78
CA ASP J 336 4.98 -46.75 -40.35
C ASP J 336 4.31 -48.11 -40.24
N GLY J 337 3.00 -48.15 -40.47
CA GLY J 337 2.25 -49.40 -40.46
C GLY J 337 2.16 -50.08 -39.11
N LYS J 338 2.39 -49.29 -38.06
CA LYS J 338 2.46 -49.79 -36.67
C LYS J 338 2.66 -48.63 -35.67
N GLY J 339 2.47 -48.97 -34.39
CA GLY J 339 2.54 -48.02 -33.27
C GLY J 339 1.40 -48.18 -32.28
N TYR J 340 0.59 -47.13 -32.14
CA TYR J 340 -0.43 -47.02 -31.07
C TYR J 340 -1.55 -46.12 -31.54
N PHE J 341 -2.66 -46.11 -30.81
CA PHE J 341 -3.70 -45.09 -31.04
C PHE J 341 -3.87 -44.13 -29.85
N GLU J 342 -4.57 -43.02 -30.07
CA GLU J 342 -4.76 -41.93 -29.10
C GLU J 342 -6.23 -41.79 -28.81
N ASP J 343 -6.66 -42.14 -27.60
CA ASP J 343 -8.04 -41.85 -27.20
C ASP J 343 -8.16 -40.44 -26.59
N ARG J 344 -8.88 -39.55 -27.27
CA ARG J 344 -8.87 -38.14 -26.94
C ARG J 344 -10.07 -37.77 -26.08
N ARG J 345 -10.77 -38.77 -25.59
CA ARG J 345 -11.98 -38.53 -24.83
C ARG J 345 -11.79 -38.21 -23.31
N PRO J 346 -10.92 -38.93 -22.62
CA PRO J 346 -10.87 -38.74 -21.17
C PRO J 346 -10.53 -37.32 -20.76
N SER J 347 -11.25 -36.83 -19.78
CA SER J 347 -11.06 -35.50 -19.33
C SER J 347 -9.87 -35.51 -18.37
N SER J 348 -9.38 -34.31 -18.11
CA SER J 348 -8.19 -34.07 -17.27
C SER J 348 -8.37 -34.64 -15.89
N ASN J 349 -9.58 -34.72 -15.37
CA ASN J 349 -9.78 -35.26 -14.03
C ASN J 349 -10.20 -36.71 -14.00
N CYS J 350 -9.88 -37.46 -15.04
CA CYS J 350 -10.38 -38.84 -15.13
C CYS J 350 -9.61 -39.61 -14.09
N ASP J 351 -10.17 -40.69 -13.56
CA ASP J 351 -9.37 -41.68 -12.83
C ASP J 351 -8.75 -42.71 -13.79
N PRO J 352 -7.42 -42.74 -13.89
CA PRO J 352 -6.73 -43.56 -14.92
C PRO J 352 -6.98 -45.04 -14.86
N TYR J 353 -7.21 -45.55 -13.67
CA TYR J 353 -7.60 -46.93 -13.47
C TYR J 353 -8.90 -47.22 -14.24
N SER J 354 -9.87 -46.33 -14.10
CA SER J 354 -11.12 -46.42 -14.81
C SER J 354 -10.98 -46.30 -16.31
N VAL J 355 -10.04 -45.49 -16.76
CA VAL J 355 -9.81 -45.35 -18.18
C VAL J 355 -9.24 -46.66 -18.76
N VAL J 356 -8.25 -47.20 -18.09
CA VAL J 356 -7.58 -48.44 -18.50
C VAL J 356 -8.50 -49.67 -18.51
N GLU J 357 -9.24 -49.85 -17.44
CA GLU J 357 -10.08 -50.99 -17.33
C GLU J 357 -11.04 -50.98 -18.49
N ALA J 358 -11.73 -49.86 -18.68
CA ALA J 358 -12.79 -49.76 -19.70
C ALA J 358 -12.26 -50.03 -21.08
N ILE J 359 -11.05 -49.53 -21.34
CA ILE J 359 -10.41 -49.78 -22.63
C ILE J 359 -10.03 -51.24 -22.77
N LEU J 360 -9.46 -51.84 -21.74
CA LEU J 360 -9.08 -53.23 -21.85
C LEU J 360 -10.27 -54.16 -21.95
N ARG J 361 -11.29 -53.90 -21.15
CA ARG J 361 -12.53 -54.63 -21.26
C ARG J 361 -13.04 -54.67 -22.67
N THR J 362 -12.80 -53.59 -23.40
CA THR J 362 -13.34 -53.46 -24.75
C THR J 362 -12.43 -54.10 -25.82
N ILE J 363 -11.13 -53.86 -25.74
CA ILE J 363 -10.26 -54.21 -26.85
C ILE J 363 -9.47 -55.50 -26.67
N CYS J 364 -9.66 -56.15 -25.52
CA CYS J 364 -8.92 -57.39 -25.18
C CYS J 364 -9.85 -58.51 -24.74
N LEU J 365 -10.71 -58.21 -23.77
CA LEU J 365 -11.79 -59.13 -23.33
C LEU J 365 -13.02 -59.13 -24.26
N ASP J 366 -12.95 -58.34 -25.33
CA ASP J 366 -13.87 -58.43 -26.46
C ASP J 366 -15.35 -58.30 -26.02
N GLU J 367 -15.65 -57.21 -25.31
CA GLU J 367 -16.99 -56.94 -24.79
C GLU J 367 -17.79 -56.00 -25.69
#